data_2K8Q
#
_entry.id   2K8Q
#
_cell.length_a   1.000
_cell.length_b   1.000
_cell.length_c   1.000
_cell.angle_alpha   90.00
_cell.angle_beta   90.00
_cell.angle_gamma   90.00
#
_symmetry.space_group_name_H-M   'P 1'
#
_entity_poly.entity_id   1
_entity_poly.type   'polypeptide(L)'
_entity_poly.pdbx_seq_one_letter_code
;GITPRFSITQDEEFIFLKIFISNIRFSAVGLEIIIQENMIIFHLSPYYLRLRFPHELIDDERSTAQYDSKDECINVKVAK
LNKNEYFEDLDLPTKLLARQGDLAGADALTENTDAKKTQKPLIQEVETDGVSNN
;
_entity_poly.pdbx_strand_id   A
#
# COMPACT_ATOMS: atom_id res chain seq x y z
N GLY A 1 4.15 5.58 8.17
CA GLY A 1 4.10 4.32 7.44
C GLY A 1 5.18 3.35 7.89
N ILE A 2 4.80 2.08 8.03
CA ILE A 2 5.73 1.06 8.45
C ILE A 2 5.76 -0.11 7.46
N THR A 3 6.95 -0.41 6.95
CA THR A 3 7.12 -1.49 5.99
C THR A 3 8.52 -1.48 5.38
N PRO A 4 9.03 -2.68 5.07
CA PRO A 4 10.37 -2.84 4.48
C PRO A 4 10.42 -2.34 3.04
N ARG A 5 9.46 -2.77 2.23
CA ARG A 5 9.40 -2.37 0.84
C ARG A 5 7.98 -2.51 0.29
N PHE A 6 7.61 -1.61 -0.62
CA PHE A 6 6.28 -1.64 -1.21
C PHE A 6 6.26 -0.83 -2.51
N SER A 7 5.69 -1.42 -3.57
CA SER A 7 5.61 -0.76 -4.86
C SER A 7 4.16 -0.71 -5.36
N ILE A 8 3.78 0.41 -5.95
CA ILE A 8 2.43 0.58 -6.47
C ILE A 8 2.43 0.64 -7.99
N THR A 9 1.40 0.06 -8.60
CA THR A 9 1.28 0.05 -10.05
C THR A 9 -0.09 0.57 -10.49
N GLN A 10 -0.12 1.25 -11.63
CA GLN A 10 -1.36 1.79 -12.16
C GLN A 10 -1.79 1.06 -13.44
N ASP A 11 -3.09 0.89 -13.61
CA ASP A 11 -3.63 0.21 -14.78
C ASP A 11 -4.70 1.05 -15.45
N GLU A 12 -5.23 0.55 -16.56
CA GLU A 12 -6.28 1.25 -17.30
C GLU A 12 -7.67 0.80 -16.84
N GLU A 13 -7.72 0.18 -15.67
CA GLU A 13 -8.99 -0.30 -15.13
C GLU A 13 -9.04 -0.11 -13.61
N PHE A 14 -7.91 -0.38 -12.96
CA PHE A 14 -7.83 -0.24 -11.50
C PHE A 14 -6.37 -0.08 -11.06
N ILE A 15 -6.17 -0.01 -9.75
CA ILE A 15 -4.83 0.14 -9.20
C ILE A 15 -4.34 -1.16 -8.57
N PHE A 16 -3.05 -1.45 -8.76
CA PHE A 16 -2.46 -2.66 -8.22
C PHE A 16 -1.28 -2.33 -7.30
N LEU A 17 -1.52 -2.39 -6.00
CA LEU A 17 -0.48 -2.09 -5.01
C LEU A 17 0.13 -3.38 -4.47
N LYS A 18 1.45 -3.49 -4.58
CA LYS A 18 2.16 -4.67 -4.10
C LYS A 18 3.02 -4.33 -2.88
N ILE A 19 3.00 -5.22 -1.89
CA ILE A 19 3.77 -5.01 -0.67
C ILE A 19 4.69 -6.20 -0.40
N PHE A 20 5.96 -5.90 -0.13
CA PHE A 20 6.94 -6.95 0.16
C PHE A 20 7.09 -7.16 1.67
N ILE A 21 7.03 -8.42 2.09
CA ILE A 21 7.15 -8.76 3.50
C ILE A 21 7.76 -10.15 3.68
N SER A 22 8.41 -10.36 4.82
CA SER A 22 9.04 -11.64 5.11
C SER A 22 8.00 -12.68 5.54
N ASN A 23 8.47 -13.86 5.91
CA ASN A 23 7.58 -14.93 6.34
C ASN A 23 7.42 -14.94 7.86
N ILE A 24 7.44 -13.75 8.46
CA ILE A 24 7.29 -13.62 9.89
C ILE A 24 5.85 -13.86 10.34
N ARG A 25 5.59 -13.66 11.62
CA ARG A 25 4.25 -13.86 12.17
C ARG A 25 3.20 -13.12 11.32
N PHE A 26 2.46 -13.87 10.51
CA PHE A 26 1.44 -13.29 9.65
C PHE A 26 0.06 -13.77 10.07
N SER A 27 -0.58 -13.02 10.97
CA SER A 27 -1.90 -13.37 11.46
C SER A 27 -2.95 -13.15 10.36
N ALA A 28 -4.09 -13.84 10.50
CA ALA A 28 -5.17 -13.73 9.54
C ALA A 28 -6.43 -13.17 10.20
N VAL A 29 -6.27 -12.49 11.31
CA VAL A 29 -7.39 -11.91 12.04
C VAL A 29 -7.36 -10.39 11.97
N GLY A 30 -6.17 -9.83 11.80
CA GLY A 30 -6.02 -8.38 11.73
C GLY A 30 -6.00 -7.88 10.30
N LEU A 31 -5.85 -8.80 9.35
CA LEU A 31 -5.81 -8.44 7.94
C LEU A 31 -7.14 -7.84 7.49
N GLU A 32 -7.10 -6.60 7.02
CA GLU A 32 -8.30 -5.91 6.56
C GLU A 32 -7.97 -4.52 6.05
N ILE A 33 -7.66 -4.41 4.76
CA ILE A 33 -7.32 -3.13 4.15
C ILE A 33 -8.57 -2.35 3.78
N ILE A 34 -8.60 -1.08 4.14
CA ILE A 34 -9.75 -0.22 3.84
C ILE A 34 -9.31 1.01 3.05
N ILE A 35 -10.11 1.39 2.06
CA ILE A 35 -9.82 2.56 1.25
C ILE A 35 -10.68 3.75 1.65
N GLN A 36 -10.03 4.89 1.86
CA GLN A 36 -10.73 6.10 2.26
C GLN A 36 -11.47 6.71 1.06
N GLU A 37 -12.01 7.91 1.26
CA GLU A 37 -12.75 8.60 0.21
C GLU A 37 -11.92 8.68 -1.07
N ASN A 38 -10.61 8.83 -0.91
CA ASN A 38 -9.70 8.92 -2.05
C ASN A 38 -8.42 8.13 -1.79
N MET A 39 -7.79 8.39 -0.65
CA MET A 39 -6.55 7.71 -0.29
C MET A 39 -6.84 6.29 0.19
N ILE A 40 -5.79 5.48 0.32
CA ILE A 40 -5.94 4.11 0.76
C ILE A 40 -5.23 3.89 2.09
N ILE A 41 -5.89 3.17 2.99
CA ILE A 41 -5.33 2.88 4.30
C ILE A 41 -4.92 1.41 4.42
N PHE A 42 -3.64 1.18 4.67
CA PHE A 42 -3.11 -0.17 4.80
C PHE A 42 -3.07 -0.60 6.27
N HIS A 43 -4.01 -1.45 6.66
CA HIS A 43 -4.08 -1.94 8.03
C HIS A 43 -3.54 -3.36 8.13
N LEU A 44 -3.48 -4.05 7.00
CA LEU A 44 -2.98 -5.42 6.95
C LEU A 44 -1.60 -5.51 7.58
N SER A 45 -1.25 -6.70 8.07
CA SER A 45 0.04 -6.93 8.70
C SER A 45 0.20 -6.07 9.95
N PRO A 46 1.22 -6.39 10.75
CA PRO A 46 1.50 -5.66 12.00
C PRO A 46 2.02 -4.25 11.74
N TYR A 47 2.25 -3.93 10.47
CA TYR A 47 2.75 -2.61 10.08
C TYR A 47 1.66 -1.80 9.38
N TYR A 48 1.44 -0.59 9.84
CA TYR A 48 0.43 0.29 9.25
C TYR A 48 1.05 1.19 8.19
N LEU A 49 0.39 1.28 7.03
CA LEU A 49 0.87 2.11 5.94
C LEU A 49 -0.23 3.04 5.43
N ARG A 50 0.14 4.25 5.06
CA ARG A 50 -0.81 5.22 4.55
C ARG A 50 -0.42 5.70 3.16
N LEU A 51 -1.30 5.44 2.19
CA LEU A 51 -1.05 5.84 0.81
C LEU A 51 -1.95 7.00 0.40
N ARG A 52 -1.34 8.09 -0.04
CA ARG A 52 -2.08 9.28 -0.45
C ARG A 52 -1.80 9.60 -1.93
N PHE A 53 -2.76 9.27 -2.79
CA PHE A 53 -2.62 9.52 -4.22
C PHE A 53 -3.29 10.84 -4.61
N PRO A 54 -2.82 11.43 -5.71
CA PRO A 54 -3.36 12.70 -6.22
C PRO A 54 -4.78 12.55 -6.77
N HIS A 55 -5.24 11.31 -6.86
CA HIS A 55 -6.58 11.04 -7.37
C HIS A 55 -7.48 10.49 -6.27
N GLU A 56 -8.68 10.05 -6.66
CA GLU A 56 -9.63 9.52 -5.69
C GLU A 56 -10.09 8.12 -6.11
N LEU A 57 -9.90 7.15 -5.21
CA LEU A 57 -10.30 5.77 -5.48
C LEU A 57 -11.60 5.43 -4.77
N ILE A 58 -12.12 4.24 -5.04
CA ILE A 58 -13.36 3.78 -4.42
C ILE A 58 -13.26 2.32 -3.99
N ASP A 59 -13.89 2.00 -2.86
CA ASP A 59 -13.87 0.64 -2.34
C ASP A 59 -15.18 -0.07 -2.65
N ASP A 60 -15.13 -1.00 -3.61
CA ASP A 60 -16.31 -1.76 -4.00
C ASP A 60 -16.13 -3.24 -3.69
N GLU A 61 -17.03 -4.07 -4.22
CA GLU A 61 -16.98 -5.50 -3.99
C GLU A 61 -15.76 -6.11 -4.69
N ARG A 62 -15.33 -5.48 -5.78
CA ARG A 62 -14.18 -5.95 -6.54
C ARG A 62 -12.89 -5.74 -5.75
N SER A 63 -12.86 -4.67 -4.95
CA SER A 63 -11.68 -4.35 -4.15
C SER A 63 -11.37 -5.48 -3.17
N THR A 64 -10.11 -5.88 -3.11
CA THR A 64 -9.67 -6.95 -2.22
C THR A 64 -8.17 -7.19 -2.34
N ALA A 65 -7.62 -7.88 -1.34
CA ALA A 65 -6.19 -8.18 -1.33
C ALA A 65 -5.95 -9.68 -1.17
N GLN A 66 -4.93 -10.18 -1.86
CA GLN A 66 -4.60 -11.61 -1.79
C GLN A 66 -3.16 -11.80 -1.32
N TYR A 67 -2.96 -12.76 -0.42
CA TYR A 67 -1.63 -13.05 0.11
C TYR A 67 -0.90 -14.04 -0.78
N ASP A 68 0.32 -13.67 -1.19
CA ASP A 68 1.13 -14.52 -2.04
C ASP A 68 2.25 -15.19 -1.24
N SER A 69 2.23 -16.51 -1.18
CA SER A 69 3.24 -17.25 -0.45
C SER A 69 4.47 -17.52 -1.32
N LYS A 70 4.23 -17.77 -2.61
CA LYS A 70 5.32 -18.02 -3.54
C LYS A 70 6.38 -16.92 -3.47
N ASP A 71 5.94 -15.72 -3.13
CA ASP A 71 6.85 -14.58 -3.03
C ASP A 71 6.77 -13.94 -1.64
N GLU A 72 5.86 -14.47 -0.81
CA GLU A 72 5.68 -13.95 0.54
C GLU A 72 5.30 -12.47 0.50
N CYS A 73 4.70 -12.04 -0.60
CA CYS A 73 4.28 -10.65 -0.77
C CYS A 73 2.77 -10.53 -0.68
N ILE A 74 2.29 -9.29 -0.56
CA ILE A 74 0.86 -9.03 -0.47
C ILE A 74 0.38 -8.21 -1.64
N ASN A 75 -0.73 -8.62 -2.24
CA ASN A 75 -1.31 -7.92 -3.38
C ASN A 75 -2.60 -7.20 -2.99
N VAL A 76 -2.65 -5.90 -3.23
CA VAL A 76 -3.83 -5.10 -2.91
C VAL A 76 -4.47 -4.54 -4.17
N LYS A 77 -5.76 -4.82 -4.35
CA LYS A 77 -6.50 -4.35 -5.51
C LYS A 77 -7.54 -3.31 -5.10
N VAL A 78 -7.67 -2.26 -5.92
CA VAL A 78 -8.63 -1.20 -5.64
C VAL A 78 -9.12 -0.55 -6.93
N ALA A 79 -10.43 -0.45 -7.09
CA ALA A 79 -11.03 0.14 -8.27
C ALA A 79 -10.90 1.66 -8.24
N LYS A 80 -10.85 2.28 -9.42
CA LYS A 80 -10.73 3.72 -9.53
C LYS A 80 -12.07 4.35 -9.90
N LEU A 81 -12.13 5.68 -9.85
CA LEU A 81 -13.36 6.40 -10.19
C LEU A 81 -13.43 6.69 -11.68
N ASN A 82 -12.27 6.71 -12.32
CA ASN A 82 -12.19 6.98 -13.76
C ASN A 82 -11.29 5.96 -14.46
N LYS A 83 -11.85 5.27 -15.45
CA LYS A 83 -11.11 4.27 -16.20
C LYS A 83 -10.08 4.93 -17.11
N ASN A 84 -9.07 4.16 -17.52
CA ASN A 84 -8.02 4.66 -18.39
C ASN A 84 -7.24 5.79 -17.72
N GLU A 85 -7.39 5.89 -16.40
CA GLU A 85 -6.69 6.93 -15.63
C GLU A 85 -5.40 6.39 -15.03
N TYR A 86 -4.43 7.28 -14.85
CA TYR A 86 -3.14 6.90 -14.29
C TYR A 86 -2.79 7.78 -13.09
N PHE A 87 -1.56 7.64 -12.61
CA PHE A 87 -1.10 8.42 -11.47
C PHE A 87 0.30 8.99 -11.72
N GLU A 88 0.65 10.04 -10.98
CA GLU A 88 1.94 10.67 -11.14
C GLU A 88 2.66 10.81 -9.79
N ASP A 89 2.19 10.04 -8.81
CA ASP A 89 2.77 10.06 -7.47
C ASP A 89 3.31 8.68 -7.09
N LEU A 90 2.68 7.65 -7.62
CA LEU A 90 3.09 6.28 -7.33
C LEU A 90 4.57 6.07 -7.64
N ASP A 91 5.10 6.89 -8.54
CA ASP A 91 6.50 6.81 -8.93
C ASP A 91 7.41 7.10 -7.74
N LEU A 92 6.93 7.92 -6.82
CA LEU A 92 7.69 8.30 -5.64
C LEU A 92 7.02 7.78 -4.38
N PRO A 93 7.83 7.22 -3.47
CA PRO A 93 7.35 6.67 -2.20
C PRO A 93 6.88 7.76 -1.25
N THR A 94 7.72 8.78 -1.06
CA THR A 94 7.38 9.90 -0.18
C THR A 94 6.09 10.57 -0.60
N LYS A 95 5.86 10.65 -1.91
CA LYS A 95 4.65 11.27 -2.44
C LYS A 95 3.41 10.59 -1.89
N LEU A 96 3.56 9.35 -1.44
CA LEU A 96 2.44 8.59 -0.89
C LEU A 96 2.35 8.78 0.62
N LEU A 97 3.50 8.74 1.29
CA LEU A 97 3.56 8.90 2.73
C LEU A 97 3.13 10.31 3.13
N ALA A 98 3.53 11.29 2.33
CA ALA A 98 3.19 12.68 2.60
C ALA A 98 3.75 13.13 3.94
N ARG A 99 4.98 12.72 4.23
CA ARG A 99 5.64 13.07 5.48
C ARG A 99 5.93 14.57 5.53
N GLN A 100 6.48 15.03 6.65
CA GLN A 100 6.81 16.44 6.82
C GLN A 100 8.32 16.64 6.89
N GLY A 101 9.04 15.60 7.31
CA GLY A 101 10.47 15.69 7.41
C GLY A 101 10.92 16.55 8.57
N ASP A 102 12.07 17.20 8.40
CA ASP A 102 12.61 18.07 9.44
C ASP A 102 12.45 19.54 9.07
N LEU A 103 11.48 19.82 8.20
CA LEU A 103 11.22 21.19 7.76
C LEU A 103 12.50 21.86 7.28
N ALA A 104 13.42 21.04 6.76
CA ALA A 104 14.69 21.55 6.25
C ALA A 104 15.08 20.85 4.95
N GLY A 105 14.96 21.57 3.83
CA GLY A 105 15.31 21.00 2.55
C GLY A 105 14.43 21.51 1.43
N ALA A 106 15.01 21.64 0.24
CA ALA A 106 14.27 22.12 -0.92
C ALA A 106 13.34 21.05 -1.47
N ASP A 107 12.05 21.20 -1.21
CA ASP A 107 11.05 20.24 -1.68
C ASP A 107 9.84 20.96 -2.25
N ALA A 108 9.21 20.34 -3.25
CA ALA A 108 8.03 20.93 -3.88
C ALA A 108 7.04 19.84 -4.29
N LEU A 109 5.79 20.23 -4.50
CA LEU A 109 4.75 19.30 -4.90
C LEU A 109 3.82 19.93 -5.94
N THR A 110 3.39 19.11 -6.90
CA THR A 110 2.50 19.59 -7.95
C THR A 110 1.44 18.54 -8.28
N GLU A 111 0.21 18.78 -7.82
CA GLU A 111 -0.88 17.85 -8.07
C GLU A 111 -1.90 18.47 -9.03
N ASN A 112 -2.33 17.69 -10.02
CA ASN A 112 -3.29 18.16 -11.01
C ASN A 112 -4.72 17.85 -10.55
N THR A 113 -5.65 18.72 -10.93
CA THR A 113 -7.06 18.53 -10.56
C THR A 113 -7.76 17.63 -11.56
N ASP A 114 -8.91 17.09 -11.15
CA ASP A 114 -9.69 16.20 -12.01
C ASP A 114 -10.53 17.01 -12.99
N ALA A 115 -10.71 16.48 -14.19
CA ALA A 115 -11.51 17.14 -15.21
C ALA A 115 -12.99 16.91 -15.00
N LYS A 116 -13.37 15.63 -14.87
CA LYS A 116 -14.77 15.27 -14.66
C LYS A 116 -15.28 15.81 -13.33
N LYS A 117 -16.30 16.66 -13.39
CA LYS A 117 -16.87 17.25 -12.19
C LYS A 117 -18.38 17.02 -12.16
N THR A 118 -18.94 17.01 -10.95
CA THR A 118 -20.38 16.80 -10.77
C THR A 118 -21.01 17.96 -10.03
N GLN A 119 -22.12 18.46 -10.56
CA GLN A 119 -22.83 19.58 -9.95
C GLN A 119 -24.24 19.18 -9.55
N LYS A 120 -24.43 18.93 -8.26
CA LYS A 120 -25.74 18.54 -7.74
C LYS A 120 -26.09 19.32 -6.48
N PRO A 121 -26.36 20.63 -6.66
CA PRO A 121 -26.71 21.52 -5.55
C PRO A 121 -28.10 21.21 -4.98
N LEU A 122 -28.53 22.01 -4.02
CA LEU A 122 -29.83 21.83 -3.39
C LEU A 122 -30.13 22.98 -2.43
N ILE A 123 -31.40 23.35 -2.34
CA ILE A 123 -31.84 24.43 -1.47
C ILE A 123 -32.86 23.94 -0.46
N GLN A 124 -32.44 23.83 0.80
CA GLN A 124 -33.33 23.37 1.86
C GLN A 124 -34.31 24.46 2.25
N GLU A 125 -35.43 24.05 2.86
CA GLU A 125 -36.46 25.00 3.28
C GLU A 125 -37.12 24.54 4.58
N VAL A 126 -37.47 25.50 5.42
CA VAL A 126 -38.11 25.20 6.71
C VAL A 126 -38.91 26.39 7.21
N GLU A 127 -40.10 26.11 7.73
CA GLU A 127 -40.98 27.16 8.25
C GLU A 127 -40.25 27.99 9.31
N THR A 128 -40.88 29.07 9.75
CA THR A 128 -40.30 29.94 10.77
C THR A 128 -41.38 30.53 11.67
N ASP A 129 -40.96 31.07 12.80
CA ASP A 129 -41.88 31.67 13.75
C ASP A 129 -42.11 33.15 13.44
N GLY A 130 -43.28 33.66 13.83
CA GLY A 130 -43.60 35.06 13.58
C GLY A 130 -45.09 35.33 13.65
N VAL A 131 -45.45 36.43 14.28
CA VAL A 131 -46.85 36.81 14.42
C VAL A 131 -47.15 38.11 13.68
N SER A 132 -48.41 38.52 13.68
CA SER A 132 -48.83 39.74 13.01
C SER A 132 -49.33 40.77 14.02
N ASN A 133 -49.84 40.28 15.14
CA ASN A 133 -50.36 41.16 16.19
C ASN A 133 -49.26 42.08 16.73
N ASN A 134 -49.68 43.19 17.32
CA ASN A 134 -48.73 44.15 17.88
C ASN A 134 -47.74 43.46 18.82
N GLY A 1 3.92 4.86 8.09
CA GLY A 1 5.17 4.55 7.42
C GLY A 1 6.04 3.59 8.23
N ILE A 2 5.59 2.35 8.35
CA ILE A 2 6.33 1.34 9.10
C ILE A 2 6.83 0.23 8.19
N THR A 3 6.05 -0.07 7.15
CA THR A 3 6.41 -1.11 6.20
C THR A 3 7.84 -0.92 5.69
N PRO A 4 8.52 -2.05 5.44
CA PRO A 4 9.91 -2.04 4.95
C PRO A 4 10.01 -1.53 3.51
N ARG A 5 9.18 -2.08 2.64
CA ARG A 5 9.18 -1.68 1.23
C ARG A 5 7.83 -1.98 0.58
N PHE A 6 7.47 -1.19 -0.43
CA PHE A 6 6.21 -1.37 -1.14
C PHE A 6 6.19 -0.57 -2.44
N SER A 7 5.67 -1.18 -3.49
CA SER A 7 5.60 -0.52 -4.79
C SER A 7 4.16 -0.51 -5.31
N ILE A 8 3.76 0.61 -5.92
CA ILE A 8 2.42 0.76 -6.46
C ILE A 8 2.44 0.78 -7.99
N THR A 9 1.45 0.14 -8.59
CA THR A 9 1.35 0.10 -10.05
C THR A 9 -0.03 0.53 -10.52
N GLN A 10 -0.08 1.18 -11.68
CA GLN A 10 -1.34 1.65 -12.25
C GLN A 10 -1.70 0.86 -13.51
N ASP A 11 -2.99 0.62 -13.70
CA ASP A 11 -3.46 -0.12 -14.86
C ASP A 11 -4.49 0.71 -15.65
N GLU A 12 -5.18 0.05 -16.57
CA GLU A 12 -6.19 0.72 -17.38
C GLU A 12 -7.60 0.36 -16.92
N GLU A 13 -7.71 -0.08 -15.68
CA GLU A 13 -9.00 -0.45 -15.11
C GLU A 13 -9.03 -0.22 -13.61
N PHE A 14 -7.92 -0.54 -12.94
CA PHE A 14 -7.81 -0.37 -11.50
C PHE A 14 -6.36 -0.20 -11.08
N ILE A 15 -6.14 -0.09 -9.78
CA ILE A 15 -4.79 0.08 -9.24
C ILE A 15 -4.30 -1.19 -8.57
N PHE A 16 -3.01 -1.48 -8.73
CA PHE A 16 -2.41 -2.67 -8.14
C PHE A 16 -1.27 -2.30 -7.20
N LEU A 17 -1.56 -2.30 -5.91
CA LEU A 17 -0.56 -1.96 -4.90
C LEU A 17 0.14 -3.22 -4.39
N LYS A 18 1.47 -3.22 -4.49
CA LYS A 18 2.26 -4.35 -4.04
C LYS A 18 3.04 -4.00 -2.78
N ILE A 19 3.03 -4.90 -1.80
CA ILE A 19 3.74 -4.68 -0.55
C ILE A 19 4.75 -5.79 -0.30
N PHE A 20 5.99 -5.41 -0.02
CA PHE A 20 7.05 -6.37 0.25
C PHE A 20 7.18 -6.64 1.75
N ILE A 21 6.93 -7.88 2.15
CA ILE A 21 7.01 -8.27 3.55
C ILE A 21 7.70 -9.62 3.71
N SER A 22 8.21 -9.89 4.90
CA SER A 22 8.90 -11.15 5.17
C SER A 22 7.89 -12.26 5.45
N ASN A 23 8.40 -13.44 5.80
CA ASN A 23 7.54 -14.59 6.09
C ASN A 23 7.29 -14.70 7.59
N ILE A 24 7.47 -13.60 8.30
CA ILE A 24 7.25 -13.58 9.74
C ILE A 24 5.81 -13.96 10.09
N ARG A 25 5.49 -13.91 11.38
CA ARG A 25 4.16 -14.26 11.84
C ARG A 25 3.09 -13.47 11.07
N PHE A 26 2.43 -14.14 10.14
CA PHE A 26 1.40 -13.52 9.33
C PHE A 26 0.01 -14.01 9.74
N SER A 27 -0.58 -13.33 10.72
CA SER A 27 -1.90 -13.69 11.21
C SER A 27 -2.98 -13.35 10.18
N ALA A 28 -4.17 -13.92 10.37
CA ALA A 28 -5.28 -13.66 9.46
C ALA A 28 -6.48 -13.10 10.20
N VAL A 29 -6.22 -12.44 11.33
CA VAL A 29 -7.27 -11.86 12.14
C VAL A 29 -7.18 -10.33 12.14
N GLY A 30 -6.08 -9.81 11.63
CA GLY A 30 -5.88 -8.37 11.58
C GLY A 30 -5.88 -7.84 10.17
N LEU A 31 -5.89 -8.74 9.18
CA LEU A 31 -5.88 -8.35 7.78
C LEU A 31 -7.22 -7.76 7.38
N GLU A 32 -7.20 -6.49 6.98
CA GLU A 32 -8.42 -5.80 6.56
C GLU A 32 -8.10 -4.41 6.03
N ILE A 33 -7.74 -4.33 4.75
CA ILE A 33 -7.42 -3.06 4.12
C ILE A 33 -8.68 -2.31 3.70
N ILE A 34 -8.73 -1.03 4.05
CA ILE A 34 -9.88 -0.20 3.71
C ILE A 34 -9.45 1.05 2.95
N ILE A 35 -10.22 1.41 1.93
CA ILE A 35 -9.92 2.59 1.12
C ILE A 35 -10.80 3.76 1.53
N GLN A 36 -10.18 4.91 1.77
CA GLN A 36 -10.90 6.11 2.16
C GLN A 36 -11.60 6.74 0.96
N GLU A 37 -12.20 7.91 1.17
CA GLU A 37 -12.91 8.61 0.11
C GLU A 37 -12.05 8.71 -1.15
N ASN A 38 -10.75 8.91 -0.95
CA ASN A 38 -9.82 9.02 -2.06
C ASN A 38 -8.54 8.24 -1.79
N MET A 39 -7.92 8.50 -0.64
CA MET A 39 -6.69 7.83 -0.25
C MET A 39 -6.98 6.40 0.21
N ILE A 40 -5.92 5.61 0.37
CA ILE A 40 -6.07 4.22 0.79
C ILE A 40 -5.37 3.99 2.14
N ILE A 41 -6.04 3.25 3.01
CA ILE A 41 -5.49 2.95 4.33
C ILE A 41 -5.06 1.49 4.44
N PHE A 42 -3.78 1.27 4.69
CA PHE A 42 -3.25 -0.08 4.81
C PHE A 42 -3.19 -0.51 6.28
N HIS A 43 -4.10 -1.41 6.65
CA HIS A 43 -4.16 -1.91 8.02
C HIS A 43 -3.59 -3.32 8.11
N LEU A 44 -3.51 -3.99 6.97
CA LEU A 44 -3.00 -5.35 6.91
C LEU A 44 -1.61 -5.44 7.54
N SER A 45 -1.23 -6.63 7.98
CA SER A 45 0.07 -6.84 8.59
C SER A 45 0.20 -6.03 9.88
N PRO A 46 1.22 -6.36 10.68
CA PRO A 46 1.48 -5.67 11.96
C PRO A 46 1.96 -4.24 11.75
N TYR A 47 2.18 -3.86 10.50
CA TYR A 47 2.64 -2.51 10.17
C TYR A 47 1.55 -1.72 9.45
N TYR A 48 1.27 -0.53 9.94
CA TYR A 48 0.25 0.32 9.34
C TYR A 48 0.87 1.31 8.36
N LEU A 49 0.30 1.38 7.17
CA LEU A 49 0.79 2.28 6.13
C LEU A 49 -0.34 3.13 5.55
N ARG A 50 -0.01 4.35 5.13
CA ARG A 50 -1.00 5.25 4.56
C ARG A 50 -0.57 5.73 3.19
N LEU A 51 -1.47 5.60 2.20
CA LEU A 51 -1.16 6.01 0.84
C LEU A 51 -2.09 7.15 0.41
N ARG A 52 -1.50 8.26 -0.02
CA ARG A 52 -2.26 9.42 -0.46
C ARG A 52 -1.98 9.73 -1.92
N PHE A 53 -2.93 9.40 -2.79
CA PHE A 53 -2.79 9.64 -4.22
C PHE A 53 -3.44 10.96 -4.62
N PRO A 54 -2.98 11.55 -5.73
CA PRO A 54 -3.50 12.81 -6.24
C PRO A 54 -4.92 12.68 -6.79
N HIS A 55 -5.40 11.44 -6.89
CA HIS A 55 -6.74 11.18 -7.39
C HIS A 55 -7.64 10.63 -6.28
N GLU A 56 -8.83 10.19 -6.67
CA GLU A 56 -9.79 9.64 -5.70
C GLU A 56 -10.23 8.24 -6.11
N LEU A 57 -10.00 7.28 -5.22
CA LEU A 57 -10.37 5.89 -5.48
C LEU A 57 -11.69 5.54 -4.79
N ILE A 58 -12.09 4.28 -4.91
CA ILE A 58 -13.33 3.82 -4.29
C ILE A 58 -13.23 2.35 -3.90
N ASP A 59 -13.85 2.00 -2.78
CA ASP A 59 -13.83 0.63 -2.29
C ASP A 59 -15.16 -0.07 -2.59
N ASP A 60 -15.13 -1.01 -3.53
CA ASP A 60 -16.31 -1.76 -3.91
C ASP A 60 -16.13 -3.25 -3.67
N GLU A 61 -17.05 -4.05 -4.20
CA GLU A 61 -16.98 -5.50 -4.04
C GLU A 61 -15.79 -6.07 -4.80
N ARG A 62 -15.39 -5.40 -5.87
CA ARG A 62 -14.27 -5.86 -6.69
C ARG A 62 -12.96 -5.66 -5.95
N SER A 63 -12.87 -4.59 -5.17
CA SER A 63 -11.67 -4.30 -4.40
C SER A 63 -11.36 -5.42 -3.41
N THR A 64 -10.09 -5.84 -3.39
CA THR A 64 -9.66 -6.91 -2.50
C THR A 64 -8.16 -7.13 -2.57
N ALA A 65 -7.62 -7.87 -1.61
CA ALA A 65 -6.19 -8.15 -1.58
C ALA A 65 -5.92 -9.65 -1.47
N GLN A 66 -4.87 -10.11 -2.14
CA GLN A 66 -4.51 -11.52 -2.13
C GLN A 66 -3.09 -11.71 -1.61
N TYR A 67 -2.93 -12.67 -0.70
CA TYR A 67 -1.62 -12.95 -0.11
C TYR A 67 -0.85 -13.95 -0.98
N ASP A 68 0.38 -13.58 -1.34
CA ASP A 68 1.23 -14.44 -2.15
C ASP A 68 2.37 -15.00 -1.33
N SER A 69 2.45 -16.33 -1.26
CA SER A 69 3.50 -17.01 -0.50
C SER A 69 4.73 -17.24 -1.38
N LYS A 70 4.50 -17.44 -2.67
CA LYS A 70 5.59 -17.67 -3.61
C LYS A 70 6.63 -16.57 -3.52
N ASP A 71 6.19 -15.38 -3.13
CA ASP A 71 7.10 -14.24 -2.99
C ASP A 71 6.95 -13.59 -1.62
N GLU A 72 6.10 -14.18 -0.78
CA GLU A 72 5.88 -13.65 0.56
C GLU A 72 5.48 -12.18 0.51
N CYS A 73 4.81 -11.79 -0.57
CA CYS A 73 4.36 -10.42 -0.74
C CYS A 73 2.83 -10.32 -0.66
N ILE A 74 2.33 -9.10 -0.60
CA ILE A 74 0.90 -8.87 -0.52
C ILE A 74 0.41 -8.02 -1.70
N ASN A 75 -0.69 -8.45 -2.32
CA ASN A 75 -1.25 -7.74 -3.45
C ASN A 75 -2.57 -7.07 -3.06
N VAL A 76 -2.64 -5.75 -3.26
CA VAL A 76 -3.83 -4.99 -2.94
C VAL A 76 -4.46 -4.38 -4.20
N LYS A 77 -5.74 -4.63 -4.39
CA LYS A 77 -6.46 -4.10 -5.55
C LYS A 77 -7.47 -3.04 -5.13
N VAL A 78 -7.55 -1.97 -5.92
CA VAL A 78 -8.48 -0.88 -5.64
C VAL A 78 -9.15 -0.38 -6.91
N ALA A 79 -10.48 -0.24 -6.86
CA ALA A 79 -11.24 0.24 -8.01
C ALA A 79 -11.13 1.75 -8.15
N LYS A 80 -10.88 2.21 -9.37
CA LYS A 80 -10.75 3.64 -9.64
C LYS A 80 -12.09 4.23 -10.07
N LEU A 81 -12.30 5.51 -9.77
CA LEU A 81 -13.54 6.20 -10.12
C LEU A 81 -13.65 6.38 -11.62
N ASN A 82 -12.51 6.35 -12.31
CA ASN A 82 -12.47 6.51 -13.76
C ASN A 82 -11.55 5.48 -14.40
N LYS A 83 -11.98 4.94 -15.53
CA LYS A 83 -11.20 3.94 -16.26
C LYS A 83 -10.10 4.60 -17.07
N ASN A 84 -9.09 3.81 -17.44
CA ASN A 84 -7.98 4.33 -18.23
C ASN A 84 -7.24 5.44 -17.49
N GLU A 85 -7.45 5.50 -16.18
CA GLU A 85 -6.81 6.52 -15.36
C GLU A 85 -5.48 6.02 -14.81
N TYR A 86 -4.51 6.93 -14.69
CA TYR A 86 -3.19 6.59 -14.19
C TYR A 86 -2.77 7.54 -13.06
N PHE A 87 -1.59 7.30 -12.52
CA PHE A 87 -1.07 8.13 -11.43
C PHE A 87 0.37 8.57 -11.73
N GLU A 88 0.75 9.71 -11.16
CA GLU A 88 2.09 10.24 -11.37
C GLU A 88 2.83 10.36 -10.04
N ASP A 89 2.10 10.25 -8.95
CA ASP A 89 2.69 10.34 -7.61
C ASP A 89 3.12 8.96 -7.12
N LEU A 90 2.46 7.93 -7.62
CA LEU A 90 2.78 6.55 -7.24
C LEU A 90 4.24 6.22 -7.53
N ASP A 91 4.84 6.97 -8.44
CA ASP A 91 6.23 6.76 -8.80
C ASP A 91 7.16 7.10 -7.64
N LEU A 92 6.68 7.96 -6.75
CA LEU A 92 7.46 8.37 -5.58
C LEU A 92 6.91 7.75 -4.30
N PRO A 93 7.72 6.90 -3.65
CA PRO A 93 7.32 6.23 -2.41
C PRO A 93 7.23 7.20 -1.24
N THR A 94 7.69 8.43 -1.44
CA THR A 94 7.67 9.43 -0.41
C THR A 94 6.46 10.36 -0.55
N LYS A 95 6.07 10.59 -1.80
CA LYS A 95 4.93 11.45 -2.09
C LYS A 95 3.63 10.82 -1.60
N LEU A 96 3.67 9.51 -1.36
CA LEU A 96 2.50 8.79 -0.89
C LEU A 96 2.45 8.77 0.64
N LEU A 97 3.60 8.54 1.25
CA LEU A 97 3.70 8.49 2.71
C LEU A 97 3.27 9.82 3.33
N ALA A 98 3.66 10.91 2.67
CA ALA A 98 3.32 12.24 3.16
C ALA A 98 3.96 12.53 4.51
N ARG A 99 5.18 12.04 4.69
CA ARG A 99 5.91 12.23 5.94
C ARG A 99 7.15 13.10 5.72
N GLN A 100 7.69 13.64 6.80
CA GLN A 100 8.88 14.48 6.73
C GLN A 100 10.02 13.76 6.02
N GLY A 101 10.48 12.67 6.62
CA GLY A 101 11.57 11.89 6.04
C GLY A 101 12.87 12.66 6.01
N ASP A 102 13.44 12.82 4.82
CA ASP A 102 14.69 13.54 4.67
C ASP A 102 14.55 14.66 3.64
N LEU A 103 14.45 15.89 4.14
CA LEU A 103 14.31 17.06 3.27
C LEU A 103 15.66 17.48 2.70
N ALA A 104 16.72 17.01 3.33
CA ALA A 104 18.08 17.34 2.90
C ALA A 104 18.24 17.08 1.40
N GLY A 105 19.26 17.71 0.81
CA GLY A 105 19.51 17.53 -0.62
C GLY A 105 19.19 18.78 -1.42
N ALA A 106 19.65 19.92 -0.93
CA ALA A 106 19.41 21.19 -1.60
C ALA A 106 20.36 21.38 -2.79
N ASP A 107 19.82 21.29 -3.99
CA ASP A 107 20.62 21.44 -5.21
C ASP A 107 20.53 22.87 -5.74
N ALA A 108 21.48 23.23 -6.60
CA ALA A 108 21.52 24.57 -7.18
C ALA A 108 21.09 24.54 -8.64
N LEU A 109 20.48 25.63 -9.09
CA LEU A 109 20.01 25.74 -10.48
C LEU A 109 20.16 27.17 -10.99
N THR A 110 20.19 27.31 -12.31
CA THR A 110 20.34 28.62 -12.93
C THR A 110 19.40 28.76 -14.12
N GLU A 111 18.37 29.60 -13.97
CA GLU A 111 17.40 29.81 -15.03
C GLU A 111 16.96 31.28 -15.08
N ASN A 112 16.68 31.76 -16.28
CA ASN A 112 16.25 33.15 -16.46
C ASN A 112 15.00 33.44 -15.64
N THR A 113 14.80 34.72 -15.32
CA THR A 113 13.64 35.14 -14.53
C THR A 113 12.99 36.38 -15.13
N ASP A 114 11.77 36.21 -15.63
CA ASP A 114 11.03 37.31 -16.24
C ASP A 114 10.88 38.47 -15.26
N ALA A 115 10.92 39.69 -15.78
CA ALA A 115 10.79 40.88 -14.96
C ALA A 115 10.50 42.11 -15.81
N LYS A 116 10.15 43.21 -15.15
CA LYS A 116 9.85 44.46 -15.85
C LYS A 116 10.75 45.58 -15.35
N LYS A 117 11.58 46.10 -16.24
CA LYS A 117 12.50 47.18 -15.90
C LYS A 117 12.03 48.50 -16.52
N THR A 118 12.13 49.58 -15.75
CA THR A 118 11.72 50.90 -16.23
C THR A 118 12.61 51.99 -15.64
N GLN A 119 12.77 53.08 -16.39
CA GLN A 119 13.60 54.19 -15.94
C GLN A 119 12.72 55.39 -15.56
N LYS A 120 12.66 55.67 -14.26
CA LYS A 120 11.86 56.79 -13.76
C LYS A 120 12.74 57.78 -13.01
N PRO A 121 13.62 58.47 -13.75
CA PRO A 121 14.54 59.47 -13.16
C PRO A 121 13.80 60.71 -12.70
N LEU A 122 14.02 61.08 -11.44
CA LEU A 122 13.37 62.26 -10.87
C LEU A 122 14.38 63.12 -10.10
N ILE A 123 14.73 64.26 -10.67
CA ILE A 123 15.68 65.17 -10.04
C ILE A 123 14.99 66.44 -9.56
N GLN A 124 14.84 66.57 -8.25
CA GLN A 124 14.20 67.74 -7.67
C GLN A 124 14.95 68.21 -6.43
N GLU A 125 15.19 69.51 -6.34
CA GLU A 125 15.90 70.09 -5.20
C GLU A 125 15.41 71.51 -4.92
N VAL A 126 15.49 71.92 -3.65
CA VAL A 126 15.06 73.24 -3.25
C VAL A 126 16.22 74.04 -2.66
N GLU A 127 16.14 75.36 -2.79
CA GLU A 127 17.19 76.24 -2.26
C GLU A 127 16.63 77.18 -1.20
N THR A 128 17.48 77.56 -0.25
CA THR A 128 17.07 78.45 0.83
C THR A 128 17.58 79.87 0.59
N ASP A 129 16.66 80.77 0.27
CA ASP A 129 17.01 82.17 0.02
C ASP A 129 16.15 83.10 0.86
N GLY A 130 16.79 83.81 1.78
CA GLY A 130 16.06 84.73 2.64
C GLY A 130 16.34 86.18 2.30
N VAL A 131 16.25 87.06 3.29
CA VAL A 131 16.49 88.48 3.09
C VAL A 131 17.74 88.93 3.83
N SER A 132 18.20 90.14 3.53
CA SER A 132 19.39 90.69 4.17
C SER A 132 19.07 91.99 4.90
N ASN A 133 19.09 91.92 6.23
CA ASN A 133 18.80 93.09 7.06
C ASN A 133 19.42 92.94 8.45
N ASN A 134 19.28 93.97 9.27
CA ASN A 134 19.82 93.96 10.62
C ASN A 134 19.06 92.96 11.50
N GLY A 1 5.33 3.70 7.13
CA GLY A 1 6.54 4.08 7.86
C GLY A 1 7.24 2.89 8.47
N ILE A 2 6.47 1.93 8.95
CA ILE A 2 7.03 0.74 9.56
C ILE A 2 7.34 -0.33 8.52
N THR A 3 6.44 -0.49 7.55
CA THR A 3 6.61 -1.47 6.50
C THR A 3 7.98 -1.34 5.85
N PRO A 4 8.56 -2.48 5.42
CA PRO A 4 9.87 -2.51 4.77
C PRO A 4 9.85 -1.88 3.38
N ARG A 5 9.50 -2.67 2.38
CA ARG A 5 9.43 -2.19 1.00
C ARG A 5 8.06 -2.44 0.40
N PHE A 6 7.69 -1.63 -0.58
CA PHE A 6 6.39 -1.75 -1.23
C PHE A 6 6.38 -0.99 -2.55
N SER A 7 5.76 -1.58 -3.57
CA SER A 7 5.67 -0.96 -4.88
C SER A 7 4.22 -0.84 -5.35
N ILE A 8 3.89 0.30 -5.94
CA ILE A 8 2.53 0.54 -6.43
C ILE A 8 2.49 0.58 -7.95
N THR A 9 1.43 0.03 -8.52
CA THR A 9 1.26 0.01 -9.96
C THR A 9 -0.09 0.56 -10.38
N GLN A 10 -0.12 1.21 -11.53
CA GLN A 10 -1.36 1.80 -12.05
C GLN A 10 -1.80 1.12 -13.34
N ASP A 11 -3.11 0.96 -13.51
CA ASP A 11 -3.65 0.32 -14.71
C ASP A 11 -4.73 1.20 -15.34
N GLU A 12 -5.25 0.75 -16.48
CA GLU A 12 -6.29 1.49 -17.19
C GLU A 12 -7.67 1.02 -16.76
N GLU A 13 -7.74 0.38 -15.59
CA GLU A 13 -9.01 -0.12 -15.07
C GLU A 13 -9.07 0.01 -13.55
N PHE A 14 -7.94 -0.30 -12.90
CA PHE A 14 -7.87 -0.21 -11.45
C PHE A 14 -6.41 -0.05 -10.99
N ILE A 15 -6.22 0.05 -9.68
CA ILE A 15 -4.89 0.22 -9.12
C ILE A 15 -4.41 -1.08 -8.45
N PHE A 16 -3.13 -1.38 -8.60
CA PHE A 16 -2.55 -2.59 -8.01
C PHE A 16 -1.39 -2.24 -7.08
N LEU A 17 -1.63 -2.38 -5.77
CA LEU A 17 -0.60 -2.08 -4.79
C LEU A 17 0.10 -3.35 -4.31
N LYS A 18 1.42 -3.38 -4.44
CA LYS A 18 2.21 -4.53 -4.03
C LYS A 18 3.02 -4.22 -2.78
N ILE A 19 3.05 -5.16 -1.84
CA ILE A 19 3.79 -4.98 -0.60
C ILE A 19 4.73 -6.16 -0.35
N PHE A 20 5.93 -5.86 0.10
CA PHE A 20 6.93 -6.89 0.39
C PHE A 20 6.99 -7.20 1.88
N ILE A 21 6.95 -8.47 2.22
CA ILE A 21 7.00 -8.90 3.62
C ILE A 21 7.62 -10.27 3.76
N SER A 22 8.07 -10.60 4.97
CA SER A 22 8.69 -11.89 5.23
C SER A 22 7.64 -12.94 5.60
N ASN A 23 8.11 -14.11 6.03
CA ASN A 23 7.20 -15.19 6.41
C ASN A 23 6.95 -15.18 7.92
N ILE A 24 7.19 -14.04 8.54
CA ILE A 24 6.99 -13.89 9.98
C ILE A 24 5.54 -14.18 10.36
N ARG A 25 5.22 -14.02 11.65
CA ARG A 25 3.88 -14.25 12.13
C ARG A 25 2.84 -13.49 11.31
N PHE A 26 2.17 -14.20 10.42
CA PHE A 26 1.15 -13.58 9.56
C PHE A 26 -0.25 -13.98 10.01
N SER A 27 -0.84 -13.16 10.88
CA SER A 27 -2.17 -13.43 11.40
C SER A 27 -3.23 -13.17 10.33
N ALA A 28 -4.43 -13.68 10.56
CA ALA A 28 -5.53 -13.51 9.60
C ALA A 28 -6.71 -12.81 10.26
N VAL A 29 -6.44 -12.09 11.36
CA VAL A 29 -7.47 -11.37 12.08
C VAL A 29 -7.30 -9.86 11.94
N GLY A 30 -6.04 -9.43 11.79
CA GLY A 30 -5.76 -8.03 11.65
C GLY A 30 -5.75 -7.56 10.21
N LEU A 31 -5.84 -8.52 9.29
CA LEU A 31 -5.85 -8.22 7.86
C LEU A 31 -7.18 -7.59 7.45
N GLU A 32 -7.13 -6.32 7.03
CA GLU A 32 -8.34 -5.61 6.61
C GLU A 32 -7.98 -4.24 6.06
N ILE A 33 -7.63 -4.19 4.78
CA ILE A 33 -7.27 -2.93 4.12
C ILE A 33 -8.51 -2.13 3.74
N ILE A 34 -8.51 -0.85 4.09
CA ILE A 34 -9.64 0.02 3.78
C ILE A 34 -9.18 1.25 3.00
N ILE A 35 -9.96 1.61 1.98
CA ILE A 35 -9.64 2.77 1.15
C ILE A 35 -10.47 3.99 1.56
N GLN A 36 -9.79 5.10 1.78
CA GLN A 36 -10.46 6.34 2.17
C GLN A 36 -11.19 6.96 0.98
N GLU A 37 -11.72 8.18 1.19
CA GLU A 37 -12.44 8.88 0.14
C GLU A 37 -11.60 8.94 -1.14
N ASN A 38 -10.30 9.08 -0.98
CA ASN A 38 -9.39 9.16 -2.12
C ASN A 38 -8.12 8.33 -1.87
N MET A 39 -7.49 8.57 -0.73
CA MET A 39 -6.27 7.85 -0.37
C MET A 39 -6.60 6.43 0.07
N ILE A 40 -5.55 5.64 0.32
CA ILE A 40 -5.72 4.26 0.74
C ILE A 40 -5.01 3.99 2.07
N ILE A 41 -5.69 3.28 2.97
CA ILE A 41 -5.12 2.96 4.27
C ILE A 41 -4.74 1.48 4.36
N PHE A 42 -3.47 1.21 4.60
CA PHE A 42 -2.98 -0.16 4.71
C PHE A 42 -2.92 -0.59 6.18
N HIS A 43 -3.91 -1.37 6.60
CA HIS A 43 -3.96 -1.86 7.97
C HIS A 43 -3.46 -3.29 8.06
N LEU A 44 -3.42 -3.97 6.93
CA LEU A 44 -2.95 -5.36 6.87
C LEU A 44 -1.55 -5.48 7.46
N SER A 45 -1.19 -6.70 7.87
CA SER A 45 0.12 -6.95 8.44
C SER A 45 0.30 -6.17 9.75
N PRO A 46 1.33 -6.55 10.52
CA PRO A 46 1.63 -5.90 11.80
C PRO A 46 2.15 -4.49 11.63
N TYR A 47 2.39 -4.09 10.39
CA TYR A 47 2.89 -2.76 10.08
C TYR A 47 1.83 -1.93 9.36
N TYR A 48 1.58 -0.72 9.87
CA TYR A 48 0.59 0.16 9.27
C TYR A 48 1.25 1.11 8.27
N LEU A 49 0.66 1.19 7.08
CA LEU A 49 1.19 2.06 6.03
C LEU A 49 0.09 2.95 5.45
N ARG A 50 0.45 4.15 5.06
CA ARG A 50 -0.50 5.10 4.49
C ARG A 50 -0.10 5.49 3.07
N LEU A 51 -1.06 5.45 2.16
CA LEU A 51 -0.80 5.80 0.76
C LEU A 51 -1.68 6.98 0.33
N ARG A 52 -1.04 8.09 0.01
CA ARG A 52 -1.76 9.29 -0.43
C ARG A 52 -1.50 9.57 -1.90
N PHE A 53 -2.49 9.26 -2.73
CA PHE A 53 -2.37 9.47 -4.17
C PHE A 53 -3.01 10.80 -4.57
N PRO A 54 -2.54 11.37 -5.70
CA PRO A 54 -3.05 12.64 -6.22
C PRO A 54 -4.47 12.52 -6.75
N HIS A 55 -4.95 11.28 -6.87
CA HIS A 55 -6.30 11.03 -7.38
C HIS A 55 -7.21 10.51 -6.26
N GLU A 56 -8.41 10.11 -6.64
CA GLU A 56 -9.38 9.59 -5.67
C GLU A 56 -9.89 8.22 -6.09
N LEU A 57 -9.75 7.25 -5.18
CA LEU A 57 -10.20 5.89 -5.46
C LEU A 57 -11.49 5.56 -4.69
N ILE A 58 -11.95 4.32 -4.82
CA ILE A 58 -13.17 3.90 -4.14
C ILE A 58 -13.07 2.43 -3.72
N ASP A 59 -13.65 2.12 -2.57
CA ASP A 59 -13.64 0.75 -2.06
C ASP A 59 -14.96 0.06 -2.33
N ASP A 60 -14.96 -0.86 -3.28
CA ASP A 60 -16.16 -1.61 -3.64
C ASP A 60 -16.00 -3.09 -3.34
N GLU A 61 -16.93 -3.90 -3.84
CA GLU A 61 -16.88 -5.35 -3.62
C GLU A 61 -15.72 -5.97 -4.37
N ARG A 62 -15.30 -5.32 -5.46
CA ARG A 62 -14.20 -5.82 -6.27
C ARG A 62 -12.87 -5.61 -5.57
N SER A 63 -12.78 -4.55 -4.77
CA SER A 63 -11.56 -4.24 -4.03
C SER A 63 -11.27 -5.31 -2.99
N THR A 64 -10.01 -5.76 -2.96
CA THR A 64 -9.60 -6.78 -2.01
C THR A 64 -8.11 -7.10 -2.15
N ALA A 65 -7.54 -7.73 -1.14
CA ALA A 65 -6.13 -8.09 -1.15
C ALA A 65 -5.93 -9.56 -0.82
N GLN A 66 -4.98 -10.19 -1.50
CA GLN A 66 -4.69 -11.61 -1.28
C GLN A 66 -3.23 -11.81 -0.91
N TYR A 67 -2.97 -12.85 -0.12
CA TYR A 67 -1.61 -13.15 0.32
C TYR A 67 -0.90 -14.04 -0.70
N ASP A 68 0.28 -13.61 -1.13
CA ASP A 68 1.06 -14.37 -2.10
C ASP A 68 2.18 -15.15 -1.42
N SER A 69 2.12 -16.47 -1.51
CA SER A 69 3.12 -17.32 -0.89
C SER A 69 4.28 -17.58 -1.85
N LYS A 70 3.98 -17.62 -3.14
CA LYS A 70 4.99 -17.85 -4.17
C LYS A 70 6.13 -16.84 -4.04
N ASP A 71 5.81 -15.64 -3.56
CA ASP A 71 6.80 -14.59 -3.40
C ASP A 71 6.79 -14.05 -1.97
N GLU A 72 5.88 -14.60 -1.15
CA GLU A 72 5.76 -14.16 0.24
C GLU A 72 5.41 -12.69 0.33
N CYS A 73 4.73 -12.18 -0.69
CA CYS A 73 4.33 -10.78 -0.74
C CYS A 73 2.82 -10.65 -0.62
N ILE A 74 2.34 -9.41 -0.58
CA ILE A 74 0.91 -9.14 -0.47
C ILE A 74 0.42 -8.30 -1.64
N ASN A 75 -0.70 -8.72 -2.23
CA ASN A 75 -1.28 -7.99 -3.35
C ASN A 75 -2.57 -7.30 -2.96
N VAL A 76 -2.64 -6.00 -3.18
CA VAL A 76 -3.82 -5.21 -2.84
C VAL A 76 -4.48 -4.65 -4.10
N LYS A 77 -5.78 -4.90 -4.22
CA LYS A 77 -6.53 -4.42 -5.37
C LYS A 77 -7.52 -3.33 -4.96
N VAL A 78 -7.66 -2.30 -5.80
CA VAL A 78 -8.57 -1.20 -5.52
C VAL A 78 -9.08 -0.57 -6.81
N ALA A 79 -10.39 -0.39 -6.90
CA ALA A 79 -11.01 0.21 -8.07
C ALA A 79 -10.84 1.72 -8.08
N LYS A 80 -10.81 2.30 -9.27
CA LYS A 80 -10.66 3.74 -9.42
C LYS A 80 -12.00 4.40 -9.73
N LEU A 81 -12.05 5.73 -9.62
CA LEU A 81 -13.26 6.48 -9.90
C LEU A 81 -13.39 6.77 -11.39
N ASN A 82 -12.27 7.09 -12.03
CA ASN A 82 -12.26 7.39 -13.46
C ASN A 82 -11.32 6.45 -14.20
N LYS A 83 -11.87 5.67 -15.12
CA LYS A 83 -11.09 4.73 -15.91
C LYS A 83 -10.07 5.46 -16.78
N ASN A 84 -9.07 4.73 -17.26
CA ASN A 84 -8.03 5.33 -18.10
C ASN A 84 -7.26 6.39 -17.34
N GLU A 85 -7.37 6.38 -16.02
CA GLU A 85 -6.68 7.35 -15.18
C GLU A 85 -5.38 6.78 -14.64
N TYR A 86 -4.29 7.48 -14.89
CA TYR A 86 -2.98 7.04 -14.43
C TYR A 86 -2.55 7.80 -13.17
N PHE A 87 -1.37 7.47 -12.65
CA PHE A 87 -0.85 8.12 -11.45
C PHE A 87 0.59 8.54 -11.64
N GLU A 88 1.02 9.54 -10.89
CA GLU A 88 2.40 10.03 -10.98
C GLU A 88 3.15 9.80 -9.66
N ASP A 89 2.47 10.05 -8.55
CA ASP A 89 3.07 9.87 -7.23
C ASP A 89 3.49 8.42 -7.02
N LEU A 90 2.87 7.52 -7.77
CA LEU A 90 3.20 6.10 -7.66
C LEU A 90 4.65 5.83 -8.05
N ASP A 91 5.22 6.75 -8.83
CA ASP A 91 6.60 6.62 -9.26
C ASP A 91 7.57 6.85 -8.10
N LEU A 92 7.14 7.65 -7.14
CA LEU A 92 7.97 7.96 -5.98
C LEU A 92 7.36 7.35 -4.71
N PRO A 93 8.12 6.43 -4.08
CA PRO A 93 7.68 5.77 -2.85
C PRO A 93 7.65 6.72 -1.66
N THR A 94 8.20 7.91 -1.84
CA THR A 94 8.25 8.90 -0.77
C THR A 94 7.07 9.87 -0.88
N LYS A 95 6.42 9.88 -2.04
CA LYS A 95 5.28 10.76 -2.27
C LYS A 95 4.06 10.27 -1.50
N LEU A 96 4.05 8.99 -1.15
CA LEU A 96 2.94 8.40 -0.42
C LEU A 96 3.14 8.57 1.09
N LEU A 97 4.34 8.26 1.56
CA LEU A 97 4.66 8.38 2.98
C LEU A 97 4.51 9.83 3.45
N ALA A 98 4.76 10.77 2.54
CA ALA A 98 4.65 12.19 2.87
C ALA A 98 3.21 12.67 2.71
N ARG A 99 2.55 12.88 3.84
CA ARG A 99 1.16 13.34 3.83
C ARG A 99 1.03 14.69 4.55
N GLN A 100 -0.11 15.34 4.37
CA GLN A 100 -0.36 16.64 4.99
C GLN A 100 -0.84 16.46 6.43
N GLY A 101 0.01 16.85 7.38
CA GLY A 101 -0.35 16.73 8.78
C GLY A 101 0.86 16.53 9.67
N ASP A 102 1.73 17.54 9.71
CA ASP A 102 2.93 17.47 10.54
C ASP A 102 2.71 18.17 11.87
N LEU A 103 1.48 18.16 12.35
CA LEU A 103 1.13 18.78 13.62
C LEU A 103 0.47 17.78 14.56
N ALA A 104 0.77 16.50 14.36
CA ALA A 104 0.21 15.44 15.18
C ALA A 104 1.16 15.08 16.32
N GLY A 105 2.44 15.38 16.14
CA GLY A 105 3.42 15.09 17.16
C GLY A 105 4.70 14.48 16.58
N ALA A 106 5.82 14.73 17.23
CA ALA A 106 7.10 14.21 16.78
C ALA A 106 7.07 12.69 16.68
N ASP A 107 6.94 12.18 15.46
CA ASP A 107 6.89 10.74 15.22
C ASP A 107 8.12 10.29 14.42
N ALA A 108 8.93 9.43 15.03
CA ALA A 108 10.12 8.92 14.38
C ALA A 108 10.57 7.60 15.01
N LEU A 109 11.25 6.77 14.22
CA LEU A 109 11.73 5.49 14.70
C LEU A 109 13.26 5.41 14.63
N THR A 110 13.84 4.58 15.50
CA THR A 110 15.28 4.43 15.54
C THR A 110 15.68 3.08 16.12
N GLU A 111 16.35 2.26 15.32
CA GLU A 111 16.77 0.94 15.76
C GLU A 111 18.12 1.02 16.49
N ASN A 112 18.27 0.19 17.51
CA ASN A 112 19.50 0.16 18.30
C ASN A 112 20.22 -1.18 18.15
N THR A 113 21.50 -1.21 18.50
CA THR A 113 22.29 -2.42 18.41
C THR A 113 22.39 -3.12 19.76
N ASP A 114 22.16 -2.36 20.84
CA ASP A 114 22.22 -2.91 22.19
C ASP A 114 23.60 -3.50 22.47
N ALA A 115 24.64 -2.76 22.10
CA ALA A 115 26.01 -3.20 22.32
C ALA A 115 26.52 -2.77 23.68
N LYS A 116 27.29 -3.64 24.33
CA LYS A 116 27.84 -3.35 25.65
C LYS A 116 29.36 -3.21 25.58
N LYS A 117 29.92 -2.49 26.55
CA LYS A 117 31.36 -2.28 26.60
C LYS A 117 31.89 -2.53 28.00
N THR A 118 33.21 -2.71 28.11
CA THR A 118 33.84 -2.95 29.41
C THR A 118 34.18 -1.65 30.12
N GLN A 119 33.83 -1.57 31.40
CA GLN A 119 34.09 -0.37 32.19
C GLN A 119 34.41 -0.74 33.64
N LYS A 120 35.68 -0.73 33.99
CA LYS A 120 36.11 -1.06 35.34
C LYS A 120 37.21 -0.10 35.81
N PRO A 121 36.84 1.18 36.01
CA PRO A 121 37.78 2.21 36.46
C PRO A 121 38.22 1.99 37.91
N LEU A 122 38.94 2.98 38.45
CA LEU A 122 39.42 2.89 39.83
C LEU A 122 39.24 4.23 40.54
N ILE A 123 38.40 4.24 41.57
CA ILE A 123 38.15 5.45 42.34
C ILE A 123 38.87 5.41 43.68
N GLN A 124 39.81 6.35 43.87
CA GLN A 124 40.57 6.42 45.11
C GLN A 124 40.00 7.49 46.04
N GLU A 125 40.10 7.24 47.35
CA GLU A 125 39.60 8.17 48.33
C GLU A 125 40.49 9.42 48.42
N VAL A 126 39.87 10.58 48.46
CA VAL A 126 40.60 11.84 48.55
C VAL A 126 40.28 12.59 49.83
N GLU A 127 40.39 11.87 50.96
CA GLU A 127 40.11 12.47 52.26
C GLU A 127 41.21 12.12 53.26
N THR A 128 41.73 13.15 53.93
CA THR A 128 42.79 12.95 54.92
C THR A 128 42.43 13.61 56.23
N ASP A 129 42.61 12.88 57.33
CA ASP A 129 42.31 13.39 58.66
C ASP A 129 43.00 14.73 58.89
N GLY A 130 42.22 15.77 59.17
CA GLY A 130 42.78 17.08 59.41
C GLY A 130 41.76 18.05 59.98
N VAL A 131 42.04 18.57 61.16
CA VAL A 131 41.14 19.51 61.82
C VAL A 131 41.80 20.88 61.98
N SER A 132 41.03 21.93 61.72
CA SER A 132 41.54 23.30 61.83
C SER A 132 40.60 24.16 62.68
N ASN A 133 41.14 25.21 63.26
CA ASN A 133 40.37 26.12 64.10
C ASN A 133 40.48 27.55 63.60
N ASN A 134 39.57 28.41 64.06
CA ASN A 134 39.56 29.81 63.66
C ASN A 134 40.54 30.63 64.52
N GLY A 1 6.13 4.44 5.23
CA GLY A 1 5.79 4.39 6.64
C GLY A 1 6.65 3.41 7.39
N ILE A 2 6.02 2.34 7.90
CA ILE A 2 6.72 1.32 8.66
C ILE A 2 7.21 0.20 7.75
N THR A 3 6.45 -0.07 6.69
CA THR A 3 6.80 -1.11 5.74
C THR A 3 8.20 -0.90 5.18
N PRO A 4 8.91 -2.02 4.92
CA PRO A 4 10.27 -1.98 4.39
C PRO A 4 10.31 -1.51 2.95
N ARG A 5 9.47 -2.09 2.11
CA ARG A 5 9.41 -1.73 0.69
C ARG A 5 8.01 -1.97 0.13
N PHE A 6 7.61 -1.12 -0.80
CA PHE A 6 6.29 -1.24 -1.43
C PHE A 6 6.27 -0.53 -2.78
N SER A 7 5.68 -1.20 -3.78
CA SER A 7 5.59 -0.64 -5.12
C SER A 7 4.13 -0.59 -5.59
N ILE A 8 3.77 0.51 -6.24
CA ILE A 8 2.41 0.68 -6.75
C ILE A 8 2.39 0.66 -8.27
N THR A 9 1.34 0.07 -8.83
CA THR A 9 1.19 -0.01 -10.28
C THR A 9 -0.17 0.51 -10.72
N GLN A 10 -0.21 1.12 -11.90
CA GLN A 10 -1.46 1.66 -12.44
C GLN A 10 -1.91 0.86 -13.66
N ASP A 11 -3.22 0.70 -13.80
CA ASP A 11 -3.80 -0.05 -14.91
C ASP A 11 -4.88 0.77 -15.61
N GLU A 12 -5.39 0.24 -16.72
CA GLU A 12 -6.43 0.92 -17.47
C GLU A 12 -7.82 0.49 -16.99
N GLU A 13 -7.86 -0.16 -15.82
CA GLU A 13 -9.12 -0.62 -15.26
C GLU A 13 -9.16 -0.35 -13.76
N PHE A 14 -8.04 -0.57 -13.09
CA PHE A 14 -7.95 -0.35 -11.64
C PHE A 14 -6.50 -0.16 -11.21
N ILE A 15 -6.30 0.00 -9.91
CA ILE A 15 -4.96 0.19 -9.36
C ILE A 15 -4.48 -1.07 -8.65
N PHE A 16 -3.19 -1.38 -8.80
CA PHE A 16 -2.60 -2.55 -8.17
C PHE A 16 -1.45 -2.15 -7.24
N LEU A 17 -1.69 -2.27 -5.93
CA LEU A 17 -0.67 -1.93 -4.94
C LEU A 17 0.06 -3.17 -4.45
N LYS A 18 1.38 -3.17 -4.59
CA LYS A 18 2.18 -4.31 -4.15
C LYS A 18 3.03 -3.94 -2.93
N ILE A 19 3.05 -4.82 -1.94
CA ILE A 19 3.81 -4.58 -0.71
C ILE A 19 4.81 -5.71 -0.46
N PHE A 20 6.08 -5.36 -0.35
CA PHE A 20 7.13 -6.35 -0.11
C PHE A 20 7.34 -6.56 1.39
N ILE A 21 7.01 -7.77 1.86
CA ILE A 21 7.16 -8.10 3.27
C ILE A 21 7.60 -9.55 3.44
N SER A 22 7.72 -9.98 4.70
CA SER A 22 8.13 -11.34 5.01
C SER A 22 7.01 -12.10 5.72
N ASN A 23 7.32 -13.30 6.19
CA ASN A 23 6.34 -14.12 6.89
C ASN A 23 6.55 -14.03 8.40
N ILE A 24 6.44 -12.82 8.94
CA ILE A 24 6.61 -12.60 10.37
C ILE A 24 5.38 -11.92 10.97
N ARG A 25 4.89 -12.47 12.08
CA ARG A 25 3.72 -11.93 12.76
C ARG A 25 2.52 -11.91 11.82
N PHE A 26 2.57 -12.73 10.78
CA PHE A 26 1.48 -12.81 9.81
C PHE A 26 0.47 -13.86 10.22
N SER A 27 -0.48 -13.47 11.07
CA SER A 27 -1.51 -14.38 11.54
C SER A 27 -2.60 -14.56 10.50
N ALA A 28 -2.65 -13.64 9.53
CA ALA A 28 -3.65 -13.69 8.48
C ALA A 28 -5.05 -13.56 9.04
N VAL A 29 -5.16 -12.96 10.23
CA VAL A 29 -6.45 -12.78 10.87
C VAL A 29 -6.80 -11.30 11.01
N GLY A 30 -5.78 -10.48 11.22
CA GLY A 30 -5.99 -9.05 11.36
C GLY A 30 -6.03 -8.33 10.03
N LEU A 31 -5.65 -9.04 8.98
CA LEU A 31 -5.64 -8.45 7.63
C LEU A 31 -6.98 -7.79 7.32
N GLU A 32 -6.93 -6.52 6.95
CA GLU A 32 -8.14 -5.78 6.61
C GLU A 32 -7.79 -4.40 6.05
N ILE A 33 -7.53 -4.36 4.74
CA ILE A 33 -7.18 -3.11 4.08
C ILE A 33 -8.43 -2.38 3.59
N ILE A 34 -8.51 -1.09 3.89
CA ILE A 34 -9.65 -0.28 3.48
C ILE A 34 -9.20 0.95 2.71
N ILE A 35 -10.07 1.43 1.82
CA ILE A 35 -9.75 2.61 1.02
C ILE A 35 -10.59 3.81 1.46
N GLN A 36 -9.93 4.93 1.69
CA GLN A 36 -10.61 6.15 2.12
C GLN A 36 -11.35 6.79 0.95
N GLU A 37 -11.88 8.00 1.17
CA GLU A 37 -12.61 8.72 0.14
C GLU A 37 -11.81 8.77 -1.16
N ASN A 38 -10.50 8.90 -1.04
CA ASN A 38 -9.62 8.97 -2.19
C ASN A 38 -8.34 8.17 -1.96
N MET A 39 -7.69 8.42 -0.83
CA MET A 39 -6.46 7.72 -0.49
C MET A 39 -6.76 6.29 -0.04
N ILE A 40 -5.70 5.51 0.17
CA ILE A 40 -5.84 4.13 0.60
C ILE A 40 -5.13 3.88 1.93
N ILE A 41 -5.79 3.16 2.82
CA ILE A 41 -5.21 2.85 4.13
C ILE A 41 -4.80 1.39 4.22
N PHE A 42 -3.51 1.16 4.46
CA PHE A 42 -2.98 -0.20 4.57
C PHE A 42 -2.85 -0.61 6.03
N HIS A 43 -3.76 -1.45 6.49
CA HIS A 43 -3.75 -1.92 7.88
C HIS A 43 -3.16 -3.33 7.96
N LEU A 44 -3.14 -4.03 6.82
CA LEU A 44 -2.61 -5.38 6.77
C LEU A 44 -1.23 -5.45 7.43
N SER A 45 -0.86 -6.64 7.89
CA SER A 45 0.43 -6.85 8.53
C SER A 45 0.55 -5.99 9.79
N PRO A 46 1.56 -6.27 10.62
CA PRO A 46 1.81 -5.55 11.86
C PRO A 46 2.30 -4.12 11.60
N TYR A 47 2.53 -3.80 10.33
CA TYR A 47 3.00 -2.47 9.95
C TYR A 47 1.92 -1.69 9.23
N TYR A 48 1.67 -0.46 9.69
CA TYR A 48 0.66 0.39 9.08
C TYR A 48 1.27 1.31 8.04
N LEU A 49 0.67 1.34 6.86
CA LEU A 49 1.15 2.19 5.77
C LEU A 49 0.02 3.03 5.19
N ARG A 50 0.35 4.26 4.80
CA ARG A 50 -0.64 5.16 4.23
C ARG A 50 -0.25 5.57 2.81
N LEU A 51 -1.21 5.49 1.90
CA LEU A 51 -0.97 5.84 0.50
C LEU A 51 -1.88 6.99 0.06
N ARG A 52 -1.26 8.11 -0.29
CA ARG A 52 -2.02 9.28 -0.73
C ARG A 52 -1.79 9.56 -2.21
N PHE A 53 -2.78 9.22 -3.03
CA PHE A 53 -2.69 9.44 -4.47
C PHE A 53 -3.33 10.75 -4.87
N PRO A 54 -2.89 11.31 -6.01
CA PRO A 54 -3.41 12.58 -6.53
C PRO A 54 -4.84 12.45 -7.04
N HIS A 55 -5.33 11.22 -7.10
CA HIS A 55 -6.69 10.97 -7.57
C HIS A 55 -7.56 10.42 -6.45
N GLU A 56 -8.78 10.01 -6.79
CA GLU A 56 -9.70 9.46 -5.80
C GLU A 56 -10.18 8.08 -6.23
N LEU A 57 -9.93 7.08 -5.38
CA LEU A 57 -10.34 5.72 -5.67
C LEU A 57 -11.66 5.39 -4.97
N ILE A 58 -12.11 4.16 -5.15
CA ILE A 58 -13.36 3.71 -4.53
C ILE A 58 -13.24 2.29 -4.02
N ASP A 59 -13.88 2.02 -2.88
CA ASP A 59 -13.84 0.68 -2.29
C ASP A 59 -15.14 -0.07 -2.57
N ASP A 60 -15.10 -0.93 -3.58
CA ASP A 60 -16.27 -1.72 -3.96
C ASP A 60 -16.02 -3.20 -3.72
N GLU A 61 -16.96 -4.03 -4.16
CA GLU A 61 -16.84 -5.48 -4.00
C GLU A 61 -15.64 -6.01 -4.76
N ARG A 62 -15.32 -5.38 -5.89
CA ARG A 62 -14.20 -5.79 -6.71
C ARG A 62 -12.88 -5.56 -5.97
N SER A 63 -12.81 -4.48 -5.20
CA SER A 63 -11.61 -4.15 -4.45
C SER A 63 -11.33 -5.20 -3.39
N THR A 64 -10.07 -5.64 -3.31
CA THR A 64 -9.67 -6.64 -2.33
C THR A 64 -8.17 -6.92 -2.42
N ALA A 65 -7.63 -7.52 -1.36
CA ALA A 65 -6.21 -7.85 -1.31
C ALA A 65 -5.99 -9.31 -0.93
N GLN A 66 -5.00 -9.93 -1.55
CA GLN A 66 -4.70 -11.33 -1.27
C GLN A 66 -3.25 -11.49 -0.82
N TYR A 67 -3.01 -12.46 0.06
CA TYR A 67 -1.67 -12.72 0.56
C TYR A 67 -0.91 -13.68 -0.36
N ASP A 68 0.29 -13.27 -0.77
CA ASP A 68 1.12 -14.08 -1.65
C ASP A 68 2.17 -14.84 -0.84
N SER A 69 2.09 -16.17 -0.88
CA SER A 69 3.04 -17.01 -0.15
C SER A 69 4.28 -17.28 -0.99
N LYS A 70 4.06 -17.61 -2.26
CA LYS A 70 5.16 -17.90 -3.17
C LYS A 70 6.13 -16.72 -3.25
N ASP A 71 5.64 -15.54 -2.88
CA ASP A 71 6.46 -14.34 -2.91
C ASP A 71 6.52 -13.68 -1.53
N GLU A 72 5.74 -14.22 -0.60
CA GLU A 72 5.71 -13.68 0.76
C GLU A 72 5.35 -12.20 0.76
N CYS A 73 4.68 -11.76 -0.31
CA CYS A 73 4.28 -10.36 -0.44
C CYS A 73 2.76 -10.23 -0.34
N ILE A 74 2.29 -8.99 -0.36
CA ILE A 74 0.86 -8.71 -0.29
C ILE A 74 0.37 -7.90 -1.49
N ASN A 75 -0.72 -8.35 -2.10
CA ASN A 75 -1.28 -7.68 -3.25
C ASN A 75 -2.61 -7.02 -2.91
N VAL A 76 -2.70 -5.71 -3.15
CA VAL A 76 -3.91 -4.96 -2.88
C VAL A 76 -4.54 -4.42 -4.16
N LYS A 77 -5.83 -4.67 -4.33
CA LYS A 77 -6.55 -4.21 -5.52
C LYS A 77 -7.57 -3.13 -5.15
N VAL A 78 -7.68 -2.11 -5.99
CA VAL A 78 -8.62 -1.03 -5.76
C VAL A 78 -9.10 -0.43 -7.07
N ALA A 79 -10.42 -0.32 -7.22
CA ALA A 79 -11.01 0.24 -8.43
C ALA A 79 -10.96 1.77 -8.41
N LYS A 80 -10.89 2.36 -9.59
CA LYS A 80 -10.84 3.81 -9.71
C LYS A 80 -12.20 4.38 -10.12
N LEU A 81 -12.42 5.65 -9.83
CA LEU A 81 -13.68 6.32 -10.16
C LEU A 81 -13.81 6.50 -11.66
N ASN A 82 -12.68 6.52 -12.36
CA ASN A 82 -12.68 6.68 -13.81
C ASN A 82 -11.75 5.67 -14.47
N LYS A 83 -12.26 4.92 -15.44
CA LYS A 83 -11.48 3.93 -16.15
C LYS A 83 -10.43 4.59 -17.05
N ASN A 84 -9.44 3.82 -17.46
CA ASN A 84 -8.37 4.34 -18.31
C ASN A 84 -7.62 5.46 -17.63
N GLU A 85 -7.73 5.53 -16.30
CA GLU A 85 -7.07 6.56 -15.52
C GLU A 85 -5.67 6.09 -15.09
N TYR A 86 -4.70 7.00 -15.16
CA TYR A 86 -3.33 6.68 -14.78
C TYR A 86 -2.88 7.54 -13.61
N PHE A 87 -1.68 7.26 -13.10
CA PHE A 87 -1.13 8.01 -11.98
C PHE A 87 0.31 8.41 -12.25
N GLU A 88 0.75 9.49 -11.62
CA GLU A 88 2.12 9.98 -11.79
C GLU A 88 2.81 10.15 -10.44
N ASP A 89 2.07 9.88 -9.37
CA ASP A 89 2.62 10.01 -8.02
C ASP A 89 2.84 8.64 -7.39
N LEU A 90 2.87 7.61 -8.22
CA LEU A 90 3.07 6.24 -7.74
C LEU A 90 4.54 5.88 -7.76
N ASP A 91 5.38 6.84 -8.12
CA ASP A 91 6.83 6.62 -8.17
C ASP A 91 7.54 7.41 -7.08
N LEU A 92 6.77 7.90 -6.12
CA LEU A 92 7.33 8.69 -5.01
C LEU A 92 6.84 8.15 -3.67
N PRO A 93 7.70 7.38 -2.99
CA PRO A 93 7.38 6.80 -1.68
C PRO A 93 7.31 7.85 -0.58
N THR A 94 7.64 9.10 -0.93
CA THR A 94 7.62 10.19 0.02
C THR A 94 6.31 10.97 -0.06
N LYS A 95 5.72 10.99 -1.26
CA LYS A 95 4.46 11.69 -1.49
C LYS A 95 3.29 10.91 -0.89
N LEU A 96 3.35 9.59 -1.02
CA LEU A 96 2.29 8.73 -0.51
C LEU A 96 2.29 8.72 1.01
N LEU A 97 3.47 8.56 1.60
CA LEU A 97 3.60 8.54 3.06
C LEU A 97 3.02 9.81 3.67
N ALA A 98 3.45 10.96 3.17
CA ALA A 98 2.96 12.24 3.67
C ALA A 98 3.32 12.43 5.14
N ARG A 99 4.55 12.05 5.50
CA ARG A 99 5.01 12.17 6.88
C ARG A 99 6.48 12.57 6.92
N GLN A 100 6.88 13.20 8.02
CA GLN A 100 8.26 13.64 8.18
C GLN A 100 9.11 12.55 8.85
N GLY A 101 10.24 12.22 8.23
CA GLY A 101 11.10 11.20 8.79
C GLY A 101 11.77 11.65 10.07
N ASP A 102 12.57 10.76 10.65
CA ASP A 102 13.28 11.05 11.89
C ASP A 102 14.07 12.35 11.76
N LEU A 103 13.55 13.43 12.34
CA LEU A 103 14.21 14.72 12.29
C LEU A 103 15.51 14.70 13.09
N ALA A 104 15.48 14.05 14.24
CA ALA A 104 16.66 13.95 15.10
C ALA A 104 17.75 13.11 14.43
N GLY A 105 17.34 12.26 13.50
CA GLY A 105 18.30 11.42 12.80
C GLY A 105 18.27 11.61 11.30
N ALA A 106 18.95 12.65 10.83
CA ALA A 106 19.00 12.94 9.40
C ALA A 106 20.36 12.61 8.81
N ASP A 107 21.06 11.68 9.45
CA ASP A 107 22.38 11.27 8.99
C ASP A 107 22.29 10.02 8.11
N ALA A 108 22.96 10.06 6.97
CA ALA A 108 22.95 8.93 6.05
C ALA A 108 24.35 8.36 5.87
N LEU A 109 24.43 7.20 5.21
CA LEU A 109 25.71 6.56 4.97
C LEU A 109 25.67 5.68 3.72
N THR A 110 26.77 5.64 2.98
CA THR A 110 26.85 4.85 1.76
C THR A 110 28.18 4.10 1.67
N GLU A 111 28.12 2.79 1.86
CA GLU A 111 29.32 1.96 1.80
C GLU A 111 30.08 2.20 0.50
N ASN A 112 31.31 1.70 0.44
CA ASN A 112 32.14 1.86 -0.74
C ASN A 112 33.03 0.63 -0.96
N THR A 113 33.61 0.53 -2.15
CA THR A 113 34.49 -0.59 -2.48
C THR A 113 35.95 -0.24 -2.23
N ASP A 114 36.64 -1.12 -1.51
CA ASP A 114 38.06 -0.90 -1.21
C ASP A 114 38.94 -1.46 -2.32
N ALA A 115 40.15 -0.91 -2.44
CA ALA A 115 41.09 -1.37 -3.46
C ALA A 115 42.09 -2.37 -2.88
N LYS A 116 42.11 -3.58 -3.45
CA LYS A 116 43.01 -4.62 -3.00
C LYS A 116 44.44 -4.35 -3.47
N LYS A 117 44.59 -3.42 -4.41
CA LYS A 117 45.90 -3.06 -4.93
C LYS A 117 46.87 -2.72 -3.81
N THR A 118 46.35 -2.14 -2.74
CA THR A 118 47.16 -1.77 -1.59
C THR A 118 47.63 -3.00 -0.82
N GLN A 119 48.87 -2.97 -0.34
CA GLN A 119 49.42 -4.08 0.42
C GLN A 119 50.41 -3.59 1.47
N LYS A 120 49.99 -3.63 2.73
CA LYS A 120 50.84 -3.18 3.82
C LYS A 120 50.75 -4.15 5.00
N PRO A 121 51.30 -5.36 4.81
CA PRO A 121 51.30 -6.40 5.84
C PRO A 121 52.22 -6.06 7.01
N LEU A 122 52.31 -6.97 7.97
CA LEU A 122 53.15 -6.75 9.14
C LEU A 122 53.20 -8.02 10.02
N ILE A 123 54.36 -8.26 10.62
CA ILE A 123 54.52 -9.43 11.48
C ILE A 123 54.60 -9.02 12.95
N GLN A 124 53.56 -9.37 13.71
CA GLN A 124 53.52 -9.03 15.13
C GLN A 124 53.50 -10.30 15.98
N GLU A 125 54.19 -10.25 17.12
CA GLU A 125 54.27 -11.39 18.02
C GLU A 125 53.21 -11.29 19.12
N VAL A 126 52.99 -12.40 19.82
CA VAL A 126 52.00 -12.43 20.89
C VAL A 126 52.64 -12.84 22.22
N GLU A 127 52.07 -12.37 23.32
CA GLU A 127 52.59 -12.70 24.65
C GLU A 127 52.08 -14.04 25.12
N THR A 128 52.72 -14.58 26.15
CA THR A 128 52.33 -15.88 26.70
C THR A 128 50.88 -15.87 27.18
N ASP A 129 50.24 -17.03 27.14
CA ASP A 129 48.86 -17.15 27.58
C ASP A 129 48.78 -17.35 29.09
N GLY A 130 47.64 -16.99 29.68
CA GLY A 130 47.46 -17.14 31.10
C GLY A 130 46.75 -18.43 31.47
N VAL A 131 45.89 -18.37 32.48
CA VAL A 131 45.15 -19.54 32.93
C VAL A 131 43.69 -19.20 33.21
N SER A 132 42.85 -20.23 33.29
CA SER A 132 41.44 -20.03 33.55
C SER A 132 41.06 -20.61 34.92
N ASN A 133 39.79 -20.44 35.29
CA ASN A 133 39.31 -20.93 36.57
C ASN A 133 38.01 -21.73 36.39
N ASN A 134 37.66 -22.51 37.41
CA ASN A 134 36.44 -23.31 37.36
C ASN A 134 35.23 -22.47 37.01
N GLY A 1 5.68 4.48 7.56
CA GLY A 1 6.81 3.96 6.81
C GLY A 1 7.54 2.86 7.56
N ILE A 2 6.78 2.01 8.25
CA ILE A 2 7.35 0.90 9.00
C ILE A 2 7.69 -0.27 8.08
N THR A 3 6.90 -0.43 7.03
CA THR A 3 7.11 -1.51 6.07
C THR A 3 8.50 -1.44 5.46
N PRO A 4 9.10 -2.61 5.18
CA PRO A 4 10.43 -2.70 4.59
C PRO A 4 10.46 -2.23 3.13
N ARG A 5 9.53 -2.73 2.34
CA ARG A 5 9.45 -2.36 0.93
C ARG A 5 8.00 -2.45 0.43
N PHE A 6 7.70 -1.68 -0.60
CA PHE A 6 6.35 -1.68 -1.18
C PHE A 6 6.32 -0.88 -2.48
N SER A 7 5.72 -1.46 -3.52
CA SER A 7 5.64 -0.81 -4.82
C SER A 7 4.18 -0.74 -5.28
N ILE A 8 3.83 0.38 -5.93
CA ILE A 8 2.48 0.57 -6.42
C ILE A 8 2.45 0.56 -7.96
N THR A 9 1.37 -0.01 -8.51
CA THR A 9 1.23 -0.09 -9.95
C THR A 9 -0.12 0.47 -10.40
N GLN A 10 -0.14 1.09 -11.58
CA GLN A 10 -1.36 1.66 -12.12
C GLN A 10 -1.82 0.93 -13.37
N ASP A 11 -3.13 0.80 -13.55
CA ASP A 11 -3.68 0.12 -14.71
C ASP A 11 -4.75 0.97 -15.37
N GLU A 12 -5.28 0.48 -16.50
CA GLU A 12 -6.32 1.20 -17.23
C GLU A 12 -7.71 0.77 -16.76
N GLU A 13 -7.75 0.08 -15.63
CA GLU A 13 -9.02 -0.38 -15.07
C GLU A 13 -9.06 -0.17 -13.56
N PHE A 14 -7.95 -0.44 -12.90
CA PHE A 14 -7.86 -0.27 -11.45
C PHE A 14 -6.41 -0.12 -11.01
N ILE A 15 -6.20 -0.03 -9.70
CA ILE A 15 -4.85 0.13 -9.15
C ILE A 15 -4.39 -1.16 -8.49
N PHE A 16 -3.10 -1.48 -8.67
CA PHE A 16 -2.53 -2.69 -8.10
C PHE A 16 -1.33 -2.34 -7.21
N LEU A 17 -1.54 -2.35 -5.90
CA LEU A 17 -0.48 -2.05 -4.95
C LEU A 17 0.13 -3.32 -4.39
N LYS A 18 1.44 -3.46 -4.52
CA LYS A 18 2.15 -4.64 -4.02
C LYS A 18 3.02 -4.28 -2.82
N ILE A 19 3.04 -5.16 -1.83
CA ILE A 19 3.83 -4.94 -0.62
C ILE A 19 4.77 -6.11 -0.35
N PHE A 20 5.97 -5.80 0.13
CA PHE A 20 6.95 -6.83 0.44
C PHE A 20 7.08 -7.05 1.94
N ILE A 21 7.06 -8.30 2.37
CA ILE A 21 7.17 -8.64 3.79
C ILE A 21 8.05 -9.86 3.98
N SER A 22 8.16 -10.30 5.24
CA SER A 22 8.98 -11.46 5.57
C SER A 22 8.16 -12.51 6.30
N ASN A 23 6.85 -12.52 6.04
CA ASN A 23 5.95 -13.48 6.66
C ASN A 23 6.14 -13.49 8.18
N ILE A 24 6.03 -12.30 8.78
CA ILE A 24 6.18 -12.17 10.23
C ILE A 24 4.93 -11.60 10.87
N ARG A 25 4.52 -12.17 12.00
CA ARG A 25 3.33 -11.72 12.70
C ARG A 25 2.16 -11.56 11.73
N PHE A 26 2.10 -12.41 10.73
CA PHE A 26 1.04 -12.36 9.74
C PHE A 26 -0.20 -13.08 10.23
N SER A 27 -1.18 -12.32 10.71
CA SER A 27 -2.42 -12.88 11.23
C SER A 27 -3.62 -12.41 10.40
N ALA A 28 -4.28 -13.35 9.74
CA ALA A 28 -5.44 -13.03 8.93
C ALA A 28 -6.46 -12.21 9.71
N VAL A 29 -6.49 -12.42 11.02
CA VAL A 29 -7.42 -11.69 11.88
C VAL A 29 -7.30 -10.20 11.69
N GLY A 30 -6.09 -9.74 11.32
CA GLY A 30 -5.86 -8.33 11.11
C GLY A 30 -6.04 -7.92 9.66
N LEU A 31 -5.82 -8.88 8.76
CA LEU A 31 -5.96 -8.61 7.33
C LEU A 31 -7.30 -7.96 7.02
N GLU A 32 -7.25 -6.67 6.66
CA GLU A 32 -8.47 -5.93 6.33
C GLU A 32 -8.13 -4.54 5.83
N ILE A 33 -7.54 -4.47 4.64
CA ILE A 33 -7.16 -3.19 4.04
C ILE A 33 -8.39 -2.41 3.60
N ILE A 34 -8.40 -1.12 3.92
CA ILE A 34 -9.53 -0.26 3.55
C ILE A 34 -9.04 0.95 2.77
N ILE A 35 -9.93 1.51 1.95
CA ILE A 35 -9.60 2.68 1.14
C ILE A 35 -10.41 3.90 1.58
N GLN A 36 -9.73 5.01 1.81
CA GLN A 36 -10.39 6.24 2.23
C GLN A 36 -11.14 6.87 1.06
N GLU A 37 -11.69 8.07 1.29
CA GLU A 37 -12.44 8.78 0.26
C GLU A 37 -11.62 8.87 -1.03
N ASN A 38 -10.31 9.02 -0.88
CA ASN A 38 -9.43 9.13 -2.05
C ASN A 38 -8.14 8.32 -1.82
N MET A 39 -7.49 8.56 -0.69
CA MET A 39 -6.26 7.86 -0.35
C MET A 39 -6.54 6.43 0.09
N ILE A 40 -5.49 5.62 0.18
CA ILE A 40 -5.64 4.23 0.59
C ILE A 40 -4.99 3.99 1.95
N ILE A 41 -5.69 3.25 2.80
CA ILE A 41 -5.18 2.94 4.13
C ILE A 41 -4.75 1.48 4.25
N PHE A 42 -3.48 1.28 4.55
CA PHE A 42 -2.94 -0.07 4.69
C PHE A 42 -2.89 -0.50 6.14
N HIS A 43 -3.79 -1.42 6.51
CA HIS A 43 -3.85 -1.92 7.88
C HIS A 43 -3.26 -3.33 7.98
N LEU A 44 -3.17 -4.00 6.84
CA LEU A 44 -2.63 -5.35 6.80
C LEU A 44 -1.26 -5.42 7.47
N SER A 45 -0.90 -6.61 7.96
CA SER A 45 0.38 -6.80 8.63
C SER A 45 0.47 -5.93 9.87
N PRO A 46 1.47 -6.21 10.72
CA PRO A 46 1.70 -5.46 11.96
C PRO A 46 2.20 -4.04 11.70
N TYR A 47 2.44 -3.74 10.43
CA TYR A 47 2.92 -2.41 10.04
C TYR A 47 1.84 -1.63 9.31
N TYR A 48 1.60 -0.41 9.76
CA TYR A 48 0.58 0.45 9.14
C TYR A 48 1.20 1.35 8.08
N LEU A 49 0.56 1.44 6.92
CA LEU A 49 1.04 2.26 5.83
C LEU A 49 -0.06 3.19 5.32
N ARG A 50 0.32 4.41 4.94
CA ARG A 50 -0.63 5.39 4.44
C ARG A 50 -0.23 5.87 3.04
N LEU A 51 -1.05 5.55 2.05
CA LEU A 51 -0.77 5.96 0.68
C LEU A 51 -1.67 7.12 0.26
N ARG A 52 -1.05 8.21 -0.18
CA ARG A 52 -1.79 9.39 -0.62
C ARG A 52 -1.57 9.65 -2.10
N PHE A 53 -2.56 9.31 -2.91
CA PHE A 53 -2.47 9.51 -4.35
C PHE A 53 -3.09 10.85 -4.74
N PRO A 54 -2.64 11.39 -5.90
CA PRO A 54 -3.13 12.66 -6.41
C PRO A 54 -4.58 12.59 -6.89
N HIS A 55 -5.12 11.37 -6.93
CA HIS A 55 -6.50 11.16 -7.37
C HIS A 55 -7.35 10.59 -6.23
N GLU A 56 -8.57 10.20 -6.55
CA GLU A 56 -9.47 9.63 -5.56
C GLU A 56 -10.00 8.28 -6.01
N LEU A 57 -9.81 7.26 -5.16
CA LEU A 57 -10.27 5.92 -5.48
C LEU A 57 -11.57 5.59 -4.75
N ILE A 58 -12.11 4.41 -5.00
CA ILE A 58 -13.35 3.98 -4.36
C ILE A 58 -13.26 2.53 -3.90
N ASP A 59 -13.84 2.25 -2.74
CA ASP A 59 -13.82 0.89 -2.20
C ASP A 59 -15.15 0.18 -2.47
N ASP A 60 -15.13 -0.79 -3.36
CA ASP A 60 -16.33 -1.54 -3.71
C ASP A 60 -16.15 -3.03 -3.39
N GLU A 61 -17.08 -3.85 -3.89
CA GLU A 61 -17.02 -5.29 -3.65
C GLU A 61 -15.89 -5.92 -4.44
N ARG A 62 -15.45 -5.25 -5.49
CA ARG A 62 -14.37 -5.75 -6.34
C ARG A 62 -13.02 -5.53 -5.66
N SER A 63 -12.92 -4.48 -4.86
CA SER A 63 -11.69 -4.15 -4.16
C SER A 63 -11.37 -5.21 -3.11
N THR A 64 -10.11 -5.67 -3.09
CA THR A 64 -9.67 -6.68 -2.15
C THR A 64 -8.18 -6.95 -2.29
N ALA A 65 -7.62 -7.62 -1.29
CA ALA A 65 -6.20 -7.94 -1.30
C ALA A 65 -5.97 -9.44 -1.12
N GLN A 66 -4.96 -9.96 -1.82
CA GLN A 66 -4.64 -11.39 -1.74
C GLN A 66 -3.20 -11.59 -1.28
N TYR A 67 -3.01 -12.54 -0.36
CA TYR A 67 -1.68 -12.84 0.16
C TYR A 67 -0.97 -13.86 -0.73
N ASP A 68 0.24 -13.53 -1.15
CA ASP A 68 1.03 -14.42 -1.99
C ASP A 68 2.18 -15.03 -1.21
N SER A 69 2.16 -16.35 -1.09
CA SER A 69 3.21 -17.07 -0.37
C SER A 69 4.40 -17.37 -1.26
N LYS A 70 4.11 -17.67 -2.53
CA LYS A 70 5.15 -17.98 -3.51
C LYS A 70 6.22 -16.89 -3.52
N ASP A 71 5.81 -15.67 -3.21
CA ASP A 71 6.74 -14.53 -3.19
C ASP A 71 6.76 -13.88 -1.81
N GLU A 72 5.88 -14.35 -0.93
CA GLU A 72 5.80 -13.81 0.43
C GLU A 72 5.44 -12.33 0.40
N CYS A 73 4.73 -11.92 -0.66
CA CYS A 73 4.33 -10.52 -0.81
C CYS A 73 2.82 -10.39 -0.68
N ILE A 74 2.34 -9.15 -0.61
CA ILE A 74 0.91 -8.88 -0.49
C ILE A 74 0.40 -8.09 -1.68
N ASN A 75 -0.74 -8.52 -2.23
CA ASN A 75 -1.34 -7.84 -3.37
C ASN A 75 -2.62 -7.10 -2.96
N VAL A 76 -2.65 -5.81 -3.24
CA VAL A 76 -3.81 -4.99 -2.91
C VAL A 76 -4.49 -4.46 -4.16
N LYS A 77 -5.78 -4.72 -4.29
CA LYS A 77 -6.55 -4.27 -5.44
C LYS A 77 -7.56 -3.20 -5.04
N VAL A 78 -7.72 -2.19 -5.87
CA VAL A 78 -8.65 -1.11 -5.60
C VAL A 78 -9.16 -0.47 -6.89
N ALA A 79 -10.48 -0.38 -7.02
CA ALA A 79 -11.09 0.21 -8.21
C ALA A 79 -10.96 1.73 -8.21
N LYS A 80 -10.87 2.31 -9.39
CA LYS A 80 -10.74 3.76 -9.53
C LYS A 80 -12.04 4.39 -9.99
N LEU A 81 -12.31 5.61 -9.54
CA LEU A 81 -13.52 6.32 -9.91
C LEU A 81 -13.69 6.36 -11.42
N ASN A 82 -12.60 6.69 -12.13
CA ASN A 82 -12.62 6.76 -13.57
C ASN A 82 -11.66 5.76 -14.19
N LYS A 83 -12.04 5.20 -15.34
CA LYS A 83 -11.21 4.22 -16.03
C LYS A 83 -10.13 4.91 -16.85
N ASN A 84 -9.10 4.15 -17.20
CA ASN A 84 -7.99 4.68 -17.99
C ASN A 84 -7.28 5.82 -17.23
N GLU A 85 -7.52 5.89 -15.92
CA GLU A 85 -6.90 6.91 -15.10
C GLU A 85 -5.47 6.54 -14.74
N TYR A 86 -4.56 7.49 -14.89
CA TYR A 86 -3.15 7.27 -14.59
C TYR A 86 -2.74 8.00 -13.31
N PHE A 87 -1.54 7.71 -12.84
CA PHE A 87 -1.03 8.34 -11.62
C PHE A 87 0.43 8.76 -11.79
N GLU A 88 0.91 9.59 -10.88
CA GLU A 88 2.28 10.06 -10.93
C GLU A 88 3.00 9.82 -9.61
N ASP A 89 2.28 9.97 -8.50
CA ASP A 89 2.84 9.75 -7.18
C ASP A 89 3.26 8.30 -6.99
N LEU A 90 2.60 7.40 -7.72
CA LEU A 90 2.91 5.98 -7.64
C LEU A 90 4.36 5.71 -8.03
N ASP A 91 4.96 6.68 -8.72
CA ASP A 91 6.35 6.55 -9.17
C ASP A 91 7.30 7.17 -8.14
N LEU A 92 6.77 7.51 -6.97
CA LEU A 92 7.58 8.12 -5.92
C LEU A 92 7.14 7.62 -4.54
N PRO A 93 7.92 6.70 -3.97
CA PRO A 93 7.63 6.12 -2.65
C PRO A 93 7.82 7.14 -1.52
N THR A 94 8.36 8.31 -1.87
CA THR A 94 8.59 9.35 -0.88
C THR A 94 7.42 10.33 -0.83
N LYS A 95 6.74 10.49 -1.96
CA LYS A 95 5.59 11.38 -2.05
C LYS A 95 4.41 10.84 -1.26
N LEU A 96 4.26 9.52 -1.28
CA LEU A 96 3.16 8.86 -0.58
C LEU A 96 3.38 8.92 0.93
N LEU A 97 4.60 8.60 1.36
CA LEU A 97 4.94 8.61 2.78
C LEU A 97 4.80 10.02 3.36
N ALA A 98 4.89 11.02 2.49
CA ALA A 98 4.77 12.41 2.92
C ALA A 98 3.31 12.82 3.03
N ARG A 99 2.64 12.33 4.06
CA ARG A 99 1.23 12.65 4.29
C ARG A 99 1.00 13.12 5.72
N GLN A 100 2.09 13.37 6.43
CA GLN A 100 2.01 13.82 7.82
C GLN A 100 1.99 15.35 7.90
N GLY A 101 1.55 15.87 9.04
CA GLY A 101 1.50 17.31 9.23
C GLY A 101 0.25 17.75 9.98
N ASP A 102 -0.08 19.03 9.86
CA ASP A 102 -1.25 19.58 10.53
C ASP A 102 -2.32 19.95 9.52
N LEU A 103 -3.31 19.07 9.36
CA LEU A 103 -4.40 19.30 8.42
C LEU A 103 -3.87 19.44 6.99
N ALA A 104 -2.83 18.67 6.68
CA ALA A 104 -2.25 18.70 5.35
C ALA A 104 -2.76 17.55 4.49
N GLY A 105 -3.25 16.50 5.14
CA GLY A 105 -3.76 15.35 4.42
C GLY A 105 -5.16 15.58 3.88
N ALA A 106 -6.03 16.12 4.73
CA ALA A 106 -7.41 16.39 4.34
C ALA A 106 -7.46 17.35 3.14
N ASP A 107 -7.83 16.82 1.98
CA ASP A 107 -7.92 17.62 0.77
C ASP A 107 -9.04 17.12 -0.14
N ALA A 108 -9.65 18.04 -0.88
CA ALA A 108 -10.73 17.69 -1.79
C ALA A 108 -10.58 18.40 -3.13
N LEU A 109 -10.89 17.69 -4.21
CA LEU A 109 -10.79 18.25 -5.55
C LEU A 109 -11.73 17.55 -6.51
N THR A 110 -12.23 18.29 -7.50
CA THR A 110 -13.15 17.73 -8.48
C THR A 110 -13.05 18.48 -9.81
N GLU A 111 -12.48 17.82 -10.82
CA GLU A 111 -12.32 18.43 -12.13
C GLU A 111 -13.22 17.74 -13.16
N ASN A 112 -13.21 18.24 -14.39
CA ASN A 112 -14.01 17.68 -15.45
C ASN A 112 -13.74 16.19 -15.62
N THR A 113 -14.79 15.38 -15.52
CA THR A 113 -14.66 13.94 -15.66
C THR A 113 -14.43 13.53 -17.10
N ASP A 114 -14.09 12.27 -17.32
CA ASP A 114 -13.83 11.76 -18.66
C ASP A 114 -14.30 10.32 -18.80
N ALA A 115 -14.64 9.92 -20.02
CA ALA A 115 -15.10 8.56 -20.28
C ALA A 115 -13.96 7.68 -20.78
N LYS A 116 -14.25 6.40 -20.99
CA LYS A 116 -13.26 5.45 -21.46
C LYS A 116 -13.18 5.46 -23.00
N LYS A 117 -12.01 5.14 -23.53
CA LYS A 117 -11.81 5.10 -24.97
C LYS A 117 -10.52 4.37 -25.33
N THR A 118 -10.35 4.07 -26.61
CA THR A 118 -9.17 3.36 -27.08
C THR A 118 -7.90 4.08 -26.65
N GLN A 119 -6.89 3.32 -26.26
CA GLN A 119 -5.61 3.89 -25.83
C GLN A 119 -4.90 4.56 -27.00
N LYS A 120 -4.90 5.89 -27.01
CA LYS A 120 -4.25 6.65 -28.08
C LYS A 120 -3.71 7.98 -27.54
N PRO A 121 -2.67 7.90 -26.70
CA PRO A 121 -2.03 9.08 -26.11
C PRO A 121 -1.28 9.91 -27.15
N LEU A 122 -1.79 11.10 -27.42
CA LEU A 122 -1.15 11.99 -28.39
C LEU A 122 -1.43 13.46 -28.05
N ILE A 123 -0.41 14.13 -27.52
CA ILE A 123 -0.55 15.54 -27.15
C ILE A 123 0.20 16.44 -28.13
N GLN A 124 -0.49 17.44 -28.65
CA GLN A 124 0.10 18.37 -29.59
C GLN A 124 0.86 19.48 -28.88
N GLU A 125 1.53 20.33 -29.65
CA GLU A 125 2.29 21.43 -29.08
C GLU A 125 1.55 22.75 -29.23
N VAL A 126 1.85 23.70 -28.35
CA VAL A 126 1.21 25.01 -28.39
C VAL A 126 1.66 25.81 -29.60
N GLU A 127 0.70 26.29 -30.38
CA GLU A 127 1.00 27.07 -31.57
C GLU A 127 1.86 28.28 -31.23
N THR A 128 2.50 28.85 -32.24
CA THR A 128 3.36 30.01 -32.05
C THR A 128 3.07 31.09 -33.09
N ASP A 129 2.90 32.32 -32.62
CA ASP A 129 2.62 33.44 -33.51
C ASP A 129 3.64 33.51 -34.63
N GLY A 130 4.89 33.18 -34.32
CA GLY A 130 5.94 33.22 -35.32
C GLY A 130 6.88 34.39 -35.13
N VAL A 131 8.18 34.12 -35.14
CA VAL A 131 9.19 35.16 -34.97
C VAL A 131 9.07 36.21 -36.07
N SER A 132 9.74 37.34 -35.88
CA SER A 132 9.72 38.43 -36.85
C SER A 132 10.95 39.31 -36.70
N ASN A 133 11.34 39.97 -37.80
CA ASN A 133 12.51 40.84 -37.79
C ASN A 133 12.10 42.28 -38.12
N ASN A 134 13.07 43.18 -38.07
CA ASN A 134 12.81 44.59 -38.36
C ASN A 134 12.78 44.84 -39.86
N GLY A 1 3.23 5.45 8.75
CA GLY A 1 3.78 4.63 7.68
C GLY A 1 4.84 3.67 8.18
N ILE A 2 4.53 2.37 8.12
CA ILE A 2 5.46 1.35 8.57
C ILE A 2 5.51 0.18 7.59
N THR A 3 6.71 -0.13 7.10
CA THR A 3 6.89 -1.22 6.15
C THR A 3 8.30 -1.23 5.58
N PRO A 4 8.82 -2.42 5.31
CA PRO A 4 10.17 -2.59 4.75
C PRO A 4 10.26 -2.12 3.30
N ARG A 5 9.33 -2.56 2.47
CA ARG A 5 9.30 -2.18 1.06
C ARG A 5 7.91 -2.36 0.48
N PHE A 6 7.55 -1.50 -0.47
CA PHE A 6 6.24 -1.57 -1.12
C PHE A 6 6.23 -0.73 -2.39
N SER A 7 5.66 -1.29 -3.46
CA SER A 7 5.58 -0.59 -4.74
C SER A 7 4.13 -0.53 -5.23
N ILE A 8 3.79 0.58 -5.87
CA ILE A 8 2.44 0.77 -6.39
C ILE A 8 2.43 0.76 -7.91
N THR A 9 1.39 0.18 -8.49
CA THR A 9 1.26 0.10 -9.94
C THR A 9 -0.10 0.62 -10.40
N GLN A 10 -0.12 1.23 -11.58
CA GLN A 10 -1.35 1.78 -12.13
C GLN A 10 -1.76 1.05 -13.41
N ASP A 11 -3.05 0.88 -13.61
CA ASP A 11 -3.56 0.20 -14.79
C ASP A 11 -4.64 1.03 -15.48
N GLU A 12 -5.15 0.53 -16.60
CA GLU A 12 -6.17 1.23 -17.36
C GLU A 12 -7.56 0.77 -16.92
N GLU A 13 -7.64 0.14 -15.76
CA GLU A 13 -8.92 -0.35 -15.23
C GLU A 13 -8.98 -0.18 -13.72
N PHE A 14 -7.87 -0.47 -13.05
CA PHE A 14 -7.79 -0.35 -11.59
C PHE A 14 -6.36 -0.16 -11.13
N ILE A 15 -6.17 -0.08 -9.83
CA ILE A 15 -4.84 0.11 -9.25
C ILE A 15 -4.33 -1.18 -8.62
N PHE A 16 -3.03 -1.44 -8.79
CA PHE A 16 -2.41 -2.64 -8.24
C PHE A 16 -1.27 -2.28 -7.30
N LEU A 17 -1.54 -2.32 -6.01
CA LEU A 17 -0.53 -1.99 -5.00
C LEU A 17 0.12 -3.26 -4.44
N LYS A 18 1.43 -3.33 -4.53
CA LYS A 18 2.17 -4.49 -4.03
C LYS A 18 2.97 -4.13 -2.79
N ILE A 19 2.99 -5.03 -1.81
CA ILE A 19 3.72 -4.81 -0.58
C ILE A 19 4.66 -5.96 -0.28
N PHE A 20 5.94 -5.65 -0.05
CA PHE A 20 6.94 -6.66 0.24
C PHE A 20 7.04 -6.91 1.75
N ILE A 21 6.97 -8.18 2.14
CA ILE A 21 7.05 -8.55 3.55
C ILE A 21 7.68 -9.93 3.72
N SER A 22 8.06 -10.25 4.95
CA SER A 22 8.68 -11.54 5.25
C SER A 22 7.62 -12.55 5.68
N ASN A 23 8.09 -13.70 6.16
CA ASN A 23 7.18 -14.75 6.62
C ASN A 23 6.94 -14.65 8.12
N ILE A 24 7.19 -13.47 8.68
CA ILE A 24 6.99 -13.24 10.10
C ILE A 24 5.55 -13.53 10.52
N ARG A 25 5.25 -13.27 11.78
CA ARG A 25 3.90 -13.49 12.30
C ARG A 25 2.85 -12.86 11.40
N PHE A 26 2.17 -13.69 10.62
CA PHE A 26 1.14 -13.22 9.70
C PHE A 26 -0.23 -13.81 10.06
N SER A 27 -0.99 -13.09 10.86
CA SER A 27 -2.31 -13.55 11.28
C SER A 27 -3.37 -13.16 10.26
N ALA A 28 -4.52 -13.82 10.32
CA ALA A 28 -5.62 -13.55 9.40
C ALA A 28 -6.81 -12.94 10.12
N VAL A 29 -6.54 -12.32 11.27
CA VAL A 29 -7.59 -11.70 12.06
C VAL A 29 -7.48 -10.17 12.03
N GLY A 30 -6.31 -9.68 11.63
CA GLY A 30 -6.09 -8.25 11.56
C GLY A 30 -6.03 -7.74 10.13
N LEU A 31 -6.03 -8.67 9.18
CA LEU A 31 -5.96 -8.30 7.77
C LEU A 31 -7.30 -7.75 7.30
N GLU A 32 -7.29 -6.49 6.88
CA GLU A 32 -8.51 -5.83 6.40
C GLU A 32 -8.21 -4.43 5.86
N ILE A 33 -7.71 -4.37 4.64
CA ILE A 33 -7.37 -3.09 4.01
C ILE A 33 -8.63 -2.35 3.58
N ILE A 34 -8.71 -1.07 3.92
CA ILE A 34 -9.85 -0.25 3.56
C ILE A 34 -9.41 1.01 2.81
N ILE A 35 -10.19 1.40 1.80
CA ILE A 35 -9.89 2.58 1.01
C ILE A 35 -10.77 3.75 1.42
N GLN A 36 -10.14 4.90 1.67
CA GLN A 36 -10.86 6.09 2.06
C GLN A 36 -11.60 6.71 0.88
N GLU A 37 -12.15 7.90 1.08
CA GLU A 37 -12.87 8.60 0.02
C GLU A 37 -12.04 8.68 -1.25
N ASN A 38 -10.73 8.84 -1.08
CA ASN A 38 -9.82 8.93 -2.21
C ASN A 38 -8.52 8.16 -1.94
N MET A 39 -7.91 8.44 -0.79
CA MET A 39 -6.67 7.77 -0.41
C MET A 39 -6.94 6.33 0.03
N ILE A 40 -5.87 5.57 0.23
CA ILE A 40 -5.99 4.18 0.66
C ILE A 40 -5.35 3.97 2.02
N ILE A 41 -6.05 3.24 2.88
CA ILE A 41 -5.55 2.94 4.22
C ILE A 41 -5.10 1.50 4.35
N PHE A 42 -3.82 1.31 4.67
CA PHE A 42 -3.27 -0.03 4.82
C PHE A 42 -3.26 -0.45 6.29
N HIS A 43 -4.18 -1.34 6.65
CA HIS A 43 -4.28 -1.83 8.03
C HIS A 43 -3.70 -3.23 8.14
N LEU A 44 -3.59 -3.92 7.02
CA LEU A 44 -3.07 -5.28 6.99
C LEU A 44 -1.70 -5.34 7.67
N SER A 45 -1.37 -6.51 8.20
CA SER A 45 -0.09 -6.71 8.88
C SER A 45 0.01 -5.81 10.12
N PRO A 46 1.01 -6.10 10.96
CA PRO A 46 1.24 -5.33 12.19
C PRO A 46 1.74 -3.91 11.91
N TYR A 47 1.99 -3.63 10.63
CA TYR A 47 2.48 -2.31 10.23
C TYR A 47 1.41 -1.53 9.49
N TYR A 48 1.17 -0.31 9.92
CA TYR A 48 0.16 0.55 9.30
C TYR A 48 0.79 1.46 8.25
N LEU A 49 0.15 1.51 7.07
CA LEU A 49 0.65 2.34 5.98
C LEU A 49 -0.46 3.23 5.44
N ARG A 50 -0.09 4.46 5.06
CA ARG A 50 -1.05 5.41 4.52
C ARG A 50 -0.65 5.87 3.12
N LEU A 51 -1.47 5.55 2.13
CA LEU A 51 -1.18 5.93 0.75
C LEU A 51 -2.09 7.08 0.31
N ARG A 52 -1.48 8.19 -0.10
CA ARG A 52 -2.23 9.35 -0.55
C ARG A 52 -1.95 9.64 -2.03
N PHE A 53 -2.91 9.27 -2.88
CA PHE A 53 -2.78 9.48 -4.32
C PHE A 53 -3.45 10.78 -4.73
N PRO A 54 -2.99 11.35 -5.85
CA PRO A 54 -3.54 12.60 -6.39
C PRO A 54 -4.95 12.42 -6.95
N HIS A 55 -5.40 11.18 -7.01
CA HIS A 55 -6.74 10.88 -7.53
C HIS A 55 -7.64 10.37 -6.41
N GLU A 56 -8.84 9.93 -6.78
CA GLU A 56 -9.80 9.42 -5.81
C GLU A 56 -10.27 8.02 -6.19
N LEU A 57 -10.04 7.06 -5.31
CA LEU A 57 -10.45 5.68 -5.56
C LEU A 57 -11.74 5.34 -4.82
N ILE A 58 -12.25 4.14 -5.04
CA ILE A 58 -13.48 3.70 -4.40
C ILE A 58 -13.36 2.27 -3.91
N ASP A 59 -13.98 1.98 -2.77
CA ASP A 59 -13.94 0.64 -2.19
C ASP A 59 -15.25 -0.10 -2.46
N ASP A 60 -15.25 -0.90 -3.53
CA ASP A 60 -16.43 -1.67 -3.90
C ASP A 60 -16.28 -3.14 -3.51
N GLU A 61 -17.17 -3.97 -4.02
CA GLU A 61 -17.13 -5.40 -3.71
C GLU A 61 -15.91 -6.06 -4.34
N ARG A 62 -15.44 -5.50 -5.45
CA ARG A 62 -14.27 -6.02 -6.14
C ARG A 62 -13.01 -5.84 -5.30
N SER A 63 -12.98 -4.75 -4.53
CA SER A 63 -11.83 -4.45 -3.69
C SER A 63 -11.45 -5.66 -2.83
N THR A 64 -10.16 -5.99 -2.81
CA THR A 64 -9.68 -7.12 -2.03
C THR A 64 -8.17 -7.27 -2.16
N ALA A 65 -7.57 -8.04 -1.26
CA ALA A 65 -6.13 -8.27 -1.29
C ALA A 65 -5.81 -9.77 -1.19
N GLN A 66 -4.78 -10.19 -1.91
CA GLN A 66 -4.38 -11.60 -1.90
C GLN A 66 -2.93 -11.73 -1.45
N TYR A 67 -2.69 -12.68 -0.54
CA TYR A 67 -1.35 -12.91 -0.02
C TYR A 67 -0.59 -13.88 -0.91
N ASP A 68 0.61 -13.47 -1.35
CA ASP A 68 1.43 -14.31 -2.20
C ASP A 68 2.59 -14.93 -1.42
N SER A 69 2.64 -16.25 -1.39
CA SER A 69 3.70 -16.97 -0.68
C SER A 69 4.94 -17.11 -1.54
N LYS A 70 4.74 -17.34 -2.83
CA LYS A 70 5.85 -17.51 -3.76
C LYS A 70 6.82 -16.34 -3.66
N ASP A 71 6.31 -15.17 -3.30
CA ASP A 71 7.13 -13.98 -3.16
C ASP A 71 7.01 -13.39 -1.74
N GLU A 72 6.12 -13.98 -0.94
CA GLU A 72 5.91 -13.52 0.42
C GLU A 72 5.46 -12.06 0.44
N CYS A 73 4.84 -11.62 -0.65
CA CYS A 73 4.37 -10.25 -0.76
C CYS A 73 2.84 -10.20 -0.77
N ILE A 74 2.29 -9.04 -0.44
CA ILE A 74 0.85 -8.86 -0.41
C ILE A 74 0.36 -8.03 -1.59
N ASN A 75 -0.70 -8.49 -2.24
CA ASN A 75 -1.26 -7.80 -3.40
C ASN A 75 -2.60 -7.15 -3.04
N VAL A 76 -2.69 -5.84 -3.24
CA VAL A 76 -3.91 -5.10 -2.95
C VAL A 76 -4.51 -4.49 -4.22
N LYS A 77 -5.76 -4.80 -4.49
CA LYS A 77 -6.45 -4.28 -5.66
C LYS A 77 -7.55 -3.31 -5.26
N VAL A 78 -7.69 -2.24 -6.04
CA VAL A 78 -8.71 -1.23 -5.76
C VAL A 78 -9.24 -0.62 -7.05
N ALA A 79 -10.56 -0.55 -7.18
CA ALA A 79 -11.19 0.02 -8.37
C ALA A 79 -11.07 1.55 -8.38
N LYS A 80 -10.96 2.11 -9.57
CA LYS A 80 -10.84 3.56 -9.72
C LYS A 80 -12.18 4.17 -10.13
N LEU A 81 -12.35 5.46 -9.83
CA LEU A 81 -13.59 6.17 -10.16
C LEU A 81 -13.68 6.39 -11.67
N ASN A 82 -12.52 6.49 -12.32
CA ASN A 82 -12.48 6.71 -13.76
C ASN A 82 -11.51 5.74 -14.43
N LYS A 83 -11.97 5.08 -15.48
CA LYS A 83 -11.15 4.12 -16.21
C LYS A 83 -10.13 4.85 -17.09
N ASN A 84 -9.09 4.12 -17.50
CA ASN A 84 -8.05 4.69 -18.35
C ASN A 84 -7.34 5.82 -17.63
N GLU A 85 -7.50 5.88 -16.31
CA GLU A 85 -6.86 6.92 -15.51
C GLU A 85 -5.51 6.45 -14.97
N TYR A 86 -4.52 7.33 -15.03
CA TYR A 86 -3.19 7.00 -14.55
C TYR A 86 -2.82 7.83 -13.33
N PHE A 87 -1.61 7.64 -12.82
CA PHE A 87 -1.14 8.37 -11.65
C PHE A 87 0.27 8.92 -11.88
N GLU A 88 0.59 10.01 -11.17
CA GLU A 88 1.90 10.63 -11.31
C GLU A 88 2.57 10.76 -9.94
N ASP A 89 2.07 10.00 -8.97
CA ASP A 89 2.63 10.04 -7.62
C ASP A 89 3.16 8.66 -7.23
N LEU A 90 2.57 7.61 -7.80
CA LEU A 90 2.98 6.24 -7.49
C LEU A 90 4.45 6.03 -7.85
N ASP A 91 4.97 6.89 -8.72
CA ASP A 91 6.37 6.79 -9.13
C ASP A 91 7.30 7.01 -7.95
N LEU A 92 6.84 7.76 -6.96
CA LEU A 92 7.63 8.05 -5.76
C LEU A 92 6.99 7.42 -4.53
N PRO A 93 7.73 6.50 -3.89
CA PRO A 93 7.26 5.81 -2.68
C PRO A 93 7.19 6.74 -1.47
N THR A 94 7.69 7.96 -1.63
CA THR A 94 7.68 8.94 -0.56
C THR A 94 6.44 9.84 -0.64
N LYS A 95 6.03 10.15 -1.86
CA LYS A 95 4.86 11.00 -2.08
C LYS A 95 3.66 10.48 -1.30
N LEU A 96 3.56 9.16 -1.18
CA LEU A 96 2.46 8.54 -0.44
C LEU A 96 2.64 8.71 1.06
N LEU A 97 3.87 8.52 1.53
CA LEU A 97 4.18 8.65 2.95
C LEU A 97 3.98 10.09 3.41
N ALA A 98 4.56 11.03 2.67
CA ALA A 98 4.45 12.44 3.00
C ALA A 98 4.83 12.70 4.46
N ARG A 99 5.92 12.07 4.90
CA ARG A 99 6.39 12.23 6.27
C ARG A 99 7.47 13.31 6.35
N GLN A 100 7.24 14.30 7.21
CA GLN A 100 8.19 15.39 7.38
C GLN A 100 8.96 15.24 8.68
N GLY A 101 10.27 15.01 8.55
CA GLY A 101 11.11 14.84 9.72
C GLY A 101 11.64 13.42 9.87
N ASP A 102 12.76 13.28 10.57
CA ASP A 102 13.36 11.96 10.78
C ASP A 102 12.87 11.34 12.09
N LEU A 103 12.07 10.29 11.98
CA LEU A 103 11.54 9.61 13.15
C LEU A 103 12.27 8.29 13.40
N ALA A 104 12.69 7.65 12.32
CA ALA A 104 13.41 6.38 12.42
C ALA A 104 14.92 6.59 12.26
N GLY A 105 15.68 6.06 13.21
CA GLY A 105 17.12 6.21 13.16
C GLY A 105 17.75 5.35 12.07
N ALA A 106 18.93 4.80 12.36
CA ALA A 106 19.63 3.97 11.39
C ALA A 106 19.52 2.49 11.77
N ASP A 107 18.46 2.15 12.48
CA ASP A 107 18.23 0.77 12.89
C ASP A 107 17.53 -0.02 11.80
N ALA A 108 17.92 -1.29 11.65
CA ALA A 108 17.32 -2.15 10.63
C ALA A 108 17.53 -3.62 10.98
N LEU A 109 16.98 -4.50 10.14
CA LEU A 109 17.11 -5.94 10.37
C LEU A 109 17.89 -6.59 9.23
N THR A 110 18.31 -7.82 9.44
CA THR A 110 19.07 -8.57 8.44
C THR A 110 18.80 -10.06 8.54
N GLU A 111 17.98 -10.58 7.63
CA GLU A 111 17.65 -12.00 7.62
C GLU A 111 18.90 -12.85 7.49
N ASN A 112 18.96 -13.93 8.26
CA ASN A 112 20.10 -14.83 8.24
C ASN A 112 19.78 -16.10 7.46
N THR A 113 20.81 -16.73 6.90
CA THR A 113 20.64 -17.95 6.12
C THR A 113 21.44 -19.11 6.73
N ASP A 114 21.09 -20.32 6.33
CA ASP A 114 21.77 -21.51 6.84
C ASP A 114 23.23 -21.53 6.38
N ALA A 115 24.15 -21.57 7.34
CA ALA A 115 25.57 -21.61 7.04
C ALA A 115 26.34 -22.42 8.08
N LYS A 116 27.33 -23.19 7.62
CA LYS A 116 28.13 -24.01 8.50
C LYS A 116 29.37 -24.54 7.78
N LYS A 117 30.38 -24.94 8.55
CA LYS A 117 31.61 -25.47 7.98
C LYS A 117 32.03 -26.76 8.68
N THR A 118 32.74 -27.61 7.96
CA THR A 118 33.20 -28.88 8.52
C THR A 118 34.53 -28.72 9.25
N GLN A 119 34.69 -29.44 10.35
CA GLN A 119 35.91 -29.37 11.14
C GLN A 119 36.38 -30.78 11.53
N LYS A 120 37.37 -31.28 10.81
CA LYS A 120 37.92 -32.61 11.09
C LYS A 120 39.41 -32.52 11.41
N PRO A 121 39.72 -31.96 12.60
CA PRO A 121 41.11 -31.82 13.06
C PRO A 121 41.75 -33.16 13.41
N LEU A 122 43.01 -33.12 13.82
CA LEU A 122 43.74 -34.33 14.19
C LEU A 122 45.10 -33.98 14.77
N ILE A 123 45.53 -34.79 15.75
CA ILE A 123 46.83 -34.57 16.38
C ILE A 123 47.79 -35.72 16.08
N GLN A 124 48.97 -35.37 15.57
CA GLN A 124 49.97 -36.38 15.25
C GLN A 124 51.23 -36.18 16.08
N GLU A 125 51.91 -37.28 16.39
CA GLU A 125 53.13 -37.24 17.19
C GLU A 125 53.94 -38.52 17.03
N VAL A 126 55.24 -38.42 17.27
CA VAL A 126 56.12 -39.58 17.16
C VAL A 126 57.21 -39.55 18.23
N GLU A 127 57.52 -40.72 18.78
CA GLU A 127 58.53 -40.83 19.81
C GLU A 127 59.94 -40.85 19.20
N THR A 128 60.95 -40.65 20.05
CA THR A 128 62.33 -40.65 19.59
C THR A 128 63.25 -41.29 20.63
N ASP A 129 64.38 -41.80 20.16
CA ASP A 129 65.35 -42.45 21.05
C ASP A 129 66.70 -42.60 20.36
N GLY A 130 67.70 -43.02 21.13
CA GLY A 130 69.03 -43.20 20.57
C GLY A 130 70.00 -43.80 21.56
N VAL A 131 70.06 -45.12 21.61
CA VAL A 131 70.96 -45.82 22.54
C VAL A 131 72.35 -45.96 21.94
N SER A 132 73.31 -45.21 22.48
CA SER A 132 74.69 -45.26 22.00
C SER A 132 75.63 -45.70 23.11
N ASN A 133 76.57 -46.58 22.76
CA ASN A 133 77.54 -47.09 23.72
C ASN A 133 78.54 -46.01 24.10
N ASN A 134 78.85 -45.13 23.15
CA ASN A 134 79.80 -44.06 23.39
C ASN A 134 79.26 -43.07 24.42
N GLY A 1 5.74 5.32 7.48
CA GLY A 1 5.81 4.03 6.81
C GLY A 1 6.63 3.01 7.59
N ILE A 2 5.95 2.09 8.24
CA ILE A 2 6.62 1.05 9.03
C ILE A 2 7.07 -0.10 8.14
N THR A 3 6.27 -0.40 7.12
CA THR A 3 6.59 -1.49 6.21
C THR A 3 8.02 -1.37 5.68
N PRO A 4 8.66 -2.51 5.43
CA PRO A 4 10.03 -2.56 4.92
C PRO A 4 10.13 -2.08 3.47
N ARG A 5 9.26 -2.61 2.63
CA ARG A 5 9.26 -2.23 1.21
C ARG A 5 7.87 -2.46 0.60
N PHE A 6 7.56 -1.70 -0.44
CA PHE A 6 6.28 -1.81 -1.12
C PHE A 6 6.30 -1.07 -2.45
N SER A 7 5.66 -1.66 -3.46
CA SER A 7 5.60 -1.05 -4.78
C SER A 7 4.17 -0.89 -5.25
N ILE A 8 3.87 0.23 -5.89
CA ILE A 8 2.53 0.50 -6.39
C ILE A 8 2.49 0.47 -7.92
N THR A 9 1.41 -0.06 -8.47
CA THR A 9 1.24 -0.15 -9.91
C THR A 9 -0.10 0.43 -10.35
N GLN A 10 -0.12 1.05 -11.52
CA GLN A 10 -1.34 1.64 -12.05
C GLN A 10 -1.81 0.88 -13.30
N ASP A 11 -3.13 0.77 -13.45
CA ASP A 11 -3.70 0.07 -14.59
C ASP A 11 -4.76 0.93 -15.28
N GLU A 12 -5.31 0.43 -16.37
CA GLU A 12 -6.34 1.15 -17.12
C GLU A 12 -7.74 0.78 -16.64
N GLU A 13 -7.81 0.18 -15.45
CA GLU A 13 -9.08 -0.23 -14.88
C GLU A 13 -9.09 -0.03 -13.36
N PHE A 14 -7.98 -0.38 -12.72
CA PHE A 14 -7.86 -0.23 -11.28
C PHE A 14 -6.39 -0.10 -10.86
N ILE A 15 -6.16 0.02 -9.56
CA ILE A 15 -4.80 0.15 -9.04
C ILE A 15 -4.33 -1.15 -8.41
N PHE A 16 -3.05 -1.46 -8.62
CA PHE A 16 -2.46 -2.68 -8.08
C PHE A 16 -1.32 -2.35 -7.12
N LEU A 17 -1.62 -2.38 -5.83
CA LEU A 17 -0.61 -2.09 -4.81
C LEU A 17 0.02 -3.37 -4.28
N LYS A 18 1.34 -3.46 -4.39
CA LYS A 18 2.06 -4.64 -3.92
C LYS A 18 2.89 -4.31 -2.68
N ILE A 19 2.97 -5.26 -1.75
CA ILE A 19 3.73 -5.07 -0.53
C ILE A 19 4.73 -6.21 -0.32
N PHE A 20 5.96 -5.84 0.02
CA PHE A 20 7.01 -6.83 0.25
C PHE A 20 7.21 -7.08 1.74
N ILE A 21 7.01 -8.33 2.15
CA ILE A 21 7.17 -8.70 3.56
C ILE A 21 8.01 -9.96 3.71
N SER A 22 8.24 -10.37 4.94
CA SER A 22 9.04 -11.56 5.21
C SER A 22 8.19 -12.64 5.87
N ASN A 23 6.89 -12.62 5.58
CA ASN A 23 5.96 -13.61 6.14
C ASN A 23 6.28 -13.88 7.61
N ILE A 24 6.23 -12.84 8.43
CA ILE A 24 6.51 -12.96 9.85
C ILE A 24 5.24 -12.81 10.67
N ARG A 25 4.88 -13.87 11.40
CA ARG A 25 3.69 -13.86 12.23
C ARG A 25 2.47 -13.41 11.43
N PHE A 26 2.47 -13.72 10.14
CA PHE A 26 1.36 -13.34 9.26
C PHE A 26 0.08 -14.09 9.64
N SER A 27 -0.87 -13.37 10.20
CA SER A 27 -2.14 -13.97 10.61
C SER A 27 -3.26 -13.55 9.67
N ALA A 28 -4.47 -14.06 9.93
CA ALA A 28 -5.62 -13.73 9.11
C ALA A 28 -6.72 -13.08 9.94
N VAL A 29 -6.33 -12.47 11.06
CA VAL A 29 -7.28 -11.81 11.94
C VAL A 29 -7.19 -10.29 11.80
N GLY A 30 -6.03 -9.81 11.38
CA GLY A 30 -5.84 -8.38 11.20
C GLY A 30 -6.06 -7.93 9.77
N LEU A 31 -5.96 -8.87 8.84
CA LEU A 31 -6.15 -8.58 7.43
C LEU A 31 -7.46 -7.84 7.19
N GLU A 32 -7.35 -6.57 6.80
CA GLU A 32 -8.54 -5.76 6.54
C GLU A 32 -8.15 -4.39 5.99
N ILE A 33 -7.70 -4.37 4.73
CA ILE A 33 -7.30 -3.13 4.08
C ILE A 33 -8.51 -2.35 3.60
N ILE A 34 -8.53 -1.06 3.91
CA ILE A 34 -9.64 -0.19 3.50
C ILE A 34 -9.12 1.03 2.75
N ILE A 35 -9.98 1.61 1.91
CA ILE A 35 -9.61 2.78 1.13
C ILE A 35 -10.41 4.01 1.57
N GLN A 36 -9.72 5.11 1.80
CA GLN A 36 -10.37 6.35 2.23
C GLN A 36 -11.07 7.02 1.06
N GLU A 37 -11.54 8.25 1.29
CA GLU A 37 -12.24 9.00 0.25
C GLU A 37 -11.42 9.05 -1.04
N ASN A 38 -10.10 9.16 -0.89
CA ASN A 38 -9.20 9.22 -2.04
C ASN A 38 -7.96 8.37 -1.79
N MET A 39 -7.32 8.58 -0.64
CA MET A 39 -6.12 7.83 -0.29
C MET A 39 -6.47 6.40 0.14
N ILE A 40 -5.45 5.57 0.28
CA ILE A 40 -5.65 4.18 0.69
C ILE A 40 -4.99 3.90 2.04
N ILE A 41 -5.70 3.15 2.88
CA ILE A 41 -5.19 2.80 4.20
C ILE A 41 -4.78 1.34 4.27
N PHE A 42 -3.52 1.10 4.58
CA PHE A 42 -2.99 -0.27 4.67
C PHE A 42 -2.91 -0.70 6.13
N HIS A 43 -3.88 -1.51 6.56
CA HIS A 43 -3.91 -2.00 7.93
C HIS A 43 -3.35 -3.42 8.01
N LEU A 44 -3.27 -4.08 6.86
CA LEU A 44 -2.75 -5.44 6.80
C LEU A 44 -1.38 -5.54 7.48
N SER A 45 -1.03 -6.75 7.91
CA SER A 45 0.25 -6.97 8.57
C SER A 45 0.35 -6.15 9.85
N PRO A 46 1.34 -6.48 10.70
CA PRO A 46 1.57 -5.79 11.97
C PRO A 46 2.08 -4.37 11.76
N TYR A 47 2.35 -4.00 10.52
CA TYR A 47 2.84 -2.67 10.19
C TYR A 47 1.79 -1.87 9.44
N TYR A 48 1.53 -0.65 9.92
CA TYR A 48 0.54 0.22 9.31
C TYR A 48 1.19 1.15 8.29
N LEU A 49 0.62 1.20 7.09
CA LEU A 49 1.15 2.05 6.03
C LEU A 49 0.04 2.92 5.43
N ARG A 50 0.42 4.13 5.01
CA ARG A 50 -0.54 5.05 4.41
C ARG A 50 -0.12 5.45 3.00
N LEU A 51 -1.05 5.39 2.06
CA LEU A 51 -0.77 5.74 0.68
C LEU A 51 -1.65 6.90 0.22
N ARG A 52 -1.03 8.04 -0.04
CA ARG A 52 -1.77 9.22 -0.49
C ARG A 52 -1.48 9.51 -1.96
N PHE A 53 -2.46 9.20 -2.82
CA PHE A 53 -2.30 9.43 -4.25
C PHE A 53 -2.93 10.77 -4.66
N PRO A 54 -2.45 11.32 -5.78
CA PRO A 54 -2.95 12.60 -6.30
C PRO A 54 -4.36 12.50 -6.84
N HIS A 55 -4.90 11.28 -6.88
CA HIS A 55 -6.25 11.05 -7.36
C HIS A 55 -7.16 10.56 -6.24
N GLU A 56 -8.38 10.18 -6.60
CA GLU A 56 -9.34 9.70 -5.61
C GLU A 56 -9.88 8.33 -6.01
N LEU A 57 -9.66 7.35 -5.14
CA LEU A 57 -10.13 5.99 -5.39
C LEU A 57 -11.41 5.69 -4.63
N ILE A 58 -11.99 4.53 -4.88
CA ILE A 58 -13.22 4.12 -4.21
C ILE A 58 -13.15 2.68 -3.74
N ASP A 59 -13.75 2.39 -2.59
CA ASP A 59 -13.75 1.05 -2.04
C ASP A 59 -15.09 0.35 -2.31
N ASP A 60 -15.08 -0.60 -3.24
CA ASP A 60 -16.29 -1.34 -3.58
C ASP A 60 -16.12 -2.83 -3.28
N GLU A 61 -17.04 -3.63 -3.80
CA GLU A 61 -16.99 -5.08 -3.58
C GLU A 61 -15.77 -5.69 -4.25
N ARG A 62 -15.39 -5.14 -5.39
CA ARG A 62 -14.23 -5.63 -6.14
C ARG A 62 -12.96 -5.48 -5.32
N SER A 63 -12.86 -4.39 -4.57
CA SER A 63 -11.68 -4.14 -3.74
C SER A 63 -11.38 -5.33 -2.85
N THR A 64 -10.12 -5.75 -2.82
CA THR A 64 -9.70 -6.88 -2.01
C THR A 64 -8.20 -7.12 -2.15
N ALA A 65 -7.65 -7.94 -1.25
CA ALA A 65 -6.23 -8.26 -1.27
C ALA A 65 -5.99 -9.75 -1.09
N GLN A 66 -5.00 -10.28 -1.80
CA GLN A 66 -4.68 -11.70 -1.72
C GLN A 66 -3.23 -11.90 -1.29
N TYR A 67 -2.99 -12.96 -0.53
CA TYR A 67 -1.64 -13.27 -0.06
C TYR A 67 -0.89 -14.13 -1.06
N ASP A 68 0.30 -13.67 -1.45
CA ASP A 68 1.13 -14.39 -2.40
C ASP A 68 2.24 -15.16 -1.70
N SER A 69 2.22 -16.48 -1.83
CA SER A 69 3.23 -17.33 -1.20
C SER A 69 4.43 -17.53 -2.12
N LYS A 70 4.20 -17.40 -3.42
CA LYS A 70 5.27 -17.56 -4.40
C LYS A 70 6.41 -16.59 -4.13
N ASP A 71 6.07 -15.42 -3.58
CA ASP A 71 7.08 -14.41 -3.26
C ASP A 71 6.89 -13.90 -1.85
N GLU A 72 5.93 -14.47 -1.13
CA GLU A 72 5.65 -14.06 0.25
C GLU A 72 5.26 -12.58 0.31
N CYS A 73 4.63 -12.10 -0.76
CA CYS A 73 4.21 -10.71 -0.83
C CYS A 73 2.69 -10.60 -0.77
N ILE A 74 2.19 -9.37 -0.66
CA ILE A 74 0.75 -9.13 -0.59
C ILE A 74 0.30 -8.24 -1.74
N ASN A 75 -0.78 -8.65 -2.40
CA ASN A 75 -1.33 -7.89 -3.52
C ASN A 75 -2.67 -7.27 -3.15
N VAL A 76 -2.75 -5.94 -3.25
CA VAL A 76 -3.98 -5.23 -2.93
C VAL A 76 -4.54 -4.51 -4.16
N LYS A 77 -5.80 -4.79 -4.47
CA LYS A 77 -6.45 -4.17 -5.62
C LYS A 77 -7.55 -3.20 -5.17
N VAL A 78 -7.65 -2.08 -5.87
CA VAL A 78 -8.66 -1.07 -5.55
C VAL A 78 -9.20 -0.40 -6.81
N ALA A 79 -10.52 -0.35 -6.91
CA ALA A 79 -11.16 0.26 -8.07
C ALA A 79 -11.00 1.78 -8.06
N LYS A 80 -10.89 2.37 -9.23
CA LYS A 80 -10.72 3.82 -9.35
C LYS A 80 -12.03 4.48 -9.77
N LEU A 81 -12.12 5.79 -9.56
CA LEU A 81 -13.32 6.54 -9.91
C LEU A 81 -13.43 6.71 -11.43
N ASN A 82 -12.30 7.03 -12.06
CA ASN A 82 -12.26 7.22 -13.51
C ASN A 82 -11.35 6.20 -14.17
N LYS A 83 -11.92 5.39 -15.06
CA LYS A 83 -11.17 4.36 -15.77
C LYS A 83 -10.10 4.99 -16.66
N ASN A 84 -9.12 4.20 -17.06
CA ASN A 84 -8.05 4.67 -17.93
C ASN A 84 -7.26 5.79 -17.24
N GLU A 85 -7.41 5.90 -15.93
CA GLU A 85 -6.71 6.92 -15.17
C GLU A 85 -5.39 6.39 -14.62
N TYR A 86 -4.31 7.11 -14.89
CA TYR A 86 -2.99 6.71 -14.42
C TYR A 86 -2.54 7.57 -13.24
N PHE A 87 -1.35 7.29 -12.73
CA PHE A 87 -0.80 8.04 -11.61
C PHE A 87 0.64 8.45 -11.88
N GLU A 88 1.04 9.60 -11.33
CA GLU A 88 2.39 10.11 -11.52
C GLU A 88 3.07 10.33 -10.18
N ASP A 89 2.53 9.73 -9.14
CA ASP A 89 3.08 9.86 -7.79
C ASP A 89 3.54 8.50 -7.25
N LEU A 90 3.08 7.44 -7.90
CA LEU A 90 3.43 6.09 -7.49
C LEU A 90 4.93 5.83 -7.70
N ASP A 91 5.59 6.72 -8.43
CA ASP A 91 7.01 6.58 -8.70
C ASP A 91 7.83 7.05 -7.50
N LEU A 92 7.24 7.90 -6.67
CA LEU A 92 7.92 8.42 -5.49
C LEU A 92 7.35 7.78 -4.22
N PRO A 93 8.15 6.91 -3.59
CA PRO A 93 7.75 6.22 -2.36
C PRO A 93 7.68 7.15 -1.17
N THR A 94 8.14 8.38 -1.36
CA THR A 94 8.13 9.38 -0.30
C THR A 94 6.90 10.27 -0.39
N LYS A 95 6.39 10.46 -1.60
CA LYS A 95 5.21 11.28 -1.83
C LYS A 95 3.98 10.65 -1.18
N LEU A 96 4.01 9.34 -1.00
CA LEU A 96 2.90 8.62 -0.39
C LEU A 96 2.97 8.70 1.13
N LEU A 97 4.15 8.45 1.68
CA LEU A 97 4.35 8.49 3.13
C LEU A 97 4.10 9.89 3.66
N ALA A 98 4.33 10.90 2.82
CA ALA A 98 4.13 12.29 3.21
C ALA A 98 2.64 12.62 3.32
N ARG A 99 2.17 12.78 4.56
CA ARG A 99 0.77 13.10 4.81
C ARG A 99 0.47 14.54 4.42
N GLN A 100 1.46 15.41 4.54
CA GLN A 100 1.29 16.82 4.21
C GLN A 100 1.01 16.99 2.72
N GLY A 101 -0.12 17.62 2.42
CA GLY A 101 -0.49 17.85 1.03
C GLY A 101 -1.44 19.01 0.86
N ASP A 102 -1.36 19.68 -0.28
CA ASP A 102 -2.22 20.83 -0.56
C ASP A 102 -3.36 20.44 -1.48
N LEU A 103 -3.77 19.17 -1.41
CA LEU A 103 -4.85 18.66 -2.25
C LEU A 103 -6.21 19.01 -1.65
N ALA A 104 -6.24 19.20 -0.34
CA ALA A 104 -7.48 19.53 0.37
C ALA A 104 -8.11 20.80 -0.22
N GLY A 105 -9.29 20.65 -0.81
CA GLY A 105 -9.97 21.78 -1.41
C GLY A 105 -10.37 21.52 -2.85
N ALA A 106 -11.31 20.59 -3.04
CA ALA A 106 -11.78 20.25 -4.38
C ALA A 106 -12.66 21.36 -4.94
N ASP A 107 -12.10 22.13 -5.88
CA ASP A 107 -12.83 23.23 -6.50
C ASP A 107 -13.40 22.80 -7.85
N ALA A 108 -13.41 21.50 -8.09
CA ALA A 108 -13.93 20.97 -9.35
C ALA A 108 -15.09 20.02 -9.11
N LEU A 109 -15.99 19.92 -10.08
CA LEU A 109 -17.15 19.04 -9.97
C LEU A 109 -17.50 18.42 -11.31
N THR A 110 -17.82 17.13 -11.30
CA THR A 110 -18.16 16.41 -12.53
C THR A 110 -19.36 15.50 -12.30
N GLU A 111 -20.50 15.87 -12.87
CA GLU A 111 -21.72 15.08 -12.73
C GLU A 111 -21.60 13.76 -13.47
N ASN A 112 -22.56 12.88 -13.26
CA ASN A 112 -22.57 11.57 -13.91
C ASN A 112 -23.91 11.30 -14.59
N THR A 113 -23.91 10.35 -15.51
CA THR A 113 -25.13 9.98 -16.23
C THR A 113 -25.04 8.57 -16.78
N ASP A 114 -26.16 7.85 -16.71
CA ASP A 114 -26.21 6.47 -17.20
C ASP A 114 -26.61 6.43 -18.67
N ALA A 115 -26.08 5.46 -19.40
CA ALA A 115 -26.37 5.31 -20.81
C ALA A 115 -26.64 3.85 -21.17
N LYS A 116 -27.03 3.61 -22.42
CA LYS A 116 -27.31 2.26 -22.89
C LYS A 116 -26.02 1.50 -23.18
N LYS A 117 -25.87 0.33 -22.56
CA LYS A 117 -24.68 -0.49 -22.75
C LYS A 117 -24.74 -1.23 -24.09
N THR A 118 -23.86 -0.86 -25.00
CA THR A 118 -23.81 -1.49 -26.32
C THR A 118 -22.45 -2.13 -26.58
N GLN A 119 -22.40 -3.02 -27.55
CA GLN A 119 -21.16 -3.71 -27.89
C GLN A 119 -20.06 -2.70 -28.22
N LYS A 120 -19.18 -2.45 -27.26
CA LYS A 120 -18.07 -1.51 -27.46
C LYS A 120 -16.82 -1.97 -26.73
N PRO A 121 -16.20 -3.05 -27.25
CA PRO A 121 -14.98 -3.60 -26.66
C PRO A 121 -13.77 -2.69 -26.82
N LEU A 122 -13.02 -2.50 -25.74
CA LEU A 122 -11.85 -1.64 -25.78
C LEU A 122 -10.57 -2.48 -25.79
N ILE A 123 -9.89 -2.50 -26.94
CA ILE A 123 -8.66 -3.26 -27.08
C ILE A 123 -7.48 -2.34 -27.41
N GLN A 124 -6.34 -2.61 -26.80
CA GLN A 124 -5.14 -1.81 -27.04
C GLN A 124 -3.90 -2.50 -26.46
N GLU A 125 -2.73 -1.95 -26.79
CA GLU A 125 -1.48 -2.52 -26.32
C GLU A 125 -0.97 -1.77 -25.09
N VAL A 126 -0.83 -2.48 -23.97
CA VAL A 126 -0.35 -1.87 -22.74
C VAL A 126 1.17 -1.75 -22.74
N GLU A 127 1.67 -0.59 -22.34
CA GLU A 127 3.11 -0.34 -22.29
C GLU A 127 3.51 0.28 -20.96
N THR A 128 4.80 0.22 -20.65
CA THR A 128 5.32 0.77 -19.40
C THR A 128 6.62 1.52 -19.63
N ASP A 129 6.75 2.70 -19.02
CA ASP A 129 7.94 3.52 -19.16
C ASP A 129 9.08 2.96 -18.32
N GLY A 130 8.77 2.64 -17.06
CA GLY A 130 9.77 2.11 -16.16
C GLY A 130 9.91 2.93 -14.90
N VAL A 131 10.27 2.28 -13.79
CA VAL A 131 10.44 2.96 -12.52
C VAL A 131 11.50 4.05 -12.62
N SER A 132 11.26 5.16 -11.92
CA SER A 132 12.20 6.29 -11.93
C SER A 132 12.77 6.53 -10.53
N ASN A 133 13.68 7.49 -10.43
CA ASN A 133 14.31 7.82 -9.16
C ASN A 133 14.24 9.32 -8.89
N ASN A 134 14.72 9.72 -7.72
CA ASN A 134 14.71 11.14 -7.34
C ASN A 134 15.54 11.96 -8.33
N GLY A 1 7.61 4.52 6.60
CA GLY A 1 6.66 3.61 7.22
C GLY A 1 7.34 2.43 7.89
N ILE A 2 6.54 1.58 8.53
CA ILE A 2 7.08 0.40 9.21
C ILE A 2 7.49 -0.67 8.21
N THR A 3 6.70 -0.82 7.15
CA THR A 3 6.99 -1.81 6.11
C THR A 3 8.38 -1.60 5.52
N PRO A 4 9.05 -2.70 5.16
CA PRO A 4 10.39 -2.67 4.58
C PRO A 4 10.39 -2.08 3.16
N ARG A 5 9.49 -2.58 2.32
CA ARG A 5 9.39 -2.10 0.95
C ARG A 5 7.97 -2.27 0.41
N PHE A 6 7.60 -1.44 -0.55
CA PHE A 6 6.27 -1.49 -1.15
C PHE A 6 6.21 -0.65 -2.42
N SER A 7 5.68 -1.26 -3.49
CA SER A 7 5.56 -0.56 -4.76
C SER A 7 4.13 -0.61 -5.28
N ILE A 8 3.69 0.49 -5.88
CA ILE A 8 2.34 0.58 -6.43
C ILE A 8 2.35 0.64 -7.95
N THR A 9 1.36 0.00 -8.57
CA THR A 9 1.25 -0.02 -10.02
C THR A 9 -0.11 0.46 -10.49
N GLN A 10 -0.18 0.96 -11.71
CA GLN A 10 -1.43 1.45 -12.27
C GLN A 10 -1.90 0.56 -13.43
N ASP A 11 -3.21 0.39 -13.55
CA ASP A 11 -3.78 -0.43 -14.60
C ASP A 11 -4.87 0.34 -15.36
N GLU A 12 -5.42 -0.30 -16.39
CA GLU A 12 -6.47 0.33 -17.19
C GLU A 12 -7.85 -0.06 -16.67
N GLU A 13 -7.93 -0.38 -15.39
CA GLU A 13 -9.20 -0.77 -14.77
C GLU A 13 -9.18 -0.47 -13.28
N PHE A 14 -8.05 -0.73 -12.63
CA PHE A 14 -7.91 -0.49 -11.20
C PHE A 14 -6.45 -0.31 -10.82
N ILE A 15 -6.19 -0.17 -9.52
CA ILE A 15 -4.84 0.00 -9.02
C ILE A 15 -4.30 -1.29 -8.41
N PHE A 16 -3.02 -1.56 -8.64
CA PHE A 16 -2.39 -2.77 -8.12
C PHE A 16 -1.22 -2.41 -7.22
N LEU A 17 -1.45 -2.41 -5.91
CA LEU A 17 -0.41 -2.08 -4.93
C LEU A 17 0.22 -3.36 -4.37
N LYS A 18 1.54 -3.46 -4.50
CA LYS A 18 2.26 -4.62 -3.99
C LYS A 18 3.09 -4.25 -2.77
N ILE A 19 3.09 -5.13 -1.77
CA ILE A 19 3.84 -4.90 -0.54
C ILE A 19 4.84 -6.02 -0.29
N PHE A 20 6.10 -5.64 -0.06
CA PHE A 20 7.15 -6.62 0.19
C PHE A 20 7.25 -6.93 1.69
N ILE A 21 7.24 -8.22 2.01
CA ILE A 21 7.34 -8.66 3.40
C ILE A 21 8.02 -10.02 3.50
N SER A 22 8.72 -10.24 4.60
CA SER A 22 9.43 -11.50 4.82
C SER A 22 8.43 -12.64 5.03
N ASN A 23 8.96 -13.84 5.26
CA ASN A 23 8.12 -15.02 5.46
C ASN A 23 7.83 -15.21 6.96
N ILE A 24 8.11 -14.18 7.74
CA ILE A 24 7.87 -14.23 9.18
C ILE A 24 6.42 -14.61 9.49
N ARG A 25 6.12 -14.75 10.77
CA ARG A 25 4.77 -15.11 11.20
C ARG A 25 3.75 -14.07 10.73
N PHE A 26 3.12 -14.34 9.59
CA PHE A 26 2.14 -13.42 9.04
C PHE A 26 0.98 -13.21 10.01
N SER A 27 0.56 -11.96 10.17
CA SER A 27 -0.52 -11.62 11.08
C SER A 27 -1.75 -12.48 10.80
N ALA A 28 -2.46 -12.17 9.72
CA ALA A 28 -3.65 -12.91 9.33
C ALA A 28 -4.65 -12.98 10.48
N VAL A 29 -4.85 -11.84 11.15
CA VAL A 29 -5.79 -11.77 12.27
C VAL A 29 -6.78 -10.64 12.07
N GLY A 30 -6.32 -9.53 11.50
CA GLY A 30 -7.19 -8.40 11.26
C GLY A 30 -7.05 -7.83 9.87
N LEU A 31 -6.68 -8.69 8.92
CA LEU A 31 -6.50 -8.28 7.52
C LEU A 31 -7.77 -7.63 6.99
N GLU A 32 -7.67 -6.37 6.60
CA GLU A 32 -8.82 -5.64 6.07
C GLU A 32 -8.40 -4.26 5.56
N ILE A 33 -7.90 -4.21 4.33
CA ILE A 33 -7.47 -2.96 3.72
C ILE A 33 -8.65 -2.12 3.29
N ILE A 34 -8.64 -0.84 3.66
CA ILE A 34 -9.72 0.08 3.30
C ILE A 34 -9.17 1.31 2.58
N ILE A 35 -10.03 1.94 1.79
CA ILE A 35 -9.63 3.14 1.05
C ILE A 35 -10.45 4.35 1.50
N GLN A 36 -9.76 5.44 1.81
CA GLN A 36 -10.42 6.67 2.24
C GLN A 36 -11.13 7.35 1.07
N GLU A 37 -11.57 8.58 1.30
CA GLU A 37 -12.26 9.34 0.26
C GLU A 37 -11.46 9.35 -1.04
N ASN A 38 -10.14 9.40 -0.90
CA ASN A 38 -9.24 9.42 -2.06
C ASN A 38 -8.00 8.59 -1.80
N MET A 39 -7.37 8.81 -0.65
CA MET A 39 -6.17 8.08 -0.29
C MET A 39 -6.50 6.65 0.11
N ILE A 40 -5.46 5.82 0.27
CA ILE A 40 -5.65 4.43 0.65
C ILE A 40 -5.04 4.14 2.02
N ILE A 41 -5.76 3.39 2.84
CA ILE A 41 -5.28 3.04 4.18
C ILE A 41 -4.93 1.56 4.26
N PHE A 42 -3.67 1.29 4.59
CA PHE A 42 -3.19 -0.09 4.70
C PHE A 42 -3.21 -0.55 6.15
N HIS A 43 -4.17 -1.40 6.49
CA HIS A 43 -4.30 -1.92 7.84
C HIS A 43 -3.82 -3.36 7.93
N LEU A 44 -3.74 -4.02 6.77
CA LEU A 44 -3.29 -5.41 6.72
C LEU A 44 -1.92 -5.56 7.38
N SER A 45 -1.65 -6.76 7.88
CA SER A 45 -0.38 -7.05 8.54
C SER A 45 -0.23 -6.19 9.80
N PRO A 46 0.76 -6.56 10.63
CA PRO A 46 1.04 -5.85 11.89
C PRO A 46 1.61 -4.46 11.65
N TYR A 47 1.88 -4.13 10.38
CA TYR A 47 2.43 -2.84 10.02
C TYR A 47 1.39 -1.98 9.31
N TYR A 48 1.22 -0.75 9.79
CA TYR A 48 0.25 0.17 9.21
C TYR A 48 0.92 1.08 8.19
N LEU A 49 0.30 1.21 7.02
CA LEU A 49 0.82 2.05 5.96
C LEU A 49 -0.25 3.01 5.44
N ARG A 50 0.17 4.23 5.10
CA ARG A 50 -0.75 5.23 4.58
C ARG A 50 -0.28 5.78 3.24
N LEU A 51 -1.05 5.54 2.20
CA LEU A 51 -0.71 6.01 0.86
C LEU A 51 -1.62 7.16 0.43
N ARG A 52 -1.02 8.21 -0.12
CA ARG A 52 -1.78 9.37 -0.59
C ARG A 52 -1.48 9.67 -2.05
N PHE A 53 -2.44 9.37 -2.92
CA PHE A 53 -2.28 9.61 -4.34
C PHE A 53 -2.90 10.94 -4.75
N PRO A 54 -2.42 11.49 -5.87
CA PRO A 54 -2.91 12.78 -6.39
C PRO A 54 -4.33 12.69 -6.91
N HIS A 55 -4.86 11.47 -6.97
CA HIS A 55 -6.22 11.25 -7.46
C HIS A 55 -7.13 10.77 -6.33
N GLU A 56 -8.35 10.37 -6.69
CA GLU A 56 -9.31 9.88 -5.70
C GLU A 56 -9.83 8.50 -6.08
N LEU A 57 -9.65 7.54 -5.19
CA LEU A 57 -10.09 6.17 -5.43
C LEU A 57 -11.39 5.88 -4.66
N ILE A 58 -11.90 4.67 -4.83
CA ILE A 58 -13.13 4.25 -4.15
C ILE A 58 -13.03 2.82 -3.63
N ASP A 59 -13.60 2.58 -2.47
CA ASP A 59 -13.58 1.25 -1.86
C ASP A 59 -14.92 0.55 -2.04
N ASP A 60 -14.97 -0.38 -2.99
CA ASP A 60 -16.20 -1.12 -3.25
C ASP A 60 -16.05 -2.58 -2.84
N GLU A 61 -17.00 -3.41 -3.27
CA GLU A 61 -16.97 -4.84 -2.94
C GLU A 61 -15.79 -5.53 -3.63
N ARG A 62 -15.38 -4.99 -4.77
CA ARG A 62 -14.27 -5.55 -5.52
C ARG A 62 -12.96 -5.42 -4.74
N SER A 63 -12.86 -4.38 -3.91
CA SER A 63 -11.67 -4.14 -3.12
C SER A 63 -11.28 -5.39 -2.34
N THR A 64 -10.00 -5.76 -2.41
CA THR A 64 -9.50 -6.93 -1.71
C THR A 64 -8.00 -7.11 -1.93
N ALA A 65 -7.39 -7.98 -1.13
CA ALA A 65 -5.97 -8.25 -1.25
C ALA A 65 -5.68 -9.74 -1.14
N GLN A 66 -4.70 -10.21 -1.92
CA GLN A 66 -4.33 -11.61 -1.91
C GLN A 66 -2.85 -11.79 -1.55
N TYR A 67 -2.57 -12.71 -0.63
CA TYR A 67 -1.21 -12.97 -0.20
C TYR A 67 -0.53 -13.98 -1.11
N ASP A 68 0.64 -13.62 -1.61
CA ASP A 68 1.40 -14.50 -2.49
C ASP A 68 2.61 -15.10 -1.77
N SER A 69 2.68 -16.42 -1.75
CA SER A 69 3.78 -17.12 -1.09
C SER A 69 4.97 -17.28 -2.04
N LYS A 70 4.68 -17.46 -3.32
CA LYS A 70 5.72 -17.63 -4.33
C LYS A 70 6.76 -16.51 -4.23
N ASP A 71 6.31 -15.33 -3.81
CA ASP A 71 7.19 -14.18 -3.67
C ASP A 71 7.05 -13.54 -2.29
N GLU A 72 6.24 -14.17 -1.44
CA GLU A 72 6.02 -13.66 -0.09
C GLU A 72 5.61 -12.19 -0.12
N CYS A 73 4.92 -11.79 -1.20
CA CYS A 73 4.48 -10.42 -1.35
C CYS A 73 2.95 -10.33 -1.26
N ILE A 74 2.45 -9.15 -0.91
CA ILE A 74 1.01 -8.94 -0.79
C ILE A 74 0.49 -8.11 -1.95
N ASN A 75 -0.62 -8.55 -2.53
CA ASN A 75 -1.23 -7.85 -3.65
C ASN A 75 -2.54 -7.19 -3.23
N VAL A 76 -2.61 -5.87 -3.40
CA VAL A 76 -3.81 -5.12 -3.04
C VAL A 76 -4.42 -4.45 -4.27
N LYS A 77 -5.73 -4.65 -4.45
CA LYS A 77 -6.44 -4.05 -5.58
C LYS A 77 -7.40 -2.97 -5.10
N VAL A 78 -7.45 -1.87 -5.85
CA VAL A 78 -8.34 -0.76 -5.52
C VAL A 78 -9.01 -0.20 -6.76
N ALA A 79 -10.34 -0.12 -6.73
CA ALA A 79 -11.10 0.40 -7.85
C ALA A 79 -11.04 1.92 -7.90
N LYS A 80 -10.79 2.47 -9.10
CA LYS A 80 -10.71 3.91 -9.28
C LYS A 80 -12.06 4.49 -9.67
N LEU A 81 -12.17 5.81 -9.61
CA LEU A 81 -13.40 6.50 -9.95
C LEU A 81 -13.59 6.57 -11.46
N ASN A 82 -12.47 6.67 -12.18
CA ASN A 82 -12.51 6.74 -13.64
C ASN A 82 -11.56 5.73 -14.26
N LYS A 83 -12.08 4.90 -15.16
CA LYS A 83 -11.27 3.88 -15.82
C LYS A 83 -10.21 4.53 -16.71
N ASN A 84 -9.22 3.73 -17.11
CA ASN A 84 -8.14 4.23 -17.96
C ASN A 84 -7.39 5.36 -17.28
N GLU A 85 -7.51 5.43 -15.96
CA GLU A 85 -6.84 6.47 -15.19
C GLU A 85 -5.41 6.06 -14.82
N TYR A 86 -4.51 7.03 -14.80
CA TYR A 86 -3.11 6.75 -14.47
C TYR A 86 -2.66 7.59 -13.28
N PHE A 87 -1.44 7.33 -12.81
CA PHE A 87 -0.90 8.06 -11.68
C PHE A 87 0.56 8.46 -11.93
N GLU A 88 1.10 9.31 -11.07
CA GLU A 88 2.48 9.76 -11.20
C GLU A 88 3.22 9.64 -9.88
N ASP A 89 2.55 10.01 -8.80
CA ASP A 89 3.15 9.96 -7.47
C ASP A 89 3.49 8.52 -7.10
N LEU A 90 2.84 7.57 -7.76
CA LEU A 90 3.07 6.15 -7.49
C LEU A 90 4.50 5.76 -7.84
N ASP A 91 5.18 6.63 -8.59
CA ASP A 91 6.56 6.38 -8.98
C ASP A 91 7.53 6.94 -7.95
N LEU A 92 7.00 7.34 -6.81
CA LEU A 92 7.83 7.90 -5.73
C LEU A 92 7.35 7.42 -4.37
N PRO A 93 8.09 6.47 -3.79
CA PRO A 93 7.77 5.90 -2.47
C PRO A 93 7.98 6.90 -1.34
N THR A 94 8.53 8.06 -1.68
CA THR A 94 8.78 9.11 -0.69
C THR A 94 7.69 10.16 -0.70
N LYS A 95 6.80 10.06 -1.68
CA LYS A 95 5.70 11.00 -1.80
C LYS A 95 4.42 10.44 -1.17
N LEU A 96 4.22 9.14 -1.32
CA LEU A 96 3.05 8.47 -0.75
C LEU A 96 3.12 8.45 0.77
N LEU A 97 4.28 8.11 1.30
CA LEU A 97 4.48 8.04 2.75
C LEU A 97 4.13 9.39 3.39
N ALA A 98 4.24 10.46 2.62
CA ALA A 98 3.94 11.79 3.12
C ALA A 98 2.52 11.87 3.65
N ARG A 99 2.38 12.14 4.94
CA ARG A 99 1.08 12.23 5.58
C ARG A 99 0.79 13.66 6.02
N GLN A 100 1.79 14.53 5.90
CA GLN A 100 1.64 15.93 6.29
C GLN A 100 0.40 16.54 5.63
N GLY A 101 -0.42 17.20 6.44
CA GLY A 101 -1.62 17.83 5.93
C GLY A 101 -2.04 19.04 6.74
N ASP A 102 -3.33 19.34 6.72
CA ASP A 102 -3.86 20.47 7.47
C ASP A 102 -5.21 20.13 8.10
N LEU A 103 -5.20 19.92 9.41
CA LEU A 103 -6.43 19.59 10.13
C LEU A 103 -7.09 18.35 9.54
N ALA A 104 -6.30 17.52 8.86
CA ALA A 104 -6.81 16.31 8.25
C ALA A 104 -7.43 15.38 9.30
N GLY A 105 -8.70 15.04 9.09
CA GLY A 105 -9.39 14.17 10.03
C GLY A 105 -9.52 12.75 9.50
N ALA A 106 -9.58 11.79 10.42
CA ALA A 106 -9.70 10.39 10.05
C ALA A 106 -10.89 9.74 10.75
N ASP A 107 -11.97 9.54 10.00
CA ASP A 107 -13.18 8.93 10.55
C ASP A 107 -13.68 7.81 9.64
N ALA A 108 -14.11 6.71 10.25
CA ALA A 108 -14.62 5.57 9.49
C ALA A 108 -15.77 4.90 10.23
N LEU A 109 -16.71 4.35 9.46
CA LEU A 109 -17.87 3.67 10.04
C LEU A 109 -18.02 2.26 9.48
N THR A 110 -18.61 1.37 10.27
CA THR A 110 -18.81 -0.01 9.85
C THR A 110 -19.99 -0.64 10.59
N GLU A 111 -21.05 -0.93 9.85
CA GLU A 111 -22.24 -1.54 10.44
C GLU A 111 -22.80 -2.63 9.53
N ASN A 112 -23.61 -3.51 10.10
CA ASN A 112 -24.22 -4.59 9.34
C ASN A 112 -25.55 -5.03 9.96
N THR A 113 -26.33 -5.78 9.21
CA THR A 113 -27.62 -6.27 9.68
C THR A 113 -27.91 -7.67 9.18
N ASP A 114 -28.81 -8.37 9.86
CA ASP A 114 -29.18 -9.73 9.49
C ASP A 114 -30.67 -9.83 9.19
N ALA A 115 -31.09 -10.97 8.66
CA ALA A 115 -32.49 -11.19 8.32
C ALA A 115 -33.01 -12.46 8.98
N LYS A 116 -34.25 -12.41 9.47
CA LYS A 116 -34.86 -13.56 10.13
C LYS A 116 -35.51 -14.48 9.09
N LYS A 117 -35.01 -15.71 9.00
CA LYS A 117 -35.54 -16.69 8.07
C LYS A 117 -35.99 -17.95 8.79
N THR A 118 -36.86 -18.71 8.15
CA THR A 118 -37.37 -19.94 8.73
C THR A 118 -36.90 -21.17 7.96
N GLN A 119 -36.59 -22.24 8.67
CA GLN A 119 -36.12 -23.47 8.06
C GLN A 119 -36.40 -24.67 8.95
N LYS A 120 -37.33 -25.51 8.53
CA LYS A 120 -37.70 -26.70 9.30
C LYS A 120 -38.32 -27.76 8.39
N PRO A 121 -37.51 -28.33 7.49
CA PRO A 121 -37.97 -29.36 6.56
C PRO A 121 -38.29 -30.68 7.25
N LEU A 122 -38.96 -31.58 6.54
CA LEU A 122 -39.32 -32.88 7.08
C LEU A 122 -38.46 -33.98 6.48
N ILE A 123 -37.52 -34.49 7.27
CA ILE A 123 -36.63 -35.56 6.82
C ILE A 123 -36.97 -36.88 7.50
N GLN A 124 -37.24 -37.89 6.68
CA GLN A 124 -37.58 -39.21 7.21
C GLN A 124 -36.35 -39.91 7.78
N GLU A 125 -36.52 -40.55 8.93
CA GLU A 125 -35.42 -41.25 9.58
C GLU A 125 -35.43 -42.73 9.23
N VAL A 126 -34.47 -43.15 8.42
CA VAL A 126 -34.37 -44.54 8.00
C VAL A 126 -32.94 -45.05 8.11
N GLU A 127 -32.79 -46.29 8.57
CA GLU A 127 -31.47 -46.89 8.72
C GLU A 127 -31.49 -48.36 8.28
N THR A 128 -30.29 -48.91 8.09
CA THR A 128 -30.17 -50.30 7.67
C THR A 128 -29.17 -51.06 8.55
N ASP A 129 -29.39 -52.36 8.70
CA ASP A 129 -28.51 -53.19 9.50
C ASP A 129 -28.32 -54.57 8.86
N GLY A 130 -27.09 -54.86 8.44
CA GLY A 130 -26.80 -56.13 7.81
C GLY A 130 -25.42 -56.66 8.18
N VAL A 131 -24.79 -57.34 7.24
CA VAL A 131 -23.46 -57.90 7.46
C VAL A 131 -22.58 -57.74 6.23
N SER A 132 -21.29 -57.49 6.46
CA SER A 132 -20.34 -57.32 5.37
C SER A 132 -19.92 -58.66 4.79
N ASN A 133 -19.30 -58.62 3.62
CA ASN A 133 -18.85 -59.84 2.95
C ASN A 133 -17.61 -60.40 3.63
N ASN A 134 -16.53 -59.62 3.63
CA ASN A 134 -15.28 -60.04 4.24
C ASN A 134 -15.19 -59.53 5.68
N GLY A 1 3.69 4.49 7.08
CA GLY A 1 4.03 4.57 8.50
C GLY A 1 4.98 3.47 8.93
N ILE A 2 4.66 2.24 8.59
CA ILE A 2 5.49 1.10 8.96
C ILE A 2 5.49 0.04 7.85
N THR A 3 6.67 -0.23 7.30
CA THR A 3 6.80 -1.21 6.24
C THR A 3 8.22 -1.20 5.65
N PRO A 4 8.74 -2.40 5.35
CA PRO A 4 10.08 -2.55 4.79
C PRO A 4 10.17 -2.04 3.36
N ARG A 5 9.26 -2.51 2.51
CA ARG A 5 9.23 -2.10 1.10
C ARG A 5 7.84 -2.32 0.50
N PHE A 6 7.52 -1.53 -0.52
CA PHE A 6 6.22 -1.64 -1.19
C PHE A 6 6.20 -0.79 -2.45
N SER A 7 5.65 -1.36 -3.53
CA SER A 7 5.56 -0.66 -4.80
C SER A 7 4.13 -0.63 -5.30
N ILE A 8 3.77 0.48 -5.97
CA ILE A 8 2.42 0.64 -6.49
C ILE A 8 2.43 0.63 -8.02
N THR A 9 1.39 0.05 -8.61
CA THR A 9 1.27 -0.03 -10.06
C THR A 9 -0.08 0.50 -10.53
N GLN A 10 -0.07 1.15 -11.70
CA GLN A 10 -1.31 1.70 -12.26
C GLN A 10 -1.74 0.92 -13.49
N ASP A 11 -3.05 0.77 -13.67
CA ASP A 11 -3.60 0.04 -14.81
C ASP A 11 -4.73 0.84 -15.46
N GLU A 12 -5.19 0.35 -16.61
CA GLU A 12 -6.27 1.02 -17.34
C GLU A 12 -7.63 0.52 -16.85
N GLU A 13 -7.62 -0.28 -15.79
CA GLU A 13 -8.86 -0.82 -15.24
C GLU A 13 -8.94 -0.53 -13.74
N PHE A 14 -7.79 -0.58 -13.06
CA PHE A 14 -7.74 -0.33 -11.63
C PHE A 14 -6.30 -0.16 -11.16
N ILE A 15 -6.12 -0.06 -9.85
CA ILE A 15 -4.78 0.11 -9.28
C ILE A 15 -4.30 -1.19 -8.64
N PHE A 16 -3.01 -1.47 -8.80
CA PHE A 16 -2.42 -2.68 -8.24
C PHE A 16 -1.24 -2.35 -7.33
N LEU A 17 -1.49 -2.35 -6.02
CA LEU A 17 -0.46 -2.05 -5.04
C LEU A 17 0.13 -3.33 -4.45
N LYS A 18 1.45 -3.47 -4.59
CA LYS A 18 2.14 -4.64 -4.07
C LYS A 18 3.01 -4.28 -2.87
N ILE A 19 3.02 -5.14 -1.87
CA ILE A 19 3.82 -4.92 -0.67
C ILE A 19 4.81 -6.05 -0.44
N PHE A 20 6.07 -5.69 -0.20
CA PHE A 20 7.12 -6.67 0.04
C PHE A 20 7.27 -6.95 1.53
N ILE A 21 7.17 -8.22 1.90
CA ILE A 21 7.30 -8.61 3.29
C ILE A 21 7.86 -10.03 3.42
N SER A 22 8.57 -10.29 4.51
CA SER A 22 9.16 -11.59 4.74
C SER A 22 8.10 -12.61 5.15
N ASN A 23 8.54 -13.81 5.51
CA ASN A 23 7.63 -14.87 5.93
C ASN A 23 7.43 -14.86 7.44
N ILE A 24 7.69 -13.72 8.05
CA ILE A 24 7.53 -13.57 9.49
C ILE A 24 6.11 -13.91 9.93
N ARG A 25 5.84 -13.78 11.23
CA ARG A 25 4.53 -14.08 11.77
C ARG A 25 3.43 -13.32 11.01
N PHE A 26 2.73 -14.03 10.14
CA PHE A 26 1.66 -13.43 9.35
C PHE A 26 0.31 -14.03 9.72
N SER A 27 -0.51 -13.25 10.40
CA SER A 27 -1.83 -13.70 10.82
C SER A 27 -2.89 -13.32 9.78
N ALA A 28 -4.08 -13.90 9.91
CA ALA A 28 -5.18 -13.63 8.99
C ALA A 28 -6.37 -13.04 9.73
N VAL A 29 -6.12 -12.45 10.88
CA VAL A 29 -7.18 -11.85 11.69
C VAL A 29 -7.25 -10.34 11.47
N GLY A 30 -6.10 -9.73 11.20
CA GLY A 30 -6.05 -8.30 10.97
C GLY A 30 -6.23 -7.94 9.51
N LEU A 31 -6.02 -8.91 8.63
CA LEU A 31 -6.15 -8.70 7.19
C LEU A 31 -7.51 -8.05 6.87
N GLU A 32 -7.48 -6.76 6.56
CA GLU A 32 -8.71 -6.03 6.23
C GLU A 32 -8.38 -4.63 5.73
N ILE A 33 -7.72 -4.56 4.58
CA ILE A 33 -7.35 -3.28 3.98
C ILE A 33 -8.58 -2.50 3.54
N ILE A 34 -8.63 -1.22 3.89
CA ILE A 34 -9.75 -0.37 3.53
C ILE A 34 -9.28 0.88 2.79
N ILE A 35 -10.14 1.41 1.92
CA ILE A 35 -9.81 2.61 1.16
C ILE A 35 -10.65 3.79 1.60
N GLN A 36 -10.00 4.92 1.84
CA GLN A 36 -10.69 6.13 2.27
C GLN A 36 -11.40 6.79 1.09
N GLU A 37 -11.92 7.99 1.32
CA GLU A 37 -12.63 8.74 0.28
C GLU A 37 -11.79 8.84 -0.98
N ASN A 38 -10.47 8.95 -0.82
CA ASN A 38 -9.56 9.06 -1.95
C ASN A 38 -8.29 8.24 -1.70
N MET A 39 -7.67 8.46 -0.54
CA MET A 39 -6.46 7.74 -0.18
C MET A 39 -6.77 6.30 0.24
N ILE A 40 -5.73 5.50 0.42
CA ILE A 40 -5.89 4.11 0.82
C ILE A 40 -5.22 3.83 2.15
N ILE A 41 -5.88 3.06 3.00
CA ILE A 41 -5.33 2.71 4.30
C ILE A 41 -4.90 1.25 4.35
N PHE A 42 -3.61 1.04 4.62
CA PHE A 42 -3.06 -0.31 4.69
C PHE A 42 -2.98 -0.79 6.14
N HIS A 43 -3.95 -1.60 6.55
CA HIS A 43 -3.99 -2.13 7.91
C HIS A 43 -3.42 -3.54 7.97
N LEU A 44 -3.36 -4.19 6.81
CA LEU A 44 -2.82 -5.55 6.72
C LEU A 44 -1.47 -5.65 7.41
N SER A 45 -1.14 -6.84 7.88
CA SER A 45 0.14 -7.08 8.56
C SER A 45 0.22 -6.26 9.85
N PRO A 46 1.20 -6.60 10.69
CA PRO A 46 1.42 -5.91 11.97
C PRO A 46 1.92 -4.48 11.78
N TYR A 47 2.18 -4.11 10.54
CA TYR A 47 2.67 -2.77 10.23
C TYR A 47 1.60 -1.96 9.50
N TYR A 48 1.34 -0.76 10.00
CA TYR A 48 0.33 0.11 9.39
C TYR A 48 0.98 1.09 8.42
N LEU A 49 0.44 1.17 7.21
CA LEU A 49 0.96 2.05 6.18
C LEU A 49 -0.15 2.92 5.59
N ARG A 50 0.19 4.14 5.24
CA ARG A 50 -0.77 5.07 4.66
C ARG A 50 -0.34 5.51 3.26
N LEU A 51 -1.26 5.43 2.31
CA LEU A 51 -0.98 5.82 0.94
C LEU A 51 -1.86 6.98 0.50
N ARG A 52 -1.24 8.13 0.22
CA ARG A 52 -1.98 9.31 -0.21
C ARG A 52 -1.70 9.62 -1.67
N PHE A 53 -2.66 9.32 -2.54
CA PHE A 53 -2.52 9.55 -3.97
C PHE A 53 -3.15 10.89 -4.35
N PRO A 54 -2.66 11.48 -5.46
CA PRO A 54 -3.15 12.77 -5.96
C PRO A 54 -4.57 12.65 -6.52
N HIS A 55 -5.07 11.43 -6.62
CA HIS A 55 -6.41 11.20 -7.14
C HIS A 55 -7.32 10.63 -6.06
N GLU A 56 -8.53 10.22 -6.45
CA GLU A 56 -9.49 9.66 -5.51
C GLU A 56 -9.99 8.30 -5.99
N LEU A 57 -9.81 7.28 -5.15
CA LEU A 57 -10.24 5.93 -5.49
C LEU A 57 -11.59 5.61 -4.84
N ILE A 58 -12.11 4.42 -5.11
CA ILE A 58 -13.38 3.99 -4.54
C ILE A 58 -13.30 2.55 -4.05
N ASP A 59 -13.93 2.29 -2.91
CA ASP A 59 -13.94 0.96 -2.32
C ASP A 59 -15.24 0.23 -2.64
N ASP A 60 -15.19 -0.63 -3.66
CA ASP A 60 -16.37 -1.38 -4.08
C ASP A 60 -16.23 -2.86 -3.68
N GLU A 61 -17.13 -3.69 -4.20
CA GLU A 61 -17.11 -5.11 -3.89
C GLU A 61 -15.88 -5.79 -4.50
N ARG A 62 -15.37 -5.19 -5.57
CA ARG A 62 -14.19 -5.72 -6.25
C ARG A 62 -12.94 -5.54 -5.40
N SER A 63 -12.88 -4.43 -4.67
CA SER A 63 -11.74 -4.14 -3.83
C SER A 63 -11.41 -5.32 -2.91
N THR A 64 -10.14 -5.68 -2.87
CA THR A 64 -9.69 -6.80 -2.04
C THR A 64 -8.19 -7.01 -2.16
N ALA A 65 -7.63 -7.80 -1.25
CA ALA A 65 -6.20 -8.09 -1.26
C ALA A 65 -5.94 -9.59 -1.20
N GLN A 66 -4.92 -10.04 -1.92
CA GLN A 66 -4.56 -11.45 -1.95
C GLN A 66 -3.13 -11.67 -1.48
N TYR A 67 -2.94 -12.64 -0.60
CA TYR A 67 -1.62 -12.96 -0.07
C TYR A 67 -0.88 -13.92 -0.98
N ASP A 68 0.34 -13.53 -1.37
CA ASP A 68 1.16 -14.37 -2.23
C ASP A 68 2.27 -15.05 -1.45
N SER A 69 2.24 -16.38 -1.43
CA SER A 69 3.25 -17.16 -0.71
C SER A 69 4.49 -17.37 -1.58
N LYS A 70 4.29 -17.47 -2.88
CA LYS A 70 5.39 -17.67 -3.81
C LYS A 70 6.48 -16.62 -3.62
N ASP A 71 6.06 -15.42 -3.24
CA ASP A 71 7.00 -14.32 -3.01
C ASP A 71 6.83 -13.74 -1.61
N GLU A 72 5.87 -14.28 -0.87
CA GLU A 72 5.60 -13.80 0.49
C GLU A 72 5.21 -12.33 0.48
N CYS A 73 4.65 -11.87 -0.63
CA CYS A 73 4.24 -10.49 -0.77
C CYS A 73 2.71 -10.38 -0.76
N ILE A 74 2.21 -9.17 -0.49
CA ILE A 74 0.77 -8.93 -0.45
C ILE A 74 0.33 -8.06 -1.62
N ASN A 75 -0.75 -8.49 -2.28
CA ASN A 75 -1.27 -7.75 -3.42
C ASN A 75 -2.61 -7.10 -3.07
N VAL A 76 -2.68 -5.78 -3.25
CA VAL A 76 -3.90 -5.03 -2.95
C VAL A 76 -4.47 -4.40 -4.21
N LYS A 77 -5.73 -4.69 -4.51
CA LYS A 77 -6.39 -4.14 -5.68
C LYS A 77 -7.49 -3.16 -5.28
N VAL A 78 -7.61 -2.07 -6.03
CA VAL A 78 -8.62 -1.05 -5.76
C VAL A 78 -9.10 -0.40 -7.04
N ALA A 79 -10.42 -0.32 -7.20
CA ALA A 79 -11.02 0.28 -8.38
C ALA A 79 -10.91 1.80 -8.34
N LYS A 80 -10.72 2.41 -9.51
CA LYS A 80 -10.60 3.86 -9.60
C LYS A 80 -11.91 4.48 -10.07
N LEU A 81 -12.19 5.69 -9.59
CA LEU A 81 -13.42 6.39 -9.94
C LEU A 81 -13.57 6.46 -11.46
N ASN A 82 -12.45 6.49 -12.18
CA ASN A 82 -12.46 6.54 -13.63
C ASN A 82 -11.52 5.50 -14.22
N LYS A 83 -11.98 4.82 -15.27
CA LYS A 83 -11.18 3.79 -15.92
C LYS A 83 -10.11 4.44 -16.82
N ASN A 84 -9.10 3.65 -17.18
CA ASN A 84 -8.03 4.14 -18.04
C ASN A 84 -7.30 5.31 -17.37
N GLU A 85 -7.45 5.43 -16.07
CA GLU A 85 -6.80 6.50 -15.32
C GLU A 85 -5.47 6.04 -14.74
N TYR A 86 -4.47 6.91 -14.79
CA TYR A 86 -3.15 6.59 -14.27
C TYR A 86 -2.76 7.53 -13.12
N PHE A 87 -1.53 7.39 -12.64
CA PHE A 87 -1.04 8.21 -11.55
C PHE A 87 0.37 8.73 -11.85
N GLU A 88 0.73 9.84 -11.21
CA GLU A 88 2.05 10.44 -11.41
C GLU A 88 2.78 10.57 -10.08
N ASP A 89 2.22 9.98 -9.04
CA ASP A 89 2.82 10.02 -7.71
C ASP A 89 3.18 8.63 -7.22
N LEU A 90 2.65 7.61 -7.89
CA LEU A 90 2.91 6.23 -7.52
C LEU A 90 4.39 5.89 -7.71
N ASP A 91 5.10 6.74 -8.44
CA ASP A 91 6.52 6.53 -8.69
C ASP A 91 7.35 6.91 -7.47
N LEU A 92 6.80 7.80 -6.65
CA LEU A 92 7.50 8.25 -5.44
C LEU A 92 6.80 7.73 -4.19
N PRO A 93 7.52 6.90 -3.41
CA PRO A 93 6.98 6.33 -2.17
C PRO A 93 6.81 7.37 -1.08
N THR A 94 7.73 8.32 -1.02
CA THR A 94 7.68 9.38 -0.02
C THR A 94 6.47 10.28 -0.22
N LYS A 95 6.11 10.50 -1.49
CA LYS A 95 4.96 11.35 -1.82
C LYS A 95 3.68 10.76 -1.23
N LEU A 96 3.70 9.47 -0.91
CA LEU A 96 2.54 8.81 -0.34
C LEU A 96 2.52 8.95 1.18
N LEU A 97 3.69 8.75 1.80
CA LEU A 97 3.81 8.86 3.25
C LEU A 97 3.43 10.26 3.72
N ALA A 98 3.57 11.24 2.84
CA ALA A 98 3.24 12.62 3.17
C ALA A 98 4.14 13.15 4.28
N ARG A 99 5.44 12.92 4.14
CA ARG A 99 6.41 13.39 5.14
C ARG A 99 6.28 14.88 5.37
N GLN A 100 5.96 15.62 4.31
CA GLN A 100 5.81 17.07 4.40
C GLN A 100 4.86 17.44 5.53
N GLY A 101 3.66 16.88 5.50
CA GLY A 101 2.68 17.16 6.53
C GLY A 101 1.26 16.95 6.04
N ASP A 102 0.58 15.96 6.63
CA ASP A 102 -0.79 15.66 6.25
C ASP A 102 -1.75 15.95 7.40
N LEU A 103 -2.50 17.04 7.28
CA LEU A 103 -3.46 17.43 8.31
C LEU A 103 -4.87 17.01 7.93
N ALA A 104 -4.98 15.96 7.13
CA ALA A 104 -6.27 15.45 6.69
C ALA A 104 -7.04 14.85 7.86
N GLY A 105 -6.33 14.46 8.90
CA GLY A 105 -6.96 13.87 10.07
C GLY A 105 -7.70 12.58 9.74
N ALA A 106 -8.19 11.90 10.77
CA ALA A 106 -8.91 10.65 10.58
C ALA A 106 -10.33 10.75 11.14
N ASP A 107 -11.29 10.98 10.26
CA ASP A 107 -12.69 11.10 10.68
C ASP A 107 -13.47 9.85 10.28
N ALA A 108 -12.75 8.77 9.98
CA ALA A 108 -13.39 7.52 9.60
C ALA A 108 -12.69 6.33 10.25
N LEU A 109 -13.48 5.47 10.90
CA LEU A 109 -12.94 4.30 11.58
C LEU A 109 -13.80 3.08 11.30
N THR A 110 -13.15 1.92 11.13
CA THR A 110 -13.87 0.68 10.87
C THR A 110 -13.11 -0.52 11.45
N GLU A 111 -13.73 -1.18 12.42
CA GLU A 111 -13.12 -2.33 13.07
C GLU A 111 -14.12 -3.48 13.18
N ASN A 112 -14.00 -4.47 12.30
CA ASN A 112 -14.89 -5.62 12.29
C ASN A 112 -14.10 -6.92 12.26
N THR A 113 -14.60 -7.93 12.96
CA THR A 113 -13.94 -9.23 13.00
C THR A 113 -14.60 -10.22 12.03
N ASP A 114 -13.80 -10.75 11.10
CA ASP A 114 -14.30 -11.69 10.12
C ASP A 114 -13.21 -12.68 9.73
N ALA A 115 -13.36 -13.93 10.18
CA ALA A 115 -12.38 -14.97 9.87
C ALA A 115 -13.05 -16.34 9.81
N LYS A 116 -13.01 -16.97 8.64
CA LYS A 116 -13.61 -18.29 8.45
C LYS A 116 -12.54 -19.37 8.48
N LYS A 117 -12.98 -20.63 8.40
CA LYS A 117 -12.06 -21.76 8.41
C LYS A 117 -12.67 -22.96 7.69
N THR A 118 -11.86 -23.99 7.48
CA THR A 118 -12.32 -25.20 6.80
C THR A 118 -11.53 -26.43 7.26
N GLN A 119 -12.21 -27.56 7.38
CA GLN A 119 -11.57 -28.79 7.80
C GLN A 119 -12.04 -29.97 6.95
N LYS A 120 -11.36 -31.10 7.09
CA LYS A 120 -11.70 -32.30 6.33
C LYS A 120 -11.72 -32.01 4.83
N PRO A 121 -10.54 -31.80 4.25
CA PRO A 121 -10.39 -31.51 2.82
C PRO A 121 -10.72 -32.72 1.95
N LEU A 122 -10.61 -32.54 0.64
CA LEU A 122 -10.89 -33.62 -0.30
C LEU A 122 -9.62 -34.10 -0.98
N ILE A 123 -8.49 -33.95 -0.29
CA ILE A 123 -7.21 -34.37 -0.83
C ILE A 123 -6.86 -35.77 -0.35
N GLN A 124 -6.76 -36.70 -1.30
CA GLN A 124 -6.43 -38.09 -0.98
C GLN A 124 -5.06 -38.47 -1.54
N GLU A 125 -4.13 -38.81 -0.66
CA GLU A 125 -2.79 -39.18 -1.07
C GLU A 125 -2.32 -40.42 -0.30
N VAL A 126 -1.91 -41.45 -1.04
CA VAL A 126 -1.42 -42.68 -0.44
C VAL A 126 -0.18 -42.43 0.40
N GLU A 127 -0.17 -43.00 1.61
CA GLU A 127 0.96 -42.85 2.52
C GLU A 127 2.07 -43.83 2.17
N THR A 128 3.32 -43.34 2.16
CA THR A 128 4.46 -44.17 1.85
C THR A 128 5.62 -43.90 2.80
N ASP A 129 5.88 -44.85 3.70
CA ASP A 129 6.96 -44.72 4.67
C ASP A 129 8.27 -44.40 3.97
N GLY A 130 8.80 -43.19 4.21
CA GLY A 130 10.05 -42.79 3.61
C GLY A 130 11.24 -43.48 4.21
N VAL A 131 11.16 -43.77 5.51
CA VAL A 131 12.24 -44.44 6.23
C VAL A 131 12.07 -45.95 6.20
N SER A 132 13.01 -46.65 5.56
CA SER A 132 12.97 -48.10 5.46
C SER A 132 13.08 -48.74 6.83
N ASN A 133 12.23 -49.73 7.08
CA ASN A 133 12.23 -50.44 8.36
C ASN A 133 13.50 -51.25 8.54
N ASN A 134 14.05 -51.73 7.43
CA ASN A 134 15.27 -52.53 7.46
C ASN A 134 16.46 -51.68 7.85
N GLY A 1 4.00 5.36 6.85
CA GLY A 1 3.54 4.58 7.98
C GLY A 1 4.59 3.62 8.49
N ILE A 2 4.28 2.32 8.44
CA ILE A 2 5.21 1.29 8.88
C ILE A 2 5.30 0.15 7.87
N THR A 3 6.52 -0.10 7.40
CA THR A 3 6.74 -1.17 6.42
C THR A 3 8.16 -1.11 5.86
N PRO A 4 8.73 -2.29 5.57
CA PRO A 4 10.09 -2.40 5.04
C PRO A 4 10.18 -1.89 3.60
N ARG A 5 9.27 -2.36 2.75
CA ARG A 5 9.25 -1.95 1.35
C ARG A 5 7.86 -2.15 0.75
N PHE A 6 7.44 -1.21 -0.10
CA PHE A 6 6.14 -1.27 -0.74
C PHE A 6 6.13 -0.46 -2.03
N SER A 7 5.58 -1.05 -3.09
CA SER A 7 5.51 -0.38 -4.38
C SER A 7 4.08 -0.35 -4.89
N ILE A 8 3.72 0.75 -5.55
CA ILE A 8 2.37 0.92 -6.08
C ILE A 8 2.40 0.92 -7.61
N THR A 9 1.37 0.31 -8.22
CA THR A 9 1.27 0.24 -9.66
C THR A 9 -0.09 0.73 -10.15
N GLN A 10 -0.11 1.35 -11.32
CA GLN A 10 -1.35 1.87 -11.88
C GLN A 10 -1.73 1.10 -13.15
N ASP A 11 -3.02 0.90 -13.35
CA ASP A 11 -3.52 0.18 -14.51
C ASP A 11 -4.63 0.98 -15.22
N GLU A 12 -5.11 0.44 -16.33
CA GLU A 12 -6.16 1.10 -17.09
C GLU A 12 -7.55 0.62 -16.65
N GLU A 13 -7.59 -0.01 -15.48
CA GLU A 13 -8.86 -0.52 -14.95
C GLU A 13 -8.91 -0.34 -13.43
N PHE A 14 -7.79 -0.62 -12.77
CA PHE A 14 -7.71 -0.49 -11.33
C PHE A 14 -6.27 -0.26 -10.87
N ILE A 15 -6.07 -0.19 -9.56
CA ILE A 15 -4.74 0.03 -9.00
C ILE A 15 -4.17 -1.26 -8.41
N PHE A 16 -2.87 -1.46 -8.61
CA PHE A 16 -2.20 -2.65 -8.10
C PHE A 16 -1.09 -2.27 -7.12
N LEU A 17 -1.41 -2.28 -5.83
CA LEU A 17 -0.44 -1.94 -4.80
C LEU A 17 0.18 -3.20 -4.20
N LYS A 18 1.50 -3.29 -4.26
CA LYS A 18 2.23 -4.43 -3.72
C LYS A 18 3.01 -4.04 -2.48
N ILE A 19 3.03 -4.93 -1.50
CA ILE A 19 3.75 -4.69 -0.26
C ILE A 19 4.75 -5.81 0.04
N PHE A 20 6.03 -5.46 0.06
CA PHE A 20 7.09 -6.43 0.33
C PHE A 20 7.16 -6.76 1.81
N ILE A 21 7.05 -8.03 2.13
CA ILE A 21 7.11 -8.48 3.52
C ILE A 21 7.71 -9.87 3.63
N SER A 22 7.99 -10.30 4.86
CA SER A 22 8.58 -11.61 5.10
C SER A 22 7.51 -12.62 5.52
N ASN A 23 7.95 -13.78 6.00
CA ASN A 23 7.03 -14.82 6.44
C ASN A 23 6.77 -14.71 7.93
N ILE A 24 7.06 -13.54 8.50
CA ILE A 24 6.85 -13.31 9.93
C ILE A 24 5.39 -13.55 10.31
N ARG A 25 5.08 -13.29 11.57
CA ARG A 25 3.73 -13.48 12.08
C ARG A 25 2.71 -12.82 11.15
N PHE A 26 2.01 -13.63 10.37
CA PHE A 26 1.00 -13.13 9.44
C PHE A 26 -0.37 -13.69 9.77
N SER A 27 -1.08 -13.02 10.66
CA SER A 27 -2.42 -13.44 11.07
C SER A 27 -3.44 -13.18 9.96
N ALA A 28 -4.55 -13.91 10.00
CA ALA A 28 -5.60 -13.75 9.01
C ALA A 28 -6.88 -13.23 9.65
N VAL A 29 -6.75 -12.61 10.81
CA VAL A 29 -7.90 -12.07 11.52
C VAL A 29 -7.88 -10.54 11.51
N GLY A 30 -6.69 -9.97 11.47
CA GLY A 30 -6.56 -8.52 11.44
C GLY A 30 -6.49 -7.97 10.03
N LEU A 31 -6.25 -8.84 9.06
CA LEU A 31 -6.16 -8.43 7.67
C LEU A 31 -7.48 -7.85 7.19
N GLU A 32 -7.47 -6.58 6.81
CA GLU A 32 -8.67 -5.91 6.33
C GLU A 32 -8.34 -4.51 5.82
N ILE A 33 -7.88 -4.42 4.57
CA ILE A 33 -7.53 -3.13 3.98
C ILE A 33 -8.78 -2.38 3.54
N ILE A 34 -8.85 -1.11 3.91
CA ILE A 34 -9.99 -0.27 3.55
C ILE A 34 -9.54 0.99 2.82
N ILE A 35 -10.29 1.39 1.80
CA ILE A 35 -9.97 2.57 1.03
C ILE A 35 -10.87 3.75 1.42
N GLN A 36 -10.25 4.88 1.71
CA GLN A 36 -10.98 6.08 2.10
C GLN A 36 -11.71 6.69 0.91
N GLU A 37 -12.24 7.89 1.10
CA GLU A 37 -12.97 8.58 0.03
C GLU A 37 -12.11 8.69 -1.23
N ASN A 38 -10.81 8.90 -1.03
CA ASN A 38 -9.88 9.01 -2.15
C ASN A 38 -8.60 8.23 -1.89
N MET A 39 -8.02 8.45 -0.72
CA MET A 39 -6.78 7.78 -0.34
C MET A 39 -7.07 6.33 0.08
N ILE A 40 -6.00 5.57 0.31
CA ILE A 40 -6.14 4.17 0.71
C ILE A 40 -5.48 3.93 2.06
N ILE A 41 -6.16 3.18 2.92
CA ILE A 41 -5.64 2.87 4.24
C ILE A 41 -5.22 1.40 4.33
N PHE A 42 -3.94 1.17 4.63
CA PHE A 42 -3.41 -0.18 4.74
C PHE A 42 -3.35 -0.61 6.21
N HIS A 43 -4.31 -1.43 6.61
CA HIS A 43 -4.37 -1.92 7.99
C HIS A 43 -3.81 -3.33 8.08
N LEU A 44 -3.73 -4.02 6.95
CA LEU A 44 -3.21 -5.38 6.90
C LEU A 44 -1.84 -5.45 7.58
N SER A 45 -1.49 -6.64 8.04
CA SER A 45 -0.21 -6.85 8.71
C SER A 45 -0.13 -6.04 10.00
N PRO A 46 0.87 -6.36 10.84
CA PRO A 46 1.09 -5.67 12.11
C PRO A 46 1.58 -4.24 11.92
N TYR A 47 1.84 -3.87 10.67
CA TYR A 47 2.31 -2.53 10.36
C TYR A 47 1.25 -1.73 9.60
N TYR A 48 0.97 -0.53 10.08
CA TYR A 48 -0.04 0.33 9.46
C TYR A 48 0.62 1.29 8.47
N LEU A 49 0.07 1.34 7.26
CA LEU A 49 0.60 2.22 6.22
C LEU A 49 -0.51 3.06 5.61
N ARG A 50 -0.18 4.29 5.23
CA ARG A 50 -1.14 5.19 4.62
C ARG A 50 -0.68 5.64 3.24
N LEU A 51 -1.59 5.57 2.26
CA LEU A 51 -1.27 5.98 0.89
C LEU A 51 -2.20 7.08 0.42
N ARG A 52 -1.62 8.21 0.03
CA ARG A 52 -2.40 9.34 -0.45
C ARG A 52 -2.10 9.64 -1.91
N PHE A 53 -3.05 9.34 -2.78
CA PHE A 53 -2.88 9.56 -4.22
C PHE A 53 -3.50 10.89 -4.63
N PRO A 54 -3.02 11.46 -5.74
CA PRO A 54 -3.51 12.73 -6.27
C PRO A 54 -4.93 12.62 -6.84
N HIS A 55 -5.43 11.39 -6.90
CA HIS A 55 -6.77 11.15 -7.42
C HIS A 55 -7.68 10.58 -6.33
N GLU A 56 -8.88 10.16 -6.73
CA GLU A 56 -9.84 9.60 -5.78
C GLU A 56 -10.28 8.20 -6.21
N LEU A 57 -10.08 7.23 -5.32
CA LEU A 57 -10.45 5.85 -5.61
C LEU A 57 -11.74 5.48 -4.91
N ILE A 58 -12.13 4.21 -5.01
CA ILE A 58 -13.36 3.73 -4.39
C ILE A 58 -13.23 2.27 -3.99
N ASP A 59 -13.84 1.91 -2.86
CA ASP A 59 -13.81 0.54 -2.38
C ASP A 59 -15.13 -0.18 -2.65
N ASP A 60 -15.11 -1.08 -3.62
CA ASP A 60 -16.31 -1.84 -3.99
C ASP A 60 -16.10 -3.33 -3.75
N GLU A 61 -17.00 -4.14 -4.29
CA GLU A 61 -16.91 -5.59 -4.13
C GLU A 61 -15.70 -6.15 -4.87
N ARG A 62 -15.35 -5.52 -5.99
CA ARG A 62 -14.20 -5.95 -6.79
C ARG A 62 -12.91 -5.81 -6.00
N SER A 63 -12.83 -4.75 -5.19
CA SER A 63 -11.64 -4.50 -4.39
C SER A 63 -11.32 -5.69 -3.50
N THR A 64 -10.05 -6.10 -3.50
CA THR A 64 -9.62 -7.24 -2.69
C THR A 64 -8.11 -7.40 -2.75
N ALA A 65 -7.55 -8.08 -1.75
CA ALA A 65 -6.12 -8.30 -1.68
C ALA A 65 -5.79 -9.79 -1.63
N GLN A 66 -4.71 -10.18 -2.28
CA GLN A 66 -4.29 -11.58 -2.32
C GLN A 66 -2.87 -11.75 -1.76
N TYR A 67 -2.70 -12.71 -0.87
CA TYR A 67 -1.39 -12.96 -0.27
C TYR A 67 -0.58 -13.92 -1.13
N ASP A 68 0.64 -13.52 -1.46
CA ASP A 68 1.52 -14.34 -2.28
C ASP A 68 2.65 -14.91 -1.44
N SER A 69 2.66 -16.24 -1.28
CA SER A 69 3.68 -16.92 -0.49
C SER A 69 4.93 -17.17 -1.34
N LYS A 70 4.72 -17.41 -2.62
CA LYS A 70 5.84 -17.67 -3.53
C LYS A 70 6.83 -16.51 -3.51
N ASP A 71 6.36 -15.33 -3.15
CA ASP A 71 7.21 -14.15 -3.08
C ASP A 71 7.05 -13.43 -1.75
N GLU A 72 6.24 -14.01 -0.86
CA GLU A 72 6.01 -13.43 0.45
C GLU A 72 5.58 -11.97 0.33
N CYS A 73 4.92 -11.64 -0.78
CA CYS A 73 4.46 -10.28 -1.02
C CYS A 73 2.94 -10.21 -0.97
N ILE A 74 2.42 -9.03 -0.66
CA ILE A 74 0.98 -8.82 -0.58
C ILE A 74 0.48 -7.95 -1.74
N ASN A 75 -0.59 -8.39 -2.38
CA ASN A 75 -1.17 -7.66 -3.50
C ASN A 75 -2.53 -7.05 -3.12
N VAL A 76 -2.63 -5.74 -3.27
CA VAL A 76 -3.87 -5.03 -2.94
C VAL A 76 -4.49 -4.41 -4.18
N LYS A 77 -5.75 -4.73 -4.44
CA LYS A 77 -6.47 -4.20 -5.59
C LYS A 77 -7.46 -3.13 -5.17
N VAL A 78 -7.55 -2.07 -5.97
CA VAL A 78 -8.46 -0.97 -5.67
C VAL A 78 -9.11 -0.44 -6.95
N ALA A 79 -10.44 -0.38 -6.95
CA ALA A 79 -11.18 0.11 -8.10
C ALA A 79 -11.13 1.63 -8.18
N LYS A 80 -10.87 2.16 -9.38
CA LYS A 80 -10.79 3.59 -9.60
C LYS A 80 -12.15 4.15 -10.03
N LEU A 81 -12.36 5.43 -9.77
CA LEU A 81 -13.61 6.09 -10.14
C LEU A 81 -13.75 6.21 -11.65
N ASN A 82 -12.68 6.64 -12.30
CA ASN A 82 -12.67 6.80 -13.75
C ASN A 82 -11.69 5.83 -14.40
N LYS A 83 -12.18 5.06 -15.38
CA LYS A 83 -11.34 4.10 -16.07
C LYS A 83 -10.30 4.80 -16.93
N ASN A 84 -9.24 4.07 -17.30
CA ASN A 84 -8.18 4.63 -18.13
C ASN A 84 -7.48 5.77 -17.40
N GLU A 85 -7.68 5.84 -16.09
CA GLU A 85 -7.05 6.88 -15.28
C GLU A 85 -5.70 6.43 -14.74
N TYR A 86 -4.67 7.22 -14.99
CA TYR A 86 -3.33 6.89 -14.53
C TYR A 86 -2.95 7.74 -13.33
N PHE A 87 -1.74 7.51 -12.81
CA PHE A 87 -1.25 8.27 -11.66
C PHE A 87 0.19 8.73 -11.88
N GLU A 88 0.57 9.79 -11.18
CA GLU A 88 1.93 10.33 -11.30
C GLU A 88 2.58 10.47 -9.93
N ASP A 89 1.99 9.81 -8.94
CA ASP A 89 2.53 9.86 -7.58
C ASP A 89 2.94 8.47 -7.11
N LEU A 90 2.41 7.45 -7.78
CA LEU A 90 2.74 6.06 -7.42
C LEU A 90 4.21 5.77 -7.66
N ASP A 91 4.88 6.65 -8.41
CA ASP A 91 6.30 6.49 -8.70
C ASP A 91 7.15 7.20 -7.65
N LEU A 92 6.53 7.57 -6.54
CA LEU A 92 7.23 8.26 -5.46
C LEU A 92 6.80 7.73 -4.10
N PRO A 93 7.68 6.95 -3.46
CA PRO A 93 7.41 6.37 -2.14
C PRO A 93 7.38 7.42 -1.04
N THR A 94 7.73 8.65 -1.39
CA THR A 94 7.75 9.75 -0.43
C THR A 94 6.42 10.50 -0.44
N LYS A 95 5.81 10.61 -1.61
CA LYS A 95 4.54 11.31 -1.75
C LYS A 95 3.48 10.69 -0.84
N LEU A 96 3.24 9.40 -0.99
CA LEU A 96 2.26 8.69 -0.18
C LEU A 96 2.53 8.91 1.30
N LEU A 97 3.78 8.70 1.71
CA LEU A 97 4.17 8.87 3.11
C LEU A 97 4.00 10.32 3.54
N ALA A 98 4.06 11.24 2.58
CA ALA A 98 3.91 12.66 2.87
C ALA A 98 4.85 13.09 3.98
N ARG A 99 6.05 12.52 4.00
CA ARG A 99 7.04 12.85 5.02
C ARG A 99 8.43 13.01 4.40
N GLN A 100 9.24 13.87 5.00
CA GLN A 100 10.60 14.10 4.51
C GLN A 100 11.54 12.98 4.91
N GLY A 101 11.19 12.29 6.00
CA GLY A 101 12.01 11.19 6.48
C GLY A 101 11.99 11.07 7.99
N ASP A 102 11.46 9.96 8.48
CA ASP A 102 11.39 9.73 9.92
C ASP A 102 12.58 8.90 10.40
N LEU A 103 13.68 8.95 9.66
CA LEU A 103 14.88 8.21 10.01
C LEU A 103 14.56 6.74 10.23
N ALA A 104 13.52 6.25 9.56
CA ALA A 104 13.11 4.86 9.69
C ALA A 104 14.23 3.91 9.28
N GLY A 105 14.52 2.93 10.14
CA GLY A 105 15.57 1.99 9.85
C GLY A 105 15.20 1.02 8.74
N ALA A 106 14.10 0.30 8.92
CA ALA A 106 13.64 -0.65 7.93
C ALA A 106 14.70 -1.69 7.63
N ASP A 107 15.31 -2.23 8.68
CA ASP A 107 16.35 -3.24 8.54
C ASP A 107 15.75 -4.59 8.15
N ALA A 108 16.46 -5.32 7.30
CA ALA A 108 16.00 -6.63 6.85
C ALA A 108 17.14 -7.64 6.84
N LEU A 109 16.82 -8.89 6.51
CA LEU A 109 17.81 -9.95 6.46
C LEU A 109 17.71 -10.75 5.16
N THR A 110 18.77 -11.47 4.81
CA THR A 110 18.78 -12.27 3.60
C THR A 110 19.64 -13.52 3.78
N GLU A 111 18.98 -14.66 3.97
CA GLU A 111 19.68 -15.93 4.15
C GLU A 111 20.18 -16.47 2.81
N ASN A 112 21.33 -17.15 2.84
CA ASN A 112 21.92 -17.72 1.64
C ASN A 112 22.52 -19.09 1.93
N THR A 113 22.24 -20.05 1.05
CA THR A 113 22.75 -21.41 1.20
C THR A 113 23.00 -22.06 -0.15
N ASP A 114 24.26 -22.36 -0.43
CA ASP A 114 24.63 -23.00 -1.69
C ASP A 114 25.12 -24.43 -1.46
N ALA A 115 25.80 -24.64 -0.34
CA ALA A 115 26.32 -25.96 -0.01
C ALA A 115 25.20 -26.94 0.29
N LYS A 116 25.20 -28.07 -0.41
CA LYS A 116 24.18 -29.10 -0.23
C LYS A 116 24.05 -29.47 1.25
N LYS A 117 23.04 -30.27 1.56
CA LYS A 117 22.79 -30.71 2.93
C LYS A 117 23.94 -31.58 3.43
N THR A 118 24.40 -31.30 4.64
CA THR A 118 25.50 -32.06 5.23
C THR A 118 24.99 -33.34 5.89
N GLN A 119 25.61 -34.46 5.56
CA GLN A 119 25.21 -35.74 6.12
C GLN A 119 25.29 -35.73 7.64
N LYS A 120 24.13 -35.65 8.29
CA LYS A 120 24.08 -35.63 9.75
C LYS A 120 23.28 -36.81 10.28
N PRO A 121 23.85 -38.03 10.13
CA PRO A 121 23.21 -39.26 10.59
C PRO A 121 23.17 -39.36 12.12
N LEU A 122 22.71 -40.49 12.62
CA LEU A 122 22.62 -40.72 14.06
C LEU A 122 23.72 -41.69 14.52
N ILE A 123 24.74 -41.13 15.17
CA ILE A 123 25.84 -41.94 15.66
C ILE A 123 25.99 -41.81 17.17
N GLN A 124 26.30 -42.92 17.83
CA GLN A 124 26.47 -42.92 19.28
C GLN A 124 27.93 -43.12 19.66
N GLU A 125 28.27 -42.81 20.90
CA GLU A 125 29.64 -42.94 21.39
C GLU A 125 29.69 -43.91 22.58
N VAL A 126 30.89 -44.41 22.86
CA VAL A 126 31.08 -45.35 23.96
C VAL A 126 31.88 -44.71 25.10
N GLU A 127 31.25 -44.58 26.26
CA GLU A 127 31.90 -43.99 27.42
C GLU A 127 31.36 -44.57 28.72
N THR A 128 32.20 -44.63 29.74
CA THR A 128 31.81 -45.17 31.03
C THR A 128 32.58 -44.51 32.17
N ASP A 129 32.01 -44.57 33.37
CA ASP A 129 32.65 -43.97 34.55
C ASP A 129 32.10 -44.58 35.83
N GLY A 130 32.85 -44.43 36.92
CA GLY A 130 32.41 -44.97 38.20
C GLY A 130 33.25 -44.45 39.35
N VAL A 131 32.57 -44.00 40.41
CA VAL A 131 33.26 -43.48 41.59
C VAL A 131 32.43 -43.70 42.84
N SER A 132 33.11 -43.92 43.96
CA SER A 132 32.43 -44.14 45.24
C SER A 132 32.84 -43.09 46.25
N ASN A 133 31.91 -42.74 47.14
CA ASN A 133 32.17 -41.75 48.17
C ASN A 133 31.79 -42.28 49.55
N ASN A 134 32.42 -41.72 50.59
CA ASN A 134 32.16 -42.15 51.96
C ASN A 134 30.66 -42.09 52.25
N GLY A 1 5.13 4.35 7.73
CA GLY A 1 6.47 4.16 7.22
C GLY A 1 7.20 3.02 7.89
N ILE A 2 6.45 2.09 8.46
CA ILE A 2 7.02 0.95 9.15
C ILE A 2 7.45 -0.13 8.15
N THR A 3 6.61 -0.36 7.14
CA THR A 3 6.89 -1.36 6.13
C THR A 3 8.28 -1.17 5.54
N PRO A 4 8.94 -2.29 5.19
CA PRO A 4 10.28 -2.26 4.61
C PRO A 4 10.30 -1.70 3.19
N ARG A 5 9.39 -2.19 2.35
CA ARG A 5 9.30 -1.74 0.97
C ARG A 5 7.89 -1.91 0.43
N PHE A 6 7.56 -1.17 -0.62
CA PHE A 6 6.24 -1.24 -1.24
C PHE A 6 6.19 -0.43 -2.52
N SER A 7 5.67 -1.04 -3.58
CA SER A 7 5.56 -0.37 -4.87
C SER A 7 4.12 -0.38 -5.38
N ILE A 8 3.71 0.72 -6.01
CA ILE A 8 2.36 0.84 -6.53
C ILE A 8 2.37 0.83 -8.07
N THR A 9 1.35 0.20 -8.65
CA THR A 9 1.25 0.12 -10.10
C THR A 9 -0.13 0.59 -10.58
N GLN A 10 -0.17 1.21 -11.74
CA GLN A 10 -1.42 1.73 -12.30
C GLN A 10 -1.87 0.86 -13.48
N ASP A 11 -3.18 0.68 -13.61
CA ASP A 11 -3.74 -0.12 -14.69
C ASP A 11 -4.82 0.66 -15.44
N GLU A 12 -5.35 0.05 -16.49
CA GLU A 12 -6.39 0.69 -17.30
C GLU A 12 -7.78 0.30 -16.80
N GLU A 13 -7.84 -0.22 -15.58
CA GLU A 13 -9.10 -0.65 -14.99
C GLU A 13 -9.13 -0.36 -13.49
N PHE A 14 -7.99 -0.59 -12.83
CA PHE A 14 -7.89 -0.36 -11.40
C PHE A 14 -6.43 -0.16 -10.99
N ILE A 15 -6.21 -0.04 -9.69
CA ILE A 15 -4.86 0.16 -9.16
C ILE A 15 -4.34 -1.11 -8.49
N PHE A 16 -3.06 -1.39 -8.68
CA PHE A 16 -2.44 -2.56 -8.08
C PHE A 16 -1.27 -2.17 -7.17
N LEU A 17 -1.51 -2.23 -5.86
CA LEU A 17 -0.48 -1.88 -4.89
C LEU A 17 0.19 -3.13 -4.32
N LYS A 18 1.51 -3.19 -4.43
CA LYS A 18 2.27 -4.34 -3.94
C LYS A 18 3.09 -3.94 -2.72
N ILE A 19 3.11 -4.82 -1.72
CA ILE A 19 3.87 -4.58 -0.50
C ILE A 19 4.85 -5.69 -0.22
N PHE A 20 6.09 -5.33 0.12
CA PHE A 20 7.12 -6.32 0.42
C PHE A 20 7.16 -6.63 1.90
N ILE A 21 7.14 -7.91 2.23
CA ILE A 21 7.17 -8.35 3.63
C ILE A 21 7.83 -9.72 3.75
N SER A 22 8.43 -9.97 4.91
CA SER A 22 9.10 -11.24 5.16
C SER A 22 8.08 -12.34 5.44
N ASN A 23 8.58 -13.52 5.80
CA ASN A 23 7.71 -14.65 6.08
C ASN A 23 7.41 -14.76 7.57
N ILE A 24 7.49 -13.62 8.27
CA ILE A 24 7.23 -13.59 9.70
C ILE A 24 5.84 -14.12 10.02
N ARG A 25 5.47 -14.08 11.30
CA ARG A 25 4.17 -14.56 11.74
C ARG A 25 3.05 -13.79 11.06
N PHE A 26 2.51 -14.36 9.98
CA PHE A 26 1.43 -13.71 9.23
C PHE A 26 0.07 -14.25 9.69
N SER A 27 -0.64 -13.45 10.47
CA SER A 27 -1.94 -13.84 10.98
C SER A 27 -3.04 -13.43 10.00
N ALA A 28 -4.26 -13.90 10.25
CA ALA A 28 -5.40 -13.58 9.40
C ALA A 28 -6.52 -12.93 10.19
N VAL A 29 -6.16 -12.27 11.29
CA VAL A 29 -7.13 -11.60 12.14
C VAL A 29 -6.96 -10.09 12.09
N GLY A 30 -5.89 -9.64 11.43
CA GLY A 30 -5.63 -8.21 11.31
C GLY A 30 -5.58 -7.75 9.88
N LEU A 31 -5.87 -8.66 8.95
CA LEU A 31 -5.86 -8.32 7.53
C LEU A 31 -7.20 -7.77 7.08
N GLU A 32 -7.21 -6.49 6.69
CA GLU A 32 -8.43 -5.83 6.25
C GLU A 32 -8.14 -4.44 5.73
N ILE A 33 -7.65 -4.35 4.49
CA ILE A 33 -7.33 -3.08 3.87
C ILE A 33 -8.59 -2.32 3.48
N ILE A 34 -8.64 -1.05 3.84
CA ILE A 34 -9.80 -0.22 3.52
C ILE A 34 -9.37 1.05 2.77
N ILE A 35 -10.17 1.44 1.78
CA ILE A 35 -9.87 2.63 1.00
C ILE A 35 -10.76 3.80 1.43
N GLN A 36 -10.13 4.95 1.66
CA GLN A 36 -10.85 6.14 2.07
C GLN A 36 -11.59 6.77 0.89
N GLU A 37 -12.17 7.95 1.12
CA GLU A 37 -12.90 8.66 0.08
C GLU A 37 -12.05 8.79 -1.18
N ASN A 38 -10.75 8.94 -1.00
CA ASN A 38 -9.83 9.09 -2.12
C ASN A 38 -8.53 8.33 -1.86
N MET A 39 -7.92 8.57 -0.71
CA MET A 39 -6.67 7.91 -0.35
C MET A 39 -6.93 6.46 0.07
N ILE A 40 -5.87 5.69 0.23
CA ILE A 40 -5.98 4.29 0.63
C ILE A 40 -5.32 4.06 1.99
N ILE A 41 -6.01 3.31 2.84
CA ILE A 41 -5.49 3.01 4.18
C ILE A 41 -5.05 1.55 4.26
N PHE A 42 -3.77 1.33 4.57
CA PHE A 42 -3.23 -0.01 4.71
C PHE A 42 -3.21 -0.45 6.16
N HIS A 43 -4.11 -1.37 6.50
CA HIS A 43 -4.20 -1.89 7.86
C HIS A 43 -3.65 -3.30 7.95
N LEU A 44 -3.56 -3.96 6.81
CA LEU A 44 -3.06 -5.34 6.75
C LEU A 44 -1.67 -5.43 7.37
N SER A 45 -1.32 -6.61 7.86
CA SER A 45 -0.02 -6.85 8.48
C SER A 45 0.12 -6.00 9.75
N PRO A 46 1.15 -6.32 10.55
CA PRO A 46 1.42 -5.61 11.80
C PRO A 46 1.91 -4.19 11.56
N TYR A 47 2.13 -3.85 10.29
CA TYR A 47 2.61 -2.52 9.94
C TYR A 47 1.52 -1.72 9.23
N TYR A 48 1.28 -0.50 9.70
CA TYR A 48 0.27 0.37 9.12
C TYR A 48 0.88 1.30 8.09
N LEU A 49 0.24 1.42 6.94
CA LEU A 49 0.71 2.28 5.87
C LEU A 49 -0.40 3.20 5.36
N ARG A 50 -0.04 4.43 5.03
CA ARG A 50 -1.00 5.41 4.53
C ARG A 50 -0.61 5.92 3.16
N LEU A 51 -1.42 5.64 2.16
CA LEU A 51 -1.15 6.07 0.79
C LEU A 51 -2.07 7.23 0.40
N ARG A 52 -1.47 8.31 -0.08
CA ARG A 52 -2.22 9.48 -0.49
C ARG A 52 -1.97 9.80 -1.96
N PHE A 53 -2.94 9.46 -2.81
CA PHE A 53 -2.83 9.71 -4.24
C PHE A 53 -3.48 11.03 -4.62
N PRO A 54 -3.04 11.61 -5.74
CA PRO A 54 -3.56 12.90 -6.24
C PRO A 54 -4.99 12.76 -6.75
N HIS A 55 -5.49 11.54 -6.82
CA HIS A 55 -6.85 11.29 -7.29
C HIS A 55 -7.70 10.66 -6.20
N GLU A 56 -8.90 10.23 -6.56
CA GLU A 56 -9.81 9.61 -5.60
C GLU A 56 -10.27 8.24 -6.09
N LEU A 57 -10.08 7.22 -5.25
CA LEU A 57 -10.46 5.87 -5.60
C LEU A 57 -11.78 5.48 -4.92
N ILE A 58 -12.23 4.26 -5.18
CA ILE A 58 -13.47 3.77 -4.58
C ILE A 58 -13.33 2.33 -4.11
N ASP A 59 -13.96 2.02 -2.98
CA ASP A 59 -13.89 0.67 -2.42
C ASP A 59 -15.17 -0.10 -2.74
N ASP A 60 -15.11 -0.97 -3.74
CA ASP A 60 -16.26 -1.77 -4.14
C ASP A 60 -16.05 -3.23 -3.80
N GLU A 61 -16.92 -4.09 -4.33
CA GLU A 61 -16.82 -5.53 -4.08
C GLU A 61 -15.61 -6.13 -4.79
N ARG A 62 -15.18 -5.47 -5.86
CA ARG A 62 -14.04 -5.94 -6.64
C ARG A 62 -12.74 -5.68 -5.89
N SER A 63 -12.70 -4.60 -5.11
CA SER A 63 -11.51 -4.25 -4.35
C SER A 63 -11.20 -5.30 -3.30
N THR A 64 -9.93 -5.72 -3.25
CA THR A 64 -9.51 -6.73 -2.29
C THR A 64 -8.01 -6.99 -2.41
N ALA A 65 -7.44 -7.62 -1.38
CA ALA A 65 -6.02 -7.94 -1.37
C ALA A 65 -5.79 -9.44 -1.19
N GLN A 66 -4.77 -9.96 -1.89
CA GLN A 66 -4.45 -11.38 -1.80
C GLN A 66 -3.01 -11.57 -1.34
N TYR A 67 -2.82 -12.45 -0.36
CA TYR A 67 -1.49 -12.73 0.17
C TYR A 67 -0.84 -13.87 -0.61
N ASP A 68 0.40 -13.64 -1.06
CA ASP A 68 1.14 -14.65 -1.80
C ASP A 68 2.28 -15.22 -0.96
N SER A 69 2.28 -16.53 -0.78
CA SER A 69 3.32 -17.20 0.00
C SER A 69 4.53 -17.54 -0.87
N LYS A 70 4.26 -17.99 -2.09
CA LYS A 70 5.32 -18.36 -3.02
C LYS A 70 6.29 -17.19 -3.22
N ASP A 71 5.79 -15.98 -3.02
CA ASP A 71 6.62 -14.79 -3.18
C ASP A 71 6.77 -14.05 -1.85
N GLU A 72 5.91 -14.41 -0.89
CA GLU A 72 5.96 -13.78 0.43
C GLU A 72 5.62 -12.29 0.34
N CYS A 73 4.87 -11.92 -0.70
CA CYS A 73 4.49 -10.53 -0.91
C CYS A 73 2.99 -10.35 -0.71
N ILE A 74 2.54 -9.10 -0.74
CA ILE A 74 1.13 -8.79 -0.57
C ILE A 74 0.59 -8.02 -1.77
N ASN A 75 -0.56 -8.46 -2.29
CA ASN A 75 -1.19 -7.80 -3.43
C ASN A 75 -2.46 -7.07 -3.00
N VAL A 76 -2.52 -5.78 -3.31
CA VAL A 76 -3.68 -4.96 -2.96
C VAL A 76 -4.37 -4.44 -4.22
N LYS A 77 -5.67 -4.71 -4.32
CA LYS A 77 -6.46 -4.26 -5.47
C LYS A 77 -7.45 -3.19 -5.06
N VAL A 78 -7.62 -2.19 -5.92
CA VAL A 78 -8.55 -1.09 -5.65
C VAL A 78 -9.01 -0.44 -6.94
N ALA A 79 -10.32 -0.39 -7.15
CA ALA A 79 -10.89 0.21 -8.34
C ALA A 79 -10.89 1.74 -8.23
N LYS A 80 -10.84 2.41 -9.38
CA LYS A 80 -10.83 3.86 -9.42
C LYS A 80 -12.18 4.40 -9.88
N LEU A 81 -12.38 5.71 -9.73
CA LEU A 81 -13.62 6.35 -10.14
C LEU A 81 -13.71 6.47 -11.65
N ASN A 82 -12.61 6.20 -12.32
CA ASN A 82 -12.55 6.28 -13.78
C ASN A 82 -11.66 5.19 -14.35
N LYS A 83 -12.06 4.64 -15.50
CA LYS A 83 -11.30 3.59 -16.15
C LYS A 83 -10.21 4.19 -17.04
N ASN A 84 -9.20 3.37 -17.34
CA ASN A 84 -8.08 3.82 -18.18
C ASN A 84 -7.35 4.99 -17.53
N GLU A 85 -7.55 5.16 -16.23
CA GLU A 85 -6.91 6.24 -15.50
C GLU A 85 -5.61 5.76 -14.86
N TYR A 86 -4.65 6.66 -14.73
CA TYR A 86 -3.35 6.34 -14.14
C TYR A 86 -2.98 7.34 -13.05
N PHE A 87 -1.74 7.25 -12.58
CA PHE A 87 -1.26 8.15 -11.53
C PHE A 87 0.14 8.66 -11.87
N GLU A 88 0.49 9.83 -11.32
CA GLU A 88 1.79 10.42 -11.56
C GLU A 88 2.57 10.57 -10.26
N ASP A 89 1.91 10.31 -9.15
CA ASP A 89 2.54 10.39 -7.83
C ASP A 89 3.01 9.02 -7.35
N LEU A 90 2.36 7.98 -7.86
CA LEU A 90 2.72 6.61 -7.48
C LEU A 90 4.17 6.31 -7.82
N ASP A 91 4.73 7.10 -8.73
CA ASP A 91 6.12 6.92 -9.15
C ASP A 91 7.08 7.32 -8.03
N LEU A 92 6.59 8.12 -7.10
CA LEU A 92 7.40 8.58 -5.98
C LEU A 92 6.87 8.03 -4.66
N PRO A 93 7.64 7.11 -4.04
CA PRO A 93 7.27 6.49 -2.77
C PRO A 93 7.33 7.48 -1.60
N THR A 94 7.87 8.66 -1.87
CA THR A 94 7.98 9.70 -0.84
C THR A 94 6.80 10.66 -0.89
N LYS A 95 6.15 10.74 -2.05
CA LYS A 95 5.01 11.61 -2.23
C LYS A 95 3.77 11.05 -1.55
N LEU A 96 3.73 9.72 -1.40
CA LEU A 96 2.61 9.05 -0.77
C LEU A 96 2.69 9.16 0.75
N LEU A 97 3.86 8.81 1.30
CA LEU A 97 4.07 8.88 2.74
C LEU A 97 3.89 10.30 3.26
N ALA A 98 4.79 11.20 2.85
CA ALA A 98 4.73 12.59 3.26
C ALA A 98 4.81 12.71 4.78
N ARG A 99 5.61 11.84 5.39
CA ARG A 99 5.78 11.86 6.84
C ARG A 99 7.00 12.70 7.25
N GLN A 100 7.22 12.82 8.54
CA GLN A 100 8.34 13.60 9.06
C GLN A 100 9.30 12.70 9.83
N GLY A 101 8.78 11.61 10.38
CA GLY A 101 9.60 10.69 11.14
C GLY A 101 10.61 9.96 10.28
N ASP A 102 10.79 8.67 10.52
CA ASP A 102 11.74 7.86 9.77
C ASP A 102 11.01 7.03 8.71
N LEU A 103 11.16 7.43 7.45
CA LEU A 103 10.51 6.73 6.34
C LEU A 103 11.23 5.42 6.04
N ALA A 104 12.55 5.44 6.18
CA ALA A 104 13.36 4.25 5.92
C ALA A 104 13.04 3.15 6.91
N GLY A 105 12.50 3.53 8.08
CA GLY A 105 12.17 2.56 9.10
C GLY A 105 13.39 2.04 9.82
N ALA A 106 13.16 1.37 10.96
CA ALA A 106 14.25 0.82 11.74
C ALA A 106 14.40 -0.67 11.52
N ASP A 107 13.89 -1.14 10.38
CA ASP A 107 13.98 -2.55 10.03
C ASP A 107 14.76 -2.77 8.75
N ALA A 108 15.47 -3.88 8.67
CA ALA A 108 16.27 -4.20 7.48
C ALA A 108 16.25 -5.70 7.20
N LEU A 109 16.08 -6.06 5.93
CA LEU A 109 16.04 -7.46 5.52
C LEU A 109 16.47 -7.61 4.07
N THR A 110 17.02 -8.78 3.74
CA THR A 110 17.47 -9.05 2.38
C THR A 110 17.48 -10.56 2.11
N GLU A 111 16.64 -10.98 1.16
CA GLU A 111 16.56 -12.39 0.79
C GLU A 111 16.98 -12.61 -0.65
N ASN A 112 17.64 -13.73 -0.91
CA ASN A 112 18.10 -14.04 -2.25
C ASN A 112 17.37 -15.27 -2.80
N THR A 113 16.62 -15.07 -3.88
CA THR A 113 15.86 -16.16 -4.50
C THR A 113 16.77 -17.32 -4.86
N ASP A 114 16.17 -18.50 -5.03
CA ASP A 114 16.93 -19.69 -5.38
C ASP A 114 16.35 -20.36 -6.63
N ALA A 115 17.10 -20.31 -7.72
CA ALA A 115 16.66 -20.91 -8.98
C ALA A 115 17.27 -22.29 -9.17
N LYS A 116 16.64 -23.11 -10.01
CA LYS A 116 17.13 -24.45 -10.28
C LYS A 116 17.33 -24.67 -11.78
N LYS A 117 18.58 -24.73 -12.21
CA LYS A 117 18.89 -24.94 -13.61
C LYS A 117 20.26 -25.60 -13.78
N THR A 118 20.34 -26.57 -14.68
CA THR A 118 21.59 -27.28 -14.93
C THR A 118 22.72 -26.31 -15.22
N GLN A 119 23.61 -26.13 -14.25
CA GLN A 119 24.74 -25.23 -14.40
C GLN A 119 25.87 -25.59 -13.44
N LYS A 120 26.95 -26.14 -13.98
CA LYS A 120 28.10 -26.53 -13.17
C LYS A 120 29.34 -25.74 -13.56
N PRO A 121 29.32 -24.43 -13.28
CA PRO A 121 30.44 -23.55 -13.61
C PRO A 121 31.66 -23.82 -12.73
N LEU A 122 32.67 -22.94 -12.82
CA LEU A 122 33.88 -23.08 -12.04
C LEU A 122 34.38 -21.73 -11.55
N ILE A 123 34.64 -21.65 -10.24
CA ILE A 123 35.12 -20.41 -9.64
C ILE A 123 36.09 -20.70 -8.51
N GLN A 124 37.21 -19.97 -8.48
CA GLN A 124 38.22 -20.15 -7.45
C GLN A 124 38.16 -19.00 -6.43
N GLU A 125 38.43 -19.33 -5.17
CA GLU A 125 38.41 -18.34 -4.11
C GLU A 125 39.70 -18.37 -3.30
N VAL A 126 40.11 -17.22 -2.79
CA VAL A 126 41.33 -17.12 -1.99
C VAL A 126 41.10 -16.25 -0.76
N GLU A 127 41.72 -16.67 0.35
CA GLU A 127 41.59 -15.93 1.60
C GLU A 127 42.84 -16.08 2.46
N THR A 128 43.27 -14.98 3.07
CA THR A 128 44.46 -15.00 3.93
C THR A 128 44.42 -13.87 4.94
N ASP A 129 44.23 -14.23 6.21
CA ASP A 129 44.17 -13.24 7.28
C ASP A 129 44.95 -13.73 8.50
N GLY A 130 45.01 -12.88 9.53
CA GLY A 130 45.73 -13.23 10.74
C GLY A 130 45.31 -12.40 11.93
N VAL A 131 46.30 -11.86 12.65
CA VAL A 131 46.02 -11.03 13.82
C VAL A 131 46.67 -9.66 13.68
N SER A 132 45.90 -8.61 13.98
CA SER A 132 46.40 -7.25 13.89
C SER A 132 46.70 -6.69 15.28
N ASN A 133 47.72 -5.83 15.35
CA ASN A 133 48.12 -5.23 16.62
C ASN A 133 47.71 -3.76 16.67
N ASN A 134 47.35 -3.29 17.86
CA ASN A 134 46.94 -1.91 18.04
C ASN A 134 48.14 -0.97 18.02
N GLY A 1 4.42 5.80 7.94
CA GLY A 1 4.86 4.61 7.23
C GLY A 1 5.73 3.72 8.10
N ILE A 2 5.30 2.47 8.28
CA ILE A 2 6.04 1.52 9.09
C ILE A 2 6.58 0.37 8.23
N THR A 3 5.85 0.03 7.18
CA THR A 3 6.24 -1.05 6.29
C THR A 3 7.68 -0.86 5.81
N PRO A 4 8.38 -1.98 5.60
CA PRO A 4 9.78 -1.96 5.14
C PRO A 4 9.90 -1.50 3.70
N ARG A 5 9.09 -2.09 2.82
CA ARG A 5 9.11 -1.74 1.41
C ARG A 5 7.76 -2.02 0.76
N PHE A 6 7.45 -1.25 -0.29
CA PHE A 6 6.18 -1.41 -0.99
C PHE A 6 6.20 -0.66 -2.32
N SER A 7 5.60 -1.26 -3.34
CA SER A 7 5.55 -0.65 -4.67
C SER A 7 4.11 -0.54 -5.16
N ILE A 8 3.81 0.58 -5.81
CA ILE A 8 2.47 0.82 -6.33
C ILE A 8 2.46 0.80 -7.85
N THR A 9 1.39 0.24 -8.42
CA THR A 9 1.26 0.15 -9.88
C THR A 9 -0.08 0.70 -10.34
N GLN A 10 -0.09 1.33 -11.51
CA GLN A 10 -1.30 1.90 -12.07
C GLN A 10 -1.71 1.17 -13.35
N ASP A 11 -3.02 1.02 -13.54
CA ASP A 11 -3.54 0.35 -14.73
C ASP A 11 -4.67 1.14 -15.36
N GLU A 12 -5.11 0.72 -16.54
CA GLU A 12 -6.19 1.40 -17.25
C GLU A 12 -7.55 0.86 -16.81
N GLU A 13 -7.55 0.04 -15.77
CA GLU A 13 -8.79 -0.55 -15.26
C GLU A 13 -8.89 -0.37 -13.75
N PHE A 14 -7.76 -0.50 -13.06
CA PHE A 14 -7.72 -0.35 -11.62
C PHE A 14 -6.29 -0.14 -11.12
N ILE A 15 -6.13 -0.06 -9.81
CA ILE A 15 -4.82 0.14 -9.22
C ILE A 15 -4.29 -1.15 -8.58
N PHE A 16 -2.99 -1.38 -8.72
CA PHE A 16 -2.37 -2.57 -8.16
C PHE A 16 -1.27 -2.20 -7.16
N LEU A 17 -1.60 -2.27 -5.88
CA LEU A 17 -0.65 -1.93 -4.82
C LEU A 17 0.04 -3.19 -4.29
N LYS A 18 1.36 -3.21 -4.35
CA LYS A 18 2.13 -4.35 -3.87
C LYS A 18 2.91 -3.99 -2.61
N ILE A 19 2.99 -4.94 -1.68
CA ILE A 19 3.71 -4.72 -0.43
C ILE A 19 4.73 -5.83 -0.17
N PHE A 20 5.94 -5.43 0.18
CA PHE A 20 7.00 -6.39 0.45
C PHE A 20 7.07 -6.72 1.94
N ILE A 21 6.75 -7.96 2.28
CA ILE A 21 6.78 -8.39 3.68
C ILE A 21 7.22 -9.84 3.79
N SER A 22 7.24 -10.37 5.01
CA SER A 22 7.64 -11.75 5.26
C SER A 22 6.68 -12.44 6.22
N ASN A 23 6.99 -13.68 6.56
CA ASN A 23 6.16 -14.45 7.48
C ASN A 23 6.69 -14.36 8.90
N ILE A 24 7.34 -13.24 9.21
CA ILE A 24 7.89 -13.03 10.55
C ILE A 24 6.80 -13.12 11.62
N ARG A 25 5.56 -12.89 11.21
CA ARG A 25 4.44 -12.95 12.13
C ARG A 25 3.11 -12.78 11.39
N PHE A 26 3.02 -13.43 10.23
CA PHE A 26 1.80 -13.36 9.42
C PHE A 26 0.73 -14.31 9.95
N SER A 27 -0.12 -13.79 10.83
CA SER A 27 -1.19 -14.59 11.42
C SER A 27 -2.41 -14.63 10.51
N ALA A 28 -2.45 -13.72 9.54
CA ALA A 28 -3.56 -13.65 8.60
C ALA A 28 -4.89 -13.46 9.32
N VAL A 29 -4.82 -12.87 10.51
CA VAL A 29 -6.03 -12.63 11.30
C VAL A 29 -6.32 -11.14 11.43
N GLY A 30 -5.27 -10.33 11.28
CA GLY A 30 -5.42 -8.89 11.39
C GLY A 30 -5.45 -8.21 10.03
N LEU A 31 -5.58 -9.01 8.97
CA LEU A 31 -5.61 -8.48 7.62
C LEU A 31 -6.96 -7.83 7.31
N GLU A 32 -6.92 -6.57 6.88
CA GLU A 32 -8.13 -5.84 6.56
C GLU A 32 -7.81 -4.46 6.00
N ILE A 33 -7.63 -4.39 4.69
CA ILE A 33 -7.30 -3.13 4.02
C ILE A 33 -8.56 -2.46 3.48
N ILE A 34 -8.72 -1.17 3.77
CA ILE A 34 -9.87 -0.42 3.30
C ILE A 34 -9.44 0.84 2.55
N ILE A 35 -10.32 1.33 1.68
CA ILE A 35 -10.04 2.53 0.91
C ILE A 35 -10.91 3.70 1.35
N GLN A 36 -10.29 4.84 1.61
CA GLN A 36 -11.00 6.03 2.04
C GLN A 36 -11.72 6.69 0.86
N GLU A 37 -12.22 7.90 1.09
CA GLU A 37 -12.93 8.64 0.05
C GLU A 37 -12.09 8.73 -1.22
N ASN A 38 -10.79 8.86 -1.05
CA ASN A 38 -9.87 8.96 -2.18
C ASN A 38 -8.59 8.17 -1.91
N MET A 39 -7.99 8.40 -0.75
CA MET A 39 -6.77 7.71 -0.37
C MET A 39 -7.05 6.27 0.05
N ILE A 40 -6.00 5.52 0.34
CA ILE A 40 -6.14 4.12 0.75
C ILE A 40 -5.46 3.89 2.09
N ILE A 41 -6.11 3.11 2.95
CA ILE A 41 -5.57 2.80 4.27
C ILE A 41 -5.12 1.35 4.34
N PHE A 42 -3.83 1.15 4.63
CA PHE A 42 -3.27 -0.19 4.74
C PHE A 42 -3.18 -0.63 6.19
N HIS A 43 -4.07 -1.53 6.60
CA HIS A 43 -4.08 -2.02 7.97
C HIS A 43 -3.46 -3.42 8.04
N LEU A 44 -3.37 -4.08 6.90
CA LEU A 44 -2.80 -5.43 6.83
C LEU A 44 -1.44 -5.46 7.53
N SER A 45 -1.05 -6.66 7.97
CA SER A 45 0.23 -6.84 8.66
C SER A 45 0.28 -6.00 9.93
N PRO A 46 1.28 -6.29 10.78
CA PRO A 46 1.47 -5.57 12.05
C PRO A 46 1.92 -4.13 11.84
N TYR A 47 2.18 -3.77 10.60
CA TYR A 47 2.62 -2.42 10.26
C TYR A 47 1.53 -1.66 9.52
N TYR A 48 1.23 -0.45 9.99
CA TYR A 48 0.21 0.38 9.38
C TYR A 48 0.82 1.35 8.37
N LEU A 49 0.26 1.37 7.17
CA LEU A 49 0.75 2.25 6.12
C LEU A 49 -0.39 3.07 5.51
N ARG A 50 -0.07 4.28 5.07
CA ARG A 50 -1.08 5.16 4.47
C ARG A 50 -0.65 5.60 3.07
N LEU A 51 -1.55 5.47 2.12
CA LEU A 51 -1.28 5.85 0.73
C LEU A 51 -2.18 6.99 0.28
N ARG A 52 -1.59 8.13 -0.02
CA ARG A 52 -2.34 9.30 -0.45
C ARG A 52 -2.06 9.61 -1.92
N PHE A 53 -3.02 9.28 -2.78
CA PHE A 53 -2.87 9.52 -4.21
C PHE A 53 -3.54 10.83 -4.61
N PRO A 54 -3.07 11.41 -5.73
CA PRO A 54 -3.61 12.68 -6.25
C PRO A 54 -5.02 12.51 -6.82
N HIS A 55 -5.47 11.27 -6.92
CA HIS A 55 -6.80 10.98 -7.44
C HIS A 55 -7.72 10.45 -6.34
N GLU A 56 -8.91 10.00 -6.73
CA GLU A 56 -9.88 9.48 -5.77
C GLU A 56 -10.36 8.09 -6.19
N LEU A 57 -10.10 7.11 -5.34
CA LEU A 57 -10.52 5.74 -5.62
C LEU A 57 -11.83 5.40 -4.91
N ILE A 58 -12.33 4.20 -5.16
CA ILE A 58 -13.58 3.75 -4.54
C ILE A 58 -13.48 2.31 -4.06
N ASP A 59 -14.11 2.02 -2.92
CA ASP A 59 -14.09 0.67 -2.37
C ASP A 59 -15.38 -0.06 -2.69
N ASP A 60 -15.30 -1.00 -3.63
CA ASP A 60 -16.47 -1.78 -4.03
C ASP A 60 -16.25 -3.26 -3.76
N GLU A 61 -17.10 -4.09 -4.35
CA GLU A 61 -17.00 -5.54 -4.17
C GLU A 61 -15.74 -6.08 -4.83
N ARG A 62 -15.35 -5.47 -5.95
CA ARG A 62 -14.17 -5.90 -6.68
C ARG A 62 -12.91 -5.70 -5.84
N SER A 63 -12.89 -4.62 -5.06
CA SER A 63 -11.75 -4.30 -4.21
C SER A 63 -11.44 -5.47 -3.28
N THR A 64 -10.16 -5.83 -3.19
CA THR A 64 -9.73 -6.92 -2.33
C THR A 64 -8.21 -7.09 -2.38
N ALA A 65 -7.69 -7.94 -1.49
CA ALA A 65 -6.26 -8.20 -1.44
C ALA A 65 -5.97 -9.69 -1.40
N GLN A 66 -4.90 -10.11 -2.07
CA GLN A 66 -4.52 -11.51 -2.11
C GLN A 66 -3.10 -11.71 -1.58
N TYR A 67 -2.94 -12.69 -0.70
CA TYR A 67 -1.63 -12.97 -0.11
C TYR A 67 -0.84 -13.94 -1.00
N ASP A 68 0.41 -13.57 -1.28
CA ASP A 68 1.28 -14.40 -2.11
C ASP A 68 2.37 -15.06 -1.26
N SER A 69 2.43 -16.38 -1.32
CA SER A 69 3.41 -17.15 -0.56
C SER A 69 4.69 -17.34 -1.37
N LYS A 70 4.54 -17.43 -2.68
CA LYS A 70 5.68 -17.63 -3.57
C LYS A 70 6.72 -16.53 -3.35
N ASP A 71 6.27 -15.38 -2.90
CA ASP A 71 7.16 -14.24 -2.65
C ASP A 71 6.87 -13.62 -1.29
N GLU A 72 5.97 -14.25 -0.53
CA GLU A 72 5.61 -13.74 0.79
C GLU A 72 5.23 -12.27 0.72
N CYS A 73 4.65 -11.86 -0.39
CA CYS A 73 4.24 -10.47 -0.59
C CYS A 73 2.72 -10.35 -0.57
N ILE A 74 2.23 -9.13 -0.37
CA ILE A 74 0.80 -8.88 -0.33
C ILE A 74 0.35 -8.04 -1.52
N ASN A 75 -0.71 -8.47 -2.18
CA ASN A 75 -1.24 -7.75 -3.34
C ASN A 75 -2.59 -7.12 -3.01
N VAL A 76 -2.68 -5.80 -3.18
CA VAL A 76 -3.92 -5.08 -2.91
C VAL A 76 -4.45 -4.42 -4.18
N LYS A 77 -5.69 -4.75 -4.53
CA LYS A 77 -6.33 -4.18 -5.71
C LYS A 77 -7.50 -3.28 -5.33
N VAL A 78 -7.63 -2.16 -6.03
CA VAL A 78 -8.71 -1.22 -5.78
C VAL A 78 -9.24 -0.62 -7.07
N ALA A 79 -10.56 -0.54 -7.17
CA ALA A 79 -11.21 0.01 -8.36
C ALA A 79 -11.09 1.53 -8.39
N LYS A 80 -10.93 2.09 -9.58
CA LYS A 80 -10.81 3.53 -9.75
C LYS A 80 -12.13 4.14 -10.22
N LEU A 81 -12.39 5.36 -9.77
CA LEU A 81 -13.61 6.07 -10.15
C LEU A 81 -13.74 6.18 -11.66
N ASN A 82 -12.64 6.53 -12.31
CA ASN A 82 -12.63 6.66 -13.77
C ASN A 82 -11.63 5.71 -14.40
N LYS A 83 -12.10 4.91 -15.35
CA LYS A 83 -11.24 3.94 -16.03
C LYS A 83 -10.20 4.65 -16.88
N ASN A 84 -9.15 3.92 -17.25
CA ASN A 84 -8.07 4.47 -18.06
C ASN A 84 -7.38 5.63 -17.34
N GLU A 85 -7.58 5.69 -16.03
CA GLU A 85 -6.97 6.74 -15.21
C GLU A 85 -5.58 6.34 -14.74
N TYR A 86 -4.62 7.23 -14.91
CA TYR A 86 -3.24 6.97 -14.50
C TYR A 86 -2.87 7.81 -13.29
N PHE A 87 -1.64 7.62 -12.80
CA PHE A 87 -1.16 8.36 -11.65
C PHE A 87 0.27 8.88 -11.89
N GLU A 88 0.56 10.04 -11.34
CA GLU A 88 1.89 10.65 -11.49
C GLU A 88 2.57 10.81 -10.15
N ASP A 89 2.03 10.14 -9.13
CA ASP A 89 2.60 10.22 -7.79
C ASP A 89 3.08 8.84 -7.33
N LEU A 90 2.58 7.80 -7.99
CA LEU A 90 2.96 6.43 -7.65
C LEU A 90 4.45 6.19 -7.92
N ASP A 91 5.03 7.04 -8.75
CA ASP A 91 6.45 6.92 -9.08
C ASP A 91 7.33 7.28 -7.88
N LEU A 92 6.74 7.98 -6.93
CA LEU A 92 7.47 8.39 -5.72
C LEU A 92 6.86 7.75 -4.48
N PRO A 93 7.60 6.82 -3.86
CA PRO A 93 7.16 6.11 -2.66
C PRO A 93 7.13 7.03 -1.43
N THR A 94 7.66 8.24 -1.59
CA THR A 94 7.68 9.20 -0.50
C THR A 94 6.47 10.14 -0.57
N LYS A 95 5.88 10.26 -1.75
CA LYS A 95 4.71 11.11 -1.93
C LYS A 95 3.51 10.57 -1.17
N LEU A 96 3.49 9.26 -0.96
CA LEU A 96 2.39 8.62 -0.24
C LEU A 96 2.55 8.80 1.27
N LEU A 97 3.76 8.54 1.77
CA LEU A 97 4.04 8.67 3.18
C LEU A 97 3.93 10.13 3.62
N ALA A 98 4.48 11.03 2.82
CA ALA A 98 4.44 12.46 3.13
C ALA A 98 5.10 12.75 4.48
N ARG A 99 6.31 12.23 4.67
CA ARG A 99 7.04 12.44 5.92
C ARG A 99 7.95 13.65 5.81
N GLN A 100 8.28 14.24 6.97
CA GLN A 100 9.15 15.40 7.01
C GLN A 100 10.44 15.15 6.24
N GLY A 101 10.58 15.80 5.08
CA GLY A 101 11.77 15.62 4.27
C GLY A 101 12.11 16.86 3.46
N ASP A 102 11.63 18.02 3.92
CA ASP A 102 11.88 19.27 3.24
C ASP A 102 12.55 20.29 4.17
N LEU A 103 13.82 20.57 3.92
CA LEU A 103 14.57 21.51 4.74
C LEU A 103 13.98 22.91 4.64
N ALA A 104 13.41 23.22 3.47
CA ALA A 104 12.80 24.53 3.25
C ALA A 104 11.34 24.54 3.72
N GLY A 105 10.73 23.36 3.80
CA GLY A 105 9.35 23.26 4.23
C GLY A 105 9.21 23.27 5.74
N ALA A 106 9.31 24.45 6.33
CA ALA A 106 9.19 24.58 7.78
C ALA A 106 7.84 25.18 8.17
N ASP A 107 7.10 25.64 7.18
CA ASP A 107 5.79 26.24 7.41
C ASP A 107 4.74 25.64 6.49
N ALA A 108 3.75 24.97 7.06
CA ALA A 108 2.69 24.35 6.29
C ALA A 108 1.51 23.97 7.18
N LEU A 109 0.32 23.88 6.58
CA LEU A 109 -0.89 23.52 7.32
C LEU A 109 -1.69 22.46 6.57
N THR A 110 -2.15 21.45 7.31
CA THR A 110 -2.93 20.37 6.73
C THR A 110 -3.89 19.78 7.74
N GLU A 111 -5.18 20.09 7.58
CA GLU A 111 -6.21 19.58 8.48
C GLU A 111 -6.69 18.21 8.04
N ASN A 112 -6.45 17.20 8.88
CA ASN A 112 -6.85 15.83 8.57
C ASN A 112 -7.02 15.03 9.85
N THR A 113 -8.10 14.25 9.92
CA THR A 113 -8.37 13.43 11.08
C THR A 113 -9.19 12.19 10.70
N ASP A 114 -8.84 11.05 11.28
CA ASP A 114 -9.54 9.81 11.00
C ASP A 114 -9.82 9.04 12.29
N ALA A 115 -10.87 8.22 12.29
CA ALA A 115 -11.23 7.44 13.46
C ALA A 115 -10.57 6.06 13.42
N LYS A 116 -9.89 5.72 14.50
CA LYS A 116 -9.20 4.43 14.59
C LYS A 116 -10.18 3.31 14.92
N LYS A 117 -10.48 2.49 13.92
CA LYS A 117 -11.40 1.38 14.09
C LYS A 117 -10.65 0.08 14.35
N THR A 118 -10.84 -0.49 15.54
CA THR A 118 -10.18 -1.74 15.91
C THR A 118 -11.20 -2.80 16.31
N GLN A 119 -11.22 -3.90 15.56
CA GLN A 119 -12.14 -4.99 15.84
C GLN A 119 -11.42 -6.33 15.85
N LYS A 120 -11.18 -6.85 17.05
CA LYS A 120 -10.49 -8.13 17.21
C LYS A 120 -11.01 -8.89 18.43
N PRO A 121 -12.26 -9.36 18.35
CA PRO A 121 -12.90 -10.10 19.44
C PRO A 121 -12.29 -11.49 19.62
N LEU A 122 -11.61 -11.68 20.75
CA LEU A 122 -10.97 -12.96 21.05
C LEU A 122 -11.03 -13.25 22.55
N ILE A 123 -11.86 -14.21 22.93
CA ILE A 123 -12.00 -14.59 24.33
C ILE A 123 -11.35 -15.94 24.60
N GLN A 124 -10.53 -15.99 25.64
CA GLN A 124 -9.84 -17.23 26.01
C GLN A 124 -9.40 -17.19 27.46
N GLU A 125 -9.22 -18.37 28.06
CA GLU A 125 -8.80 -18.47 29.45
C GLU A 125 -7.72 -19.54 29.61
N VAL A 126 -6.78 -19.28 30.51
CA VAL A 126 -5.70 -20.21 30.77
C VAL A 126 -5.89 -20.94 32.10
N GLU A 127 -6.09 -22.25 32.03
CA GLU A 127 -6.29 -23.06 33.22
C GLU A 127 -5.02 -23.81 33.59
N THR A 128 -4.33 -23.33 34.62
CA THR A 128 -3.09 -23.95 35.07
C THR A 128 -2.93 -23.83 36.58
N ASP A 129 -1.96 -24.56 37.14
CA ASP A 129 -1.70 -24.52 38.57
C ASP A 129 -0.28 -24.94 38.87
N GLY A 130 0.19 -24.61 40.07
CA GLY A 130 1.55 -24.97 40.46
C GLY A 130 1.79 -24.77 41.94
N VAL A 131 2.44 -25.74 42.57
CA VAL A 131 2.74 -25.67 44.00
C VAL A 131 3.96 -26.51 44.35
N SER A 132 4.79 -25.99 45.24
CA SER A 132 6.00 -26.68 45.66
C SER A 132 6.05 -26.82 47.18
N ASN A 133 7.00 -27.63 47.66
CA ASN A 133 7.15 -27.84 49.10
C ASN A 133 8.61 -27.71 49.51
N ASN A 134 8.86 -27.71 50.82
CA ASN A 134 10.21 -27.58 51.35
C ASN A 134 10.70 -28.92 51.89
N GLY A 1 6.40 5.57 6.43
CA GLY A 1 5.59 4.53 7.04
C GLY A 1 6.42 3.52 7.80
N ILE A 2 5.76 2.54 8.41
CA ILE A 2 6.45 1.51 9.18
C ILE A 2 6.92 0.37 8.27
N THR A 3 6.17 0.14 7.20
CA THR A 3 6.51 -0.91 6.25
C THR A 3 7.93 -0.76 5.72
N PRO A 4 8.61 -1.89 5.49
CA PRO A 4 9.99 -1.89 4.98
C PRO A 4 10.07 -1.44 3.54
N ARG A 5 9.22 -2.01 2.69
CA ARG A 5 9.20 -1.66 1.27
C ARG A 5 7.81 -1.90 0.68
N PHE A 6 7.50 -1.17 -0.39
CA PHE A 6 6.21 -1.29 -1.05
C PHE A 6 6.20 -0.54 -2.38
N SER A 7 5.62 -1.17 -3.41
CA SER A 7 5.55 -0.56 -4.73
C SER A 7 4.10 -0.47 -5.21
N ILE A 8 3.75 0.65 -5.83
CA ILE A 8 2.40 0.85 -6.34
C ILE A 8 2.39 0.87 -7.87
N THR A 9 1.35 0.29 -8.45
CA THR A 9 1.22 0.23 -9.90
C THR A 9 -0.15 0.75 -10.35
N GLN A 10 -0.18 1.37 -11.51
CA GLN A 10 -1.43 1.92 -12.06
C GLN A 10 -1.84 1.18 -13.32
N ASP A 11 -3.14 1.00 -13.50
CA ASP A 11 -3.67 0.31 -14.68
C ASP A 11 -4.79 1.12 -15.32
N GLU A 12 -5.25 0.66 -16.48
CA GLU A 12 -6.33 1.34 -17.19
C GLU A 12 -7.69 0.80 -16.77
N GLU A 13 -7.70 0.03 -15.68
CA GLU A 13 -8.93 -0.54 -15.16
C GLU A 13 -9.03 -0.38 -13.65
N PHE A 14 -7.89 -0.53 -12.98
CA PHE A 14 -7.84 -0.40 -11.52
C PHE A 14 -6.41 -0.18 -11.05
N ILE A 15 -6.23 -0.08 -9.74
CA ILE A 15 -4.91 0.12 -9.16
C ILE A 15 -4.40 -1.14 -8.50
N PHE A 16 -3.09 -1.39 -8.63
CA PHE A 16 -2.47 -2.57 -8.06
C PHE A 16 -1.36 -2.18 -7.09
N LEU A 17 -1.67 -2.22 -5.79
CA LEU A 17 -0.70 -1.87 -4.76
C LEU A 17 0.03 -3.10 -4.26
N LYS A 18 1.35 -3.10 -4.34
CA LYS A 18 2.16 -4.22 -3.89
C LYS A 18 2.94 -3.84 -2.63
N ILE A 19 2.98 -4.76 -1.67
CA ILE A 19 3.70 -4.53 -0.41
C ILE A 19 4.70 -5.65 -0.14
N PHE A 20 5.93 -5.26 0.19
CA PHE A 20 6.98 -6.24 0.47
C PHE A 20 7.06 -6.53 1.97
N ILE A 21 6.55 -7.68 2.37
CA ILE A 21 6.57 -8.08 3.78
C ILE A 21 7.09 -9.50 3.95
N SER A 22 7.08 -9.99 5.18
CA SER A 22 7.56 -11.34 5.47
C SER A 22 6.43 -12.19 6.06
N ASN A 23 6.73 -13.47 6.26
CA ASN A 23 5.75 -14.40 6.82
C ASN A 23 5.91 -14.52 8.34
N ILE A 24 6.41 -13.44 8.96
CA ILE A 24 6.62 -13.44 10.41
C ILE A 24 5.31 -13.67 11.15
N ARG A 25 5.04 -14.93 11.48
CA ARG A 25 3.82 -15.29 12.20
C ARG A 25 2.60 -14.71 11.52
N PHE A 26 2.61 -14.70 10.19
CA PHE A 26 1.51 -14.16 9.41
C PHE A 26 0.24 -15.00 9.62
N SER A 27 -0.75 -14.39 10.27
CA SER A 27 -2.01 -15.08 10.54
C SER A 27 -3.10 -14.59 9.59
N ALA A 28 -4.34 -15.04 9.85
CA ALA A 28 -5.47 -14.66 9.01
C ALA A 28 -6.53 -13.94 9.83
N VAL A 29 -6.12 -13.38 10.96
CA VAL A 29 -7.04 -12.65 11.84
C VAL A 29 -6.60 -11.21 12.02
N GLY A 30 -7.06 -10.34 11.12
CA GLY A 30 -6.70 -8.94 11.21
C GLY A 30 -6.61 -8.27 9.85
N LEU A 31 -6.03 -8.99 8.89
CA LEU A 31 -5.87 -8.47 7.53
C LEU A 31 -7.20 -7.93 7.00
N GLU A 32 -7.29 -6.60 6.89
CA GLU A 32 -8.50 -5.97 6.40
C GLU A 32 -8.19 -4.57 5.86
N ILE A 33 -7.71 -4.50 4.63
CA ILE A 33 -7.38 -3.22 4.00
C ILE A 33 -8.63 -2.50 3.54
N ILE A 34 -8.73 -1.21 3.88
CA ILE A 34 -9.87 -0.40 3.49
C ILE A 34 -9.44 0.85 2.75
N ILE A 35 -10.24 1.26 1.77
CA ILE A 35 -9.93 2.45 0.99
C ILE A 35 -10.83 3.62 1.38
N GLN A 36 -10.22 4.78 1.60
CA GLN A 36 -10.97 5.97 1.99
C GLN A 36 -11.70 6.57 0.79
N GLU A 37 -12.25 7.76 0.98
CA GLU A 37 -12.98 8.44 -0.08
C GLU A 37 -12.13 8.56 -1.34
N ASN A 38 -10.83 8.78 -1.15
CA ASN A 38 -9.90 8.90 -2.28
C ASN A 38 -8.61 8.14 -2.00
N MET A 39 -8.03 8.38 -0.83
CA MET A 39 -6.79 7.71 -0.45
C MET A 39 -7.06 6.26 -0.03
N ILE A 40 -5.98 5.51 0.19
CA ILE A 40 -6.10 4.11 0.59
C ILE A 40 -5.43 3.88 1.95
N ILE A 41 -6.11 3.11 2.81
CA ILE A 41 -5.58 2.81 4.13
C ILE A 41 -5.12 1.36 4.23
N PHE A 42 -3.84 1.17 4.52
CA PHE A 42 -3.28 -0.18 4.64
C PHE A 42 -3.19 -0.59 6.10
N HIS A 43 -4.12 -1.45 6.52
CA HIS A 43 -4.15 -1.94 7.90
C HIS A 43 -3.53 -3.33 8.00
N LEU A 44 -3.43 -4.01 6.86
CA LEU A 44 -2.85 -5.34 6.82
C LEU A 44 -1.49 -5.37 7.49
N SER A 45 -1.12 -6.54 8.00
CA SER A 45 0.18 -6.70 8.68
C SER A 45 0.23 -5.86 9.94
N PRO A 46 1.23 -6.14 10.80
CA PRO A 46 1.41 -5.43 12.07
C PRO A 46 1.86 -3.98 11.86
N TYR A 47 2.12 -3.63 10.61
CA TYR A 47 2.57 -2.28 10.27
C TYR A 47 1.49 -1.53 9.50
N TYR A 48 1.16 -0.32 9.97
CA TYR A 48 0.15 0.49 9.32
C TYR A 48 0.77 1.45 8.31
N LEU A 49 0.22 1.45 7.09
CA LEU A 49 0.73 2.31 6.04
C LEU A 49 -0.41 3.13 5.41
N ARG A 50 -0.10 4.37 5.05
CA ARG A 50 -1.09 5.25 4.44
C ARG A 50 -0.65 5.68 3.04
N LEU A 51 -1.57 5.60 2.09
CA LEU A 51 -1.28 5.98 0.71
C LEU A 51 -2.21 7.07 0.23
N ARG A 52 -1.65 8.24 -0.07
CA ARG A 52 -2.45 9.36 -0.54
C ARG A 52 -2.15 9.67 -2.00
N PHE A 53 -3.10 9.32 -2.88
CA PHE A 53 -2.94 9.55 -4.31
C PHE A 53 -3.61 10.86 -4.73
N PRO A 54 -3.15 11.43 -5.84
CA PRO A 54 -3.69 12.69 -6.38
C PRO A 54 -5.10 12.52 -6.93
N HIS A 55 -5.56 11.27 -7.01
CA HIS A 55 -6.89 10.98 -7.51
C HIS A 55 -7.78 10.42 -6.42
N GLU A 56 -8.97 9.96 -6.80
CA GLU A 56 -9.92 9.39 -5.85
C GLU A 56 -10.35 7.99 -6.27
N LEU A 57 -10.16 7.02 -5.38
CA LEU A 57 -10.53 5.64 -5.67
C LEU A 57 -11.82 5.26 -4.95
N ILE A 58 -12.28 4.04 -5.18
CA ILE A 58 -13.50 3.55 -4.55
C ILE A 58 -13.36 2.10 -4.10
N ASP A 59 -13.96 1.78 -2.97
CA ASP A 59 -13.91 0.42 -2.44
C ASP A 59 -15.20 -0.33 -2.72
N ASP A 60 -15.18 -1.16 -3.76
CA ASP A 60 -16.36 -1.94 -4.14
C ASP A 60 -16.15 -3.42 -3.83
N GLU A 61 -17.03 -4.26 -4.35
CA GLU A 61 -16.95 -5.70 -4.12
C GLU A 61 -15.73 -6.29 -4.84
N ARG A 62 -15.33 -5.66 -5.93
CA ARG A 62 -14.18 -6.12 -6.70
C ARG A 62 -12.89 -5.92 -5.93
N SER A 63 -12.85 -4.85 -5.13
CA SER A 63 -11.67 -4.53 -4.34
C SER A 63 -11.34 -5.67 -3.37
N THR A 64 -10.07 -6.06 -3.33
CA THR A 64 -9.63 -7.13 -2.44
C THR A 64 -8.11 -7.31 -2.51
N ALA A 65 -7.56 -7.97 -1.51
CA ALA A 65 -6.12 -8.22 -1.47
C ALA A 65 -5.82 -9.71 -1.33
N GLN A 66 -4.75 -10.16 -1.98
CA GLN A 66 -4.36 -11.56 -1.94
C GLN A 66 -2.94 -11.72 -1.41
N TYR A 67 -2.77 -12.62 -0.46
CA TYR A 67 -1.45 -12.87 0.13
C TYR A 67 -0.67 -13.89 -0.67
N ASP A 68 0.55 -13.53 -1.06
CA ASP A 68 1.40 -14.43 -1.83
C ASP A 68 2.45 -15.08 -0.94
N SER A 69 2.42 -16.40 -0.88
CA SER A 69 3.37 -17.16 -0.07
C SER A 69 4.67 -17.41 -0.83
N LYS A 70 4.54 -17.90 -2.06
CA LYS A 70 5.70 -18.19 -2.88
C LYS A 70 6.58 -16.95 -3.05
N ASP A 71 5.98 -15.78 -2.83
CA ASP A 71 6.71 -14.53 -2.95
C ASP A 71 6.75 -13.80 -1.61
N GLU A 72 5.95 -14.27 -0.66
CA GLU A 72 5.90 -13.66 0.67
C GLU A 72 5.53 -12.19 0.57
N CYS A 73 4.84 -11.82 -0.50
CA CYS A 73 4.42 -10.45 -0.71
C CYS A 73 2.90 -10.32 -0.63
N ILE A 74 2.42 -9.09 -0.49
CA ILE A 74 0.98 -8.84 -0.39
C ILE A 74 0.49 -8.03 -1.58
N ASN A 75 -0.62 -8.48 -2.17
CA ASN A 75 -1.20 -7.80 -3.33
C ASN A 75 -2.52 -7.13 -2.95
N VAL A 76 -2.61 -5.84 -3.21
CA VAL A 76 -3.83 -5.08 -2.90
C VAL A 76 -4.46 -4.53 -4.17
N LYS A 77 -5.75 -4.85 -4.36
CA LYS A 77 -6.48 -4.39 -5.54
C LYS A 77 -7.54 -3.37 -5.15
N VAL A 78 -7.70 -2.35 -5.99
CA VAL A 78 -8.69 -1.31 -5.73
C VAL A 78 -9.14 -0.65 -7.03
N ALA A 79 -10.45 -0.54 -7.20
CA ALA A 79 -11.02 0.08 -8.40
C ALA A 79 -11.00 1.60 -8.30
N LYS A 80 -10.92 2.26 -9.45
CA LYS A 80 -10.89 3.72 -9.49
C LYS A 80 -12.27 4.28 -9.81
N LEU A 81 -12.36 5.60 -9.94
CA LEU A 81 -13.63 6.26 -10.24
C LEU A 81 -13.74 6.55 -11.73
N ASN A 82 -12.60 6.71 -12.39
CA ASN A 82 -12.58 6.99 -13.82
C ASN A 82 -11.59 6.07 -14.53
N LYS A 83 -12.11 5.17 -15.36
CA LYS A 83 -11.27 4.24 -16.10
C LYS A 83 -10.28 4.98 -17.00
N ASN A 84 -9.25 4.28 -17.44
CA ASN A 84 -8.24 4.88 -18.30
C ASN A 84 -7.51 6.01 -17.58
N GLU A 85 -7.57 6.01 -16.26
CA GLU A 85 -6.92 7.04 -15.46
C GLU A 85 -5.59 6.53 -14.91
N TYR A 86 -4.55 7.36 -15.05
CA TYR A 86 -3.23 7.00 -14.57
C TYR A 86 -2.86 7.82 -13.33
N PHE A 87 -1.70 7.52 -12.76
CA PHE A 87 -1.22 8.22 -11.59
C PHE A 87 0.23 8.70 -11.78
N GLU A 88 0.59 9.75 -11.04
CA GLU A 88 1.94 10.30 -11.14
C GLU A 88 2.68 10.14 -9.81
N ASP A 89 1.97 10.35 -8.71
CA ASP A 89 2.55 10.23 -7.38
C ASP A 89 3.05 8.81 -7.13
N LEU A 90 2.45 7.85 -7.83
CA LEU A 90 2.83 6.45 -7.68
C LEU A 90 4.30 6.24 -8.04
N ASP A 91 4.84 7.13 -8.87
CA ASP A 91 6.23 7.05 -9.27
C ASP A 91 7.17 7.32 -8.10
N LEU A 92 6.68 8.09 -7.14
CA LEU A 92 7.47 8.43 -5.95
C LEU A 92 6.85 7.83 -4.69
N PRO A 93 7.60 6.93 -4.03
CA PRO A 93 7.15 6.27 -2.81
C PRO A 93 7.07 7.23 -1.62
N THR A 94 7.58 8.44 -1.82
CA THR A 94 7.57 9.46 -0.77
C THR A 94 6.33 10.34 -0.87
N LYS A 95 5.75 10.41 -2.07
CA LYS A 95 4.58 11.22 -2.29
C LYS A 95 3.38 10.68 -1.51
N LEU A 96 3.41 9.39 -1.20
CA LEU A 96 2.33 8.75 -0.45
C LEU A 96 2.57 8.91 1.05
N LEU A 97 3.81 8.75 1.48
CA LEU A 97 4.16 8.87 2.89
C LEU A 97 4.08 10.32 3.35
N ALA A 98 4.95 11.16 2.80
CA ALA A 98 4.97 12.58 3.15
C ALA A 98 5.31 12.77 4.63
N ARG A 99 6.58 12.58 4.97
CA ARG A 99 7.03 12.75 6.35
C ARG A 99 8.53 13.00 6.41
N GLN A 100 8.95 13.82 7.35
CA GLN A 100 10.36 14.15 7.51
C GLN A 100 10.92 13.58 8.82
N GLY A 101 10.02 13.35 9.78
CA GLY A 101 10.43 12.80 11.06
C GLY A 101 9.91 13.61 12.22
N ASP A 102 8.91 13.06 12.92
CA ASP A 102 8.31 13.74 14.06
C ASP A 102 8.23 12.80 15.27
N LEU A 103 9.04 13.07 16.27
CA LEU A 103 9.07 12.25 17.49
C LEU A 103 9.24 10.78 17.14
N ALA A 104 9.89 10.50 16.01
CA ALA A 104 10.12 9.13 15.57
C ALA A 104 10.73 8.30 16.68
N GLY A 105 10.39 7.01 16.70
CA GLY A 105 10.94 6.12 17.72
C GLY A 105 11.87 5.08 17.14
N ALA A 106 11.98 3.94 17.82
CA ALA A 106 12.86 2.87 17.37
C ALA A 106 12.11 1.91 16.45
N ASP A 107 10.80 2.10 16.34
CA ASP A 107 9.97 1.26 15.49
C ASP A 107 10.04 -0.20 15.93
N ALA A 108 10.40 -0.41 17.19
CA ALA A 108 10.50 -1.75 17.74
C ALA A 108 9.14 -2.27 18.20
N LEU A 109 9.11 -3.49 18.71
CA LEU A 109 7.87 -4.11 19.17
C LEU A 109 8.15 -5.09 20.30
N THR A 110 7.07 -5.67 20.84
CA THR A 110 7.19 -6.63 21.94
C THR A 110 6.04 -7.64 21.90
N GLU A 111 6.39 -8.90 21.68
CA GLU A 111 5.39 -9.97 21.63
C GLU A 111 4.45 -9.76 20.45
N ASN A 112 3.44 -10.61 20.36
CA ASN A 112 2.46 -10.53 19.27
C ASN A 112 1.04 -10.69 19.82
N THR A 113 0.06 -10.40 18.96
CA THR A 113 -1.34 -10.52 19.36
C THR A 113 -1.97 -11.77 18.76
N ASP A 114 -3.00 -12.28 19.44
CA ASP A 114 -3.70 -13.47 18.97
C ASP A 114 -5.11 -13.55 19.56
N ALA A 115 -5.90 -14.51 19.08
CA ALA A 115 -7.26 -14.68 19.56
C ALA A 115 -7.47 -16.08 20.12
N LYS A 116 -8.67 -16.34 20.64
CA LYS A 116 -9.00 -17.65 21.20
C LYS A 116 -9.69 -18.52 20.17
N LYS A 117 -9.46 -19.84 20.26
CA LYS A 117 -10.07 -20.78 19.34
C LYS A 117 -11.59 -20.74 19.44
N THR A 118 -12.26 -21.19 18.37
CA THR A 118 -13.71 -21.20 18.33
C THR A 118 -14.25 -22.62 18.23
N GLN A 119 -14.89 -23.09 19.30
CA GLN A 119 -15.45 -24.44 19.33
C GLN A 119 -16.97 -24.40 19.34
N LYS A 120 -17.58 -24.70 18.21
CA LYS A 120 -19.04 -24.70 18.09
C LYS A 120 -19.54 -26.08 17.68
N PRO A 121 -19.42 -27.05 18.60
CA PRO A 121 -19.86 -28.42 18.37
C PRO A 121 -21.38 -28.54 18.31
N LEU A 122 -21.88 -29.76 18.12
CA LEU A 122 -23.31 -30.00 18.05
C LEU A 122 -23.70 -31.24 18.87
N ILE A 123 -24.42 -31.02 19.96
CA ILE A 123 -24.84 -32.12 20.82
C ILE A 123 -26.32 -32.44 20.62
N GLN A 124 -26.60 -33.54 19.94
CA GLN A 124 -27.97 -33.95 19.68
C GLN A 124 -28.73 -34.19 20.98
N GLU A 125 -30.05 -34.13 20.90
CA GLU A 125 -30.89 -34.35 22.08
C GLU A 125 -31.88 -35.48 21.84
N VAL A 126 -32.26 -36.18 22.92
CA VAL A 126 -33.19 -37.28 22.82
C VAL A 126 -34.40 -37.06 23.74
N GLU A 127 -35.58 -37.40 23.25
CA GLU A 127 -36.80 -37.24 24.03
C GLU A 127 -36.71 -38.01 25.35
N THR A 128 -37.69 -37.78 26.23
CA THR A 128 -37.71 -38.44 27.53
C THR A 128 -39.15 -38.67 27.99
N ASP A 129 -39.45 -39.91 28.38
CA ASP A 129 -40.78 -40.27 28.83
C ASP A 129 -40.94 -39.95 30.32
N GLY A 130 -42.18 -39.79 30.75
CA GLY A 130 -42.46 -39.50 32.15
C GLY A 130 -43.93 -39.54 32.48
N VAL A 131 -44.30 -40.39 33.42
CA VAL A 131 -45.70 -40.52 33.83
C VAL A 131 -45.96 -39.83 35.17
N SER A 132 -46.65 -38.70 35.12
CA SER A 132 -46.96 -37.94 36.33
C SER A 132 -48.15 -37.02 36.11
N ASN A 133 -48.86 -36.70 37.19
CA ASN A 133 -50.02 -35.84 37.11
C ASN A 133 -49.66 -34.40 37.47
N ASN A 134 -50.63 -33.49 37.34
CA ASN A 134 -50.40 -32.09 37.64
C ASN A 134 -51.33 -31.62 38.76
N GLY A 1 4.19 4.17 7.84
CA GLY A 1 5.57 4.11 7.37
C GLY A 1 6.40 3.10 8.14
N ILE A 2 5.79 1.98 8.49
CA ILE A 2 6.48 0.94 9.24
C ILE A 2 6.95 -0.18 8.32
N THR A 3 6.16 -0.45 7.27
CA THR A 3 6.49 -1.49 6.31
C THR A 3 7.92 -1.34 5.82
N PRO A 4 8.58 -2.48 5.55
CA PRO A 4 9.95 -2.50 5.05
C PRO A 4 10.07 -1.98 3.63
N ARG A 5 9.22 -2.50 2.74
CA ARG A 5 9.24 -2.09 1.34
C ARG A 5 7.89 -2.36 0.69
N PHE A 6 7.56 -1.57 -0.33
CA PHE A 6 6.29 -1.73 -1.04
C PHE A 6 6.32 -0.99 -2.38
N SER A 7 5.68 -1.58 -3.39
CA SER A 7 5.64 -0.98 -4.72
C SER A 7 4.20 -0.80 -5.19
N ILE A 8 3.93 0.33 -5.83
CA ILE A 8 2.59 0.62 -6.33
C ILE A 8 2.57 0.59 -7.86
N THR A 9 1.47 0.07 -8.41
CA THR A 9 1.32 -0.02 -9.86
C THR A 9 -0.03 0.54 -10.30
N GLN A 10 -0.04 1.16 -11.48
CA GLN A 10 -1.26 1.76 -12.01
C GLN A 10 -1.71 1.04 -13.27
N ASP A 11 -3.02 0.92 -13.45
CA ASP A 11 -3.58 0.25 -14.62
C ASP A 11 -4.63 1.11 -15.30
N GLU A 12 -5.17 0.63 -16.41
CA GLU A 12 -6.19 1.36 -17.16
C GLU A 12 -7.59 0.95 -16.71
N GLU A 13 -7.67 0.36 -15.52
CA GLU A 13 -8.95 -0.08 -14.98
C GLU A 13 -8.99 0.09 -13.47
N PHE A 14 -7.88 -0.26 -12.81
CA PHE A 14 -7.79 -0.14 -11.36
C PHE A 14 -6.34 0.02 -10.92
N ILE A 15 -6.13 0.09 -9.61
CA ILE A 15 -4.79 0.24 -9.05
C ILE A 15 -4.31 -1.06 -8.43
N PHE A 16 -3.02 -1.36 -8.59
CA PHE A 16 -2.43 -2.57 -8.03
C PHE A 16 -1.30 -2.23 -7.07
N LEU A 17 -1.60 -2.28 -5.77
CA LEU A 17 -0.61 -1.99 -4.75
C LEU A 17 0.03 -3.27 -4.22
N LYS A 18 1.35 -3.36 -4.32
CA LYS A 18 2.07 -4.53 -3.83
C LYS A 18 2.89 -4.20 -2.59
N ILE A 19 2.95 -5.14 -1.65
CA ILE A 19 3.69 -4.94 -0.42
C ILE A 19 4.69 -6.08 -0.18
N PHE A 20 5.94 -5.72 0.06
CA PHE A 20 6.99 -6.71 0.30
C PHE A 20 7.13 -6.99 1.78
N ILE A 21 6.84 -8.23 2.18
CA ILE A 21 6.94 -8.65 3.56
C ILE A 21 7.62 -10.00 3.69
N SER A 22 7.76 -10.47 4.93
CA SER A 22 8.39 -11.76 5.19
C SER A 22 7.36 -12.81 5.57
N ASN A 23 7.84 -13.96 6.02
CA ASN A 23 6.96 -15.06 6.42
C ASN A 23 6.68 -15.02 7.92
N ILE A 24 6.87 -13.85 8.52
CA ILE A 24 6.65 -13.69 9.95
C ILE A 24 5.21 -14.05 10.32
N ARG A 25 4.87 -13.86 11.60
CA ARG A 25 3.53 -14.17 12.07
C ARG A 25 2.47 -13.48 11.22
N PHE A 26 1.85 -14.25 10.33
CA PHE A 26 0.83 -13.71 9.44
C PHE A 26 -0.54 -14.31 9.77
N SER A 27 -1.36 -13.55 10.47
CA SER A 27 -2.70 -14.01 10.86
C SER A 27 -3.76 -13.39 9.97
N ALA A 28 -4.97 -13.93 10.04
CA ALA A 28 -6.08 -13.43 9.24
C ALA A 28 -7.12 -12.74 10.11
N VAL A 29 -6.70 -12.28 11.28
CA VAL A 29 -7.59 -11.60 12.20
C VAL A 29 -7.55 -10.09 12.00
N GLY A 30 -6.39 -9.59 11.58
CA GLY A 30 -6.23 -8.17 11.36
C GLY A 30 -6.37 -7.79 9.89
N LEU A 31 -6.20 -8.76 9.01
CA LEU A 31 -6.32 -8.53 7.57
C LEU A 31 -7.62 -7.81 7.25
N GLU A 32 -7.50 -6.55 6.82
CA GLU A 32 -8.66 -5.75 6.47
C GLU A 32 -8.24 -4.38 5.95
N ILE A 33 -7.90 -4.32 4.67
CA ILE A 33 -7.47 -3.07 4.05
C ILE A 33 -8.67 -2.28 3.54
N ILE A 34 -8.70 -0.98 3.86
CA ILE A 34 -9.79 -0.12 3.42
C ILE A 34 -9.26 1.09 2.67
N ILE A 35 -10.10 1.67 1.82
CA ILE A 35 -9.72 2.84 1.04
C ILE A 35 -10.54 4.06 1.44
N GLN A 36 -9.85 5.17 1.73
CA GLN A 36 -10.52 6.40 2.13
C GLN A 36 -11.17 7.07 0.93
N GLU A 37 -11.69 8.28 1.14
CA GLU A 37 -12.34 9.03 0.07
C GLU A 37 -11.45 9.10 -1.17
N ASN A 38 -10.15 9.19 -0.95
CA ASN A 38 -9.19 9.27 -2.05
C ASN A 38 -7.96 8.42 -1.76
N MET A 39 -7.37 8.64 -0.58
CA MET A 39 -6.18 7.90 -0.18
C MET A 39 -6.54 6.46 0.24
N ILE A 40 -5.53 5.63 0.43
CA ILE A 40 -5.74 4.25 0.83
C ILE A 40 -5.08 3.96 2.16
N ILE A 41 -5.79 3.20 3.01
CA ILE A 41 -5.26 2.85 4.33
C ILE A 41 -4.90 1.37 4.39
N PHE A 42 -3.62 1.09 4.66
CA PHE A 42 -3.15 -0.28 4.75
C PHE A 42 -3.08 -0.74 6.20
N HIS A 43 -4.03 -1.57 6.61
CA HIS A 43 -4.08 -2.08 7.97
C HIS A 43 -3.52 -3.50 8.04
N LEU A 44 -3.48 -4.16 6.89
CA LEU A 44 -2.97 -5.53 6.82
C LEU A 44 -1.60 -5.64 7.48
N SER A 45 -1.23 -6.86 7.87
CA SER A 45 0.05 -7.10 8.52
C SER A 45 0.16 -6.31 9.82
N PRO A 46 1.15 -6.66 10.64
CA PRO A 46 1.40 -6.01 11.93
C PRO A 46 1.90 -4.58 11.77
N TYR A 47 2.17 -4.19 10.53
CA TYR A 47 2.66 -2.85 10.25
C TYR A 47 1.61 -2.03 9.50
N TYR A 48 1.34 -0.82 10.01
CA TYR A 48 0.36 0.06 9.40
C TYR A 48 1.02 1.01 8.41
N LEU A 49 0.46 1.08 7.21
CA LEU A 49 0.98 1.95 6.16
C LEU A 49 -0.11 2.83 5.57
N ARG A 50 0.24 4.06 5.23
CA ARG A 50 -0.71 5.00 4.65
C ARG A 50 -0.23 5.50 3.31
N LEU A 51 -1.09 5.43 2.30
CA LEU A 51 -0.76 5.88 0.95
C LEU A 51 -1.66 7.03 0.53
N ARG A 52 -1.04 8.11 0.06
CA ARG A 52 -1.78 9.28 -0.38
C ARG A 52 -1.48 9.59 -1.84
N PHE A 53 -2.45 9.31 -2.72
CA PHE A 53 -2.28 9.56 -4.15
C PHE A 53 -2.90 10.90 -4.54
N PRO A 54 -2.42 11.47 -5.66
CA PRO A 54 -2.92 12.75 -6.16
C PRO A 54 -4.34 12.64 -6.71
N HIS A 55 -4.86 11.42 -6.78
CA HIS A 55 -6.21 11.18 -7.28
C HIS A 55 -7.12 10.67 -6.17
N GLU A 56 -8.32 10.25 -6.55
CA GLU A 56 -9.29 9.75 -5.58
C GLU A 56 -9.81 8.38 -6.00
N LEU A 57 -9.63 7.39 -5.14
CA LEU A 57 -10.09 6.03 -5.42
C LEU A 57 -11.38 5.73 -4.68
N ILE A 58 -11.86 4.49 -4.80
CA ILE A 58 -13.09 4.08 -4.15
C ILE A 58 -13.02 2.60 -3.74
N ASP A 59 -13.63 2.28 -2.60
CA ASP A 59 -13.64 0.91 -2.10
C ASP A 59 -15.00 0.27 -2.33
N ASP A 60 -15.06 -0.66 -3.27
CA ASP A 60 -16.31 -1.35 -3.59
C ASP A 60 -16.19 -2.84 -3.30
N GLU A 61 -17.16 -3.62 -3.79
CA GLU A 61 -17.15 -5.06 -3.57
C GLU A 61 -15.94 -5.70 -4.23
N ARG A 62 -15.54 -5.18 -5.38
CA ARG A 62 -14.39 -5.70 -6.11
C ARG A 62 -13.11 -5.58 -5.28
N SER A 63 -13.05 -4.54 -4.44
CA SER A 63 -11.89 -4.32 -3.60
C SER A 63 -11.54 -5.57 -2.81
N THR A 64 -10.25 -5.92 -2.81
CA THR A 64 -9.78 -7.11 -2.10
C THR A 64 -8.26 -7.24 -2.22
N ALA A 65 -7.69 -8.11 -1.39
CA ALA A 65 -6.25 -8.34 -1.41
C ALA A 65 -5.94 -9.84 -1.36
N GLN A 66 -4.90 -10.24 -2.10
CA GLN A 66 -4.49 -11.64 -2.14
C GLN A 66 -3.05 -11.81 -1.68
N TYR A 67 -2.82 -12.78 -0.81
CA TYR A 67 -1.49 -13.05 -0.29
C TYR A 67 -0.72 -13.98 -1.21
N ASP A 68 0.48 -13.55 -1.61
CA ASP A 68 1.32 -14.33 -2.49
C ASP A 68 2.47 -14.97 -1.72
N SER A 69 2.55 -16.30 -1.77
CA SER A 69 3.59 -17.04 -1.07
C SER A 69 4.86 -17.15 -1.93
N LYS A 70 4.66 -17.30 -3.23
CA LYS A 70 5.78 -17.42 -4.17
C LYS A 70 6.76 -16.27 -3.97
N ASP A 71 6.25 -15.12 -3.55
CA ASP A 71 7.08 -13.95 -3.33
C ASP A 71 6.92 -13.42 -1.91
N GLU A 72 6.02 -14.05 -1.15
CA GLU A 72 5.75 -13.64 0.22
C GLU A 72 5.33 -12.18 0.29
N CYS A 73 4.71 -11.70 -0.80
CA CYS A 73 4.25 -10.32 -0.87
C CYS A 73 2.73 -10.26 -0.89
N ILE A 74 2.17 -9.13 -0.47
CA ILE A 74 0.73 -8.94 -0.43
C ILE A 74 0.27 -8.07 -1.60
N ASN A 75 -0.80 -8.50 -2.26
CA ASN A 75 -1.35 -7.76 -3.39
C ASN A 75 -2.68 -7.13 -3.02
N VAL A 76 -2.77 -5.80 -3.16
CA VAL A 76 -3.99 -5.07 -2.84
C VAL A 76 -4.55 -4.39 -4.08
N LYS A 77 -5.80 -4.67 -4.38
CA LYS A 77 -6.47 -4.08 -5.54
C LYS A 77 -7.55 -3.10 -5.11
N VAL A 78 -7.67 -1.98 -5.82
CA VAL A 78 -8.67 -0.97 -5.51
C VAL A 78 -9.24 -0.36 -6.78
N ALA A 79 -10.57 -0.26 -6.84
CA ALA A 79 -11.24 0.31 -8.00
C ALA A 79 -11.03 1.81 -8.07
N LYS A 80 -10.89 2.33 -9.30
CA LYS A 80 -10.68 3.76 -9.50
C LYS A 80 -11.99 4.45 -9.86
N LEU A 81 -12.15 5.68 -9.38
CA LEU A 81 -13.36 6.45 -9.66
C LEU A 81 -13.60 6.57 -11.17
N ASN A 82 -12.51 6.67 -11.93
CA ASN A 82 -12.61 6.78 -13.38
C ASN A 82 -11.68 5.79 -14.06
N LYS A 83 -12.18 5.14 -15.11
CA LYS A 83 -11.41 4.15 -15.85
C LYS A 83 -10.34 4.84 -16.69
N ASN A 84 -9.34 4.07 -17.11
CA ASN A 84 -8.25 4.60 -17.93
C ASN A 84 -7.49 5.69 -17.18
N GLU A 85 -7.60 5.68 -15.86
CA GLU A 85 -6.93 6.67 -15.02
C GLU A 85 -5.60 6.12 -14.50
N TYR A 86 -4.57 6.96 -14.56
CA TYR A 86 -3.23 6.56 -14.11
C TYR A 86 -2.74 7.50 -13.01
N PHE A 87 -1.50 7.30 -12.60
CA PHE A 87 -0.89 8.12 -11.56
C PHE A 87 0.51 8.57 -11.95
N GLU A 88 1.01 9.61 -11.29
CA GLU A 88 2.34 10.13 -11.57
C GLU A 88 3.15 10.27 -10.29
N ASP A 89 2.62 9.74 -9.20
CA ASP A 89 3.29 9.81 -7.91
C ASP A 89 3.79 8.43 -7.49
N LEU A 90 3.09 7.39 -7.91
CA LEU A 90 3.46 6.02 -7.58
C LEU A 90 4.92 5.75 -7.93
N ASP A 91 5.43 6.49 -8.91
CA ASP A 91 6.81 6.33 -9.33
C ASP A 91 7.78 6.55 -8.17
N LEU A 92 7.32 7.30 -7.17
CA LEU A 92 8.13 7.58 -6.00
C LEU A 92 7.49 7.02 -4.73
N PRO A 93 8.20 6.11 -4.06
CA PRO A 93 7.73 5.47 -2.82
C PRO A 93 7.68 6.45 -1.65
N THR A 94 8.23 7.65 -1.87
CA THR A 94 8.23 8.67 -0.83
C THR A 94 7.04 9.61 -0.96
N LYS A 95 6.55 9.77 -2.18
CA LYS A 95 5.41 10.64 -2.44
C LYS A 95 4.20 10.22 -1.60
N LEU A 96 4.20 8.95 -1.20
CA LEU A 96 3.10 8.42 -0.39
C LEU A 96 3.38 8.58 1.10
N LEU A 97 4.61 8.30 1.49
CA LEU A 97 5.01 8.42 2.89
C LEU A 97 4.93 9.87 3.36
N ALA A 98 5.15 10.79 2.43
CA ALA A 98 5.09 12.22 2.75
C ALA A 98 3.64 12.72 2.76
N ARG A 99 3.17 13.12 3.93
CA ARG A 99 1.81 13.62 4.07
C ARG A 99 1.80 14.97 4.78
N GLN A 100 0.61 15.55 4.94
CA GLN A 100 0.47 16.84 5.59
C GLN A 100 -0.97 17.06 6.05
N GLY A 101 -1.15 17.95 7.02
CA GLY A 101 -2.47 18.23 7.55
C GLY A 101 -2.84 17.34 8.71
N ASP A 102 -2.82 16.03 8.47
CA ASP A 102 -3.15 15.06 9.52
C ASP A 102 -1.95 14.79 10.41
N LEU A 103 -2.00 15.32 11.63
CA LEU A 103 -0.91 15.13 12.58
C LEU A 103 -1.33 14.23 13.73
N ALA A 104 -2.64 14.20 14.00
CA ALA A 104 -3.18 13.36 15.07
C ALA A 104 -3.53 11.97 14.55
N GLY A 105 -3.50 10.99 15.45
CA GLY A 105 -3.82 9.62 15.08
C GLY A 105 -5.28 9.45 14.71
N ALA A 106 -5.59 9.61 13.44
CA ALA A 106 -6.96 9.46 12.96
C ALA A 106 -7.33 7.99 12.78
N ASP A 107 -8.23 7.50 13.63
CA ASP A 107 -8.66 6.11 13.56
C ASP A 107 -7.49 5.16 13.83
N ALA A 108 -6.44 5.69 14.44
CA ALA A 108 -5.26 4.89 14.76
C ALA A 108 -5.51 4.03 15.99
N LEU A 109 -5.13 2.76 15.90
CA LEU A 109 -5.29 1.83 17.02
C LEU A 109 -4.26 0.71 16.96
N THR A 110 -3.89 0.18 18.11
CA THR A 110 -2.92 -0.90 18.19
C THR A 110 -3.18 -1.80 19.39
N GLU A 111 -3.60 -3.03 19.12
CA GLU A 111 -3.88 -3.99 20.18
C GLU A 111 -3.10 -5.28 19.98
N ASN A 112 -2.79 -5.97 21.08
CA ASN A 112 -2.04 -7.21 21.02
C ASN A 112 -2.36 -8.09 22.23
N THR A 113 -2.47 -9.40 21.99
CA THR A 113 -2.78 -10.35 23.05
C THR A 113 -1.57 -11.23 23.35
N ASP A 114 -1.59 -11.85 24.53
CA ASP A 114 -0.50 -12.73 24.94
C ASP A 114 -1.02 -14.13 25.26
N ALA A 115 -0.09 -15.03 25.58
CA ALA A 115 -0.46 -16.41 25.90
C ALA A 115 -0.38 -16.66 27.40
N LYS A 116 -0.76 -17.87 27.82
CA LYS A 116 -0.73 -18.23 29.22
C LYS A 116 0.70 -18.43 29.71
N LYS A 117 1.19 -17.48 30.51
CA LYS A 117 2.54 -17.56 31.05
C LYS A 117 2.61 -16.93 32.43
N THR A 118 3.58 -17.36 33.23
CA THR A 118 3.76 -16.84 34.58
C THR A 118 3.94 -15.33 34.57
N GLN A 119 3.68 -14.69 35.70
CA GLN A 119 3.81 -13.24 35.81
C GLN A 119 4.41 -12.86 37.17
N LYS A 120 5.67 -12.44 37.15
CA LYS A 120 6.37 -12.05 38.36
C LYS A 120 7.49 -11.07 38.05
N PRO A 121 7.13 -9.85 37.64
CA PRO A 121 8.09 -8.80 37.32
C PRO A 121 8.82 -8.27 38.54
N LEU A 122 9.91 -7.52 38.32
CA LEU A 122 10.69 -6.96 39.40
C LEU A 122 11.39 -5.68 38.97
N ILE A 123 10.88 -4.54 39.42
CA ILE A 123 11.47 -3.25 39.08
C ILE A 123 11.50 -2.32 40.29
N GLN A 124 12.70 -1.94 40.71
CA GLN A 124 12.87 -1.05 41.86
C GLN A 124 12.98 0.40 41.40
N GLU A 125 12.83 1.33 42.35
CA GLU A 125 12.91 2.75 42.05
C GLU A 125 13.81 3.46 43.06
N VAL A 126 14.69 4.32 42.55
CA VAL A 126 15.61 5.06 43.40
C VAL A 126 15.22 6.54 43.46
N GLU A 127 14.66 6.96 44.59
CA GLU A 127 14.24 8.34 44.76
C GLU A 127 15.41 9.29 44.51
N THR A 128 15.10 10.48 43.99
CA THR A 128 16.11 11.47 43.70
C THR A 128 15.93 12.71 44.57
N ASP A 129 16.82 12.88 45.55
CA ASP A 129 16.76 14.03 46.45
C ASP A 129 16.84 15.33 45.67
N GLY A 130 16.25 16.39 46.24
CA GLY A 130 16.27 17.68 45.58
C GLY A 130 16.16 18.83 46.57
N VAL A 131 17.03 19.81 46.43
CA VAL A 131 17.03 20.98 47.31
C VAL A 131 17.00 22.28 46.52
N SER A 132 15.93 23.04 46.69
CA SER A 132 15.78 24.31 45.98
C SER A 132 15.64 25.47 46.96
N ASN A 133 16.10 26.65 46.55
CA ASN A 133 16.03 27.84 47.40
C ASN A 133 15.09 28.87 46.80
N ASN A 134 14.06 29.23 47.56
CA ASN A 134 13.09 30.21 47.11
C ASN A 134 12.47 29.80 45.77
N GLY A 1 3.56 4.49 7.44
CA GLY A 1 4.94 4.63 7.01
C GLY A 1 5.87 3.69 7.75
N ILE A 2 5.31 2.64 8.35
CA ILE A 2 6.10 1.67 9.08
C ILE A 2 6.65 0.58 8.16
N THR A 3 5.89 0.25 7.12
CA THR A 3 6.29 -0.75 6.16
C THR A 3 7.70 -0.50 5.66
N PRO A 4 8.44 -1.59 5.37
CA PRO A 4 9.82 -1.51 4.88
C PRO A 4 9.89 -0.97 3.45
N ARG A 5 9.10 -1.55 2.56
CA ARG A 5 9.07 -1.12 1.16
C ARG A 5 7.79 -1.59 0.48
N PHE A 6 7.47 -0.96 -0.66
CA PHE A 6 6.28 -1.30 -1.40
C PHE A 6 6.26 -0.59 -2.75
N SER A 7 5.68 -1.24 -3.76
CA SER A 7 5.59 -0.67 -5.09
C SER A 7 4.15 -0.62 -5.57
N ILE A 8 3.78 0.48 -6.22
CA ILE A 8 2.44 0.66 -6.74
C ILE A 8 2.41 0.63 -8.26
N THR A 9 1.36 0.03 -8.82
CA THR A 9 1.22 -0.07 -10.27
C THR A 9 -0.14 0.44 -10.71
N GLN A 10 -0.18 1.04 -11.90
CA GLN A 10 -1.42 1.57 -12.46
C GLN A 10 -1.88 0.75 -13.67
N ASP A 11 -3.18 0.59 -13.80
CA ASP A 11 -3.75 -0.16 -14.91
C ASP A 11 -4.89 0.60 -15.56
N GLU A 12 -5.33 0.13 -16.72
CA GLU A 12 -6.42 0.77 -17.46
C GLU A 12 -7.78 0.26 -16.99
N GLU A 13 -7.76 -0.54 -15.92
CA GLU A 13 -8.98 -1.11 -15.38
C GLU A 13 -9.09 -0.84 -13.88
N PHE A 14 -7.94 -0.83 -13.20
CA PHE A 14 -7.91 -0.58 -11.77
C PHE A 14 -6.47 -0.35 -11.30
N ILE A 15 -6.30 -0.23 -9.98
CA ILE A 15 -4.98 0.00 -9.40
C ILE A 15 -4.47 -1.26 -8.71
N PHE A 16 -3.16 -1.51 -8.83
CA PHE A 16 -2.55 -2.68 -8.22
C PHE A 16 -1.40 -2.27 -7.30
N LEU A 17 -1.67 -2.24 -6.01
CA LEU A 17 -0.66 -1.86 -5.02
C LEU A 17 0.03 -3.09 -4.45
N LYS A 18 1.36 -3.13 -4.56
CA LYS A 18 2.14 -4.26 -4.07
C LYS A 18 2.96 -3.85 -2.85
N ILE A 19 2.98 -4.70 -1.83
CA ILE A 19 3.73 -4.43 -0.62
C ILE A 19 4.73 -5.54 -0.33
N PHE A 20 5.88 -5.16 0.22
CA PHE A 20 6.92 -6.13 0.55
C PHE A 20 6.97 -6.38 2.05
N ILE A 21 7.00 -7.66 2.43
CA ILE A 21 7.05 -8.04 3.84
C ILE A 21 7.98 -9.23 4.06
N SER A 22 8.21 -9.57 5.32
CA SER A 22 9.08 -10.68 5.67
C SER A 22 8.31 -11.76 6.42
N ASN A 23 6.99 -11.77 6.25
CA ASN A 23 6.14 -12.75 6.91
C ASN A 23 6.41 -12.78 8.40
N ILE A 24 6.38 -11.61 9.03
CA ILE A 24 6.63 -11.49 10.46
C ILE A 24 5.33 -11.19 11.21
N ARG A 25 4.90 -12.12 12.04
CA ARG A 25 3.68 -11.96 12.83
C ARG A 25 2.47 -11.75 11.90
N PHE A 26 2.51 -12.40 10.74
CA PHE A 26 1.43 -12.29 9.78
C PHE A 26 0.21 -13.09 10.24
N SER A 27 -0.79 -12.39 10.76
CA SER A 27 -2.00 -13.03 11.24
C SER A 27 -3.13 -12.93 10.20
N ALA A 28 -4.24 -13.59 10.48
CA ALA A 28 -5.38 -13.58 9.58
C ALA A 28 -6.61 -13.00 10.26
N VAL A 29 -6.39 -12.19 11.29
CA VAL A 29 -7.49 -11.56 12.02
C VAL A 29 -7.39 -10.04 11.96
N GLY A 30 -6.27 -9.55 11.48
CA GLY A 30 -6.07 -8.11 11.37
C GLY A 30 -5.99 -7.63 9.94
N LEU A 31 -5.98 -8.57 9.00
CA LEU A 31 -5.90 -8.24 7.58
C LEU A 31 -7.23 -7.69 7.08
N GLU A 32 -7.21 -6.44 6.64
CA GLU A 32 -8.42 -5.80 6.13
C GLU A 32 -8.11 -4.40 5.60
N ILE A 33 -7.63 -4.34 4.36
CA ILE A 33 -7.30 -3.06 3.75
C ILE A 33 -8.55 -2.35 3.22
N ILE A 34 -8.68 -1.08 3.55
CA ILE A 34 -9.83 -0.29 3.11
C ILE A 34 -9.38 0.98 2.40
N ILE A 35 -10.23 1.47 1.50
CA ILE A 35 -9.93 2.69 0.76
C ILE A 35 -10.82 3.85 1.18
N GLN A 36 -10.20 4.98 1.50
CA GLN A 36 -10.95 6.15 1.93
C GLN A 36 -11.68 6.80 0.75
N GLU A 37 -12.22 7.99 0.98
CA GLU A 37 -12.93 8.72 -0.07
C GLU A 37 -12.09 8.83 -1.33
N ASN A 38 -10.77 8.93 -1.15
CA ASN A 38 -9.86 9.05 -2.28
C ASN A 38 -8.56 8.29 -2.01
N MET A 39 -7.97 8.55 -0.85
CA MET A 39 -6.72 7.89 -0.46
C MET A 39 -6.99 6.44 -0.04
N ILE A 40 -5.91 5.70 0.20
CA ILE A 40 -6.02 4.30 0.60
C ILE A 40 -5.40 4.07 1.97
N ILE A 41 -6.08 3.32 2.81
CA ILE A 41 -5.60 3.02 4.16
C ILE A 41 -5.15 1.56 4.27
N PHE A 42 -3.88 1.37 4.61
CA PHE A 42 -3.32 0.03 4.75
C PHE A 42 -3.29 -0.39 6.21
N HIS A 43 -4.20 -1.30 6.57
CA HIS A 43 -4.28 -1.79 7.95
C HIS A 43 -3.71 -3.20 8.05
N LEU A 44 -3.59 -3.88 6.91
CA LEU A 44 -3.05 -5.22 6.88
C LEU A 44 -1.68 -5.29 7.55
N SER A 45 -1.30 -6.48 8.00
CA SER A 45 -0.01 -6.67 8.66
C SER A 45 0.06 -5.86 9.95
N PRO A 46 1.06 -6.17 10.78
CA PRO A 46 1.27 -5.48 12.07
C PRO A 46 1.73 -4.04 11.88
N TYR A 47 1.98 -3.66 10.63
CA TYR A 47 2.44 -2.31 10.33
C TYR A 47 1.37 -1.54 9.55
N TYR A 48 1.04 -0.35 10.03
CA TYR A 48 0.04 0.49 9.39
C TYR A 48 0.68 1.48 8.43
N LEU A 49 0.15 1.56 7.22
CA LEU A 49 0.66 2.46 6.21
C LEU A 49 -0.45 3.31 5.61
N ARG A 50 -0.13 4.54 5.24
CA ARG A 50 -1.10 5.45 4.64
C ARG A 50 -0.65 5.91 3.26
N LEU A 51 -1.53 5.70 2.27
CA LEU A 51 -1.21 6.09 0.90
C LEU A 51 -2.13 7.21 0.43
N ARG A 52 -1.54 8.30 -0.03
CA ARG A 52 -2.30 9.44 -0.51
C ARG A 52 -2.02 9.71 -1.99
N PHE A 53 -2.99 9.37 -2.84
CA PHE A 53 -2.85 9.57 -4.28
C PHE A 53 -3.48 10.89 -4.71
N PRO A 54 -3.02 11.42 -5.84
CA PRO A 54 -3.52 12.69 -6.39
C PRO A 54 -4.94 12.55 -6.93
N HIS A 55 -5.40 11.32 -7.07
CA HIS A 55 -6.75 11.06 -7.57
C HIS A 55 -7.65 10.53 -6.46
N GLU A 56 -8.85 10.10 -6.83
CA GLU A 56 -9.81 9.56 -5.87
C GLU A 56 -10.27 8.16 -6.29
N LEU A 57 -10.05 7.20 -5.40
CA LEU A 57 -10.44 5.82 -5.67
C LEU A 57 -11.75 5.48 -4.96
N ILE A 58 -12.19 4.23 -5.12
CA ILE A 58 -13.42 3.78 -4.48
C ILE A 58 -13.29 2.35 -3.98
N ASP A 59 -13.93 2.07 -2.85
CA ASP A 59 -13.88 0.74 -2.26
C ASP A 59 -15.22 0.01 -2.44
N ASP A 60 -15.25 -0.92 -3.39
CA ASP A 60 -16.46 -1.69 -3.67
C ASP A 60 -16.26 -3.16 -3.34
N GLU A 61 -17.19 -4.00 -3.78
CA GLU A 61 -17.12 -5.43 -3.53
C GLU A 61 -15.88 -6.03 -4.19
N ARG A 62 -15.39 -5.38 -5.23
CA ARG A 62 -14.21 -5.84 -5.95
C ARG A 62 -12.95 -5.63 -5.11
N SER A 63 -12.92 -4.55 -4.35
CA SER A 63 -11.78 -4.23 -3.51
C SER A 63 -11.39 -5.43 -2.65
N THR A 64 -10.10 -5.75 -2.64
CA THR A 64 -9.60 -6.88 -1.86
C THR A 64 -8.10 -7.03 -2.01
N ALA A 65 -7.49 -7.84 -1.15
CA ALA A 65 -6.05 -8.08 -1.20
C ALA A 65 -5.73 -9.56 -1.07
N GLN A 66 -4.71 -10.01 -1.80
CA GLN A 66 -4.31 -11.41 -1.76
C GLN A 66 -2.85 -11.55 -1.34
N TYR A 67 -2.60 -12.44 -0.40
CA TYR A 67 -1.24 -12.67 0.10
C TYR A 67 -0.51 -13.69 -0.76
N ASP A 68 0.68 -13.31 -1.23
CA ASP A 68 1.48 -14.19 -2.06
C ASP A 68 2.66 -14.75 -1.28
N SER A 69 2.74 -16.08 -1.21
CA SER A 69 3.82 -16.74 -0.49
C SER A 69 5.03 -16.94 -1.39
N LYS A 70 4.78 -17.17 -2.67
CA LYS A 70 5.85 -17.39 -3.64
C LYS A 70 6.87 -16.25 -3.57
N ASP A 71 6.39 -15.06 -3.24
CA ASP A 71 7.27 -13.89 -3.14
C ASP A 71 7.13 -13.23 -1.78
N GLU A 72 6.27 -13.79 -0.94
CA GLU A 72 6.04 -13.24 0.40
C GLU A 72 5.60 -11.78 0.33
N CYS A 73 4.95 -11.42 -0.77
CA CYS A 73 4.48 -10.06 -0.96
C CYS A 73 2.95 -10.00 -0.92
N ILE A 74 2.42 -8.82 -0.60
CA ILE A 74 0.98 -8.64 -0.52
C ILE A 74 0.46 -7.86 -1.73
N ASN A 75 -0.63 -8.35 -2.32
CA ASN A 75 -1.23 -7.71 -3.48
C ASN A 75 -2.55 -7.04 -3.11
N VAL A 76 -2.64 -5.73 -3.34
CA VAL A 76 -3.84 -4.97 -3.03
C VAL A 76 -4.45 -4.37 -4.30
N LYS A 77 -5.73 -4.63 -4.51
CA LYS A 77 -6.43 -4.12 -5.69
C LYS A 77 -7.46 -3.08 -5.29
N VAL A 78 -7.57 -2.02 -6.08
CA VAL A 78 -8.52 -0.94 -5.80
C VAL A 78 -9.18 -0.45 -7.10
N ALA A 79 -10.50 -0.31 -7.06
CA ALA A 79 -11.24 0.15 -8.22
C ALA A 79 -11.16 1.68 -8.36
N LYS A 80 -10.89 2.14 -9.57
CA LYS A 80 -10.78 3.57 -9.84
C LYS A 80 -12.14 4.16 -10.21
N LEU A 81 -12.31 5.44 -9.89
CA LEU A 81 -13.57 6.13 -10.18
C LEU A 81 -13.77 6.28 -11.69
N ASN A 82 -12.67 6.32 -12.42
CA ASN A 82 -12.72 6.46 -13.87
C ASN A 82 -11.72 5.53 -14.55
N LYS A 83 -12.20 4.76 -15.53
CA LYS A 83 -11.35 3.83 -16.25
C LYS A 83 -10.31 4.57 -17.08
N ASN A 84 -9.27 3.85 -17.50
CA ASN A 84 -8.21 4.45 -18.31
C ASN A 84 -7.53 5.59 -17.56
N GLU A 85 -7.68 5.59 -16.24
CA GLU A 85 -7.08 6.63 -15.40
C GLU A 85 -5.69 6.22 -14.93
N TYR A 86 -4.71 7.08 -15.15
CA TYR A 86 -3.33 6.81 -14.75
C TYR A 86 -2.93 7.68 -13.57
N PHE A 87 -1.73 7.43 -13.04
CA PHE A 87 -1.22 8.19 -11.91
C PHE A 87 0.22 8.63 -12.15
N GLU A 88 0.72 9.52 -11.30
CA GLU A 88 2.08 10.02 -11.42
C GLU A 88 2.83 9.90 -10.10
N ASP A 89 2.13 10.16 -9.00
CA ASP A 89 2.72 10.07 -7.67
C ASP A 89 3.00 8.62 -7.29
N LEU A 90 2.32 7.70 -7.95
CA LEU A 90 2.49 6.28 -7.68
C LEU A 90 3.92 5.84 -7.99
N ASP A 91 4.64 6.68 -8.74
CA ASP A 91 6.02 6.37 -9.10
C ASP A 91 6.99 6.91 -8.07
N LEU A 92 6.46 7.30 -6.91
CA LEU A 92 7.28 7.85 -5.84
C LEU A 92 6.78 7.36 -4.47
N PRO A 93 7.49 6.37 -3.90
CA PRO A 93 7.15 5.80 -2.60
C PRO A 93 7.39 6.78 -1.46
N THR A 94 7.99 7.93 -1.77
CA THR A 94 8.28 8.94 -0.77
C THR A 94 7.20 10.03 -0.77
N LYS A 95 6.31 9.97 -1.74
CA LYS A 95 5.23 10.94 -1.85
C LYS A 95 4.02 10.52 -1.02
N LEU A 96 3.77 9.22 -0.97
CA LEU A 96 2.65 8.69 -0.20
C LEU A 96 2.93 8.75 1.30
N LEU A 97 4.20 8.54 1.66
CA LEU A 97 4.61 8.57 3.06
C LEU A 97 4.51 9.98 3.63
N ALA A 98 5.36 10.88 3.12
CA ALA A 98 5.37 12.26 3.57
C ALA A 98 5.46 12.35 5.09
N ARG A 99 6.13 11.36 5.69
CA ARG A 99 6.30 11.32 7.13
C ARG A 99 7.06 12.54 7.62
N GLN A 100 7.18 12.68 8.94
CA GLN A 100 7.89 13.80 9.54
C GLN A 100 9.19 13.33 10.19
N GLY A 101 9.75 12.25 9.67
CA GLY A 101 10.99 11.73 10.22
C GLY A 101 10.83 11.23 11.64
N ASP A 102 10.25 10.04 11.79
CA ASP A 102 10.05 9.45 13.11
C ASP A 102 11.21 8.54 13.48
N LEU A 103 12.10 9.03 14.34
CA LEU A 103 13.25 8.25 14.78
C LEU A 103 12.81 6.96 15.47
N ALA A 104 11.61 6.98 16.03
CA ALA A 104 11.07 5.82 16.72
C ALA A 104 10.62 4.75 15.73
N GLY A 105 10.71 3.49 16.15
CA GLY A 105 10.32 2.39 15.29
C GLY A 105 11.39 2.03 14.29
N ALA A 106 12.65 2.07 14.73
CA ALA A 106 13.77 1.74 13.87
C ALA A 106 13.98 0.23 13.79
N ASP A 107 13.58 -0.37 12.68
CA ASP A 107 13.72 -1.80 12.48
C ASP A 107 14.45 -2.10 11.17
N ALA A 108 15.46 -2.97 11.26
CA ALA A 108 16.24 -3.34 10.09
C ALA A 108 15.94 -4.76 9.65
N LEU A 109 15.69 -4.94 8.36
CA LEU A 109 15.38 -6.25 7.81
C LEU A 109 15.77 -6.34 6.34
N THR A 110 16.77 -7.17 6.03
CA THR A 110 17.24 -7.34 4.66
C THR A 110 17.84 -8.73 4.46
N GLU A 111 17.21 -9.52 3.61
CA GLU A 111 17.68 -10.87 3.32
C GLU A 111 18.97 -10.84 2.51
N ASN A 112 19.86 -11.78 2.78
CA ASN A 112 21.13 -11.86 2.08
C ASN A 112 20.91 -11.95 0.56
N THR A 113 21.15 -10.83 -0.12
CA THR A 113 20.97 -10.78 -1.57
C THR A 113 21.62 -9.53 -2.16
N ASP A 114 21.92 -9.58 -3.45
CA ASP A 114 22.54 -8.44 -4.14
C ASP A 114 21.63 -7.22 -4.09
N ALA A 115 21.99 -6.24 -3.27
CA ALA A 115 21.21 -5.03 -3.13
C ALA A 115 22.07 -3.87 -2.62
N LYS A 116 21.48 -2.68 -2.57
CA LYS A 116 22.19 -1.50 -2.10
C LYS A 116 21.53 -0.93 -0.84
N LYS A 117 22.35 -0.35 0.03
CA LYS A 117 21.85 0.24 1.27
C LYS A 117 22.72 1.41 1.71
N THR A 118 22.13 2.33 2.46
CA THR A 118 22.85 3.50 2.94
C THR A 118 24.12 3.09 3.68
N GLN A 119 24.95 4.08 4.03
CA GLN A 119 26.20 3.82 4.73
C GLN A 119 25.92 3.12 6.06
N LYS A 120 26.14 1.81 6.08
CA LYS A 120 25.92 1.01 7.28
C LYS A 120 26.60 -0.35 7.17
N PRO A 121 27.94 -0.36 7.22
CA PRO A 121 28.74 -1.58 7.12
C PRO A 121 28.59 -2.46 8.36
N LEU A 122 29.10 -3.68 8.27
CA LEU A 122 29.03 -4.62 9.38
C LEU A 122 30.31 -5.46 9.49
N ILE A 123 30.91 -5.46 10.67
CA ILE A 123 32.14 -6.21 10.90
C ILE A 123 31.94 -7.27 11.98
N GLN A 124 32.29 -8.51 11.65
CA GLN A 124 32.15 -9.61 12.59
C GLN A 124 33.06 -10.78 12.20
N GLU A 125 33.32 -11.66 13.17
CA GLU A 125 34.18 -12.82 12.92
C GLU A 125 33.34 -14.08 12.71
N VAL A 126 33.56 -14.75 11.58
CA VAL A 126 32.83 -15.97 11.26
C VAL A 126 33.78 -17.14 11.06
N GLU A 127 33.21 -18.35 11.02
CA GLU A 127 34.02 -19.55 10.83
C GLU A 127 33.65 -20.25 9.53
N THR A 128 34.59 -21.02 8.99
CA THR A 128 34.35 -21.75 7.75
C THR A 128 33.78 -23.14 8.01
N ASP A 129 33.47 -23.86 6.95
CA ASP A 129 32.92 -25.21 7.07
C ASP A 129 33.06 -25.97 5.76
N GLY A 130 32.78 -27.28 5.81
CA GLY A 130 32.88 -28.10 4.62
C GLY A 130 32.83 -29.58 4.93
N VAL A 131 32.31 -30.37 3.99
CA VAL A 131 32.20 -31.81 4.17
C VAL A 131 33.28 -32.54 3.39
N SER A 132 33.54 -33.78 3.78
CA SER A 132 34.56 -34.59 3.12
C SER A 132 33.98 -35.29 1.89
N ASN A 133 32.92 -36.07 2.11
CA ASN A 133 32.27 -36.80 1.03
C ASN A 133 30.88 -37.25 1.44
N ASN A 134 30.17 -37.89 0.51
CA ASN A 134 28.82 -38.37 0.76
C ASN A 134 28.84 -39.57 1.71
N GLY A 1 6.87 5.19 7.27
CA GLY A 1 6.43 3.86 6.91
C GLY A 1 7.20 2.78 7.64
N ILE A 2 6.47 1.84 8.25
CA ILE A 2 7.10 0.76 8.99
C ILE A 2 7.52 -0.37 8.05
N THR A 3 6.75 -0.57 6.99
CA THR A 3 7.05 -1.62 6.01
C THR A 3 8.45 -1.44 5.44
N PRO A 4 9.11 -2.58 5.16
CA PRO A 4 10.46 -2.57 4.60
C PRO A 4 10.50 -2.08 3.16
N ARG A 5 9.61 -2.63 2.33
CA ARG A 5 9.54 -2.25 0.93
C ARG A 5 8.12 -2.39 0.40
N PHE A 6 7.74 -1.52 -0.53
CA PHE A 6 6.41 -1.54 -1.11
C PHE A 6 6.36 -0.73 -2.40
N SER A 7 5.76 -1.32 -3.44
CA SER A 7 5.66 -0.66 -4.74
C SER A 7 4.21 -0.59 -5.19
N ILE A 8 3.85 0.50 -5.87
CA ILE A 8 2.50 0.69 -6.36
C ILE A 8 2.46 0.65 -7.88
N THR A 9 1.39 0.07 -8.42
CA THR A 9 1.23 -0.04 -9.87
C THR A 9 -0.13 0.50 -10.32
N GLN A 10 -0.16 1.11 -11.50
CA GLN A 10 -1.39 1.67 -12.03
C GLN A 10 -1.84 0.91 -13.28
N ASP A 11 -3.14 0.77 -13.46
CA ASP A 11 -3.70 0.07 -14.61
C ASP A 11 -4.84 0.86 -15.22
N GLU A 12 -5.32 0.40 -16.37
CA GLU A 12 -6.42 1.06 -17.06
C GLU A 12 -7.77 0.55 -16.56
N GLU A 13 -7.74 -0.27 -15.51
CA GLU A 13 -8.96 -0.82 -14.94
C GLU A 13 -9.01 -0.60 -13.44
N PHE A 14 -7.85 -0.68 -12.79
CA PHE A 14 -7.77 -0.48 -11.34
C PHE A 14 -6.31 -0.31 -10.91
N ILE A 15 -6.11 -0.13 -9.61
CA ILE A 15 -4.78 0.04 -9.05
C ILE A 15 -4.25 -1.26 -8.45
N PHE A 16 -2.96 -1.52 -8.64
CA PHE A 16 -2.33 -2.72 -8.11
C PHE A 16 -1.16 -2.37 -7.21
N LEU A 17 -1.41 -2.36 -5.90
CA LEU A 17 -0.37 -2.03 -4.93
C LEU A 17 0.23 -3.30 -4.33
N LYS A 18 1.54 -3.44 -4.46
CA LYS A 18 2.24 -4.61 -3.94
C LYS A 18 3.10 -4.23 -2.72
N ILE A 19 3.08 -5.09 -1.71
CA ILE A 19 3.86 -4.85 -0.50
C ILE A 19 4.87 -5.97 -0.26
N PHE A 20 6.15 -5.61 -0.24
CA PHE A 20 7.22 -6.58 -0.03
C PHE A 20 7.35 -6.91 1.45
N ILE A 21 6.77 -8.05 1.86
CA ILE A 21 6.83 -8.48 3.25
C ILE A 21 7.58 -9.81 3.37
N SER A 22 8.00 -10.12 4.59
CA SER A 22 8.73 -11.36 4.85
C SER A 22 7.77 -12.49 5.22
N ASN A 23 8.33 -13.65 5.55
CA ASN A 23 7.53 -14.81 5.93
C ASN A 23 7.31 -14.85 7.44
N ILE A 24 7.51 -13.71 8.09
CA ILE A 24 7.33 -13.62 9.53
C ILE A 24 5.93 -14.05 9.94
N ARG A 25 5.65 -13.98 11.24
CA ARG A 25 4.35 -14.37 11.76
C ARG A 25 3.23 -13.67 10.99
N PHE A 26 2.57 -14.42 10.11
CA PHE A 26 1.48 -13.89 9.31
C PHE A 26 0.15 -14.51 9.69
N SER A 27 -0.60 -13.82 10.54
CA SER A 27 -1.90 -14.31 11.00
C SER A 27 -3.03 -13.69 10.19
N ALA A 28 -4.17 -14.36 10.17
CA ALA A 28 -5.34 -13.88 9.44
C ALA A 28 -6.24 -13.04 10.33
N VAL A 29 -5.70 -12.56 11.44
CA VAL A 29 -6.45 -11.75 12.39
C VAL A 29 -6.10 -10.27 12.24
N GLY A 30 -6.64 -9.64 11.20
CA GLY A 30 -6.37 -8.23 10.97
C GLY A 30 -6.44 -7.87 9.50
N LEU A 31 -6.25 -8.85 8.64
CA LEU A 31 -6.28 -8.63 7.19
C LEU A 31 -7.59 -7.98 6.78
N GLU A 32 -7.57 -6.67 6.56
CA GLU A 32 -8.76 -5.93 6.16
C GLU A 32 -8.39 -4.54 5.65
N ILE A 33 -7.73 -4.50 4.49
CA ILE A 33 -7.32 -3.23 3.89
C ILE A 33 -8.53 -2.43 3.42
N ILE A 34 -8.56 -1.15 3.78
CA ILE A 34 -9.65 -0.28 3.39
C ILE A 34 -9.13 0.98 2.68
N ILE A 35 -9.98 1.56 1.83
CA ILE A 35 -9.60 2.76 1.10
C ILE A 35 -10.41 3.96 1.56
N GLN A 36 -9.71 5.05 1.87
CA GLN A 36 -10.36 6.27 2.33
C GLN A 36 -11.08 6.98 1.18
N GLU A 37 -11.58 8.18 1.45
CA GLU A 37 -12.29 8.95 0.44
C GLU A 37 -11.47 9.04 -0.85
N ASN A 38 -10.16 9.16 -0.71
CA ASN A 38 -9.27 9.25 -1.86
C ASN A 38 -8.00 8.43 -1.63
N MET A 39 -7.36 8.63 -0.47
CA MET A 39 -6.15 7.91 -0.14
C MET A 39 -6.46 6.47 0.25
N ILE A 40 -5.42 5.65 0.34
CA ILE A 40 -5.58 4.25 0.69
C ILE A 40 -5.01 3.97 2.08
N ILE A 41 -5.75 3.20 2.88
CA ILE A 41 -5.31 2.85 4.22
C ILE A 41 -4.89 1.39 4.31
N PHE A 42 -3.63 1.16 4.67
CA PHE A 42 -3.10 -0.20 4.79
C PHE A 42 -3.08 -0.64 6.25
N HIS A 43 -4.00 -1.52 6.61
CA HIS A 43 -4.09 -2.03 7.98
C HIS A 43 -3.52 -3.45 8.06
N LEU A 44 -3.47 -4.12 6.92
CA LEU A 44 -2.95 -5.49 6.87
C LEU A 44 -1.59 -5.58 7.54
N SER A 45 -1.26 -6.77 8.03
CA SER A 45 0.02 -6.99 8.71
C SER A 45 0.14 -6.11 9.95
N PRO A 46 1.14 -6.41 10.79
CA PRO A 46 1.39 -5.67 12.02
C PRO A 46 1.91 -4.26 11.76
N TYR A 47 2.18 -3.96 10.49
CA TYR A 47 2.69 -2.65 10.10
C TYR A 47 1.62 -1.86 9.35
N TYR A 48 1.39 -0.63 9.80
CA TYR A 48 0.39 0.24 9.17
C TYR A 48 1.04 1.14 8.13
N LEU A 49 0.41 1.22 6.96
CA LEU A 49 0.92 2.05 5.88
C LEU A 49 -0.14 3.03 5.39
N ARG A 50 0.28 4.24 5.04
CA ARG A 50 -0.64 5.26 4.54
C ARG A 50 -0.21 5.76 3.17
N LEU A 51 -1.03 5.47 2.16
CA LEU A 51 -0.75 5.90 0.80
C LEU A 51 -1.64 7.06 0.39
N ARG A 52 -1.01 8.17 0.00
CA ARG A 52 -1.75 9.36 -0.42
C ARG A 52 -1.50 9.65 -1.90
N PHE A 53 -2.51 9.36 -2.72
CA PHE A 53 -2.40 9.60 -4.16
C PHE A 53 -3.02 10.94 -4.54
N PRO A 54 -2.56 11.51 -5.67
CA PRO A 54 -3.07 12.79 -6.17
C PRO A 54 -4.50 12.71 -6.67
N HIS A 55 -5.02 11.48 -6.74
CA HIS A 55 -6.38 11.26 -7.21
C HIS A 55 -7.27 10.71 -6.08
N GLU A 56 -8.49 10.33 -6.43
CA GLU A 56 -9.43 9.80 -5.44
C GLU A 56 -9.92 8.41 -5.85
N LEU A 57 -9.68 7.43 -4.99
CA LEU A 57 -10.10 6.05 -5.26
C LEU A 57 -11.39 5.72 -4.53
N ILE A 58 -11.91 4.52 -4.75
CA ILE A 58 -13.13 4.08 -4.12
C ILE A 58 -13.05 2.61 -3.71
N ASP A 59 -13.66 2.28 -2.58
CA ASP A 59 -13.66 0.91 -2.08
C ASP A 59 -15.00 0.23 -2.33
N ASP A 60 -15.03 -0.68 -3.30
CA ASP A 60 -16.25 -1.39 -3.64
C ASP A 60 -16.09 -2.89 -3.37
N GLU A 61 -17.04 -3.67 -3.88
CA GLU A 61 -17.01 -5.13 -3.69
C GLU A 61 -15.87 -5.75 -4.49
N ARG A 62 -15.47 -5.08 -5.57
CA ARG A 62 -14.40 -5.58 -6.42
C ARG A 62 -13.05 -5.46 -5.72
N SER A 63 -12.89 -4.39 -4.93
CA SER A 63 -11.65 -4.16 -4.21
C SER A 63 -11.33 -5.31 -3.28
N THR A 64 -10.09 -5.77 -3.31
CA THR A 64 -9.65 -6.88 -2.47
C THR A 64 -8.15 -7.09 -2.55
N ALA A 65 -7.60 -7.80 -1.58
CA ALA A 65 -6.16 -8.08 -1.55
C ALA A 65 -5.90 -9.57 -1.41
N GLN A 66 -4.85 -10.04 -2.09
CA GLN A 66 -4.49 -11.45 -2.04
C GLN A 66 -3.05 -11.63 -1.56
N TYR A 67 -2.87 -12.52 -0.59
CA TYR A 67 -1.55 -12.78 -0.03
C TYR A 67 -0.82 -13.86 -0.82
N ASP A 68 0.39 -13.56 -1.27
CA ASP A 68 1.19 -14.50 -2.04
C ASP A 68 2.25 -15.16 -1.15
N SER A 69 2.21 -16.49 -1.08
CA SER A 69 3.16 -17.24 -0.27
C SER A 69 4.42 -17.56 -1.07
N LYS A 70 4.22 -18.00 -2.31
CA LYS A 70 5.34 -18.34 -3.19
C LYS A 70 6.26 -17.15 -3.39
N ASP A 71 5.74 -15.95 -3.12
CA ASP A 71 6.51 -14.73 -3.28
C ASP A 71 6.54 -13.94 -1.97
N GLU A 72 5.78 -14.40 -0.98
CA GLU A 72 5.72 -13.75 0.32
C GLU A 72 5.39 -12.26 0.15
N CYS A 73 4.67 -11.93 -0.92
CA CYS A 73 4.29 -10.56 -1.18
C CYS A 73 2.79 -10.37 -1.06
N ILE A 74 2.37 -9.14 -0.78
CA ILE A 74 0.95 -8.83 -0.63
C ILE A 74 0.44 -7.98 -1.79
N ASN A 75 -0.68 -8.39 -2.37
CA ASN A 75 -1.27 -7.67 -3.49
C ASN A 75 -2.58 -7.00 -3.07
N VAL A 76 -2.66 -5.69 -3.28
CA VAL A 76 -3.86 -4.93 -2.94
C VAL A 76 -4.50 -4.32 -4.18
N LYS A 77 -5.79 -4.60 -4.36
CA LYS A 77 -6.52 -4.08 -5.51
C LYS A 77 -7.44 -2.94 -5.09
N VAL A 78 -7.52 -1.91 -5.94
CA VAL A 78 -8.37 -0.76 -5.66
C VAL A 78 -8.98 -0.21 -6.93
N ALA A 79 -10.31 -0.04 -6.92
CA ALA A 79 -11.01 0.49 -8.08
C ALA A 79 -10.93 2.01 -8.14
N LYS A 80 -10.67 2.54 -9.33
CA LYS A 80 -10.56 3.98 -9.52
C LYS A 80 -11.90 4.58 -9.95
N LEU A 81 -12.21 5.76 -9.45
CA LEU A 81 -13.45 6.44 -9.77
C LEU A 81 -13.64 6.51 -11.29
N ASN A 82 -12.53 6.59 -12.02
CA ASN A 82 -12.58 6.66 -13.47
C ASN A 82 -11.63 5.65 -14.09
N LYS A 83 -12.16 4.81 -14.99
CA LYS A 83 -11.36 3.80 -15.66
C LYS A 83 -10.36 4.44 -16.61
N ASN A 84 -9.35 3.67 -17.02
CA ASN A 84 -8.33 4.16 -17.93
C ASN A 84 -7.58 5.35 -17.32
N GLU A 85 -7.65 5.47 -16.00
CA GLU A 85 -6.99 6.56 -15.30
C GLU A 85 -5.65 6.10 -14.71
N TYR A 86 -4.61 6.87 -14.94
CA TYR A 86 -3.28 6.54 -14.44
C TYR A 86 -2.86 7.49 -13.33
N PHE A 87 -1.64 7.31 -12.83
CA PHE A 87 -1.12 8.16 -11.76
C PHE A 87 0.29 8.64 -12.08
N GLU A 88 0.72 9.70 -11.41
CA GLU A 88 2.05 10.26 -11.63
C GLU A 88 2.77 10.47 -10.31
N ASP A 89 2.25 9.86 -9.25
CA ASP A 89 2.85 9.98 -7.93
C ASP A 89 3.32 8.62 -7.42
N LEU A 90 2.81 7.56 -8.02
CA LEU A 90 3.18 6.20 -7.64
C LEU A 90 4.65 5.94 -7.93
N ASP A 91 5.26 6.81 -8.71
CA ASP A 91 6.67 6.67 -9.06
C ASP A 91 7.57 7.21 -7.94
N LEU A 92 6.96 7.88 -6.98
CA LEU A 92 7.70 8.46 -5.85
C LEU A 92 7.26 7.81 -4.55
N PRO A 93 8.13 6.97 -3.98
CA PRO A 93 7.87 6.28 -2.71
C PRO A 93 7.87 7.24 -1.52
N THR A 94 8.26 8.49 -1.77
CA THR A 94 8.30 9.50 -0.72
C THR A 94 7.07 10.41 -0.77
N LYS A 95 6.54 10.59 -1.97
CA LYS A 95 5.36 11.43 -2.16
C LYS A 95 4.14 10.83 -1.48
N LEU A 96 4.16 9.50 -1.31
CA LEU A 96 3.06 8.80 -0.66
C LEU A 96 3.20 8.82 0.85
N LEU A 97 4.41 8.58 1.33
CA LEU A 97 4.68 8.58 2.77
C LEU A 97 4.67 10.00 3.32
N ALA A 98 4.98 10.97 2.46
CA ALA A 98 5.01 12.37 2.87
C ALA A 98 3.61 12.96 2.87
N ARG A 99 2.81 12.58 3.86
CA ARG A 99 1.44 13.08 3.97
C ARG A 99 1.14 13.53 5.40
N GLN A 100 2.20 13.76 6.17
CA GLN A 100 2.05 14.20 7.56
C GLN A 100 1.80 15.70 7.63
N GLY A 101 1.81 16.23 8.84
CA GLY A 101 1.58 17.66 9.02
C GLY A 101 2.22 18.19 10.28
N ASP A 102 2.02 17.50 11.39
CA ASP A 102 2.58 17.90 12.68
C ASP A 102 3.26 16.73 13.37
N LEU A 103 3.70 15.75 12.59
CA LEU A 103 4.35 14.57 13.12
C LEU A 103 5.87 14.73 13.07
N ALA A 104 6.40 15.55 13.97
CA ALA A 104 7.84 15.79 14.03
C ALA A 104 8.44 15.17 15.29
N GLY A 105 9.59 14.52 15.13
CA GLY A 105 10.25 13.89 16.26
C GLY A 105 11.76 13.86 16.11
N ALA A 106 12.38 12.80 16.60
CA ALA A 106 13.83 12.66 16.52
C ALA A 106 14.22 11.59 15.51
N ASP A 107 13.23 10.84 15.03
CA ASP A 107 13.47 9.78 14.06
C ASP A 107 12.60 9.97 12.82
N ALA A 108 13.18 9.74 11.65
CA ALA A 108 12.46 9.88 10.39
C ALA A 108 12.22 8.52 9.74
N LEU A 109 12.14 7.48 10.56
CA LEU A 109 11.91 6.13 10.06
C LEU A 109 12.90 5.79 8.94
N THR A 110 14.17 6.07 9.18
CA THR A 110 15.21 5.80 8.19
C THR A 110 16.35 5.00 8.81
N GLU A 111 16.42 3.71 8.47
CA GLU A 111 17.46 2.84 8.99
C GLU A 111 18.63 2.74 8.03
N ASN A 112 19.84 2.74 8.56
CA ASN A 112 21.05 2.66 7.74
C ASN A 112 21.21 1.25 7.15
N THR A 113 21.12 1.15 5.83
CA THR A 113 21.25 -0.14 5.16
C THR A 113 21.67 0.06 3.71
N ASP A 114 22.18 -1.02 3.10
CA ASP A 114 22.61 -0.97 1.72
C ASP A 114 21.90 -2.03 0.88
N ALA A 115 22.09 -1.99 -0.43
CA ALA A 115 21.47 -2.95 -1.33
C ALA A 115 22.11 -2.90 -2.71
N LYS A 116 21.99 -3.99 -3.45
CA LYS A 116 22.55 -4.08 -4.79
C LYS A 116 21.47 -4.31 -5.83
N LYS A 117 21.18 -3.29 -6.64
CA LYS A 117 20.16 -3.38 -7.67
C LYS A 117 20.38 -2.33 -8.75
N THR A 118 19.99 -2.65 -9.98
CA THR A 118 20.15 -1.73 -11.10
C THR A 118 18.94 -0.81 -11.23
N GLN A 119 19.15 0.47 -10.96
CA GLN A 119 18.07 1.45 -11.04
C GLN A 119 18.63 2.86 -11.28
N LYS A 120 18.46 3.37 -12.49
CA LYS A 120 18.94 4.69 -12.84
C LYS A 120 17.80 5.60 -13.28
N PRO A 121 16.91 5.94 -12.33
CA PRO A 121 15.76 6.80 -12.60
C PRO A 121 16.17 8.25 -12.89
N LEU A 122 15.17 9.13 -12.99
CA LEU A 122 15.43 10.53 -13.27
C LEU A 122 14.63 11.42 -12.32
N ILE A 123 15.31 11.97 -11.32
CA ILE A 123 14.66 12.84 -10.34
C ILE A 123 15.55 14.04 -10.00
N GLN A 124 15.03 15.24 -10.24
CA GLN A 124 15.78 16.47 -9.96
C GLN A 124 14.83 17.60 -9.57
N GLU A 125 14.91 18.01 -8.31
CA GLU A 125 14.06 19.09 -7.80
C GLU A 125 14.72 19.78 -6.61
N VAL A 126 14.18 20.94 -6.24
CA VAL A 126 14.70 21.69 -5.12
C VAL A 126 13.64 21.87 -4.03
N GLU A 127 13.76 21.09 -2.97
CA GLU A 127 12.82 21.16 -1.86
C GLU A 127 13.55 21.11 -0.52
N THR A 128 12.83 21.48 0.54
CA THR A 128 13.41 21.49 1.89
C THR A 128 12.32 21.41 2.95
N ASP A 129 12.69 20.91 4.12
CA ASP A 129 11.74 20.78 5.23
C ASP A 129 12.20 21.61 6.43
N GLY A 130 11.29 21.83 7.37
CA GLY A 130 11.61 22.60 8.55
C GLY A 130 11.12 21.96 9.83
N VAL A 131 10.84 22.77 10.84
CA VAL A 131 10.36 22.27 12.12
C VAL A 131 9.37 23.25 12.75
N SER A 132 8.27 22.71 13.27
CA SER A 132 7.25 23.53 13.90
C SER A 132 7.28 23.38 15.42
N ASN A 133 6.48 24.18 16.12
CA ASN A 133 6.42 24.14 17.57
C ASN A 133 5.00 23.86 18.05
N ASN A 134 4.87 23.39 19.29
CA ASN A 134 3.58 23.09 19.87
C ASN A 134 2.80 22.13 18.98
N GLY A 1 2.32 5.14 8.63
CA GLY A 1 3.52 5.01 7.81
C GLY A 1 4.51 4.00 8.38
N ILE A 2 4.15 2.73 8.31
CA ILE A 2 5.02 1.68 8.83
C ILE A 2 5.15 0.52 7.83
N THR A 3 6.35 0.31 7.33
CA THR A 3 6.61 -0.77 6.37
C THR A 3 8.03 -0.69 5.83
N PRO A 4 8.62 -1.86 5.56
CA PRO A 4 9.98 -1.96 5.02
C PRO A 4 10.08 -1.45 3.59
N ARG A 5 9.21 -1.96 2.72
CA ARG A 5 9.20 -1.55 1.32
C ARG A 5 7.84 -1.85 0.68
N PHE A 6 7.47 -1.02 -0.29
CA PHE A 6 6.19 -1.20 -0.98
C PHE A 6 6.17 -0.38 -2.28
N SER A 7 5.62 -0.99 -3.34
CA SER A 7 5.54 -0.33 -4.63
C SER A 7 4.10 -0.28 -5.13
N ILE A 8 3.75 0.80 -5.80
CA ILE A 8 2.40 0.96 -6.34
C ILE A 8 2.40 0.93 -7.86
N THR A 9 1.37 0.32 -8.44
CA THR A 9 1.25 0.23 -9.89
C THR A 9 -0.11 0.72 -10.36
N GLN A 10 -0.13 1.34 -11.54
CA GLN A 10 -1.37 1.86 -12.11
C GLN A 10 -1.76 1.09 -13.37
N ASP A 11 -3.06 0.91 -13.56
CA ASP A 11 -3.56 0.19 -14.73
C ASP A 11 -4.69 0.97 -15.41
N GLU A 12 -5.15 0.45 -16.54
CA GLU A 12 -6.22 1.11 -17.28
C GLU A 12 -7.59 0.60 -16.82
N GLU A 13 -7.59 -0.18 -15.75
CA GLU A 13 -8.83 -0.73 -15.21
C GLU A 13 -8.93 -0.47 -13.70
N PHE A 14 -7.79 -0.56 -13.02
CA PHE A 14 -7.76 -0.34 -11.58
C PHE A 14 -6.32 -0.13 -11.10
N ILE A 15 -6.15 -0.02 -9.79
CA ILE A 15 -4.83 0.19 -9.21
C ILE A 15 -4.32 -1.09 -8.56
N PHE A 16 -3.02 -1.35 -8.70
CA PHE A 16 -2.40 -2.54 -8.12
C PHE A 16 -1.25 -2.15 -7.20
N LEU A 17 -1.50 -2.18 -5.90
CA LEU A 17 -0.47 -1.84 -4.92
C LEU A 17 0.15 -3.10 -4.32
N LYS A 18 1.47 -3.20 -4.44
CA LYS A 18 2.20 -4.35 -3.91
C LYS A 18 3.03 -3.95 -2.70
N ILE A 19 3.09 -4.84 -1.71
CA ILE A 19 3.85 -4.59 -0.50
C ILE A 19 4.87 -5.70 -0.24
N PHE A 20 6.12 -5.30 -0.03
CA PHE A 20 7.19 -6.26 0.22
C PHE A 20 7.34 -6.53 1.72
N ILE A 21 7.14 -7.78 2.12
CA ILE A 21 7.26 -8.17 3.51
C ILE A 21 7.69 -9.62 3.64
N SER A 22 7.96 -10.04 4.88
CA SER A 22 8.38 -11.41 5.14
C SER A 22 7.39 -12.14 6.05
N ASN A 23 7.71 -13.37 6.41
CA ASN A 23 6.85 -14.16 7.28
C ASN A 23 7.12 -13.85 8.75
N ILE A 24 7.96 -12.85 8.99
CA ILE A 24 8.31 -12.46 10.35
C ILE A 24 7.05 -12.22 11.19
N ARG A 25 6.07 -11.56 10.59
CA ARG A 25 4.81 -11.27 11.28
C ARG A 25 3.62 -11.43 10.33
N PHE A 26 2.94 -12.56 10.44
CA PHE A 26 1.79 -12.83 9.59
C PHE A 26 0.85 -13.84 10.25
N SER A 27 -0.15 -13.33 10.97
CA SER A 27 -1.10 -14.18 11.66
C SER A 27 -2.36 -14.39 10.81
N ALA A 28 -2.54 -13.54 9.81
CA ALA A 28 -3.69 -13.62 8.92
C ALA A 28 -4.99 -13.49 9.70
N VAL A 29 -4.92 -12.83 10.85
CA VAL A 29 -6.10 -12.63 11.69
C VAL A 29 -6.43 -11.14 11.83
N GLY A 30 -5.68 -10.31 11.11
CA GLY A 30 -5.90 -8.88 11.18
C GLY A 30 -5.86 -8.22 9.82
N LEU A 31 -5.76 -9.03 8.77
CA LEU A 31 -5.70 -8.53 7.40
C LEU A 31 -7.05 -7.94 6.99
N GLU A 32 -7.07 -6.62 6.76
CA GLU A 32 -8.29 -5.95 6.35
C GLU A 32 -7.98 -4.55 5.82
N ILE A 33 -7.65 -4.47 4.53
CA ILE A 33 -7.34 -3.20 3.91
C ILE A 33 -8.59 -2.55 3.32
N ILE A 34 -8.79 -1.27 3.64
CA ILE A 34 -9.94 -0.53 3.14
C ILE A 34 -9.51 0.75 2.44
N ILE A 35 -10.33 1.21 1.49
CA ILE A 35 -10.04 2.43 0.76
C ILE A 35 -10.94 3.58 1.20
N GLN A 36 -10.33 4.72 1.51
CA GLN A 36 -11.07 5.89 1.94
C GLN A 36 -11.78 6.57 0.77
N GLU A 37 -12.36 7.73 1.03
CA GLU A 37 -13.06 8.48 -0.01
C GLU A 37 -12.21 8.61 -1.27
N ASN A 38 -10.90 8.75 -1.07
CA ASN A 38 -9.97 8.89 -2.19
C ASN A 38 -8.68 8.11 -1.92
N MET A 39 -8.08 8.35 -0.76
CA MET A 39 -6.85 7.68 -0.39
C MET A 39 -7.12 6.24 0.03
N ILE A 40 -6.04 5.48 0.28
CA ILE A 40 -6.17 4.08 0.67
C ILE A 40 -5.55 3.85 2.05
N ILE A 41 -6.22 3.06 2.88
CA ILE A 41 -5.73 2.76 4.21
C ILE A 41 -5.23 1.32 4.30
N PHE A 42 -3.95 1.16 4.62
CA PHE A 42 -3.35 -0.16 4.73
C PHE A 42 -3.29 -0.60 6.20
N HIS A 43 -4.19 -1.50 6.59
CA HIS A 43 -4.24 -2.01 7.95
C HIS A 43 -3.59 -3.39 8.04
N LEU A 44 -3.45 -4.04 6.90
CA LEU A 44 -2.85 -5.37 6.86
C LEU A 44 -1.53 -5.41 7.61
N SER A 45 -1.17 -6.57 8.12
CA SER A 45 0.08 -6.73 8.86
C SER A 45 0.06 -5.86 10.11
N PRO A 46 1.04 -6.11 11.01
CA PRO A 46 1.17 -5.37 12.26
C PRO A 46 1.62 -3.92 12.03
N TYR A 47 1.92 -3.60 10.78
CA TYR A 47 2.37 -2.25 10.42
C TYR A 47 1.28 -1.51 9.64
N TYR A 48 0.96 -0.30 10.09
CA TYR A 48 -0.05 0.51 9.44
C TYR A 48 0.58 1.50 8.46
N LEU A 49 0.05 1.51 7.24
CA LEU A 49 0.56 2.41 6.20
C LEU A 49 -0.57 3.21 5.57
N ARG A 50 -0.25 4.43 5.15
CA ARG A 50 -1.25 5.30 4.52
C ARG A 50 -0.79 5.71 3.12
N LEU A 51 -1.70 5.56 2.16
CA LEU A 51 -1.40 5.91 0.77
C LEU A 51 -2.30 7.04 0.29
N ARG A 52 -1.71 8.22 0.08
CA ARG A 52 -2.47 9.38 -0.38
C ARG A 52 -2.17 9.66 -1.85
N PHE A 53 -3.13 9.33 -2.71
CA PHE A 53 -2.98 9.55 -4.14
C PHE A 53 -3.64 10.86 -4.56
N PRO A 54 -3.16 11.43 -5.68
CA PRO A 54 -3.69 12.69 -6.22
C PRO A 54 -5.09 12.53 -6.78
N HIS A 55 -5.56 11.28 -6.87
CA HIS A 55 -6.89 11.00 -7.40
C HIS A 55 -7.79 10.42 -6.31
N GLU A 56 -8.99 10.01 -6.69
CA GLU A 56 -9.95 9.45 -5.74
C GLU A 56 -10.41 8.07 -6.20
N LEU A 57 -10.12 7.06 -5.38
CA LEU A 57 -10.51 5.69 -5.69
C LEU A 57 -11.84 5.33 -5.03
N ILE A 58 -12.24 4.07 -5.17
CA ILE A 58 -13.49 3.60 -4.59
C ILE A 58 -13.36 2.17 -4.08
N ASP A 59 -14.00 1.87 -2.96
CA ASP A 59 -13.96 0.53 -2.39
C ASP A 59 -15.24 -0.23 -2.69
N ASP A 60 -15.16 -1.15 -3.65
CA ASP A 60 -16.32 -1.95 -4.04
C ASP A 60 -16.08 -3.44 -3.76
N GLU A 61 -16.94 -4.28 -4.30
CA GLU A 61 -16.81 -5.73 -4.11
C GLU A 61 -15.58 -6.26 -4.84
N ARG A 62 -15.24 -5.64 -5.96
CA ARG A 62 -14.09 -6.05 -6.74
C ARG A 62 -12.79 -5.76 -5.99
N SER A 63 -12.77 -4.65 -5.27
CA SER A 63 -11.58 -4.27 -4.51
C SER A 63 -11.28 -5.27 -3.41
N THR A 64 -10.02 -5.69 -3.33
CA THR A 64 -9.59 -6.65 -2.32
C THR A 64 -8.10 -6.93 -2.42
N ALA A 65 -7.54 -7.52 -1.36
CA ALA A 65 -6.12 -7.84 -1.33
C ALA A 65 -5.89 -9.31 -1.01
N GLN A 66 -4.90 -9.92 -1.65
CA GLN A 66 -4.58 -11.32 -1.42
C GLN A 66 -3.12 -11.49 -0.99
N TYR A 67 -2.87 -12.51 -0.19
CA TYR A 67 -1.52 -12.78 0.29
C TYR A 67 -0.76 -13.66 -0.68
N ASP A 68 0.43 -13.21 -1.07
CA ASP A 68 1.27 -13.96 -2.00
C ASP A 68 2.39 -14.69 -1.26
N SER A 69 2.40 -16.02 -1.35
CA SER A 69 3.42 -16.82 -0.68
C SER A 69 4.64 -17.00 -1.58
N LYS A 70 4.40 -17.05 -2.89
CA LYS A 70 5.47 -17.21 -3.85
C LYS A 70 6.57 -16.17 -3.63
N ASP A 71 6.18 -15.01 -3.11
CA ASP A 71 7.12 -13.93 -2.86
C ASP A 71 6.93 -13.37 -1.45
N GLU A 72 6.07 -14.01 -0.67
CA GLU A 72 5.79 -13.57 0.69
C GLU A 72 5.39 -12.09 0.71
N CYS A 73 4.80 -11.63 -0.38
CA CYS A 73 4.37 -10.24 -0.50
C CYS A 73 2.85 -10.14 -0.45
N ILE A 74 2.35 -8.91 -0.30
CA ILE A 74 0.91 -8.68 -0.25
C ILE A 74 0.45 -7.83 -1.43
N ASN A 75 -0.62 -8.27 -2.08
CA ASN A 75 -1.17 -7.55 -3.23
C ASN A 75 -2.52 -6.91 -2.88
N VAL A 76 -2.62 -5.61 -3.09
CA VAL A 76 -3.85 -4.89 -2.81
C VAL A 76 -4.48 -4.33 -4.08
N LYS A 77 -5.75 -4.67 -4.30
CA LYS A 77 -6.46 -4.21 -5.49
C LYS A 77 -7.54 -3.20 -5.11
N VAL A 78 -7.69 -2.17 -5.93
CA VAL A 78 -8.70 -1.13 -5.70
C VAL A 78 -9.20 -0.54 -7.00
N ALA A 79 -10.52 -0.52 -7.17
CA ALA A 79 -11.13 0.03 -8.37
C ALA A 79 -10.97 1.55 -8.42
N LYS A 80 -10.88 2.09 -9.63
CA LYS A 80 -10.74 3.53 -9.82
C LYS A 80 -12.04 4.14 -10.35
N LEU A 81 -12.38 5.32 -9.85
CA LEU A 81 -13.60 6.01 -10.28
C LEU A 81 -13.65 6.11 -11.81
N ASN A 82 -12.54 6.54 -12.40
CA ASN A 82 -12.47 6.69 -13.85
C ASN A 82 -11.54 5.65 -14.45
N LYS A 83 -12.08 4.79 -15.31
CA LYS A 83 -11.30 3.75 -15.97
C LYS A 83 -10.26 4.35 -16.91
N ASN A 84 -9.22 3.59 -17.21
CA ASN A 84 -8.16 4.04 -18.10
C ASN A 84 -7.44 5.25 -17.51
N GLU A 85 -7.62 5.45 -16.21
CA GLU A 85 -6.97 6.57 -15.52
C GLU A 85 -5.64 6.14 -14.93
N TYR A 86 -4.64 7.02 -15.04
CA TYR A 86 -3.31 6.73 -14.52
C TYR A 86 -2.96 7.66 -13.36
N PHE A 87 -1.73 7.57 -12.88
CA PHE A 87 -1.28 8.40 -11.77
C PHE A 87 0.10 8.98 -12.06
N GLU A 88 0.46 10.05 -11.34
CA GLU A 88 1.75 10.69 -11.51
C GLU A 88 2.47 10.85 -10.19
N ASP A 89 1.94 10.20 -9.15
CA ASP A 89 2.53 10.27 -7.83
C ASP A 89 3.00 8.89 -7.37
N LEU A 90 2.37 7.85 -7.90
CA LEU A 90 2.72 6.48 -7.55
C LEU A 90 4.19 6.20 -7.83
N ASP A 91 4.76 6.98 -8.75
CA ASP A 91 6.17 6.82 -9.12
C ASP A 91 7.08 7.16 -7.94
N LEU A 92 6.56 7.94 -7.01
CA LEU A 92 7.33 8.34 -5.83
C LEU A 92 6.71 7.77 -4.56
N PRO A 93 7.44 6.86 -3.91
CA PRO A 93 6.99 6.22 -2.67
C PRO A 93 6.96 7.19 -1.49
N THR A 94 7.52 8.37 -1.70
CA THR A 94 7.57 9.39 -0.65
C THR A 94 6.36 10.32 -0.74
N LYS A 95 5.71 10.33 -1.90
CA LYS A 95 4.55 11.18 -2.11
C LYS A 95 3.35 10.67 -1.33
N LEU A 96 3.38 9.39 -0.98
CA LEU A 96 2.29 8.78 -0.21
C LEU A 96 2.48 8.99 1.28
N LEU A 97 3.69 8.71 1.76
CA LEU A 97 4.01 8.88 3.17
C LEU A 97 4.10 10.35 3.55
N ALA A 98 4.99 11.08 2.86
CA ALA A 98 5.17 12.50 3.11
C ALA A 98 5.71 12.75 4.51
N ARG A 99 6.90 12.23 4.78
CA ARG A 99 7.52 12.39 6.10
C ARG A 99 9.04 12.24 5.99
N GLN A 100 9.72 12.39 7.13
CA GLN A 100 11.17 12.28 7.17
C GLN A 100 11.61 11.12 8.06
N GLY A 101 12.37 10.20 7.49
CA GLY A 101 12.84 9.05 8.25
C GLY A 101 14.27 8.68 7.92
N ASP A 102 14.95 9.54 7.17
CA ASP A 102 16.33 9.30 6.78
C ASP A 102 16.44 8.05 5.90
N LEU A 103 15.67 8.04 4.82
CA LEU A 103 15.67 6.91 3.89
C LEU A 103 15.97 7.38 2.47
N ALA A 104 16.16 8.68 2.31
CA ALA A 104 16.46 9.25 1.00
C ALA A 104 17.73 8.65 0.42
N GLY A 105 17.71 8.35 -0.87
CA GLY A 105 18.87 7.78 -1.53
C GLY A 105 18.50 6.95 -2.74
N ALA A 106 18.59 5.63 -2.61
CA ALA A 106 18.26 4.72 -3.70
C ALA A 106 16.79 4.83 -4.08
N ASP A 107 16.52 5.51 -5.19
CA ASP A 107 15.14 5.69 -5.66
C ASP A 107 14.87 4.81 -6.87
N ALA A 108 13.62 4.75 -7.29
CA ALA A 108 13.22 3.94 -8.43
C ALA A 108 13.19 4.78 -9.71
N LEU A 109 12.93 4.12 -10.84
CA LEU A 109 12.86 4.80 -12.13
C LEU A 109 12.18 3.93 -13.18
N THR A 110 11.88 4.53 -14.32
CA THR A 110 11.22 3.81 -15.41
C THR A 110 11.76 4.24 -16.76
N GLU A 111 12.58 3.39 -17.36
CA GLU A 111 13.16 3.69 -18.67
C GLU A 111 12.98 2.53 -19.63
N ASN A 112 13.42 2.70 -20.86
CA ASN A 112 13.29 1.67 -21.88
C ASN A 112 13.88 0.35 -21.39
N THR A 113 13.58 -0.72 -22.12
CA THR A 113 14.07 -2.05 -21.75
C THR A 113 15.59 -2.08 -21.67
N ASP A 114 16.11 -2.75 -20.65
CA ASP A 114 17.56 -2.85 -20.46
C ASP A 114 17.89 -3.91 -19.42
N ALA A 115 19.19 -4.17 -19.26
CA ALA A 115 19.65 -5.16 -18.29
C ALA A 115 19.07 -4.89 -16.90
N LYS A 116 18.76 -5.96 -16.18
CA LYS A 116 18.19 -5.84 -14.85
C LYS A 116 19.22 -6.23 -13.78
N LYS A 117 19.04 -5.70 -12.57
CA LYS A 117 19.95 -6.00 -11.47
C LYS A 117 20.09 -7.50 -11.27
N THR A 118 21.08 -7.90 -10.48
CA THR A 118 21.30 -9.31 -10.19
C THR A 118 20.72 -9.70 -8.84
N GLN A 119 19.68 -10.54 -8.88
CA GLN A 119 19.03 -10.99 -7.66
C GLN A 119 18.70 -12.47 -7.72
N LYS A 120 19.42 -13.27 -6.95
CA LYS A 120 19.20 -14.72 -6.93
C LYS A 120 19.10 -15.23 -5.49
N PRO A 121 18.00 -14.85 -4.80
CA PRO A 121 17.75 -15.26 -3.42
C PRO A 121 17.44 -16.75 -3.31
N LEU A 122 17.04 -17.16 -2.11
CA LEU A 122 16.70 -18.57 -1.87
C LEU A 122 15.37 -18.68 -1.14
N ILE A 123 14.42 -19.37 -1.75
CA ILE A 123 13.10 -19.56 -1.16
C ILE A 123 12.89 -21.02 -0.74
N GLN A 124 12.58 -21.21 0.54
CA GLN A 124 12.36 -22.55 1.07
C GLN A 124 11.15 -23.21 0.40
N GLU A 125 10.88 -24.45 0.78
CA GLU A 125 9.76 -25.19 0.21
C GLU A 125 8.85 -25.73 1.31
N VAL A 126 7.55 -25.53 1.15
CA VAL A 126 6.57 -25.99 2.12
C VAL A 126 5.32 -26.55 1.45
N GLU A 127 4.77 -27.61 2.01
CA GLU A 127 3.58 -28.23 1.46
C GLU A 127 2.32 -27.52 1.93
N THR A 128 1.59 -26.92 0.99
CA THR A 128 0.36 -26.20 1.31
C THR A 128 -0.82 -27.15 1.45
N ASP A 129 -1.66 -26.91 2.45
CA ASP A 129 -2.82 -27.75 2.69
C ASP A 129 -4.06 -27.16 2.01
N GLY A 130 -4.98 -28.03 1.61
CA GLY A 130 -6.19 -27.58 0.96
C GLY A 130 -7.42 -28.34 1.41
N VAL A 131 -8.15 -27.78 2.37
CA VAL A 131 -9.36 -28.41 2.89
C VAL A 131 -10.62 -27.79 2.29
N SER A 132 -11.26 -28.52 1.38
CA SER A 132 -12.48 -28.03 0.74
C SER A 132 -13.65 -28.96 1.04
N ASN A 133 -14.87 -28.42 0.92
CA ASN A 133 -16.07 -29.19 1.17
C ASN A 133 -17.09 -29.01 0.05
N ASN A 134 -18.18 -29.75 0.12
CA ASN A 134 -19.23 -29.67 -0.89
C ASN A 134 -20.21 -28.56 -0.56
N GLY A 1 3.46 6.18 9.48
CA GLY A 1 3.65 5.15 8.47
C GLY A 1 4.65 4.10 8.90
N ILE A 2 4.26 2.84 8.77
CA ILE A 2 5.13 1.73 9.15
C ILE A 2 5.15 0.66 8.06
N THR A 3 6.33 0.41 7.51
CA THR A 3 6.49 -0.60 6.46
C THR A 3 7.88 -0.54 5.85
N PRO A 4 8.41 -1.72 5.46
CA PRO A 4 9.74 -1.82 4.85
C PRO A 4 9.78 -1.21 3.45
N ARG A 5 9.33 -1.98 2.45
CA ARG A 5 9.34 -1.51 1.08
C ARG A 5 8.04 -1.92 0.38
N PHE A 6 7.60 -1.09 -0.57
CA PHE A 6 6.38 -1.36 -1.33
C PHE A 6 6.34 -0.54 -2.61
N SER A 7 5.76 -1.13 -3.66
CA SER A 7 5.66 -0.46 -4.94
C SER A 7 4.21 -0.40 -5.42
N ILE A 8 3.83 0.74 -5.99
CA ILE A 8 2.47 0.92 -6.49
C ILE A 8 2.43 0.91 -8.01
N THR A 9 1.39 0.30 -8.57
CA THR A 9 1.24 0.22 -10.02
C THR A 9 -0.15 0.69 -10.45
N GLN A 10 -0.22 1.30 -11.63
CA GLN A 10 -1.50 1.79 -12.15
C GLN A 10 -1.87 1.07 -13.44
N ASP A 11 -3.16 0.82 -13.63
CA ASP A 11 -3.65 0.14 -14.82
C ASP A 11 -4.76 0.94 -15.49
N GLU A 12 -5.26 0.42 -16.61
CA GLU A 12 -6.34 1.08 -17.34
C GLU A 12 -7.70 0.55 -16.92
N GLU A 13 -7.80 0.10 -15.68
CA GLU A 13 -9.05 -0.44 -15.16
C GLU A 13 -9.10 -0.31 -13.64
N PHE A 14 -7.97 -0.58 -12.99
CA PHE A 14 -7.89 -0.50 -11.53
C PHE A 14 -6.45 -0.27 -11.08
N ILE A 15 -6.26 -0.14 -9.77
CA ILE A 15 -4.92 0.09 -9.21
C ILE A 15 -4.39 -1.17 -8.53
N PHE A 16 -3.10 -1.42 -8.69
CA PHE A 16 -2.46 -2.58 -8.08
C PHE A 16 -1.32 -2.17 -7.16
N LEU A 17 -1.55 -2.28 -5.86
CA LEU A 17 -0.54 -1.92 -4.87
C LEU A 17 0.21 -3.15 -4.39
N LYS A 18 1.54 -3.11 -4.50
CA LYS A 18 2.38 -4.23 -4.07
C LYS A 18 3.16 -3.87 -2.81
N ILE A 19 3.17 -4.77 -1.84
CA ILE A 19 3.89 -4.55 -0.59
C ILE A 19 4.78 -5.73 -0.24
N PHE A 20 6.03 -5.44 0.11
CA PHE A 20 6.99 -6.48 0.46
C PHE A 20 7.05 -6.65 1.98
N ILE A 21 7.04 -7.91 2.42
CA ILE A 21 7.10 -8.22 3.84
C ILE A 21 7.76 -9.58 4.08
N SER A 22 8.44 -9.70 5.22
CA SER A 22 9.11 -10.95 5.56
C SER A 22 8.10 -12.03 5.92
N ASN A 23 8.60 -13.18 6.37
CA ASN A 23 7.74 -14.29 6.76
C ASN A 23 7.45 -14.26 8.25
N ILE A 24 7.62 -13.10 8.86
CA ILE A 24 7.37 -12.94 10.29
C ILE A 24 5.95 -13.35 10.65
N ARG A 25 5.61 -13.24 11.93
CA ARG A 25 4.28 -13.61 12.40
C ARG A 25 3.20 -12.90 11.58
N PHE A 26 2.58 -13.64 10.67
CA PHE A 26 1.54 -13.08 9.81
C PHE A 26 0.23 -13.85 9.98
N SER A 27 -0.76 -13.21 10.59
CA SER A 27 -2.05 -13.84 10.83
C SER A 27 -3.10 -13.27 9.87
N ALA A 28 -4.34 -13.75 10.02
CA ALA A 28 -5.44 -13.30 9.17
C ALA A 28 -6.56 -12.68 9.99
N VAL A 29 -6.22 -12.20 11.19
CA VAL A 29 -7.19 -11.60 12.07
C VAL A 29 -7.28 -10.09 11.86
N GLY A 30 -6.16 -9.50 11.42
CA GLY A 30 -6.13 -8.07 11.17
C GLY A 30 -6.31 -7.72 9.71
N LEU A 31 -6.09 -8.71 8.85
CA LEU A 31 -6.22 -8.50 7.41
C LEU A 31 -7.58 -7.89 7.07
N GLU A 32 -7.55 -6.61 6.66
CA GLU A 32 -8.78 -5.91 6.30
C GLU A 32 -8.47 -4.52 5.76
N ILE A 33 -7.85 -4.48 4.59
CA ILE A 33 -7.50 -3.22 3.95
C ILE A 33 -8.74 -2.49 3.45
N ILE A 34 -8.83 -1.20 3.75
CA ILE A 34 -9.96 -0.39 3.33
C ILE A 34 -9.50 0.85 2.58
N ILE A 35 -10.36 1.39 1.73
CA ILE A 35 -10.05 2.57 0.95
C ILE A 35 -10.93 3.75 1.35
N GLN A 36 -10.31 4.90 1.57
CA GLN A 36 -11.03 6.11 1.96
C GLN A 36 -11.74 6.72 0.77
N GLU A 37 -12.32 7.91 0.97
CA GLU A 37 -13.03 8.60 -0.09
C GLU A 37 -12.18 8.68 -1.35
N ASN A 38 -10.88 8.87 -1.18
CA ASN A 38 -9.96 8.97 -2.30
C ASN A 38 -8.68 8.19 -2.02
N MET A 39 -8.07 8.44 -0.87
CA MET A 39 -6.84 7.77 -0.48
C MET A 39 -7.13 6.33 -0.04
N ILE A 40 -6.07 5.56 0.18
CA ILE A 40 -6.20 4.18 0.60
C ILE A 40 -5.56 3.96 1.97
N ILE A 41 -6.23 3.19 2.82
CA ILE A 41 -5.72 2.90 4.15
C ILE A 41 -5.24 1.45 4.25
N PHE A 42 -3.96 1.28 4.57
CA PHE A 42 -3.38 -0.05 4.70
C PHE A 42 -3.31 -0.48 6.17
N HIS A 43 -4.21 -1.38 6.55
CA HIS A 43 -4.24 -1.87 7.93
C HIS A 43 -3.62 -3.26 8.04
N LEU A 44 -3.51 -3.93 6.90
CA LEU A 44 -2.93 -5.28 6.86
C LEU A 44 -1.58 -5.30 7.57
N SER A 45 -1.19 -6.48 8.05
CA SER A 45 0.08 -6.64 8.74
C SER A 45 0.11 -5.80 10.02
N PRO A 46 1.10 -6.08 10.88
CA PRO A 46 1.27 -5.37 12.15
C PRO A 46 1.72 -3.92 11.95
N TYR A 47 1.98 -3.56 10.71
CA TYR A 47 2.42 -2.21 10.38
C TYR A 47 1.34 -1.46 9.60
N TYR A 48 1.01 -0.26 10.06
CA TYR A 48 -0.01 0.55 9.41
C TYR A 48 0.62 1.51 8.40
N LEU A 49 0.07 1.55 7.20
CA LEU A 49 0.59 2.43 6.15
C LEU A 49 -0.54 3.25 5.52
N ARG A 50 -0.21 4.46 5.09
CA ARG A 50 -1.19 5.33 4.47
C ARG A 50 -0.75 5.74 3.07
N LEU A 51 -1.66 5.59 2.10
CA LEU A 51 -1.37 5.94 0.72
C LEU A 51 -2.27 7.08 0.24
N ARG A 52 -1.66 8.22 -0.05
CA ARG A 52 -2.40 9.39 -0.52
C ARG A 52 -2.10 9.67 -1.99
N PHE A 53 -3.05 9.31 -2.86
CA PHE A 53 -2.90 9.52 -4.29
C PHE A 53 -3.56 10.83 -4.72
N PRO A 54 -3.08 11.40 -5.84
CA PRO A 54 -3.60 12.65 -6.38
C PRO A 54 -5.00 12.48 -6.96
N HIS A 55 -5.47 11.24 -7.04
CA HIS A 55 -6.80 10.95 -7.56
C HIS A 55 -7.71 10.41 -6.47
N GLU A 56 -8.90 9.98 -6.86
CA GLU A 56 -9.87 9.44 -5.91
C GLU A 56 -10.31 8.03 -6.32
N LEU A 57 -10.15 7.08 -5.40
CA LEU A 57 -10.52 5.69 -5.67
C LEU A 57 -11.79 5.33 -4.90
N ILE A 58 -12.31 4.13 -5.18
CA ILE A 58 -13.52 3.66 -4.52
C ILE A 58 -13.37 2.20 -4.08
N ASP A 59 -13.97 1.88 -2.94
CA ASP A 59 -13.91 0.52 -2.41
C ASP A 59 -15.20 -0.24 -2.72
N ASP A 60 -15.12 -1.16 -3.67
CA ASP A 60 -16.29 -1.95 -4.06
C ASP A 60 -16.07 -3.42 -3.74
N GLU A 61 -16.95 -4.28 -4.24
CA GLU A 61 -16.87 -5.71 -4.01
C GLU A 61 -15.65 -6.30 -4.73
N ARG A 62 -15.21 -5.64 -5.80
CA ARG A 62 -14.07 -6.10 -6.56
C ARG A 62 -12.77 -5.82 -5.82
N SER A 63 -12.77 -4.78 -5.00
CA SER A 63 -11.59 -4.41 -4.23
C SER A 63 -11.26 -5.48 -3.19
N THR A 64 -9.99 -5.86 -3.14
CA THR A 64 -9.53 -6.88 -2.19
C THR A 64 -8.03 -7.12 -2.33
N ALA A 65 -7.44 -7.71 -1.29
CA ALA A 65 -6.02 -8.01 -1.29
C ALA A 65 -5.75 -9.47 -0.96
N GLN A 66 -4.76 -10.06 -1.62
CA GLN A 66 -4.41 -11.45 -1.40
C GLN A 66 -2.95 -11.59 -0.98
N TYR A 67 -2.67 -12.59 -0.16
CA TYR A 67 -1.31 -12.83 0.31
C TYR A 67 -0.53 -13.72 -0.66
N ASP A 68 0.65 -13.24 -1.08
CA ASP A 68 1.48 -13.99 -2.01
C ASP A 68 2.62 -14.68 -1.27
N SER A 69 2.60 -16.01 -1.28
CA SER A 69 3.64 -16.78 -0.61
C SER A 69 4.85 -16.98 -1.51
N LYS A 70 4.60 -17.03 -2.82
CA LYS A 70 5.66 -17.21 -3.80
C LYS A 70 6.73 -16.13 -3.65
N ASP A 71 6.32 -14.97 -3.13
CA ASP A 71 7.25 -13.86 -2.94
C ASP A 71 7.09 -13.26 -1.54
N GLU A 72 6.25 -13.90 -0.72
CA GLU A 72 6.02 -13.43 0.64
C GLU A 72 5.58 -11.97 0.63
N CYS A 73 4.97 -11.54 -0.46
CA CYS A 73 4.51 -10.16 -0.59
C CYS A 73 2.98 -10.09 -0.54
N ILE A 74 2.46 -8.88 -0.42
CA ILE A 74 1.02 -8.68 -0.35
C ILE A 74 0.52 -7.86 -1.54
N ASN A 75 -0.54 -8.32 -2.17
CA ASN A 75 -1.12 -7.63 -3.32
C ASN A 75 -2.46 -7.00 -2.97
N VAL A 76 -2.59 -5.70 -3.18
CA VAL A 76 -3.82 -4.99 -2.89
C VAL A 76 -4.46 -4.45 -4.16
N LYS A 77 -5.73 -4.79 -4.36
CA LYS A 77 -6.47 -4.36 -5.54
C LYS A 77 -7.56 -3.36 -5.16
N VAL A 78 -7.71 -2.31 -5.97
CA VAL A 78 -8.73 -1.30 -5.73
C VAL A 78 -9.25 -0.70 -7.02
N ALA A 79 -10.57 -0.56 -7.12
CA ALA A 79 -11.19 0.00 -8.31
C ALA A 79 -11.12 1.53 -8.31
N LYS A 80 -11.01 2.11 -9.49
CA LYS A 80 -10.93 3.56 -9.63
C LYS A 80 -12.30 4.15 -9.97
N LEU A 81 -12.38 5.48 -9.95
CA LEU A 81 -13.64 6.16 -10.25
C LEU A 81 -13.78 6.39 -11.76
N ASN A 82 -12.66 6.63 -12.43
CA ASN A 82 -12.67 6.86 -13.87
C ASN A 82 -11.72 5.89 -14.57
N LYS A 83 -12.29 5.05 -15.44
CA LYS A 83 -11.49 4.08 -16.18
C LYS A 83 -10.51 4.77 -17.11
N ASN A 84 -9.49 4.04 -17.56
CA ASN A 84 -8.49 4.59 -18.46
C ASN A 84 -7.72 5.72 -17.79
N GLU A 85 -7.82 5.81 -16.47
CA GLU A 85 -7.14 6.85 -15.71
C GLU A 85 -5.83 6.35 -15.14
N TYR A 86 -4.83 7.22 -15.10
CA TYR A 86 -3.51 6.86 -14.57
C TYR A 86 -3.15 7.72 -13.37
N PHE A 87 -1.92 7.56 -12.89
CA PHE A 87 -1.45 8.34 -11.75
C PHE A 87 -0.06 8.91 -12.02
N GLU A 88 0.30 9.95 -11.27
CA GLU A 88 1.60 10.60 -11.44
C GLU A 88 2.31 10.75 -10.08
N ASP A 89 1.90 9.92 -9.12
CA ASP A 89 2.49 9.97 -7.79
C ASP A 89 2.65 8.56 -7.22
N LEU A 90 2.73 7.57 -8.11
CA LEU A 90 2.88 6.18 -7.69
C LEU A 90 4.31 5.72 -7.84
N ASP A 91 5.16 6.59 -8.39
CA ASP A 91 6.57 6.27 -8.58
C ASP A 91 7.41 6.72 -7.39
N LEU A 92 6.82 7.57 -6.55
CA LEU A 92 7.51 8.09 -5.38
C LEU A 92 6.93 7.48 -4.10
N PRO A 93 7.66 6.50 -3.54
CA PRO A 93 7.24 5.81 -2.31
C PRO A 93 7.33 6.71 -1.08
N THR A 94 7.89 7.90 -1.26
CA THR A 94 8.04 8.86 -0.18
C THR A 94 6.94 9.92 -0.23
N LYS A 95 6.33 10.07 -1.41
CA LYS A 95 5.27 11.06 -1.59
C LYS A 95 4.02 10.66 -0.79
N LEU A 96 3.70 9.38 -0.79
CA LEU A 96 2.54 8.88 -0.07
C LEU A 96 2.73 9.04 1.44
N LEU A 97 3.85 8.54 1.95
CA LEU A 97 4.16 8.63 3.37
C LEU A 97 4.06 10.08 3.86
N ALA A 98 4.55 11.00 3.03
CA ALA A 98 4.52 12.41 3.37
C ALA A 98 5.13 12.66 4.76
N ARG A 99 6.28 12.04 5.00
CA ARG A 99 6.96 12.19 6.29
C ARG A 99 8.44 12.50 6.08
N GLN A 100 9.02 13.24 7.02
CA GLN A 100 10.43 13.60 6.94
C GLN A 100 11.32 12.39 7.20
N GLY A 101 12.52 12.41 6.63
CA GLY A 101 13.44 11.31 6.80
C GLY A 101 14.45 11.21 5.67
N ASP A 102 14.60 10.01 5.11
CA ASP A 102 15.53 9.79 4.01
C ASP A 102 14.95 10.28 2.69
N LEU A 103 15.49 11.38 2.18
CA LEU A 103 15.03 11.95 0.93
C LEU A 103 15.75 11.33 -0.26
N ALA A 104 17.04 11.04 -0.08
CA ALA A 104 17.84 10.44 -1.13
C ALA A 104 17.95 8.93 -0.94
N GLY A 105 17.33 8.17 -1.84
CA GLY A 105 17.36 6.73 -1.75
C GLY A 105 16.11 6.08 -2.32
N ALA A 106 16.28 4.95 -3.00
CA ALA A 106 15.16 4.24 -3.58
C ALA A 106 14.32 5.16 -4.46
N ASP A 107 14.98 6.10 -5.12
CA ASP A 107 14.28 7.06 -5.98
C ASP A 107 14.55 6.75 -7.45
N ALA A 108 13.77 7.35 -8.34
CA ALA A 108 13.93 7.14 -9.76
C ALA A 108 13.46 8.36 -10.56
N LEU A 109 13.81 8.40 -11.83
CA LEU A 109 13.42 9.50 -12.70
C LEU A 109 12.94 9.00 -14.05
N THR A 110 11.84 9.56 -14.53
CA THR A 110 11.27 9.18 -15.82
C THR A 110 10.65 10.37 -16.53
N GLU A 111 11.25 10.75 -17.67
CA GLU A 111 10.75 11.88 -18.44
C GLU A 111 9.51 11.49 -19.23
N ASN A 112 8.36 12.02 -18.82
CA ASN A 112 7.10 11.72 -19.49
C ASN A 112 6.36 13.01 -19.86
N THR A 113 6.10 13.18 -21.15
CA THR A 113 5.40 14.38 -21.63
C THR A 113 3.90 14.19 -21.57
N ASP A 114 3.19 15.25 -21.22
CA ASP A 114 1.73 15.21 -21.12
C ASP A 114 1.11 16.40 -21.85
N ALA A 115 -0.19 16.28 -22.14
CA ALA A 115 -0.91 17.35 -22.83
C ALA A 115 -1.68 18.22 -21.84
N LYS A 116 -2.32 19.26 -22.36
CA LYS A 116 -3.10 20.18 -21.53
C LYS A 116 -4.26 20.78 -22.31
N LYS A 117 -5.10 21.54 -21.62
CA LYS A 117 -6.25 22.17 -22.25
C LYS A 117 -6.03 23.67 -22.39
N THR A 118 -6.93 24.33 -23.12
CA THR A 118 -6.84 25.77 -23.32
C THR A 118 -7.82 26.52 -22.44
N GLN A 119 -7.60 27.82 -22.28
CA GLN A 119 -8.47 28.65 -21.46
C GLN A 119 -8.93 29.88 -22.22
N LYS A 120 -10.19 29.87 -22.64
CA LYS A 120 -10.76 30.99 -23.39
C LYS A 120 -12.08 31.45 -22.76
N PRO A 121 -11.97 32.05 -21.56
CA PRO A 121 -13.14 32.55 -20.83
C PRO A 121 -13.76 33.78 -21.50
N LEU A 122 -14.82 34.30 -20.89
CA LEU A 122 -15.51 35.47 -21.44
C LEU A 122 -16.02 36.37 -20.32
N ILE A 123 -15.61 37.63 -20.35
CA ILE A 123 -16.02 38.60 -19.33
C ILE A 123 -16.65 39.83 -19.98
N GLN A 124 -17.95 40.00 -19.77
CA GLN A 124 -18.66 41.15 -20.33
C GLN A 124 -18.98 42.17 -19.24
N GLU A 125 -18.32 42.04 -18.10
CA GLU A 125 -18.53 42.95 -16.98
C GLU A 125 -17.83 44.28 -17.21
N VAL A 126 -18.56 45.38 -17.04
CA VAL A 126 -18.01 46.72 -17.23
C VAL A 126 -17.85 47.44 -15.90
N GLU A 127 -17.17 46.81 -14.95
CA GLU A 127 -16.96 47.39 -13.63
C GLU A 127 -15.58 47.02 -13.09
N THR A 128 -14.67 46.68 -13.99
CA THR A 128 -13.31 46.32 -13.61
C THR A 128 -12.42 47.54 -13.48
N ASP A 129 -11.61 47.58 -12.44
CA ASP A 129 -10.70 48.69 -12.21
C ASP A 129 -9.25 48.25 -12.30
N GLY A 130 -8.38 49.14 -12.79
CA GLY A 130 -6.98 48.81 -12.92
C GLY A 130 -6.08 50.00 -12.64
N VAL A 131 -5.89 50.31 -11.36
CA VAL A 131 -5.06 51.43 -10.97
C VAL A 131 -3.67 51.35 -11.62
N SER A 132 -3.13 52.51 -11.98
CA SER A 132 -1.82 52.57 -12.63
C SER A 132 -0.70 52.62 -11.58
N ASN A 133 0.54 52.60 -12.05
CA ASN A 133 1.69 52.65 -11.16
C ASN A 133 1.94 54.07 -10.68
N ASN A 134 2.26 54.96 -11.61
CA ASN A 134 2.53 56.36 -11.28
C ASN A 134 1.36 57.25 -11.68
N GLY A 1 8.09 5.21 8.79
CA GLY A 1 7.52 4.08 8.11
C GLY A 1 8.06 2.76 8.62
N ILE A 2 7.16 1.89 9.08
CA ILE A 2 7.55 0.59 9.60
C ILE A 2 7.84 -0.39 8.46
N THR A 3 6.90 -0.50 7.54
CA THR A 3 7.05 -1.41 6.40
C THR A 3 8.39 -1.18 5.70
N PRO A 4 8.96 -2.27 5.17
CA PRO A 4 10.25 -2.22 4.46
C PRO A 4 10.15 -1.50 3.12
N ARG A 5 9.72 -2.21 2.09
CA ARG A 5 9.57 -1.65 0.76
C ARG A 5 8.26 -2.07 0.12
N PHE A 6 7.84 -1.34 -0.91
CA PHE A 6 6.59 -1.64 -1.61
C PHE A 6 6.53 -0.91 -2.95
N SER A 7 5.88 -1.54 -3.92
CA SER A 7 5.75 -0.94 -5.24
C SER A 7 4.28 -0.85 -5.66
N ILE A 8 3.92 0.26 -6.28
CA ILE A 8 2.55 0.47 -6.74
C ILE A 8 2.46 0.47 -8.26
N THR A 9 1.38 -0.10 -8.78
CA THR A 9 1.18 -0.16 -10.23
C THR A 9 -0.20 0.38 -10.61
N GLN A 10 -0.27 1.00 -11.78
CA GLN A 10 -1.52 1.57 -12.27
C GLN A 10 -2.00 0.84 -13.53
N ASP A 11 -3.31 0.70 -13.66
CA ASP A 11 -3.90 0.03 -14.80
C ASP A 11 -5.03 0.86 -15.41
N GLU A 12 -5.57 0.39 -16.53
CA GLU A 12 -6.65 1.10 -17.20
C GLU A 12 -8.01 0.63 -16.67
N GLU A 13 -7.99 -0.11 -15.57
CA GLU A 13 -9.22 -0.61 -14.98
C GLU A 13 -9.22 -0.42 -13.46
N PHE A 14 -8.06 -0.63 -12.85
CA PHE A 14 -7.92 -0.48 -11.41
C PHE A 14 -6.46 -0.32 -11.01
N ILE A 15 -6.21 -0.11 -9.72
CA ILE A 15 -4.85 0.05 -9.21
C ILE A 15 -4.35 -1.22 -8.54
N PHE A 16 -3.08 -1.53 -8.75
CA PHE A 16 -2.47 -2.72 -8.16
C PHE A 16 -1.31 -2.35 -7.25
N LEU A 17 -1.55 -2.36 -5.95
CA LEU A 17 -0.52 -2.03 -4.97
C LEU A 17 0.17 -3.29 -4.45
N LYS A 18 1.48 -3.34 -4.60
CA LYS A 18 2.27 -4.49 -4.15
C LYS A 18 3.13 -4.12 -2.95
N ILE A 19 3.15 -4.98 -1.94
CA ILE A 19 3.94 -4.74 -0.74
C ILE A 19 4.89 -5.90 -0.46
N PHE A 20 6.14 -5.57 -0.17
CA PHE A 20 7.14 -6.59 0.13
C PHE A 20 7.21 -6.88 1.62
N ILE A 21 6.95 -8.13 1.98
CA ILE A 21 6.98 -8.54 3.38
C ILE A 21 7.35 -10.02 3.51
N SER A 22 7.32 -10.52 4.74
CA SER A 22 7.65 -11.92 5.00
C SER A 22 6.48 -12.64 5.64
N ASN A 23 6.65 -13.95 5.86
CA ASN A 23 5.61 -14.76 6.47
C ASN A 23 5.80 -14.85 7.98
N ILE A 24 6.54 -13.90 8.53
CA ILE A 24 6.80 -13.88 9.98
C ILE A 24 5.49 -13.94 10.76
N ARG A 25 5.16 -15.13 11.25
CA ARG A 25 3.94 -15.32 12.03
C ARG A 25 2.73 -14.71 11.31
N PHE A 26 2.78 -14.72 9.98
CA PHE A 26 1.69 -14.16 9.18
C PHE A 26 0.39 -14.89 9.46
N SER A 27 -0.51 -14.22 10.19
CA SER A 27 -1.81 -14.80 10.53
C SER A 27 -2.94 -14.07 9.81
N ALA A 28 -4.10 -14.71 9.75
CA ALA A 28 -5.26 -14.12 9.11
C ALA A 28 -6.15 -13.40 10.11
N VAL A 29 -5.56 -12.98 11.22
CA VAL A 29 -6.30 -12.28 12.26
C VAL A 29 -5.92 -10.80 12.30
N GLY A 30 -6.65 -9.99 11.55
CA GLY A 30 -6.37 -8.56 11.51
C GLY A 30 -6.27 -8.03 10.10
N LEU A 31 -5.90 -8.90 9.16
CA LEU A 31 -5.76 -8.51 7.77
C LEU A 31 -7.06 -7.92 7.22
N GLU A 32 -7.05 -6.61 6.97
CA GLU A 32 -8.24 -5.94 6.45
C GLU A 32 -7.88 -4.54 5.94
N ILE A 33 -7.51 -4.46 4.67
CA ILE A 33 -7.14 -3.19 4.06
C ILE A 33 -8.38 -2.42 3.62
N ILE A 34 -8.44 -1.14 3.98
CA ILE A 34 -9.56 -0.30 3.61
C ILE A 34 -9.09 0.96 2.88
N ILE A 35 -9.89 1.42 1.92
CA ILE A 35 -9.56 2.61 1.15
C ILE A 35 -10.39 3.80 1.61
N GLN A 36 -9.72 4.92 1.86
CA GLN A 36 -10.40 6.14 2.31
C GLN A 36 -11.13 6.80 1.14
N GLU A 37 -11.58 8.03 1.37
CA GLU A 37 -12.30 8.77 0.34
C GLU A 37 -11.48 8.87 -0.93
N ASN A 38 -10.16 9.00 -0.78
CA ASN A 38 -9.26 9.11 -1.92
C ASN A 38 -8.00 8.29 -1.69
N MET A 39 -7.38 8.48 -0.52
CA MET A 39 -6.15 7.76 -0.17
C MET A 39 -6.48 6.32 0.23
N ILE A 40 -5.43 5.51 0.38
CA ILE A 40 -5.59 4.11 0.76
C ILE A 40 -4.96 3.84 2.13
N ILE A 41 -5.70 3.15 2.99
CA ILE A 41 -5.21 2.82 4.32
C ILE A 41 -4.80 1.35 4.40
N PHE A 42 -3.52 1.12 4.72
CA PHE A 42 -3.00 -0.24 4.83
C PHE A 42 -2.93 -0.67 6.30
N HIS A 43 -3.86 -1.52 6.71
CA HIS A 43 -3.90 -2.01 8.07
C HIS A 43 -3.35 -3.43 8.17
N LEU A 44 -3.29 -4.11 7.02
CA LEU A 44 -2.79 -5.47 6.97
C LEU A 44 -1.40 -5.57 7.59
N SER A 45 -1.05 -6.74 8.09
CA SER A 45 0.25 -6.96 8.70
C SER A 45 0.42 -6.08 9.93
N PRO A 46 1.45 -6.39 10.74
CA PRO A 46 1.74 -5.64 11.96
C PRO A 46 2.26 -4.23 11.67
N TYR A 47 2.46 -3.94 10.39
CA TYR A 47 2.96 -2.63 9.98
C TYR A 47 1.87 -1.83 9.27
N TYR A 48 1.67 -0.59 9.71
CA TYR A 48 0.66 0.27 9.13
C TYR A 48 1.26 1.16 8.04
N LEU A 49 0.56 1.25 6.91
CA LEU A 49 1.04 2.07 5.79
C LEU A 49 -0.06 3.01 5.31
N ARG A 50 0.33 4.21 4.91
CA ARG A 50 -0.62 5.20 4.42
C ARG A 50 -0.22 5.70 3.04
N LEU A 51 -1.04 5.38 2.04
CA LEU A 51 -0.78 5.79 0.67
C LEU A 51 -1.68 6.95 0.26
N ARG A 52 -1.08 8.08 -0.08
CA ARG A 52 -1.82 9.27 -0.49
C ARG A 52 -1.58 9.59 -1.95
N PHE A 53 -2.48 9.14 -2.82
CA PHE A 53 -2.36 9.39 -4.25
C PHE A 53 -2.95 10.75 -4.62
N PRO A 54 -2.49 11.30 -5.75
CA PRO A 54 -2.96 12.59 -6.25
C PRO A 54 -4.40 12.54 -6.74
N HIS A 55 -4.96 11.34 -6.79
CA HIS A 55 -6.33 11.14 -7.25
C HIS A 55 -7.20 10.58 -6.12
N GLU A 56 -8.44 10.24 -6.47
CA GLU A 56 -9.37 9.68 -5.49
C GLU A 56 -9.87 8.31 -5.93
N LEU A 57 -9.65 7.31 -5.08
CA LEU A 57 -10.08 5.94 -5.38
C LEU A 57 -11.39 5.61 -4.66
N ILE A 58 -11.94 4.45 -4.98
CA ILE A 58 -13.20 4.01 -4.37
C ILE A 58 -13.11 2.54 -3.94
N ASP A 59 -13.71 2.24 -2.80
CA ASP A 59 -13.72 0.87 -2.29
C ASP A 59 -15.03 0.17 -2.60
N ASP A 60 -15.02 -0.64 -3.66
CA ASP A 60 -16.21 -1.37 -4.08
C ASP A 60 -16.06 -2.86 -3.77
N GLU A 61 -16.96 -3.66 -4.34
CA GLU A 61 -16.93 -5.11 -4.12
C GLU A 61 -15.76 -5.74 -4.86
N ARG A 62 -15.30 -5.08 -5.92
CA ARG A 62 -14.18 -5.58 -6.71
C ARG A 62 -12.86 -5.39 -5.97
N SER A 63 -12.78 -4.32 -5.18
CA SER A 63 -11.58 -4.03 -4.42
C SER A 63 -11.31 -5.12 -3.38
N THR A 64 -10.06 -5.58 -3.33
CA THR A 64 -9.67 -6.62 -2.39
C THR A 64 -8.18 -6.90 -2.47
N ALA A 65 -7.64 -7.53 -1.43
CA ALA A 65 -6.22 -7.85 -1.39
C ALA A 65 -6.01 -9.35 -1.20
N GLN A 66 -5.00 -9.89 -1.89
CA GLN A 66 -4.70 -11.31 -1.80
C GLN A 66 -3.25 -11.53 -1.35
N TYR A 67 -3.07 -12.49 -0.45
CA TYR A 67 -1.74 -12.80 0.07
C TYR A 67 -1.02 -13.80 -0.83
N ASP A 68 0.18 -13.47 -1.24
CA ASP A 68 0.98 -14.34 -2.10
C ASP A 68 2.09 -15.02 -1.31
N SER A 69 2.04 -16.35 -1.26
CA SER A 69 3.05 -17.11 -0.53
C SER A 69 4.26 -17.40 -1.42
N LYS A 70 4.00 -17.68 -2.69
CA LYS A 70 5.07 -17.96 -3.64
C LYS A 70 6.14 -16.87 -3.60
N ASP A 71 5.72 -15.65 -3.28
CA ASP A 71 6.64 -14.52 -3.22
C ASP A 71 6.65 -13.91 -1.82
N GLU A 72 5.73 -14.37 -0.98
CA GLU A 72 5.63 -13.87 0.39
C GLU A 72 5.29 -12.39 0.41
N CYS A 73 4.65 -11.92 -0.66
CA CYS A 73 4.27 -10.52 -0.78
C CYS A 73 2.75 -10.37 -0.67
N ILE A 74 2.30 -9.13 -0.54
CA ILE A 74 0.88 -8.83 -0.43
C ILE A 74 0.39 -8.02 -1.62
N ASN A 75 -0.74 -8.42 -2.19
CA ASN A 75 -1.31 -7.74 -3.34
C ASN A 75 -2.60 -7.01 -2.94
N VAL A 76 -2.65 -5.71 -3.21
CA VAL A 76 -3.82 -4.91 -2.88
C VAL A 76 -4.48 -4.36 -4.14
N LYS A 77 -5.78 -4.59 -4.28
CA LYS A 77 -6.53 -4.12 -5.44
C LYS A 77 -7.51 -3.02 -5.04
N VAL A 78 -7.64 -2.02 -5.91
CA VAL A 78 -8.54 -0.90 -5.64
C VAL A 78 -8.97 -0.23 -6.94
N ALA A 79 -10.29 -0.09 -7.12
CA ALA A 79 -10.83 0.53 -8.32
C ALA A 79 -10.79 2.05 -8.21
N LYS A 80 -10.67 2.72 -9.35
CA LYS A 80 -10.61 4.18 -9.38
C LYS A 80 -12.00 4.76 -9.68
N LEU A 81 -12.11 6.08 -9.57
CA LEU A 81 -13.38 6.76 -9.82
C LEU A 81 -13.60 6.95 -11.32
N ASN A 82 -12.52 6.82 -12.09
CA ASN A 82 -12.59 6.98 -13.53
C ASN A 82 -11.67 5.99 -14.24
N LYS A 83 -12.25 5.17 -15.13
CA LYS A 83 -11.49 4.18 -15.87
C LYS A 83 -10.49 4.85 -16.80
N ASN A 84 -9.51 4.09 -17.28
CA ASN A 84 -8.49 4.60 -18.18
C ASN A 84 -7.70 5.74 -17.52
N GLU A 85 -7.77 5.79 -16.19
CA GLU A 85 -7.06 6.83 -15.44
C GLU A 85 -5.72 6.30 -14.94
N TYR A 86 -4.70 7.15 -15.00
CA TYR A 86 -3.36 6.78 -14.56
C TYR A 86 -2.91 7.65 -13.39
N PHE A 87 -1.67 7.44 -12.94
CA PHE A 87 -1.12 8.20 -11.83
C PHE A 87 0.30 8.65 -12.13
N GLU A 88 0.79 9.62 -11.37
CA GLU A 88 2.13 10.15 -11.56
C GLU A 88 2.87 10.24 -10.22
N ASP A 89 2.34 9.56 -9.21
CA ASP A 89 2.95 9.56 -7.89
C ASP A 89 2.96 8.16 -7.30
N LEU A 90 2.96 7.16 -8.17
CA LEU A 90 2.97 5.76 -7.73
C LEU A 90 4.38 5.18 -7.79
N ASP A 91 5.35 6.03 -8.08
CA ASP A 91 6.74 5.59 -8.17
C ASP A 91 7.59 6.29 -7.12
N LEU A 92 6.94 6.89 -6.12
CA LEU A 92 7.65 7.59 -5.06
C LEU A 92 7.15 7.14 -3.69
N PRO A 93 7.90 6.24 -3.05
CA PRO A 93 7.56 5.70 -1.73
C PRO A 93 7.69 6.75 -0.63
N THR A 94 8.23 7.91 -0.99
CA THR A 94 8.43 8.99 -0.03
C THR A 94 7.25 9.96 -0.06
N LYS A 95 6.70 10.20 -1.25
CA LYS A 95 5.58 11.10 -1.41
C LYS A 95 4.34 10.55 -0.71
N LEU A 96 4.14 9.25 -0.80
CA LEU A 96 3.00 8.60 -0.17
C LEU A 96 3.15 8.59 1.36
N LEU A 97 4.35 8.27 1.82
CA LEU A 97 4.62 8.22 3.25
C LEU A 97 4.52 9.62 3.88
N ALA A 98 5.08 10.60 3.19
CA ALA A 98 5.05 11.99 3.67
C ALA A 98 3.62 12.42 4.00
N ARG A 99 3.48 13.27 5.00
CA ARG A 99 2.18 13.76 5.42
C ARG A 99 2.09 15.28 5.27
N GLN A 100 0.95 15.75 4.77
CA GLN A 100 0.73 17.18 4.57
C GLN A 100 -0.47 17.67 5.36
N GLY A 101 -0.36 18.87 5.92
CA GLY A 101 -1.46 19.42 6.69
C GLY A 101 -2.69 19.66 5.86
N ASP A 102 -3.87 19.52 6.48
CA ASP A 102 -5.13 19.71 5.79
C ASP A 102 -5.33 21.18 5.43
N LEU A 103 -5.41 21.46 4.13
CA LEU A 103 -5.60 22.82 3.65
C LEU A 103 -6.97 22.98 2.99
N ALA A 104 -7.50 21.87 2.47
CA ALA A 104 -8.81 21.89 1.81
C ALA A 104 -9.91 22.32 2.78
N GLY A 105 -10.96 22.92 2.24
CA GLY A 105 -12.06 23.37 3.07
C GLY A 105 -13.41 23.04 2.48
N ALA A 106 -14.24 24.06 2.26
CA ALA A 106 -15.57 23.85 1.69
C ALA A 106 -15.47 23.29 0.28
N ASP A 107 -15.76 21.99 0.15
CA ASP A 107 -15.71 21.32 -1.14
C ASP A 107 -17.02 21.52 -1.90
N ALA A 108 -16.98 21.27 -3.21
CA ALA A 108 -18.15 21.43 -4.05
C ALA A 108 -18.82 20.08 -4.31
N LEU A 109 -20.10 20.13 -4.68
CA LEU A 109 -20.85 18.91 -4.96
C LEU A 109 -22.17 19.24 -5.67
N THR A 110 -22.72 18.23 -6.36
CA THR A 110 -23.97 18.41 -7.09
C THR A 110 -24.69 17.09 -7.27
N GLU A 111 -25.81 16.91 -6.56
CA GLU A 111 -26.60 15.69 -6.65
C GLU A 111 -27.43 15.67 -7.93
N ASN A 112 -27.67 14.47 -8.45
CA ASN A 112 -28.46 14.31 -9.66
C ASN A 112 -29.93 14.06 -9.34
N THR A 113 -30.78 14.23 -10.34
CA THR A 113 -32.22 14.03 -10.15
C THR A 113 -32.85 13.45 -11.41
N ASP A 114 -33.61 12.37 -11.24
CA ASP A 114 -34.28 11.72 -12.35
C ASP A 114 -35.47 12.54 -12.83
N ALA A 115 -35.48 12.86 -14.13
CA ALA A 115 -36.55 13.64 -14.72
C ALA A 115 -37.66 12.75 -15.25
N LYS A 116 -38.79 13.35 -15.59
CA LYS A 116 -39.93 12.60 -16.12
C LYS A 116 -40.10 12.86 -17.61
N LYS A 117 -40.61 11.86 -18.33
CA LYS A 117 -40.83 11.99 -19.77
C LYS A 117 -42.09 12.79 -20.05
N THR A 118 -42.01 13.69 -21.02
CA THR A 118 -43.14 14.53 -21.40
C THR A 118 -44.22 13.71 -22.09
N GLN A 119 -45.34 13.53 -21.40
CA GLN A 119 -46.46 12.77 -21.95
C GLN A 119 -47.24 13.59 -22.96
N LYS A 120 -47.02 13.33 -24.25
CA LYS A 120 -47.71 14.05 -25.31
C LYS A 120 -48.46 13.09 -26.21
N PRO A 121 -49.53 12.47 -25.68
CA PRO A 121 -50.36 11.53 -26.42
C PRO A 121 -51.18 12.21 -27.52
N LEU A 122 -51.91 11.41 -28.30
CA LEU A 122 -52.73 11.94 -29.38
C LEU A 122 -54.11 11.30 -29.35
N ILE A 123 -55.15 12.13 -29.23
CA ILE A 123 -56.52 11.65 -29.21
C ILE A 123 -57.26 12.02 -30.49
N GLN A 124 -57.79 11.02 -31.17
CA GLN A 124 -58.52 11.26 -32.42
C GLN A 124 -59.81 12.02 -32.15
N GLU A 125 -60.08 13.02 -32.99
CA GLU A 125 -61.28 13.83 -32.85
C GLU A 125 -62.40 13.31 -33.73
N VAL A 126 -63.64 13.54 -33.31
CA VAL A 126 -64.81 13.09 -34.06
C VAL A 126 -65.36 14.21 -34.94
N GLU A 127 -64.48 15.10 -35.38
CA GLU A 127 -64.88 16.23 -36.22
C GLU A 127 -64.31 16.08 -37.63
N THR A 128 -64.08 14.84 -38.05
CA THR A 128 -63.53 14.57 -39.36
C THR A 128 -64.37 13.53 -40.11
N ASP A 129 -65.65 13.45 -39.75
CA ASP A 129 -66.55 12.50 -40.38
C ASP A 129 -67.27 13.13 -41.56
N GLY A 130 -67.77 14.35 -41.36
CA GLY A 130 -68.48 15.05 -42.42
C GLY A 130 -69.68 15.81 -41.90
N VAL A 131 -69.74 17.10 -42.22
CA VAL A 131 -70.85 17.94 -41.79
C VAL A 131 -71.82 18.21 -42.94
N SER A 132 -73.09 18.43 -42.59
CA SER A 132 -74.11 18.69 -43.59
C SER A 132 -73.81 19.98 -44.36
N ASN A 133 -74.58 20.22 -45.41
CA ASN A 133 -74.39 21.41 -46.23
C ASN A 133 -75.30 22.54 -45.77
N ASN A 134 -76.60 22.28 -45.77
CA ASN A 134 -77.58 23.28 -45.34
C ASN A 134 -77.40 24.58 -46.11
N GLY A 1 4.48 5.39 6.74
CA GLY A 1 3.93 4.55 7.78
C GLY A 1 4.92 3.54 8.31
N ILE A 2 4.59 2.26 8.17
CA ILE A 2 5.48 1.20 8.65
C ILE A 2 5.52 0.04 7.65
N THR A 3 6.70 -0.22 7.10
CA THR A 3 6.87 -1.30 6.13
C THR A 3 8.28 -1.30 5.56
N PRO A 4 8.81 -2.50 5.28
CA PRO A 4 10.16 -2.67 4.72
C PRO A 4 10.25 -2.19 3.28
N ARG A 5 9.33 -2.64 2.45
CA ARG A 5 9.30 -2.26 1.04
C ARG A 5 7.91 -2.43 0.45
N PHE A 6 7.54 -1.55 -0.45
CA PHE A 6 6.22 -1.60 -1.10
C PHE A 6 6.22 -0.78 -2.39
N SER A 7 5.68 -1.38 -3.45
CA SER A 7 5.61 -0.71 -4.74
C SER A 7 4.17 -0.67 -5.26
N ILE A 8 3.79 0.48 -5.82
CA ILE A 8 2.44 0.64 -6.36
C ILE A 8 2.46 0.77 -7.87
N THR A 9 1.45 0.19 -8.52
CA THR A 9 1.35 0.23 -9.97
C THR A 9 0.00 0.75 -10.42
N GLN A 10 -0.03 1.47 -11.54
CA GLN A 10 -1.27 2.02 -12.07
C GLN A 10 -1.69 1.29 -13.33
N ASP A 11 -3.00 1.12 -13.50
CA ASP A 11 -3.54 0.44 -14.68
C ASP A 11 -4.66 1.26 -15.31
N GLU A 12 -5.08 0.84 -16.51
CA GLU A 12 -6.15 1.53 -17.21
C GLU A 12 -7.51 1.01 -16.79
N GLU A 13 -7.52 0.16 -15.76
CA GLU A 13 -8.77 -0.41 -15.26
C GLU A 13 -8.90 -0.18 -13.75
N PHE A 14 -7.77 -0.26 -13.06
CA PHE A 14 -7.75 -0.07 -11.61
C PHE A 14 -6.31 0.08 -11.10
N ILE A 15 -6.17 0.20 -9.79
CA ILE A 15 -4.86 0.36 -9.18
C ILE A 15 -4.40 -0.93 -8.51
N PHE A 16 -3.11 -1.23 -8.62
CA PHE A 16 -2.54 -2.43 -8.03
C PHE A 16 -1.38 -2.09 -7.10
N LEU A 17 -1.60 -2.28 -5.80
CA LEU A 17 -0.57 -1.99 -4.80
C LEU A 17 0.12 -3.28 -4.34
N LYS A 18 1.44 -3.31 -4.46
CA LYS A 18 2.21 -4.48 -4.05
C LYS A 18 3.03 -4.17 -2.79
N ILE A 19 3.08 -5.14 -1.88
CA ILE A 19 3.82 -4.97 -0.64
C ILE A 19 4.78 -6.14 -0.41
N PHE A 20 6.06 -5.82 -0.25
CA PHE A 20 7.07 -6.84 -0.03
C PHE A 20 7.22 -7.15 1.46
N ILE A 21 7.29 -8.44 1.78
CA ILE A 21 7.44 -8.86 3.17
C ILE A 21 8.18 -10.19 3.26
N SER A 22 8.49 -10.61 4.49
CA SER A 22 9.20 -11.86 4.71
C SER A 22 8.46 -12.74 5.71
N ASN A 23 7.19 -12.42 5.94
CA ASN A 23 6.36 -13.18 6.87
C ASN A 23 6.98 -13.19 8.26
N ILE A 24 7.76 -12.16 8.57
CA ILE A 24 8.41 -12.05 9.86
C ILE A 24 7.39 -11.93 10.99
N ARG A 25 6.31 -11.20 10.72
CA ARG A 25 5.27 -11.00 11.71
C ARG A 25 3.88 -11.03 11.05
N PHE A 26 3.71 -11.92 10.07
CA PHE A 26 2.46 -12.06 9.37
C PHE A 26 1.52 -13.02 10.09
N SER A 27 0.56 -12.47 10.82
CA SER A 27 -0.39 -13.29 11.56
C SER A 27 -1.51 -13.79 10.65
N ALA A 28 -1.79 -13.03 9.60
CA ALA A 28 -2.83 -13.38 8.65
C ALA A 28 -4.19 -13.49 9.34
N VAL A 29 -4.36 -12.75 10.43
CA VAL A 29 -5.60 -12.77 11.18
C VAL A 29 -6.24 -11.38 11.22
N GLY A 30 -5.39 -10.35 11.11
CA GLY A 30 -5.89 -8.98 11.14
C GLY A 30 -5.82 -8.31 9.78
N LEU A 31 -5.67 -9.11 8.74
CA LEU A 31 -5.57 -8.59 7.38
C LEU A 31 -6.90 -7.97 6.94
N GLU A 32 -6.85 -6.69 6.58
CA GLU A 32 -8.05 -5.98 6.14
C GLU A 32 -7.71 -4.58 5.65
N ILE A 33 -7.40 -4.47 4.36
CA ILE A 33 -7.05 -3.19 3.76
C ILE A 33 -8.29 -2.47 3.24
N ILE A 34 -8.42 -1.20 3.59
CA ILE A 34 -9.56 -0.40 3.16
C ILE A 34 -9.10 0.89 2.49
N ILE A 35 -9.93 1.42 1.59
CA ILE A 35 -9.61 2.65 0.89
C ILE A 35 -10.46 3.82 1.40
N GLN A 36 -9.80 4.93 1.72
CA GLN A 36 -10.49 6.11 2.21
C GLN A 36 -11.22 6.83 1.08
N GLU A 37 -11.71 8.03 1.38
CA GLU A 37 -12.43 8.82 0.39
C GLU A 37 -11.63 8.94 -0.91
N ASN A 38 -10.30 9.05 -0.76
CA ASN A 38 -9.41 9.17 -1.91
C ASN A 38 -8.14 8.37 -1.70
N MET A 39 -7.52 8.55 -0.54
CA MET A 39 -6.29 7.85 -0.21
C MET A 39 -6.57 6.39 0.15
N ILE A 40 -5.51 5.61 0.36
CA ILE A 40 -5.65 4.20 0.70
C ILE A 40 -5.06 3.92 2.08
N ILE A 41 -5.76 3.12 2.88
CA ILE A 41 -5.29 2.77 4.20
C ILE A 41 -4.86 1.31 4.27
N PHE A 42 -3.59 1.09 4.62
CA PHE A 42 -3.05 -0.26 4.70
C PHE A 42 -2.99 -0.72 6.17
N HIS A 43 -3.96 -1.55 6.56
CA HIS A 43 -4.03 -2.06 7.92
C HIS A 43 -3.43 -3.46 8.00
N LEU A 44 -3.31 -4.11 6.85
CA LEU A 44 -2.76 -5.46 6.78
C LEU A 44 -1.44 -5.55 7.54
N SER A 45 -1.14 -6.73 8.07
CA SER A 45 0.09 -6.95 8.83
C SER A 45 0.12 -6.08 10.07
N PRO A 46 1.07 -6.37 10.98
CA PRO A 46 1.23 -5.62 12.23
C PRO A 46 1.74 -4.21 12.00
N TYR A 47 2.08 -3.89 10.75
CA TYR A 47 2.58 -2.58 10.40
C TYR A 47 1.54 -1.78 9.63
N TYR A 48 1.28 -0.56 10.08
CA TYR A 48 0.31 0.31 9.45
C TYR A 48 0.97 1.25 8.45
N LEU A 49 0.43 1.28 7.23
CA LEU A 49 0.98 2.13 6.18
C LEU A 49 -0.12 2.98 5.55
N ARG A 50 0.23 4.21 5.18
CA ARG A 50 -0.72 5.13 4.57
C ARG A 50 -0.25 5.55 3.18
N LEU A 51 -1.16 5.54 2.23
CA LEU A 51 -0.85 5.93 0.85
C LEU A 51 -1.77 7.04 0.37
N ARG A 52 -1.20 8.21 0.11
CA ARG A 52 -1.97 9.35 -0.36
C ARG A 52 -1.68 9.64 -1.83
N PHE A 53 -2.66 9.36 -2.69
CA PHE A 53 -2.51 9.59 -4.13
C PHE A 53 -3.10 10.93 -4.53
N PRO A 54 -2.63 11.47 -5.66
CA PRO A 54 -3.09 12.76 -6.18
C PRO A 54 -4.52 12.69 -6.71
N HIS A 55 -5.07 11.49 -6.73
CA HIS A 55 -6.44 11.28 -7.21
C HIS A 55 -7.32 10.72 -6.10
N GLU A 56 -8.54 10.33 -6.47
CA GLU A 56 -9.48 9.77 -5.50
C GLU A 56 -9.96 8.39 -5.94
N LEU A 57 -9.78 7.40 -5.08
CA LEU A 57 -10.19 6.03 -5.38
C LEU A 57 -11.51 5.70 -4.68
N ILE A 58 -11.93 4.45 -4.81
CA ILE A 58 -13.17 4.00 -4.19
C ILE A 58 -13.05 2.56 -3.69
N ASP A 59 -13.69 2.27 -2.57
CA ASP A 59 -13.66 0.94 -1.99
C ASP A 59 -14.98 0.22 -2.19
N ASP A 60 -14.98 -0.76 -3.09
CA ASP A 60 -16.20 -1.53 -3.38
C ASP A 60 -15.95 -3.01 -3.21
N GLU A 61 -16.93 -3.83 -3.59
CA GLU A 61 -16.82 -5.28 -3.48
C GLU A 61 -15.65 -5.79 -4.31
N ARG A 62 -15.42 -5.17 -5.46
CA ARG A 62 -14.33 -5.56 -6.35
C ARG A 62 -12.98 -5.44 -5.64
N SER A 63 -12.84 -4.39 -4.83
CA SER A 63 -11.61 -4.14 -4.11
C SER A 63 -11.29 -5.31 -3.17
N THR A 64 -10.05 -5.77 -3.20
CA THR A 64 -9.62 -6.88 -2.36
C THR A 64 -8.11 -7.11 -2.48
N ALA A 65 -7.57 -7.88 -1.54
CA ALA A 65 -6.14 -8.17 -1.54
C ALA A 65 -5.89 -9.67 -1.36
N GLN A 66 -4.87 -10.19 -2.04
CA GLN A 66 -4.54 -11.60 -1.96
C GLN A 66 -3.10 -11.79 -1.49
N TYR A 67 -2.91 -12.67 -0.51
CA TYR A 67 -1.58 -12.94 0.03
C TYR A 67 -0.88 -14.04 -0.76
N ASP A 68 0.33 -13.75 -1.23
CA ASP A 68 1.10 -14.72 -2.00
C ASP A 68 2.18 -15.36 -1.14
N SER A 69 2.09 -16.68 -0.96
CA SER A 69 3.06 -17.41 -0.16
C SER A 69 4.26 -17.81 -1.00
N LYS A 70 4.01 -18.27 -2.21
CA LYS A 70 5.08 -18.69 -3.12
C LYS A 70 6.04 -17.54 -3.39
N ASP A 71 5.58 -16.32 -3.14
CA ASP A 71 6.40 -15.13 -3.37
C ASP A 71 6.51 -14.30 -2.09
N GLU A 72 5.77 -14.71 -1.06
CA GLU A 72 5.78 -14.00 0.22
C GLU A 72 5.45 -12.52 0.02
N CYS A 73 4.71 -12.22 -1.03
CA CYS A 73 4.32 -10.85 -1.34
C CYS A 73 2.81 -10.65 -1.15
N ILE A 74 2.40 -9.40 -1.03
CA ILE A 74 0.99 -9.08 -0.85
C ILE A 74 0.46 -8.25 -2.02
N ASN A 75 -0.69 -8.65 -2.54
CA ASN A 75 -1.30 -7.95 -3.66
C ASN A 75 -2.58 -7.23 -3.22
N VAL A 76 -2.62 -5.92 -3.45
CA VAL A 76 -3.78 -5.13 -3.08
C VAL A 76 -4.46 -4.53 -4.31
N LYS A 77 -5.78 -4.69 -4.39
CA LYS A 77 -6.55 -4.18 -5.51
C LYS A 77 -7.45 -3.03 -5.08
N VAL A 78 -7.55 -2.01 -5.92
CA VAL A 78 -8.37 -0.85 -5.62
C VAL A 78 -9.02 -0.28 -6.89
N ALA A 79 -10.34 -0.17 -6.87
CA ALA A 79 -11.08 0.36 -8.01
C ALA A 79 -10.98 1.87 -8.07
N LYS A 80 -10.71 2.40 -9.27
CA LYS A 80 -10.60 3.84 -9.46
C LYS A 80 -11.92 4.43 -9.92
N LEU A 81 -12.23 5.64 -9.45
CA LEU A 81 -13.46 6.32 -9.80
C LEU A 81 -13.63 6.37 -11.32
N ASN A 82 -12.54 6.67 -12.02
CA ASN A 82 -12.58 6.75 -13.48
C ASN A 82 -11.60 5.76 -14.09
N LYS A 83 -12.00 5.13 -15.20
CA LYS A 83 -11.17 4.16 -15.88
C LYS A 83 -10.10 4.86 -16.72
N ASN A 84 -9.06 4.12 -17.09
CA ASN A 84 -7.97 4.67 -17.89
C ASN A 84 -7.27 5.81 -17.15
N GLU A 85 -7.48 5.86 -15.84
CA GLU A 85 -6.86 6.90 -15.01
C GLU A 85 -5.50 6.45 -14.49
N TYR A 86 -4.45 7.15 -14.92
CA TYR A 86 -3.10 6.81 -14.49
C TYR A 86 -2.68 7.64 -13.29
N PHE A 87 -1.51 7.34 -12.73
CA PHE A 87 -1.00 8.05 -11.57
C PHE A 87 0.46 8.43 -11.76
N GLU A 88 0.92 9.40 -10.99
CA GLU A 88 2.31 9.85 -11.08
C GLU A 88 3.02 9.65 -9.75
N ASP A 89 2.36 9.99 -8.66
CA ASP A 89 2.93 9.84 -7.33
C ASP A 89 3.23 8.39 -7.02
N LEU A 90 2.64 7.49 -7.80
CA LEU A 90 2.85 6.06 -7.61
C LEU A 90 4.29 5.67 -7.89
N ASP A 91 5.03 6.58 -8.52
CA ASP A 91 6.44 6.34 -8.83
C ASP A 91 7.35 6.97 -7.78
N LEU A 92 6.74 7.44 -6.68
CA LEU A 92 7.50 8.06 -5.60
C LEU A 92 7.00 7.58 -4.25
N PRO A 93 7.76 6.66 -3.63
CA PRO A 93 7.42 6.10 -2.32
C PRO A 93 7.56 7.12 -1.19
N THR A 94 8.11 8.29 -1.53
CA THR A 94 8.30 9.36 -0.55
C THR A 94 7.15 10.35 -0.57
N LYS A 95 6.45 10.40 -1.70
CA LYS A 95 5.32 11.31 -1.85
C LYS A 95 4.06 10.72 -1.22
N LEU A 96 4.00 9.40 -1.16
CA LEU A 96 2.86 8.71 -0.56
C LEU A 96 2.97 8.68 0.95
N LEU A 97 4.17 8.40 1.44
CA LEU A 97 4.40 8.34 2.88
C LEU A 97 4.21 9.70 3.53
N ALA A 98 4.87 10.71 2.98
CA ALA A 98 4.77 12.07 3.50
C ALA A 98 3.57 12.80 2.89
N ARG A 99 2.56 13.04 3.70
CA ARG A 99 1.36 13.73 3.24
C ARG A 99 1.27 15.12 3.84
N GLN A 100 2.32 15.52 4.56
CA GLN A 100 2.35 16.84 5.18
C GLN A 100 3.74 17.46 5.05
N GLY A 101 3.79 18.69 4.55
CA GLY A 101 5.06 19.38 4.38
C GLY A 101 5.41 19.62 2.93
N ASP A 102 5.48 20.88 2.54
CA ASP A 102 5.80 21.25 1.17
C ASP A 102 7.29 21.12 0.91
N LEU A 103 7.67 20.09 0.17
CA LEU A 103 9.08 19.85 -0.15
C LEU A 103 9.37 20.19 -1.61
N ALA A 104 8.34 20.08 -2.45
CA ALA A 104 8.49 20.39 -3.87
C ALA A 104 9.49 19.45 -4.53
N GLY A 105 9.50 18.19 -4.08
CA GLY A 105 10.41 17.21 -4.64
C GLY A 105 9.70 16.13 -5.43
N ALA A 106 8.78 16.54 -6.29
CA ALA A 106 8.03 15.60 -7.10
C ALA A 106 8.74 15.28 -8.41
N ASP A 107 9.37 14.11 -8.47
CA ASP A 107 10.09 13.69 -9.66
C ASP A 107 9.27 12.70 -10.48
N ALA A 108 9.56 12.64 -11.78
CA ALA A 108 8.85 11.73 -12.68
C ALA A 108 9.63 11.50 -13.95
N LEU A 109 9.43 10.33 -14.57
CA LEU A 109 10.12 9.98 -15.80
C LEU A 109 9.18 9.28 -16.77
N THR A 110 9.19 9.72 -18.02
CA THR A 110 8.35 9.12 -19.05
C THR A 110 8.90 9.37 -20.44
N GLU A 111 9.38 8.31 -21.08
CA GLU A 111 9.94 8.41 -22.42
C GLU A 111 9.43 7.29 -23.32
N ASN A 112 8.92 7.66 -24.48
CA ASN A 112 8.39 6.68 -25.43
C ASN A 112 9.52 5.96 -26.15
N THR A 113 9.31 4.68 -26.45
CA THR A 113 10.31 3.88 -27.14
C THR A 113 9.87 3.55 -28.56
N ASP A 114 10.63 2.69 -29.23
CA ASP A 114 10.32 2.28 -30.59
C ASP A 114 10.38 3.47 -31.54
N ALA A 115 10.51 3.20 -32.83
CA ALA A 115 10.58 4.25 -33.84
C ALA A 115 11.85 5.08 -33.66
N LYS A 116 12.99 4.41 -33.59
CA LYS A 116 14.27 5.10 -33.43
C LYS A 116 15.41 4.28 -34.04
N LYS A 117 16.60 4.86 -34.09
CA LYS A 117 17.76 4.19 -34.64
C LYS A 117 18.61 3.58 -33.54
N THR A 118 18.06 3.48 -32.34
CA THR A 118 18.77 2.93 -31.20
C THR A 118 20.24 3.32 -31.23
N GLN A 119 20.51 4.59 -31.53
CA GLN A 119 21.87 5.09 -31.59
C GLN A 119 22.11 6.14 -30.51
N LYS A 120 23.03 5.86 -29.60
CA LYS A 120 23.35 6.79 -28.52
C LYS A 120 24.58 6.31 -27.75
N PRO A 121 25.75 6.33 -28.43
CA PRO A 121 27.01 5.91 -27.83
C PRO A 121 27.50 6.89 -26.76
N LEU A 122 27.45 6.46 -25.50
CA LEU A 122 27.89 7.30 -24.40
C LEU A 122 28.34 6.44 -23.21
N ILE A 123 29.66 6.34 -23.02
CA ILE A 123 30.22 5.56 -21.93
C ILE A 123 30.24 6.37 -20.63
N GLN A 124 29.43 5.95 -19.67
CA GLN A 124 29.35 6.64 -18.39
C GLN A 124 29.03 5.66 -17.26
N GLU A 125 29.74 5.78 -16.15
CA GLU A 125 29.52 4.89 -15.00
C GLU A 125 29.00 5.68 -13.81
N VAL A 126 27.81 5.31 -13.33
CA VAL A 126 27.20 5.98 -12.20
C VAL A 126 26.37 4.99 -11.37
N GLU A 127 26.52 5.08 -10.05
CA GLU A 127 25.79 4.19 -9.14
C GLU A 127 24.64 4.93 -8.47
N THR A 128 23.42 4.47 -8.74
CA THR A 128 22.23 5.09 -8.17
C THR A 128 21.70 4.28 -6.98
N ASP A 129 21.22 4.99 -5.96
CA ASP A 129 20.69 4.33 -4.77
C ASP A 129 19.61 5.19 -4.11
N GLY A 130 18.99 4.66 -3.07
CA GLY A 130 17.95 5.39 -2.38
C GLY A 130 17.40 4.62 -1.18
N VAL A 131 17.88 4.95 0.01
CA VAL A 131 17.44 4.30 1.22
C VAL A 131 16.24 5.01 1.83
N SER A 132 15.42 4.27 2.58
CA SER A 132 14.23 4.84 3.20
C SER A 132 14.37 4.81 4.73
N ASN A 133 15.16 3.87 5.23
CA ASN A 133 15.37 3.74 6.67
C ASN A 133 14.07 3.40 7.37
N ASN A 134 13.24 2.59 6.72
CA ASN A 134 11.96 2.18 7.30
C ASN A 134 12.11 0.92 8.14
#